data_1K3N
#
_entry.id   1K3N
#
loop_
_entity.id
_entity.type
_entity.pdbx_description
1 polymer 'Protein Kinase SPK1'
2 polymer 'DNA repair protein Rad9'
#
loop_
_entity_poly.entity_id
_entity_poly.type
_entity_poly.pdbx_seq_one_letter_code
_entity_poly.pdbx_strand_id
1 'polypeptide(L)'
;ATQRFLIEKFSQEQIGENIVCRVICTTGQIPIRDLSADISQVLKEKRSIKKVWTFGRNPACDYHLGNISRLSNKHFQILL
GEDGNLLLNDISTNGTWLNGQKVEKNSNQLLSQGDEITVGVGVESDILSLVIFINDKFKQCLEQNKVDRIR
;
A
2 'polypeptide(L)' KKMTFQ(TPO)PTDPLE B
#
# COMPACT_ATOMS: atom_id res chain seq x y z
N ALA A 1 -14.69 6.15 42.65
CA ALA A 1 -15.58 5.38 41.79
C ALA A 1 -15.13 5.45 40.33
N THR A 2 -14.60 4.34 39.83
CA THR A 2 -14.13 4.28 38.45
C THR A 2 -15.15 3.57 37.56
N GLN A 3 -16.43 3.80 37.84
CA GLN A 3 -17.50 3.19 37.07
C GLN A 3 -17.40 3.60 35.60
N ARG A 4 -17.15 4.88 35.36
CA ARG A 4 -17.03 5.41 34.01
C ARG A 4 -15.74 4.90 33.36
N PHE A 5 -14.70 4.77 34.16
CA PHE A 5 -13.40 4.30 33.67
C PHE A 5 -13.54 2.94 33.01
N LEU A 6 -14.32 2.07 33.63
CA LEU A 6 -14.54 0.71 33.09
C LEU A 6 -15.15 0.79 31.70
N ILE A 7 -15.98 1.81 31.48
CA ILE A 7 -16.64 2.00 30.19
C ILE A 7 -15.64 2.48 29.14
N GLU A 8 -14.69 3.30 29.56
CA GLU A 8 -13.69 3.83 28.65
C GLU A 8 -12.94 2.69 27.97
N LYS A 9 -12.65 1.64 28.74
CA LYS A 9 -11.95 0.47 28.21
C LYS A 9 -12.82 -0.26 27.19
N PHE A 10 -14.13 -0.09 27.30
CA PHE A 10 -15.08 -0.74 26.39
C PHE A 10 -14.77 -0.37 24.93
N SER A 11 -14.57 0.91 24.69
CA SER A 11 -14.27 1.39 23.34
C SER A 11 -12.91 0.90 22.87
N GLN A 12 -12.01 0.65 23.83
CA GLN A 12 -10.68 0.16 23.50
C GLN A 12 -9.90 1.21 22.71
N GLU A 13 -8.70 0.83 22.26
CA GLU A 13 -7.86 1.74 21.49
C GLU A 13 -8.54 2.11 20.16
N GLN A 14 -8.63 3.40 19.89
CA GLN A 14 -9.25 3.88 18.66
C GLN A 14 -8.24 3.89 17.52
N ILE A 15 -8.55 3.14 16.47
CA ILE A 15 -7.67 3.06 15.30
C ILE A 15 -7.89 4.21 14.35
N GLY A 16 -6.80 4.73 13.84
CA GLY A 16 -6.84 5.84 12.92
C GLY A 16 -6.19 7.09 13.47
N GLU A 17 -5.26 6.90 14.41
CA GLU A 17 -4.57 8.02 15.02
C GLU A 17 -3.31 8.39 14.23
N ASN A 18 -2.78 7.42 13.48
CA ASN A 18 -1.57 7.65 12.69
C ASN A 18 -1.51 6.69 11.50
N ILE A 19 -2.21 5.58 11.64
CA ILE A 19 -2.26 4.56 10.64
C ILE A 19 -3.06 5.03 9.43
N VAL A 20 -2.31 5.41 8.39
CA VAL A 20 -2.84 5.89 7.15
C VAL A 20 -3.77 4.87 6.51
N CYS A 21 -3.20 3.73 6.09
CA CYS A 21 -3.97 2.66 5.47
C CYS A 21 -3.31 1.31 5.71
N ARG A 22 -4.07 0.24 5.46
CA ARG A 22 -3.56 -1.12 5.66
C ARG A 22 -3.71 -1.95 4.39
N VAL A 23 -2.70 -2.74 4.06
CA VAL A 23 -2.72 -3.59 2.87
C VAL A 23 -3.00 -5.04 3.23
N ILE A 24 -4.05 -5.60 2.64
CA ILE A 24 -4.44 -6.97 2.90
C ILE A 24 -4.49 -7.80 1.62
N CYS A 25 -3.76 -8.92 1.60
CA CYS A 25 -3.73 -9.80 0.44
C CYS A 25 -4.95 -10.72 0.44
N THR A 26 -5.74 -10.66 -0.63
CA THR A 26 -6.94 -11.48 -0.74
C THR A 26 -6.64 -12.87 -1.30
N THR A 27 -5.61 -12.96 -2.13
CA THR A 27 -5.25 -14.24 -2.73
C THR A 27 -4.45 -15.12 -1.76
N GLY A 28 -4.17 -14.58 -0.57
CA GLY A 28 -3.43 -15.34 0.42
C GLY A 28 -2.02 -15.67 -0.05
N GLN A 29 -1.14 -14.68 0.02
CA GLN A 29 0.24 -14.86 -0.40
C GLN A 29 1.18 -14.03 0.46
N ILE A 30 0.79 -12.78 0.72
CA ILE A 30 1.60 -11.87 1.52
C ILE A 30 0.93 -11.59 2.87
N PRO A 31 1.70 -11.52 3.96
CA PRO A 31 1.14 -11.25 5.29
C PRO A 31 0.70 -9.80 5.44
N ILE A 32 -0.52 -9.61 5.94
CA ILE A 32 -1.08 -8.28 6.13
C ILE A 32 -0.13 -7.37 6.91
N ARG A 33 0.09 -6.17 6.38
CA ARG A 33 0.96 -5.20 7.03
C ARG A 33 0.21 -3.90 7.29
N ASP A 34 0.77 -3.05 8.15
CA ASP A 34 0.13 -1.79 8.48
C ASP A 34 1.01 -0.60 8.07
N LEU A 35 0.47 0.24 7.19
CA LEU A 35 1.18 1.42 6.72
C LEU A 35 0.71 2.63 7.52
N SER A 36 1.65 3.48 7.97
CA SER A 36 1.26 4.64 8.74
C SER A 36 2.15 5.84 8.53
N ALA A 37 1.57 6.99 8.83
CA ALA A 37 2.26 8.27 8.72
C ALA A 37 1.84 9.21 9.86
N ASP A 38 2.80 9.97 10.36
CA ASP A 38 2.53 10.90 11.46
C ASP A 38 1.77 12.13 10.96
N ILE A 39 0.72 12.49 11.70
CA ILE A 39 -0.12 13.63 11.36
C ILE A 39 0.65 14.95 11.44
N SER A 40 1.42 15.13 12.50
CA SER A 40 2.19 16.35 12.70
C SER A 40 3.12 16.60 11.52
N GLN A 41 3.70 15.53 11.01
CA GLN A 41 4.59 15.60 9.88
C GLN A 41 3.83 15.97 8.61
N VAL A 42 2.61 15.47 8.49
CA VAL A 42 1.77 15.75 7.34
C VAL A 42 1.30 17.20 7.34
N LEU A 43 0.89 17.69 8.50
CA LEU A 43 0.41 19.06 8.63
C LEU A 43 1.56 20.05 8.50
N LYS A 44 2.75 19.64 8.95
CA LYS A 44 3.93 20.49 8.89
C LYS A 44 4.43 20.63 7.45
N GLU A 45 4.22 19.59 6.66
CA GLU A 45 4.65 19.59 5.26
C GLU A 45 3.56 20.17 4.36
N LYS A 46 3.86 21.29 3.71
CA LYS A 46 2.91 21.92 2.81
C LYS A 46 3.43 21.90 1.37
N ARG A 47 4.17 20.86 1.04
CA ARG A 47 4.73 20.71 -0.30
C ARG A 47 5.29 19.30 -0.50
N SER A 48 5.22 18.82 -1.73
CA SER A 48 5.72 17.48 -2.05
C SER A 48 4.95 16.42 -1.29
N ILE A 49 5.48 15.21 -1.25
CA ILE A 49 4.84 14.10 -0.55
C ILE A 49 5.32 14.02 0.90
N LYS A 50 4.50 13.41 1.75
CA LYS A 50 4.83 13.26 3.16
C LYS A 50 5.57 11.95 3.41
N LYS A 51 4.89 10.84 3.16
CA LYS A 51 5.47 9.51 3.34
C LYS A 51 4.96 8.53 2.30
N VAL A 52 5.88 7.78 1.69
CA VAL A 52 5.51 6.81 0.67
C VAL A 52 6.01 5.41 1.00
N TRP A 53 5.17 4.43 0.74
CA TRP A 53 5.50 3.03 1.00
C TRP A 53 5.92 2.30 -0.27
N THR A 54 6.94 1.46 -0.15
CA THR A 54 7.40 0.65 -1.27
C THR A 54 7.10 -0.81 -0.98
N PHE A 55 6.45 -1.48 -1.93
CA PHE A 55 6.07 -2.88 -1.76
C PHE A 55 6.74 -3.77 -2.79
N GLY A 56 7.07 -4.99 -2.38
CA GLY A 56 7.71 -5.93 -3.28
C GLY A 56 8.29 -7.13 -2.56
N ARG A 57 9.08 -7.93 -3.27
CA ARG A 57 9.69 -9.13 -2.70
C ARG A 57 10.97 -8.80 -1.95
N ASN A 58 11.37 -7.53 -1.95
CA ASN A 58 12.58 -7.12 -1.27
C ASN A 58 12.34 -6.85 0.22
N PRO A 59 13.25 -7.33 1.09
CA PRO A 59 13.14 -7.14 2.55
C PRO A 59 13.32 -5.68 2.94
N ALA A 60 13.75 -4.86 1.98
CA ALA A 60 13.95 -3.44 2.22
C ALA A 60 12.63 -2.75 2.07
N CYS A 61 11.92 -3.14 1.02
CA CYS A 61 10.63 -2.59 0.73
C CYS A 61 9.79 -2.49 1.98
N ASP A 62 9.07 -1.40 2.08
CA ASP A 62 8.21 -1.19 3.23
C ASP A 62 7.22 -2.34 3.36
N TYR A 63 7.04 -3.10 2.27
CA TYR A 63 6.13 -4.24 2.27
C TYR A 63 6.83 -5.49 1.75
N HIS A 64 6.93 -6.51 2.59
CA HIS A 64 7.59 -7.75 2.20
C HIS A 64 6.59 -8.71 1.55
N LEU A 65 6.85 -9.07 0.30
CA LEU A 65 5.99 -9.98 -0.44
C LEU A 65 6.46 -11.42 -0.24
N GLY A 66 5.79 -12.36 -0.92
CA GLY A 66 6.15 -13.75 -0.80
C GLY A 66 7.42 -14.08 -1.56
N ASN A 67 7.30 -14.30 -2.86
CA ASN A 67 8.45 -14.61 -3.70
C ASN A 67 8.01 -14.91 -5.13
N ILE A 68 7.54 -13.88 -5.83
CA ILE A 68 7.08 -14.03 -7.20
C ILE A 68 8.06 -13.40 -8.19
N SER A 69 8.69 -14.24 -9.00
CA SER A 69 9.65 -13.77 -9.99
C SER A 69 9.03 -12.72 -10.90
N ARG A 70 7.75 -12.88 -11.19
CA ARG A 70 7.03 -11.95 -12.05
C ARG A 70 7.01 -10.55 -11.44
N LEU A 71 7.11 -10.48 -10.11
CA LEU A 71 7.10 -9.21 -9.41
C LEU A 71 8.52 -8.68 -9.21
N SER A 72 8.66 -7.37 -9.13
CA SER A 72 9.98 -6.74 -8.96
C SER A 72 10.29 -6.50 -7.48
N ASN A 73 11.56 -6.19 -7.18
CA ASN A 73 12.00 -5.90 -5.81
C ASN A 73 10.98 -5.02 -5.11
N LYS A 74 10.68 -3.91 -5.75
CA LYS A 74 9.67 -2.95 -5.28
C LYS A 74 8.62 -2.87 -6.35
N HIS A 75 7.69 -3.82 -6.31
CA HIS A 75 6.65 -3.92 -7.31
C HIS A 75 5.78 -2.68 -7.37
N PHE A 76 5.37 -2.18 -6.21
CA PHE A 76 4.51 -1.00 -6.17
C PHE A 76 4.83 -0.10 -4.98
N GLN A 77 4.42 1.16 -5.09
CA GLN A 77 4.68 2.15 -4.04
C GLN A 77 3.44 2.99 -3.76
N ILE A 78 3.21 3.33 -2.48
CA ILE A 78 2.06 4.16 -2.12
C ILE A 78 2.51 5.47 -1.49
N LEU A 79 2.00 6.58 -2.01
CA LEU A 79 2.37 7.90 -1.47
C LEU A 79 1.19 8.60 -0.83
N LEU A 80 1.46 9.29 0.27
CA LEU A 80 0.43 10.05 0.99
C LEU A 80 0.85 11.50 1.15
N GLY A 81 0.02 12.42 0.66
CA GLY A 81 0.32 13.83 0.76
C GLY A 81 -0.62 14.69 -0.05
N GLU A 82 -0.06 15.57 -0.86
CA GLU A 82 -0.86 16.48 -1.69
C GLU A 82 -1.71 17.40 -0.83
N ASP A 83 -2.82 16.89 -0.32
CA ASP A 83 -3.72 17.67 0.52
C ASP A 83 -4.16 16.86 1.74
N GLY A 84 -4.48 15.59 1.52
CA GLY A 84 -4.91 14.74 2.60
C GLY A 84 -5.23 13.33 2.14
N ASN A 85 -5.76 13.21 0.93
CA ASN A 85 -6.11 11.91 0.36
C ASN A 85 -4.86 11.04 0.18
N LEU A 86 -5.05 9.88 -0.42
CA LEU A 86 -3.95 8.95 -0.65
C LEU A 86 -3.69 8.76 -2.14
N LEU A 87 -2.47 8.34 -2.48
CA LEU A 87 -2.10 8.12 -3.86
C LEU A 87 -1.44 6.75 -4.02
N LEU A 88 -1.68 6.11 -5.16
CA LEU A 88 -1.10 4.81 -5.43
C LEU A 88 -0.10 4.91 -6.57
N ASN A 89 1.15 4.53 -6.30
CA ASN A 89 2.18 4.61 -7.33
C ASN A 89 2.73 3.23 -7.70
N ASP A 90 2.50 2.83 -8.93
CA ASP A 90 3.00 1.55 -9.42
C ASP A 90 4.48 1.67 -9.76
N ILE A 91 5.26 0.67 -9.37
CA ILE A 91 6.70 0.70 -9.62
C ILE A 91 7.26 -0.70 -9.93
N SER A 92 6.51 -1.50 -10.68
CA SER A 92 6.95 -2.83 -11.01
C SER A 92 7.55 -2.91 -12.40
N THR A 93 8.44 -3.88 -12.58
CA THR A 93 9.08 -4.10 -13.87
C THR A 93 8.05 -4.64 -14.86
N ASN A 94 7.08 -5.39 -14.35
CA ASN A 94 6.04 -5.99 -15.19
C ASN A 94 4.74 -5.18 -15.20
N GLY A 95 4.55 -4.32 -14.20
CA GLY A 95 3.35 -3.51 -14.15
C GLY A 95 2.47 -3.78 -12.95
N THR A 96 1.65 -2.80 -12.62
CA THR A 96 0.72 -2.89 -11.49
C THR A 96 -0.71 -2.78 -12.00
N TRP A 97 -1.60 -3.60 -11.47
CA TRP A 97 -2.99 -3.61 -11.93
C TRP A 97 -3.98 -3.18 -10.87
N LEU A 98 -5.05 -2.55 -11.34
CA LEU A 98 -6.13 -2.13 -10.47
C LEU A 98 -7.44 -2.73 -10.98
N ASN A 99 -8.01 -3.63 -10.20
CA ASN A 99 -9.26 -4.30 -10.56
C ASN A 99 -9.27 -4.78 -12.02
N GLY A 100 -8.16 -5.37 -12.46
CA GLY A 100 -8.09 -5.87 -13.81
C GLY A 100 -7.62 -4.84 -14.81
N GLN A 101 -7.60 -3.57 -14.42
CA GLN A 101 -7.17 -2.51 -15.32
C GLN A 101 -5.77 -2.04 -14.95
N LYS A 102 -4.84 -2.21 -15.89
CA LYS A 102 -3.47 -1.82 -15.69
C LYS A 102 -3.31 -0.31 -15.69
N VAL A 103 -2.64 0.21 -14.66
CA VAL A 103 -2.40 1.64 -14.54
C VAL A 103 -1.02 2.02 -15.04
N GLU A 104 -0.81 3.30 -15.30
CA GLU A 104 0.48 3.78 -15.78
C GLU A 104 1.53 3.69 -14.68
N LYS A 105 2.64 3.00 -14.98
CA LYS A 105 3.71 2.84 -14.02
C LYS A 105 4.13 4.19 -13.44
N ASN A 106 4.80 4.14 -12.30
CA ASN A 106 5.29 5.32 -11.60
C ASN A 106 4.34 6.51 -11.75
N SER A 107 3.05 6.22 -11.80
CA SER A 107 2.03 7.25 -11.94
C SER A 107 1.20 7.37 -10.66
N ASN A 108 0.78 8.59 -10.33
CA ASN A 108 -0.03 8.82 -9.15
C ASN A 108 -1.51 8.61 -9.45
N GLN A 109 -2.17 7.81 -8.62
CA GLN A 109 -3.58 7.53 -8.79
C GLN A 109 -4.33 7.76 -7.48
N LEU A 110 -5.57 8.23 -7.60
CA LEU A 110 -6.38 8.48 -6.42
C LEU A 110 -6.84 7.16 -5.79
N LEU A 111 -6.31 6.87 -4.61
CA LEU A 111 -6.65 5.64 -3.90
C LEU A 111 -8.16 5.43 -3.82
N SER A 112 -8.54 4.17 -3.66
CA SER A 112 -9.94 3.79 -3.56
C SER A 112 -10.20 3.03 -2.26
N GLN A 113 -11.44 3.10 -1.77
CA GLN A 113 -11.80 2.41 -0.54
C GLN A 113 -11.87 0.90 -0.78
N GLY A 114 -11.12 0.16 0.02
CA GLY A 114 -11.08 -1.29 -0.13
C GLY A 114 -10.62 -1.71 -1.51
N ASP A 115 -9.93 -0.81 -2.20
CA ASP A 115 -9.43 -1.08 -3.54
C ASP A 115 -8.56 -2.34 -3.54
N GLU A 116 -8.13 -2.75 -4.72
CA GLU A 116 -7.29 -3.94 -4.86
C GLU A 116 -6.28 -3.77 -5.98
N ILE A 117 -5.03 -4.17 -5.71
CA ILE A 117 -3.97 -4.08 -6.70
C ILE A 117 -3.54 -5.46 -7.15
N THR A 118 -3.55 -5.69 -8.45
CA THR A 118 -3.14 -6.97 -9.02
C THR A 118 -1.75 -6.86 -9.63
N VAL A 119 -0.91 -7.86 -9.40
CA VAL A 119 0.44 -7.83 -9.92
C VAL A 119 0.91 -9.20 -10.42
N GLY A 120 1.92 -9.17 -11.29
CA GLY A 120 2.47 -10.39 -11.85
C GLY A 120 1.73 -10.84 -13.08
N VAL A 121 1.06 -9.90 -13.73
CA VAL A 121 0.29 -10.21 -14.93
C VAL A 121 1.16 -10.72 -16.06
N GLY A 122 0.63 -11.70 -16.76
CA GLY A 122 1.31 -12.32 -17.87
C GLY A 122 0.80 -13.73 -18.06
N VAL A 123 0.64 -14.44 -16.96
CA VAL A 123 0.13 -15.79 -16.96
C VAL A 123 -1.05 -15.88 -15.99
N GLU A 124 -2.09 -16.59 -16.40
CA GLU A 124 -3.29 -16.72 -15.57
C GLU A 124 -2.93 -17.17 -14.15
N SER A 125 -1.95 -18.06 -14.04
CA SER A 125 -1.54 -18.59 -12.75
C SER A 125 -0.37 -17.81 -12.14
N ASP A 126 0.04 -16.71 -12.76
CA ASP A 126 1.16 -15.93 -12.24
C ASP A 126 0.78 -14.54 -11.79
N ILE A 127 -0.49 -14.37 -11.51
CA ILE A 127 -1.01 -13.10 -11.04
C ILE A 127 -1.35 -13.16 -9.56
N LEU A 128 -1.02 -12.08 -8.87
CA LEU A 128 -1.27 -11.95 -7.44
C LEU A 128 -2.09 -10.69 -7.16
N SER A 129 -3.13 -10.81 -6.33
CA SER A 129 -3.97 -9.67 -6.01
C SER A 129 -3.80 -9.22 -4.57
N LEU A 130 -4.00 -7.93 -4.37
CA LEU A 130 -3.89 -7.31 -3.05
C LEU A 130 -5.05 -6.36 -2.80
N VAL A 131 -5.35 -6.11 -1.54
CA VAL A 131 -6.45 -5.22 -1.18
C VAL A 131 -5.97 -4.11 -0.24
N ILE A 132 -6.43 -2.89 -0.49
CA ILE A 132 -6.05 -1.76 0.29
C ILE A 132 -7.20 -1.31 1.20
N PHE A 133 -6.96 -1.30 2.51
CA PHE A 133 -7.96 -0.91 3.48
C PHE A 133 -7.64 0.48 4.05
N ILE A 134 -8.59 1.40 3.89
CA ILE A 134 -8.42 2.76 4.39
C ILE A 134 -9.37 3.07 5.54
N ASN A 135 -8.85 3.66 6.60
CA ASN A 135 -9.66 4.02 7.76
C ASN A 135 -10.18 5.45 7.65
N ASP A 136 -11.45 5.63 7.96
CA ASP A 136 -12.07 6.96 7.90
C ASP A 136 -11.60 7.83 9.07
N LYS A 137 -11.13 7.20 10.13
CA LYS A 137 -10.66 7.93 11.30
C LYS A 137 -9.54 8.89 10.93
N PHE A 138 -8.61 8.40 10.11
CA PHE A 138 -7.48 9.21 9.67
C PHE A 138 -7.97 10.46 8.95
N LYS A 139 -8.96 10.28 8.07
CA LYS A 139 -9.52 11.39 7.31
C LYS A 139 -10.20 12.40 8.23
N GLN A 140 -10.79 11.90 9.32
CA GLN A 140 -11.47 12.76 10.27
C GLN A 140 -10.51 13.78 10.88
N CYS A 141 -9.34 13.30 11.30
CA CYS A 141 -8.33 14.18 11.92
C CYS A 141 -7.91 15.27 10.95
N LEU A 142 -7.64 14.88 9.70
CA LEU A 142 -7.22 15.83 8.67
C LEU A 142 -8.28 16.90 8.46
N GLU A 143 -9.53 16.46 8.35
CA GLU A 143 -10.64 17.38 8.13
C GLU A 143 -10.87 18.25 9.36
N GLN A 144 -10.83 17.63 10.54
CA GLN A 144 -11.02 18.35 11.79
C GLN A 144 -9.88 19.33 12.04
N ASN A 145 -8.74 19.09 11.41
CA ASN A 145 -7.58 19.95 11.57
C ASN A 145 -7.08 20.46 10.22
N LYS A 146 -7.48 21.67 9.86
CA LYS A 146 -7.07 22.27 8.59
C LYS A 146 -5.72 22.95 8.73
N VAL A 147 -4.97 22.99 7.62
CA VAL A 147 -3.65 23.61 7.62
C VAL A 147 -3.77 25.13 7.66
N ASP A 148 -2.99 25.76 8.53
CA ASP A 148 -3.01 27.21 8.68
C ASP A 148 -4.38 27.70 9.10
N ARG A 149 -4.43 28.91 9.67
CA ARG A 149 -5.69 29.49 10.11
C ARG A 149 -6.35 28.62 11.18
N ILE A 150 -5.84 28.71 12.41
CA ILE A 150 -6.38 27.93 13.52
C ILE A 150 -7.62 28.60 14.11
N ARG A 151 -8.63 27.79 14.39
CA ARG A 151 -9.88 28.29 14.95
C ARG A 151 -9.99 27.93 16.43
N LYS B 1 29.10 -18.11 -18.46
CA LYS B 1 28.17 -18.40 -17.34
C LYS B 1 26.81 -18.85 -17.86
N LYS B 2 26.05 -19.54 -17.01
CA LYS B 2 24.72 -20.02 -17.38
C LYS B 2 23.84 -20.18 -16.14
N MET B 3 22.80 -19.35 -16.06
CA MET B 3 21.88 -19.40 -14.93
C MET B 3 20.46 -19.04 -15.38
N THR B 4 19.52 -19.12 -14.44
CA THR B 4 18.13 -18.80 -14.74
C THR B 4 17.83 -17.33 -14.43
N PHE B 5 16.91 -16.76 -15.20
CA PHE B 5 16.53 -15.36 -15.01
C PHE B 5 15.85 -15.16 -13.66
N GLN B 6 15.78 -13.90 -13.22
CA GLN B 6 15.14 -13.58 -11.95
C GLN B 6 13.74 -13.02 -12.16
N TPO B 7 13.66 -11.90 -12.87
CA TPO B 7 12.37 -11.27 -13.14
CB TPO B 7 12.41 -9.77 -12.77
CG2 TPO B 7 11.07 -9.10 -13.09
OG1 TPO B 7 12.69 -9.62 -11.41
P TPO B 7 13.63 -8.45 -10.98
O1P TPO B 7 13.85 -8.66 -9.46
O2P TPO B 7 14.96 -8.73 -11.73
O3P TPO B 7 13.06 -7.10 -11.29
C TPO B 7 12.00 -11.41 -14.61
O TPO B 7 12.43 -10.62 -15.46
H2 TPO B 7 14.48 -11.49 -13.22
HA TPO B 7 11.63 -11.75 -12.54
HB TPO B 7 13.18 -9.28 -13.35
HG21 TPO B 7 11.01 -8.91 -14.15
HG22 TPO B 7 11.00 -8.16 -12.55
HG23 TPO B 7 10.26 -9.75 -12.79
N PRO B 8 11.20 -12.43 -14.95
CA PRO B 8 10.77 -12.67 -16.34
C PRO B 8 9.86 -11.57 -16.86
N THR B 9 10.45 -10.56 -17.47
CA THR B 9 9.69 -9.44 -18.02
C THR B 9 9.12 -9.79 -19.39
N ASP B 10 7.79 -9.68 -19.52
CA ASP B 10 7.13 -9.99 -20.77
C ASP B 10 7.64 -9.09 -21.89
N PRO B 11 8.08 -9.68 -23.02
CA PRO B 11 8.60 -8.92 -24.16
C PRO B 11 7.61 -7.84 -24.63
N LEU B 12 7.93 -6.58 -24.34
CA LEU B 12 7.07 -5.48 -24.73
C LEU B 12 7.74 -4.14 -24.42
N GLU B 13 7.04 -3.05 -24.73
CA GLU B 13 7.56 -1.72 -24.48
C GLU B 13 6.45 -0.77 -24.03
N ALA A 1 4.42 -18.86 27.18
CA ALA A 1 4.45 -19.07 25.73
C ALA A 1 4.81 -17.78 25.01
N THR A 2 5.72 -17.88 24.05
CA THR A 2 6.15 -16.72 23.28
C THR A 2 5.53 -16.74 21.88
N GLN A 3 5.70 -17.85 21.17
CA GLN A 3 5.16 -17.99 19.83
C GLN A 3 3.64 -18.03 19.85
N ARG A 4 3.08 -18.78 20.81
CA ARG A 4 1.65 -18.91 20.95
C ARG A 4 1.01 -17.57 21.28
N PHE A 5 1.64 -16.82 22.17
CA PHE A 5 1.14 -15.50 22.56
C PHE A 5 1.00 -14.59 21.35
N LEU A 6 1.96 -14.70 20.43
CA LEU A 6 1.94 -13.89 19.22
C LEU A 6 0.65 -14.14 18.43
N ILE A 7 0.14 -15.36 18.52
CA ILE A 7 -1.09 -15.72 17.82
C ILE A 7 -2.30 -15.08 18.48
N GLU A 8 -2.26 -14.96 19.81
CA GLU A 8 -3.35 -14.36 20.56
C GLU A 8 -3.60 -12.93 20.06
N LYS A 9 -2.51 -12.25 19.71
CA LYS A 9 -2.60 -10.88 19.21
C LYS A 9 -3.30 -10.85 17.84
N PHE A 10 -3.26 -11.97 17.14
CA PHE A 10 -3.88 -12.07 15.82
C PHE A 10 -5.37 -11.72 15.88
N SER A 11 -6.06 -12.29 16.85
CA SER A 11 -7.48 -12.04 17.02
C SER A 11 -7.75 -10.57 17.32
N GLN A 12 -6.78 -9.92 17.98
CA GLN A 12 -6.91 -8.51 18.32
C GLN A 12 -6.72 -7.63 17.09
N GLU A 13 -7.30 -6.43 17.13
CA GLU A 13 -7.20 -5.49 16.02
C GLU A 13 -6.15 -4.43 16.31
N GLN A 14 -5.64 -3.81 15.25
CA GLN A 14 -4.63 -2.76 15.38
C GLN A 14 -5.28 -1.41 15.69
N ILE A 15 -4.67 -0.68 16.61
CA ILE A 15 -5.18 0.63 17.01
C ILE A 15 -4.74 1.72 16.05
N GLY A 16 -5.68 2.60 15.76
CA GLY A 16 -5.42 3.70 14.86
C GLY A 16 -4.46 4.73 15.46
N GLU A 17 -3.23 4.30 15.70
CA GLU A 17 -2.22 5.17 16.29
C GLU A 17 -1.91 6.35 15.36
N ASN A 18 -1.79 6.07 14.07
CA ASN A 18 -1.49 7.11 13.10
C ASN A 18 -1.44 6.45 11.74
N ILE A 19 -2.36 5.52 11.57
CA ILE A 19 -2.43 4.73 10.38
C ILE A 19 -2.91 5.53 9.18
N VAL A 20 -2.31 5.22 8.05
CA VAL A 20 -2.61 5.89 6.80
C VAL A 20 -3.47 4.99 5.92
N CYS A 21 -3.03 3.74 5.76
CA CYS A 21 -3.75 2.76 4.96
C CYS A 21 -3.25 1.35 5.29
N ARG A 22 -4.15 0.38 5.24
CA ARG A 22 -3.80 -1.01 5.54
C ARG A 22 -3.92 -1.90 4.31
N VAL A 23 -2.90 -2.68 4.05
CA VAL A 23 -2.89 -3.58 2.90
C VAL A 23 -3.29 -5.00 3.32
N ILE A 24 -4.35 -5.51 2.68
CA ILE A 24 -4.84 -6.85 2.98
C ILE A 24 -4.87 -7.72 1.73
N CYS A 25 -4.14 -8.83 1.76
CA CYS A 25 -4.09 -9.74 0.62
C CYS A 25 -5.31 -10.65 0.63
N THR A 26 -6.09 -10.60 -0.44
CA THR A 26 -7.29 -11.42 -0.54
C THR A 26 -7.00 -12.76 -1.22
N THR A 27 -5.98 -12.78 -2.07
CA THR A 27 -5.61 -14.01 -2.77
C THR A 27 -4.78 -14.94 -1.88
N GLY A 28 -4.48 -14.49 -0.67
CA GLY A 28 -3.71 -15.30 0.27
C GLY A 28 -2.27 -15.52 -0.17
N GLN A 29 -1.43 -14.53 0.08
CA GLN A 29 -0.01 -14.62 -0.27
C GLN A 29 0.84 -13.81 0.71
N ILE A 30 0.41 -12.60 1.00
CA ILE A 30 1.12 -11.71 1.91
C ILE A 30 0.30 -11.44 3.17
N PRO A 31 0.96 -11.38 4.35
CA PRO A 31 0.27 -11.13 5.61
C PRO A 31 -0.17 -9.68 5.74
N ILE A 32 -1.35 -9.46 6.28
CA ILE A 32 -1.90 -8.12 6.45
C ILE A 32 -0.95 -7.23 7.26
N ARG A 33 -0.76 -6.00 6.78
CA ARG A 33 0.10 -5.04 7.45
C ARG A 33 -0.59 -3.68 7.53
N ASP A 34 -0.08 -2.80 8.38
CA ASP A 34 -0.66 -1.47 8.54
C ASP A 34 0.31 -0.37 8.15
N LEU A 35 -0.08 0.43 7.16
CA LEU A 35 0.75 1.55 6.71
C LEU A 35 0.35 2.80 7.47
N SER A 36 1.33 3.59 7.90
CA SER A 36 1.02 4.78 8.67
C SER A 36 1.89 5.98 8.35
N ALA A 37 1.33 7.13 8.66
CA ALA A 37 2.01 8.40 8.45
C ALA A 37 1.55 9.42 9.50
N ASP A 38 2.49 10.24 9.97
CA ASP A 38 2.16 11.25 10.98
C ASP A 38 1.53 12.48 10.34
N ILE A 39 0.44 12.95 10.94
CA ILE A 39 -0.28 14.11 10.45
C ILE A 39 0.54 15.39 10.53
N SER A 40 1.22 15.56 11.66
CA SER A 40 2.01 16.76 11.90
C SER A 40 3.08 16.96 10.83
N GLN A 41 3.73 15.87 10.46
CA GLN A 41 4.77 15.93 9.45
C GLN A 41 4.17 16.24 8.08
N VAL A 42 2.99 15.69 7.83
CA VAL A 42 2.29 15.91 6.56
C VAL A 42 1.84 17.36 6.42
N LEU A 43 1.22 17.88 7.47
CA LEU A 43 0.72 19.25 7.46
C LEU A 43 1.88 20.26 7.41
N LYS A 44 3.02 19.87 7.97
CA LYS A 44 4.19 20.74 7.98
C LYS A 44 4.96 20.65 6.67
N GLU A 45 5.14 19.43 6.18
CA GLU A 45 5.86 19.20 4.93
C GLU A 45 5.13 19.85 3.76
N LYS A 46 5.87 20.60 2.95
CA LYS A 46 5.29 21.28 1.79
C LYS A 46 6.03 20.90 0.52
N ARG A 47 6.14 19.59 0.27
CA ARG A 47 6.82 19.09 -0.93
C ARG A 47 5.85 18.32 -1.82
N SER A 48 6.39 17.72 -2.88
CA SER A 48 5.56 16.96 -3.81
C SER A 48 4.86 15.81 -3.11
N ILE A 49 5.52 15.25 -2.09
CA ILE A 49 4.96 14.15 -1.33
C ILE A 49 5.50 14.11 0.09
N LYS A 50 4.77 13.44 0.98
CA LYS A 50 5.17 13.35 2.38
C LYS A 50 5.81 12.00 2.68
N LYS A 51 4.99 10.96 2.73
CA LYS A 51 5.48 9.61 3.02
C LYS A 51 4.96 8.60 1.99
N VAL A 52 5.86 7.78 1.47
CA VAL A 52 5.50 6.78 0.49
C VAL A 52 6.03 5.39 0.86
N TRP A 53 5.19 4.39 0.63
CA TRP A 53 5.55 3.00 0.93
C TRP A 53 5.99 2.24 -0.32
N THR A 54 7.02 1.41 -0.18
CA THR A 54 7.49 0.58 -1.28
C THR A 54 7.14 -0.87 -0.99
N PHE A 55 6.55 -1.55 -1.96
CA PHE A 55 6.14 -2.94 -1.79
C PHE A 55 6.86 -3.87 -2.75
N GLY A 56 7.14 -5.08 -2.29
CA GLY A 56 7.80 -6.06 -3.11
C GLY A 56 8.33 -7.24 -2.33
N ARG A 57 9.06 -8.12 -2.98
CA ARG A 57 9.63 -9.30 -2.33
C ARG A 57 10.92 -8.98 -1.59
N ASN A 58 11.34 -7.72 -1.66
CA ASN A 58 12.56 -7.29 -0.99
C ASN A 58 12.30 -6.94 0.48
N PRO A 59 13.19 -7.41 1.38
CA PRO A 59 13.06 -7.13 2.82
C PRO A 59 13.30 -5.65 3.14
N ALA A 60 13.73 -4.90 2.13
CA ALA A 60 13.98 -3.48 2.29
C ALA A 60 12.68 -2.74 2.16
N CYS A 61 11.94 -3.15 1.14
CA CYS A 61 10.66 -2.58 0.85
C CYS A 61 9.84 -2.43 2.11
N ASP A 62 9.19 -1.31 2.24
CA ASP A 62 8.35 -1.05 3.39
C ASP A 62 7.29 -2.15 3.52
N TYR A 63 7.06 -2.89 2.43
CA TYR A 63 6.09 -3.98 2.43
C TYR A 63 6.69 -5.25 1.86
N HIS A 64 6.78 -6.29 2.69
CA HIS A 64 7.34 -7.56 2.26
C HIS A 64 6.24 -8.46 1.71
N LEU A 65 6.22 -8.65 0.40
CA LEU A 65 5.21 -9.48 -0.25
C LEU A 65 5.56 -10.97 -0.11
N GLY A 66 6.58 -11.41 -0.83
CA GLY A 66 6.98 -12.80 -0.76
C GLY A 66 8.25 -13.08 -1.54
N ASN A 67 8.10 -13.63 -2.74
CA ASN A 67 9.25 -13.94 -3.58
C ASN A 67 8.81 -14.45 -4.96
N ILE A 68 7.87 -13.74 -5.58
CA ILE A 68 7.37 -14.13 -6.89
C ILE A 68 8.32 -13.66 -7.99
N SER A 69 8.74 -14.60 -8.84
CA SER A 69 9.65 -14.29 -9.93
C SER A 69 9.11 -13.17 -10.80
N ARG A 70 7.81 -13.23 -11.11
CA ARG A 70 7.17 -12.21 -11.95
C ARG A 70 7.27 -10.84 -11.30
N LEU A 71 7.00 -10.76 -10.01
CA LEU A 71 7.03 -9.49 -9.29
C LEU A 71 8.47 -9.01 -9.10
N SER A 72 8.64 -7.70 -9.01
CA SER A 72 9.97 -7.10 -8.83
C SER A 72 10.28 -6.83 -7.36
N ASN A 73 11.56 -6.59 -7.06
CA ASN A 73 12.00 -6.28 -5.69
C ASN A 73 11.03 -5.32 -5.04
N LYS A 74 10.79 -4.22 -5.74
CA LYS A 74 9.85 -3.20 -5.32
C LYS A 74 8.80 -3.10 -6.42
N HIS A 75 7.81 -3.98 -6.32
CA HIS A 75 6.78 -4.07 -7.33
C HIS A 75 5.92 -2.82 -7.41
N PHE A 76 5.52 -2.29 -6.28
CA PHE A 76 4.67 -1.10 -6.27
C PHE A 76 4.88 -0.25 -5.01
N GLN A 77 4.45 1.01 -5.07
CA GLN A 77 4.58 1.91 -3.93
C GLN A 77 3.30 2.70 -3.69
N ILE A 78 3.13 3.20 -2.48
CA ILE A 78 1.97 4.01 -2.14
C ILE A 78 2.42 5.33 -1.52
N LEU A 79 1.87 6.45 -1.98
CA LEU A 79 2.26 7.76 -1.45
C LEU A 79 1.11 8.42 -0.71
N LEU A 80 1.45 9.14 0.36
CA LEU A 80 0.46 9.84 1.17
C LEU A 80 0.74 11.34 1.18
N GLY A 81 -0.26 12.12 0.75
CA GLY A 81 -0.09 13.57 0.72
C GLY A 81 -1.31 14.26 0.13
N GLU A 82 -1.08 15.01 -0.95
CA GLU A 82 -2.16 15.73 -1.62
C GLU A 82 -2.88 16.67 -0.64
N ASP A 83 -3.93 17.32 -1.12
CA ASP A 83 -4.70 18.24 -0.28
C ASP A 83 -5.49 17.48 0.78
N GLY A 84 -6.19 16.43 0.36
CA GLY A 84 -6.98 15.65 1.29
C GLY A 84 -7.22 14.24 0.79
N ASN A 85 -6.14 13.51 0.49
CA ASN A 85 -6.24 12.15 -0.01
C ASN A 85 -4.86 11.54 -0.20
N LEU A 86 -4.82 10.32 -0.72
CA LEU A 86 -3.56 9.63 -0.95
C LEU A 86 -3.48 9.10 -2.39
N LEU A 87 -2.26 8.82 -2.84
CA LEU A 87 -2.04 8.32 -4.18
C LEU A 87 -1.20 7.04 -4.15
N LEU A 88 -1.42 6.17 -5.12
CA LEU A 88 -0.67 4.91 -5.18
C LEU A 88 0.27 4.96 -6.38
N ASN A 89 1.53 4.60 -6.15
CA ASN A 89 2.52 4.65 -7.22
C ASN A 89 3.01 3.26 -7.61
N ASP A 90 2.75 2.87 -8.84
CA ASP A 90 3.20 1.58 -9.34
C ASP A 90 4.69 1.66 -9.68
N ILE A 91 5.42 0.57 -9.41
CA ILE A 91 6.86 0.56 -9.68
C ILE A 91 7.37 -0.84 -10.01
N SER A 92 6.58 -1.63 -10.73
CA SER A 92 6.97 -2.97 -11.07
C SER A 92 7.58 -3.05 -12.46
N THR A 93 8.35 -4.11 -12.70
CA THR A 93 8.98 -4.33 -13.99
C THR A 93 7.93 -4.66 -15.04
N ASN A 94 6.88 -5.38 -14.64
CA ASN A 94 5.81 -5.77 -15.56
C ASN A 94 4.60 -4.85 -15.48
N GLY A 95 4.46 -4.13 -14.37
CA GLY A 95 3.34 -3.23 -14.23
C GLY A 95 2.48 -3.54 -13.02
N THR A 96 1.65 -2.56 -12.66
CA THR A 96 0.73 -2.68 -11.53
C THR A 96 -0.70 -2.57 -12.02
N TRP A 97 -1.58 -3.40 -11.49
CA TRP A 97 -2.97 -3.39 -11.94
C TRP A 97 -3.96 -2.94 -10.88
N LEU A 98 -5.03 -2.31 -11.36
CA LEU A 98 -6.10 -1.87 -10.50
C LEU A 98 -7.40 -2.48 -11.02
N ASN A 99 -7.99 -3.37 -10.21
CA ASN A 99 -9.23 -4.03 -10.58
C ASN A 99 -9.24 -4.51 -12.04
N GLY A 100 -8.13 -5.09 -12.49
CA GLY A 100 -8.06 -5.60 -13.83
C GLY A 100 -7.57 -4.57 -14.83
N GLN A 101 -7.51 -3.31 -14.42
CA GLN A 101 -7.05 -2.26 -15.32
C GLN A 101 -5.64 -1.82 -14.95
N LYS A 102 -4.72 -2.00 -15.87
CA LYS A 102 -3.34 -1.64 -15.68
C LYS A 102 -3.14 -0.12 -15.68
N VAL A 103 -2.37 0.37 -14.72
CA VAL A 103 -2.10 1.80 -14.60
C VAL A 103 -0.69 2.13 -15.08
N GLU A 104 -0.44 3.42 -15.33
CA GLU A 104 0.86 3.87 -15.78
C GLU A 104 1.88 3.75 -14.66
N LYS A 105 2.98 3.05 -14.91
CA LYS A 105 4.02 2.87 -13.91
C LYS A 105 4.45 4.21 -13.33
N ASN A 106 5.09 4.16 -12.17
CA ASN A 106 5.57 5.34 -11.47
C ASN A 106 4.64 6.54 -11.63
N SER A 107 3.35 6.25 -11.73
CA SER A 107 2.35 7.30 -11.88
C SER A 107 1.46 7.38 -10.63
N ASN A 108 1.03 8.59 -10.29
CA ASN A 108 0.18 8.79 -9.11
C ASN A 108 -1.29 8.62 -9.48
N GLN A 109 -1.99 7.80 -8.71
CA GLN A 109 -3.40 7.55 -8.94
C GLN A 109 -4.21 7.79 -7.67
N LEU A 110 -5.44 8.25 -7.83
CA LEU A 110 -6.31 8.51 -6.68
C LEU A 110 -6.77 7.21 -6.06
N LEU A 111 -6.45 7.03 -4.78
CA LEU A 111 -6.83 5.83 -4.05
C LEU A 111 -8.33 5.63 -4.05
N SER A 112 -8.73 4.38 -3.87
CA SER A 112 -10.14 4.00 -3.83
C SER A 112 -10.45 3.25 -2.53
N GLN A 113 -11.70 3.33 -2.09
CA GLN A 113 -12.10 2.67 -0.85
C GLN A 113 -12.14 1.15 -1.04
N GLY A 114 -11.40 0.44 -0.20
CA GLY A 114 -11.34 -1.00 -0.29
C GLY A 114 -10.87 -1.47 -1.65
N ASP A 115 -10.17 -0.59 -2.37
CA ASP A 115 -9.66 -0.90 -3.70
C ASP A 115 -8.76 -2.12 -3.65
N GLU A 116 -8.32 -2.56 -4.83
CA GLU A 116 -7.43 -3.71 -4.93
C GLU A 116 -6.44 -3.55 -6.07
N ILE A 117 -5.18 -3.87 -5.80
CA ILE A 117 -4.13 -3.78 -6.81
C ILE A 117 -3.65 -5.17 -7.20
N THR A 118 -3.63 -5.44 -8.49
CA THR A 118 -3.19 -6.73 -9.00
C THR A 118 -1.79 -6.61 -9.58
N VAL A 119 -0.94 -7.60 -9.32
CA VAL A 119 0.42 -7.56 -9.81
C VAL A 119 0.91 -8.93 -10.29
N GLY A 120 1.93 -8.92 -11.14
CA GLY A 120 2.48 -10.14 -11.67
C GLY A 120 1.69 -10.65 -12.85
N VAL A 121 1.17 -9.71 -13.63
CA VAL A 121 0.38 -10.04 -14.79
C VAL A 121 1.23 -10.58 -15.94
N GLY A 122 0.67 -11.59 -16.60
CA GLY A 122 1.34 -12.23 -17.70
C GLY A 122 0.86 -13.65 -17.83
N VAL A 123 0.68 -14.30 -16.69
CA VAL A 123 0.18 -15.65 -16.63
C VAL A 123 -1.02 -15.70 -15.70
N GLU A 124 -2.12 -16.29 -16.17
CA GLU A 124 -3.34 -16.37 -15.36
C GLU A 124 -3.05 -16.94 -13.98
N SER A 125 -2.10 -17.86 -13.91
CA SER A 125 -1.74 -18.49 -12.65
C SER A 125 -0.57 -17.79 -11.95
N ASP A 126 -0.12 -16.65 -12.48
CA ASP A 126 1.01 -15.94 -11.87
C ASP A 126 0.69 -14.51 -11.52
N ILE A 127 -0.58 -14.25 -11.31
CA ILE A 127 -1.04 -12.93 -10.92
C ILE A 127 -1.42 -12.90 -9.45
N LEU A 128 -1.06 -11.82 -8.80
CA LEU A 128 -1.33 -11.62 -7.37
C LEU A 128 -2.25 -10.43 -7.14
N SER A 129 -3.25 -10.62 -6.29
CA SER A 129 -4.21 -9.56 -5.99
C SER A 129 -4.06 -9.08 -4.54
N LEU A 130 -4.09 -7.75 -4.38
CA LEU A 130 -3.96 -7.14 -3.07
C LEU A 130 -5.06 -6.10 -2.84
N VAL A 131 -5.63 -6.08 -1.64
CA VAL A 131 -6.69 -5.12 -1.31
C VAL A 131 -6.19 -4.09 -0.31
N ILE A 132 -6.57 -2.83 -0.52
CA ILE A 132 -6.17 -1.76 0.33
C ILE A 132 -7.33 -1.28 1.21
N PHE A 133 -7.03 -1.01 2.48
CA PHE A 133 -8.02 -0.54 3.43
C PHE A 133 -7.65 0.84 3.97
N ILE A 134 -8.52 1.81 3.73
CA ILE A 134 -8.28 3.18 4.19
C ILE A 134 -8.74 3.37 5.63
N ASN A 135 -7.90 4.02 6.43
CA ASN A 135 -8.23 4.28 7.82
C ASN A 135 -9.14 5.50 7.94
N ASP A 136 -10.41 5.26 8.25
CA ASP A 136 -11.38 6.34 8.39
C ASP A 136 -10.94 7.34 9.45
N LYS A 137 -10.25 6.86 10.47
CA LYS A 137 -9.77 7.71 11.54
C LYS A 137 -8.84 8.79 11.01
N PHE A 138 -7.90 8.38 10.15
CA PHE A 138 -6.94 9.29 9.56
C PHE A 138 -7.65 10.38 8.77
N LYS A 139 -8.64 9.98 7.98
CA LYS A 139 -9.40 10.92 7.17
C LYS A 139 -10.17 11.92 8.04
N GLN A 140 -10.65 11.43 9.18
CA GLN A 140 -11.41 12.27 10.10
C GLN A 140 -10.57 13.46 10.59
N CYS A 141 -9.30 13.18 10.88
CA CYS A 141 -8.40 14.22 11.36
C CYS A 141 -8.14 15.27 10.28
N LEU A 142 -7.89 14.80 9.06
CA LEU A 142 -7.62 15.69 7.94
C LEU A 142 -8.85 16.52 7.59
N GLU A 143 -10.03 15.90 7.73
CA GLU A 143 -11.28 16.59 7.42
C GLU A 143 -11.51 17.76 8.38
N GLN A 144 -11.17 17.56 9.65
CA GLN A 144 -11.34 18.59 10.66
C GLN A 144 -10.13 19.51 10.71
N ASN A 145 -8.94 18.94 10.51
CA ASN A 145 -7.69 19.69 10.52
C ASN A 145 -7.66 20.70 11.67
N LYS A 146 -8.17 20.29 12.83
CA LYS A 146 -8.20 21.15 14.00
C LYS A 146 -7.30 20.61 15.11
N VAL A 147 -6.72 21.51 15.89
CA VAL A 147 -5.84 21.11 16.98
C VAL A 147 -6.63 20.49 18.13
N ASP A 148 -6.10 19.39 18.68
CA ASP A 148 -6.76 18.71 19.78
C ASP A 148 -5.85 17.61 20.34
N ARG A 149 -5.76 17.55 21.67
CA ARG A 149 -4.93 16.54 22.33
C ARG A 149 -5.74 15.28 22.61
N ILE A 150 -5.53 14.25 21.80
CA ILE A 150 -6.24 12.98 21.97
C ILE A 150 -5.46 12.03 22.88
N ARG A 151 -6.16 11.46 23.85
CA ARG A 151 -5.54 10.54 24.79
C ARG A 151 -6.37 9.27 24.94
N LYS B 1 27.82 -7.59 -11.56
CA LYS B 1 27.89 -8.59 -12.66
C LYS B 1 26.92 -9.74 -12.43
N LYS B 2 26.48 -10.37 -13.52
CA LYS B 2 25.55 -11.48 -13.45
C LYS B 2 24.22 -11.03 -12.84
N MET B 3 23.14 -11.70 -13.24
CA MET B 3 21.81 -11.37 -12.74
C MET B 3 20.94 -12.61 -12.65
N THR B 4 20.93 -13.40 -13.72
CA THR B 4 20.14 -14.62 -13.76
C THR B 4 18.65 -14.31 -13.65
N PHE B 5 17.90 -14.63 -14.69
CA PHE B 5 16.46 -14.38 -14.71
C PHE B 5 16.16 -12.89 -14.71
N GLN B 6 16.45 -12.22 -13.59
CA GLN B 6 16.22 -10.80 -13.45
C GLN B 6 14.73 -10.47 -13.54
N TPO B 7 13.92 -11.20 -12.77
CA TPO B 7 12.49 -11.00 -12.76
CB TPO B 7 12.12 -9.58 -12.26
CG2 TPO B 7 10.62 -9.36 -12.28
OG1 TPO B 7 12.62 -9.40 -10.96
P TPO B 7 13.73 -8.34 -10.75
O1P TPO B 7 12.99 -7.08 -10.21
O2P TPO B 7 14.61 -8.91 -9.61
O3P TPO B 7 14.52 -8.05 -11.99
C TPO B 7 11.89 -11.20 -14.15
O TPO B 7 11.81 -10.26 -14.95
H2 TPO B 7 14.32 -11.90 -12.20
HA TPO B 7 12.05 -11.72 -12.08
HB TPO B 7 12.59 -8.85 -12.91
HG21 TPO B 7 10.28 -9.18 -11.27
HG22 TPO B 7 10.13 -10.23 -12.67
HG23 TPO B 7 10.39 -8.50 -12.89
N PRO B 8 11.47 -12.44 -14.47
CA PRO B 8 10.88 -12.77 -15.77
C PRO B 8 9.77 -11.80 -16.17
N THR B 9 9.91 -11.20 -17.35
CA THR B 9 8.92 -10.25 -17.85
C THR B 9 7.82 -10.96 -18.63
N ASP B 10 8.22 -11.73 -19.64
CA ASP B 10 7.27 -12.46 -20.46
C ASP B 10 7.99 -13.32 -21.50
N PRO B 11 7.99 -14.66 -21.32
CA PRO B 11 8.64 -15.57 -22.25
C PRO B 11 7.95 -15.62 -23.60
N LEU B 12 8.71 -15.98 -24.65
CA LEU B 12 8.16 -16.06 -25.99
C LEU B 12 7.60 -14.72 -26.44
N GLU B 13 7.08 -14.67 -27.66
CA GLU B 13 6.51 -13.44 -28.20
C GLU B 13 5.05 -13.64 -28.59
N ALA A 1 -14.24 -17.95 15.64
CA ALA A 1 -15.05 -17.97 16.86
C ALA A 1 -16.02 -16.80 16.88
N THR A 2 -17.29 -17.08 16.58
CA THR A 2 -18.32 -16.06 16.57
C THR A 2 -18.61 -15.56 17.98
N GLN A 3 -18.85 -16.49 18.90
CA GLN A 3 -19.13 -16.14 20.29
C GLN A 3 -17.98 -15.37 20.90
N ARG A 4 -16.76 -15.80 20.60
CA ARG A 4 -15.57 -15.14 21.12
C ARG A 4 -15.40 -13.75 20.53
N PHE A 5 -15.63 -13.63 19.23
CA PHE A 5 -15.51 -12.35 18.54
C PHE A 5 -16.42 -11.31 19.17
N LEU A 6 -17.61 -11.74 19.57
CA LEU A 6 -18.59 -10.85 20.19
C LEU A 6 -18.01 -10.23 21.46
N ILE A 7 -17.16 -10.99 22.15
CA ILE A 7 -16.54 -10.52 23.38
C ILE A 7 -15.48 -9.46 23.09
N GLU A 8 -14.77 -9.64 21.98
CA GLU A 8 -13.73 -8.69 21.59
C GLU A 8 -14.29 -7.29 21.46
N LYS A 9 -15.50 -7.20 20.91
CA LYS A 9 -16.17 -5.92 20.73
C LYS A 9 -16.55 -5.31 22.08
N PHE A 10 -16.68 -6.17 23.09
CA PHE A 10 -17.04 -5.73 24.44
C PHE A 10 -16.04 -4.70 24.96
N SER A 11 -14.76 -5.00 24.81
CA SER A 11 -13.72 -4.09 25.27
C SER A 11 -13.71 -2.81 24.45
N GLN A 12 -13.97 -2.95 23.15
CA GLN A 12 -14.00 -1.79 22.26
C GLN A 12 -12.65 -1.09 22.23
N GLU A 13 -11.72 -1.63 21.44
CA GLU A 13 -10.39 -1.05 21.32
C GLU A 13 -10.27 -0.22 20.05
N GLN A 14 -9.86 1.03 20.21
CA GLN A 14 -9.71 1.93 19.07
C GLN A 14 -8.34 1.76 18.42
N ILE A 15 -8.32 1.05 17.29
CA ILE A 15 -7.08 0.81 16.57
C ILE A 15 -6.78 1.92 15.58
N GLY A 16 -5.52 2.29 15.55
CA GLY A 16 -5.07 3.34 14.66
C GLY A 16 -4.32 4.43 15.39
N GLU A 17 -2.99 4.38 15.33
CA GLU A 17 -2.15 5.37 15.99
C GLU A 17 -1.86 6.55 15.06
N ASN A 18 -1.63 6.24 13.79
CA ASN A 18 -1.34 7.27 12.80
C ASN A 18 -1.34 6.61 11.44
N ILE A 19 -2.22 5.62 11.33
CA ILE A 19 -2.35 4.82 10.16
C ILE A 19 -3.00 5.57 9.01
N VAL A 20 -2.41 5.41 7.83
CA VAL A 20 -2.88 6.03 6.64
C VAL A 20 -3.82 5.09 5.90
N CYS A 21 -3.29 3.91 5.55
CA CYS A 21 -4.05 2.88 4.87
C CYS A 21 -3.48 1.50 5.18
N ARG A 22 -4.33 0.48 5.16
CA ARG A 22 -3.89 -0.88 5.45
C ARG A 22 -4.05 -1.78 4.23
N VAL A 23 -3.00 -2.54 3.92
CA VAL A 23 -3.02 -3.45 2.77
C VAL A 23 -3.38 -4.86 3.21
N ILE A 24 -4.45 -5.41 2.62
CA ILE A 24 -4.91 -6.75 2.96
C ILE A 24 -4.98 -7.64 1.72
N CYS A 25 -4.25 -8.75 1.74
CA CYS A 25 -4.26 -9.68 0.62
C CYS A 25 -5.47 -10.62 0.70
N THR A 26 -6.30 -10.60 -0.34
CA THR A 26 -7.50 -11.43 -0.36
C THR A 26 -7.24 -12.75 -1.08
N THR A 27 -6.26 -12.77 -1.97
CA THR A 27 -5.93 -13.98 -2.72
C THR A 27 -5.07 -14.93 -1.88
N GLY A 28 -4.73 -14.51 -0.67
CA GLY A 28 -3.94 -15.36 0.22
C GLY A 28 -2.53 -15.58 -0.31
N GLN A 29 -1.67 -14.58 -0.11
CA GLN A 29 -0.28 -14.68 -0.57
C GLN A 29 0.65 -13.88 0.35
N ILE A 30 0.19 -12.70 0.76
CA ILE A 30 0.97 -11.83 1.63
C ILE A 30 0.21 -11.48 2.90
N PRO A 31 0.90 -11.41 4.05
CA PRO A 31 0.25 -11.09 5.32
C PRO A 31 -0.13 -9.61 5.42
N ILE A 32 -1.24 -9.33 6.09
CA ILE A 32 -1.73 -7.97 6.25
C ILE A 32 -0.71 -7.08 6.96
N ARG A 33 -0.67 -5.81 6.58
CA ARG A 33 0.24 -4.85 7.18
C ARG A 33 -0.46 -3.51 7.36
N ASP A 34 0.10 -2.65 8.20
CA ASP A 34 -0.50 -1.33 8.45
C ASP A 34 0.43 -0.20 8.01
N LEU A 35 -0.07 0.60 7.07
CA LEU A 35 0.68 1.75 6.56
C LEU A 35 0.29 3.00 7.37
N SER A 36 1.28 3.82 7.74
CA SER A 36 0.98 5.01 8.51
C SER A 36 1.89 6.18 8.19
N ALA A 37 1.36 7.34 8.51
CA ALA A 37 2.07 8.59 8.30
C ALA A 37 1.72 9.60 9.38
N ASP A 38 2.72 10.37 9.82
CA ASP A 38 2.51 11.38 10.86
C ASP A 38 1.83 12.62 10.30
N ILE A 39 0.77 13.05 10.97
CA ILE A 39 0.00 14.21 10.56
C ILE A 39 0.82 15.51 10.63
N SER A 40 1.54 15.68 11.73
CA SER A 40 2.34 16.88 11.93
C SER A 40 3.33 17.07 10.79
N GLN A 41 3.94 15.97 10.39
CA GLN A 41 4.92 15.99 9.31
C GLN A 41 4.25 16.29 7.97
N VAL A 42 3.04 15.77 7.79
CA VAL A 42 2.29 15.99 6.56
C VAL A 42 1.86 17.45 6.44
N LEU A 43 1.26 17.97 7.50
CA LEU A 43 0.79 19.35 7.52
C LEU A 43 1.95 20.32 7.28
N LYS A 44 3.15 19.92 7.70
CA LYS A 44 4.33 20.74 7.54
C LYS A 44 4.80 20.76 6.09
N GLU A 45 4.72 19.61 5.44
CA GLU A 45 5.13 19.48 4.05
C GLU A 45 4.09 20.09 3.12
N LYS A 46 4.56 20.85 2.13
CA LYS A 46 3.66 21.49 1.17
C LYS A 46 3.92 20.97 -0.24
N ARG A 47 4.33 19.71 -0.33
CA ARG A 47 4.61 19.09 -1.62
C ARG A 47 3.46 18.17 -2.04
N SER A 48 3.64 17.51 -3.17
CA SER A 48 2.62 16.60 -3.69
C SER A 48 2.65 15.26 -2.97
N ILE A 49 3.81 14.92 -2.41
CA ILE A 49 3.98 13.66 -1.69
C ILE A 49 4.64 13.89 -0.34
N LYS A 50 4.13 13.20 0.69
CA LYS A 50 4.67 13.33 2.03
C LYS A 50 5.40 12.04 2.45
N LYS A 51 4.66 10.94 2.50
CA LYS A 51 5.25 9.65 2.88
C LYS A 51 4.77 8.53 1.96
N VAL A 52 5.70 7.94 1.23
CA VAL A 52 5.37 6.88 0.29
C VAL A 52 5.88 5.52 0.72
N TRP A 53 5.03 4.52 0.47
CA TRP A 53 5.34 3.13 0.80
C TRP A 53 5.79 2.35 -0.43
N THR A 54 6.80 1.50 -0.25
CA THR A 54 7.29 0.66 -1.33
C THR A 54 6.99 -0.80 -1.02
N PHE A 55 6.36 -1.49 -1.97
CA PHE A 55 5.98 -2.88 -1.79
C PHE A 55 6.70 -3.79 -2.76
N GLY A 56 7.03 -5.00 -2.32
CA GLY A 56 7.70 -5.96 -3.17
C GLY A 56 8.31 -7.11 -2.39
N ARG A 57 9.13 -7.91 -3.08
CA ARG A 57 9.77 -9.06 -2.45
C ARG A 57 11.01 -8.67 -1.66
N ASN A 58 11.31 -7.37 -1.64
CA ASN A 58 12.48 -6.88 -0.91
C ASN A 58 12.15 -6.67 0.56
N PRO A 59 13.09 -7.02 1.47
CA PRO A 59 12.90 -6.85 2.90
C PRO A 59 13.03 -5.38 3.31
N ALA A 60 13.50 -4.57 2.38
CA ALA A 60 13.66 -3.15 2.59
C ALA A 60 12.33 -2.48 2.36
N CYS A 61 11.69 -2.93 1.29
CA CYS A 61 10.41 -2.43 0.90
C CYS A 61 9.51 -2.30 2.11
N ASP A 62 8.78 -1.22 2.15
CA ASP A 62 7.86 -0.99 3.26
C ASP A 62 6.88 -2.17 3.36
N TYR A 63 6.77 -2.95 2.28
CA TYR A 63 5.87 -4.10 2.27
C TYR A 63 6.60 -5.34 1.78
N HIS A 64 6.53 -6.42 2.55
CA HIS A 64 7.18 -7.67 2.18
C HIS A 64 6.17 -8.67 1.63
N LEU A 65 6.23 -8.90 0.32
CA LEU A 65 5.31 -9.83 -0.34
C LEU A 65 5.71 -11.28 -0.09
N GLY A 66 6.79 -11.71 -0.74
CA GLY A 66 7.27 -13.07 -0.58
C GLY A 66 8.54 -13.34 -1.37
N ASN A 67 8.38 -13.89 -2.56
CA ASN A 67 9.54 -14.20 -3.40
C ASN A 67 9.10 -14.69 -4.79
N ILE A 68 8.23 -13.92 -5.43
CA ILE A 68 7.74 -14.28 -6.76
C ILE A 68 8.63 -13.66 -7.84
N SER A 69 9.21 -14.50 -8.69
CA SER A 69 10.09 -14.03 -9.75
C SER A 69 9.40 -12.98 -10.61
N ARG A 70 8.10 -13.14 -10.82
CA ARG A 70 7.34 -12.20 -11.62
C ARG A 70 7.37 -10.80 -10.99
N LEU A 71 7.17 -10.75 -9.69
CA LEU A 71 7.16 -9.47 -8.98
C LEU A 71 8.59 -8.95 -8.79
N SER A 72 8.73 -7.63 -8.78
CA SER A 72 10.05 -7.00 -8.62
C SER A 72 10.34 -6.67 -7.15
N ASN A 73 11.60 -6.36 -6.84
CA ASN A 73 12.02 -6.01 -5.48
C ASN A 73 10.98 -5.08 -4.86
N LYS A 74 10.69 -4.00 -5.56
CA LYS A 74 9.69 -3.03 -5.16
C LYS A 74 8.66 -2.97 -6.27
N HIS A 75 7.72 -3.92 -6.23
CA HIS A 75 6.72 -4.04 -7.26
C HIS A 75 5.87 -2.79 -7.39
N PHE A 76 5.43 -2.26 -6.27
CA PHE A 76 4.59 -1.06 -6.31
C PHE A 76 4.86 -0.13 -5.13
N GLN A 77 4.43 1.12 -5.27
CA GLN A 77 4.65 2.12 -4.23
C GLN A 77 3.39 2.94 -3.99
N ILE A 78 3.16 3.37 -2.75
CA ILE A 78 1.99 4.18 -2.43
C ILE A 78 2.41 5.50 -1.80
N LEU A 79 1.88 6.62 -2.30
CA LEU A 79 2.24 7.92 -1.74
C LEU A 79 1.02 8.72 -1.31
N LEU A 80 1.16 9.42 -0.19
CA LEU A 80 0.09 10.25 0.35
C LEU A 80 0.60 11.67 0.55
N GLY A 81 -0.07 12.64 -0.07
CA GLY A 81 0.35 14.03 0.06
C GLY A 81 -0.82 14.98 0.28
N GLU A 82 -0.74 16.14 -0.36
CA GLU A 82 -1.78 17.15 -0.24
C GLU A 82 -3.15 16.59 -0.64
N ASP A 83 -4.12 17.49 -0.80
CA ASP A 83 -5.48 17.11 -1.17
C ASP A 83 -6.20 16.45 0.00
N GLY A 84 -5.67 15.31 0.45
CA GLY A 84 -6.28 14.61 1.56
C GLY A 84 -6.42 13.12 1.30
N ASN A 85 -6.63 12.77 0.03
CA ASN A 85 -6.78 11.38 -0.35
C ASN A 85 -5.42 10.70 -0.48
N LEU A 86 -5.42 9.44 -0.90
CA LEU A 86 -4.19 8.69 -1.06
C LEU A 86 -3.85 8.50 -2.53
N LEU A 87 -2.56 8.31 -2.82
CA LEU A 87 -2.10 8.12 -4.19
C LEU A 87 -1.39 6.78 -4.32
N LEU A 88 -1.59 6.11 -5.45
CA LEU A 88 -0.96 4.82 -5.70
C LEU A 88 0.06 4.93 -6.82
N ASN A 89 1.30 4.55 -6.53
CA ASN A 89 2.35 4.62 -7.53
C ASN A 89 2.88 3.23 -7.89
N ASP A 90 2.69 2.83 -9.13
CA ASP A 90 3.16 1.54 -9.60
C ASP A 90 4.66 1.61 -9.90
N ILE A 91 5.41 0.58 -9.50
CA ILE A 91 6.85 0.55 -9.71
C ILE A 91 7.37 -0.87 -9.97
N SER A 92 6.64 -1.66 -10.73
CA SER A 92 7.03 -3.02 -11.01
C SER A 92 7.69 -3.15 -12.37
N THR A 93 8.45 -4.23 -12.55
CA THR A 93 9.11 -4.50 -13.81
C THR A 93 8.09 -4.84 -14.89
N ASN A 94 7.03 -5.55 -14.50
CA ASN A 94 5.99 -5.95 -15.44
C ASN A 94 4.77 -5.03 -15.40
N GLY A 95 4.62 -4.28 -14.31
CA GLY A 95 3.50 -3.38 -14.20
C GLY A 95 2.59 -3.67 -13.02
N THR A 96 1.76 -2.69 -12.69
CA THR A 96 0.81 -2.79 -11.58
C THR A 96 -0.61 -2.69 -12.13
N TRP A 97 -1.51 -3.51 -11.62
CA TRP A 97 -2.88 -3.51 -12.12
C TRP A 97 -3.91 -3.06 -11.10
N LEU A 98 -4.96 -2.43 -11.61
CA LEU A 98 -6.05 -1.97 -10.79
C LEU A 98 -7.34 -2.59 -11.35
N ASN A 99 -7.96 -3.46 -10.56
CA ASN A 99 -9.18 -4.14 -10.96
C ASN A 99 -9.12 -4.66 -12.40
N GLY A 100 -7.97 -5.25 -12.78
CA GLY A 100 -7.83 -5.79 -14.10
C GLY A 100 -7.34 -4.79 -15.12
N GLN A 101 -7.26 -3.52 -14.73
CA GLN A 101 -6.80 -2.48 -15.64
C GLN A 101 -5.39 -2.03 -15.28
N LYS A 102 -4.47 -2.22 -16.21
CA LYS A 102 -3.10 -1.86 -16.02
C LYS A 102 -2.91 -0.34 -16.08
N VAL A 103 -2.23 0.21 -15.08
CA VAL A 103 -1.99 1.65 -15.01
C VAL A 103 -0.56 1.98 -15.45
N GLU A 104 -0.32 3.26 -15.69
CA GLU A 104 1.00 3.72 -16.10
C GLU A 104 2.00 3.61 -14.95
N LYS A 105 3.12 2.93 -15.18
CA LYS A 105 4.13 2.77 -14.15
C LYS A 105 4.51 4.13 -13.57
N ASN A 106 5.15 4.11 -12.40
CA ASN A 106 5.59 5.31 -11.71
C ASN A 106 4.61 6.47 -11.93
N SER A 107 3.33 6.14 -11.96
CA SER A 107 2.29 7.14 -12.16
C SER A 107 1.44 7.28 -10.89
N ASN A 108 0.99 8.50 -10.61
CA ASN A 108 0.18 8.74 -9.43
C ASN A 108 -1.31 8.63 -9.77
N GLN A 109 -2.03 7.86 -8.96
CA GLN A 109 -3.46 7.66 -9.17
C GLN A 109 -4.22 7.92 -7.88
N LEU A 110 -5.46 8.38 -8.00
CA LEU A 110 -6.29 8.67 -6.84
C LEU A 110 -6.76 7.36 -6.20
N LEU A 111 -6.45 7.20 -4.91
CA LEU A 111 -6.83 5.99 -4.18
C LEU A 111 -8.33 5.77 -4.22
N SER A 112 -8.72 4.52 -4.05
CA SER A 112 -10.13 4.13 -4.05
C SER A 112 -10.48 3.39 -2.77
N GLN A 113 -11.74 3.45 -2.37
CA GLN A 113 -12.19 2.78 -1.15
C GLN A 113 -12.23 1.28 -1.37
N GLY A 114 -11.54 0.54 -0.50
CA GLY A 114 -11.49 -0.90 -0.62
C GLY A 114 -10.95 -1.34 -1.98
N ASP A 115 -10.20 -0.46 -2.62
CA ASP A 115 -9.62 -0.74 -3.93
C ASP A 115 -8.78 -2.00 -3.88
N GLU A 116 -8.31 -2.43 -5.05
CA GLU A 116 -7.49 -3.63 -5.15
C GLU A 116 -6.44 -3.48 -6.24
N ILE A 117 -5.20 -3.88 -5.94
CA ILE A 117 -4.12 -3.81 -6.91
C ILE A 117 -3.65 -5.21 -7.28
N THR A 118 -3.60 -5.47 -8.58
CA THR A 118 -3.17 -6.77 -9.08
C THR A 118 -1.75 -6.66 -9.64
N VAL A 119 -0.91 -7.64 -9.32
CA VAL A 119 0.47 -7.61 -9.78
C VAL A 119 0.97 -8.99 -10.21
N GLY A 120 2.02 -8.98 -11.04
CA GLY A 120 2.60 -10.21 -11.52
C GLY A 120 1.89 -10.74 -12.75
N VAL A 121 1.25 -9.84 -13.48
CA VAL A 121 0.52 -10.20 -14.66
C VAL A 121 1.41 -10.78 -15.74
N GLY A 122 0.89 -11.81 -16.41
CA GLY A 122 1.60 -12.49 -17.45
C GLY A 122 1.07 -13.89 -17.62
N VAL A 123 0.88 -14.55 -16.48
CA VAL A 123 0.35 -15.88 -16.43
C VAL A 123 -0.87 -15.92 -15.50
N GLU A 124 -1.91 -16.62 -15.91
CA GLU A 124 -3.13 -16.70 -15.11
C GLU A 124 -2.83 -17.10 -13.67
N SER A 125 -1.86 -18.00 -13.49
CA SER A 125 -1.50 -18.48 -12.17
C SER A 125 -0.34 -17.70 -11.56
N ASP A 126 0.11 -16.62 -12.21
CA ASP A 126 1.22 -15.85 -11.68
C ASP A 126 0.84 -14.42 -11.33
N ILE A 127 -0.43 -14.22 -11.09
CA ILE A 127 -0.95 -12.93 -10.72
C ILE A 127 -1.34 -12.89 -9.24
N LEU A 128 -1.03 -11.77 -8.61
CA LEU A 128 -1.33 -11.57 -7.20
C LEU A 128 -2.26 -10.38 -7.02
N SER A 129 -3.29 -10.54 -6.18
CA SER A 129 -4.26 -9.48 -5.94
C SER A 129 -4.19 -8.99 -4.49
N LEU A 130 -4.14 -7.67 -4.32
CA LEU A 130 -4.07 -7.07 -3.00
C LEU A 130 -5.17 -6.01 -2.84
N VAL A 131 -5.73 -5.93 -1.64
CA VAL A 131 -6.78 -4.97 -1.35
C VAL A 131 -6.29 -3.89 -0.39
N ILE A 132 -6.70 -2.65 -0.63
CA ILE A 132 -6.30 -1.54 0.19
C ILE A 132 -7.46 -1.08 1.07
N PHE A 133 -7.23 -1.11 2.38
CA PHE A 133 -8.23 -0.70 3.35
C PHE A 133 -7.91 0.69 3.89
N ILE A 134 -8.85 1.62 3.74
CA ILE A 134 -8.66 2.98 4.22
C ILE A 134 -9.34 3.19 5.57
N ASN A 135 -8.54 3.57 6.56
CA ASN A 135 -9.07 3.82 7.90
C ASN A 135 -9.66 5.21 8.02
N ASP A 136 -10.83 5.31 8.65
CA ASP A 136 -11.50 6.58 8.83
C ASP A 136 -10.81 7.42 9.91
N LYS A 137 -10.04 6.77 10.76
CA LYS A 137 -9.32 7.46 11.83
C LYS A 137 -8.42 8.54 11.26
N PHE A 138 -7.72 8.20 10.19
CA PHE A 138 -6.82 9.14 9.53
C PHE A 138 -7.56 10.37 9.05
N LYS A 139 -8.73 10.15 8.46
CA LYS A 139 -9.55 11.24 7.95
C LYS A 139 -10.05 12.12 9.10
N GLN A 140 -10.31 11.48 10.25
CA GLN A 140 -10.80 12.21 11.42
C GLN A 140 -9.79 13.25 11.88
N CYS A 141 -8.52 12.86 11.94
CA CYS A 141 -7.46 13.77 12.36
C CYS A 141 -7.26 14.89 11.35
N LEU A 142 -7.27 14.54 10.07
CA LEU A 142 -7.09 15.52 9.00
C LEU A 142 -8.22 16.55 9.03
N GLU A 143 -9.42 16.11 9.37
CA GLU A 143 -10.56 17.00 9.44
C GLU A 143 -10.34 18.11 10.47
N GLN A 144 -9.80 17.73 11.62
CA GLN A 144 -9.53 18.69 12.68
C GLN A 144 -8.17 19.35 12.48
N ASN A 145 -7.25 18.63 11.85
CA ASN A 145 -5.91 19.14 11.57
C ASN A 145 -5.32 19.88 12.78
N LYS A 146 -5.54 21.20 12.85
CA LYS A 146 -5.03 22.00 13.95
C LYS A 146 -6.14 22.27 14.97
N VAL A 147 -5.81 22.12 16.25
CA VAL A 147 -6.77 22.35 17.32
C VAL A 147 -6.62 23.75 17.91
N ASP A 148 -7.73 24.45 18.05
CA ASP A 148 -7.72 25.81 18.59
C ASP A 148 -6.89 26.73 17.72
N ARG A 149 -7.54 27.41 16.79
CA ARG A 149 -6.86 28.33 15.88
C ARG A 149 -7.82 29.38 15.34
N ILE A 150 -8.21 30.33 16.20
CA ILE A 150 -9.12 31.39 15.81
C ILE A 150 -8.39 32.71 15.62
N ARG A 151 -8.36 33.20 14.39
CA ARG A 151 -7.70 34.45 14.07
C ARG A 151 -8.63 35.40 13.32
N LYS B 1 29.04 -18.74 -15.73
CA LYS B 1 27.96 -19.61 -15.20
C LYS B 1 26.63 -19.32 -15.87
N LYS B 2 26.69 -18.86 -17.12
CA LYS B 2 25.49 -18.55 -17.88
C LYS B 2 24.70 -17.44 -17.22
N MET B 3 24.00 -16.64 -18.03
CA MET B 3 23.21 -15.53 -17.52
C MET B 3 22.01 -16.03 -16.72
N THR B 4 21.29 -15.11 -16.09
CA THR B 4 20.13 -15.46 -15.30
C THR B 4 19.12 -14.31 -15.26
N PHE B 5 17.87 -14.64 -14.95
CA PHE B 5 16.82 -13.62 -14.88
C PHE B 5 16.37 -13.41 -13.44
N GLN B 6 16.55 -12.18 -12.95
CA GLN B 6 16.17 -11.85 -11.58
C GLN B 6 14.68 -11.53 -11.50
N TPO B 7 14.13 -11.01 -12.59
CA TPO B 7 12.71 -10.66 -12.64
CB TPO B 7 12.44 -9.32 -11.92
CG2 TPO B 7 10.96 -8.95 -12.00
OG1 TPO B 7 12.83 -9.40 -10.58
P TPO B 7 13.68 -8.23 -9.99
O1P TPO B 7 14.78 -7.98 -11.04
O2P TPO B 7 12.70 -7.02 -9.98
O3P TPO B 7 14.22 -8.55 -8.63
C TPO B 7 12.22 -10.58 -14.08
O TPO B 7 12.36 -9.54 -14.72
H2 TPO B 7 14.68 -10.86 -13.38
HA TPO B 7 12.15 -11.43 -12.12
HB TPO B 7 13.02 -8.55 -12.42
HG21 TPO B 7 10.65 -8.94 -13.03
HG22 TPO B 7 10.82 -7.97 -11.57
HG23 TPO B 7 10.38 -9.67 -11.46
N PRO B 8 11.63 -11.67 -14.61
CA PRO B 8 11.12 -11.70 -15.98
C PRO B 8 9.96 -10.73 -16.19
N THR B 9 9.91 -10.13 -17.38
CA THR B 9 8.86 -9.17 -17.70
C THR B 9 8.01 -9.67 -18.87
N ASP B 10 7.69 -10.96 -18.84
CA ASP B 10 6.87 -11.58 -19.89
C ASP B 10 7.56 -11.43 -21.26
N PRO B 11 8.39 -12.41 -21.65
CA PRO B 11 9.09 -12.39 -22.92
C PRO B 11 8.15 -12.56 -24.11
N LEU B 12 8.09 -11.54 -24.96
CA LEU B 12 7.23 -11.58 -26.13
C LEU B 12 7.89 -10.88 -27.32
N GLU B 13 7.44 -11.23 -28.53
CA GLU B 13 7.99 -10.64 -29.74
C GLU B 13 7.13 -10.97 -30.95
N ALA A 1 -15.66 1.37 41.20
CA ALA A 1 -16.53 1.23 40.03
C ALA A 1 -16.23 -0.05 39.27
N THR A 2 -17.12 -0.41 38.36
CA THR A 2 -16.95 -1.62 37.55
C THR A 2 -17.95 -1.65 36.39
N GLN A 3 -19.19 -1.29 36.68
CA GLN A 3 -20.23 -1.27 35.66
C GLN A 3 -19.88 -0.31 34.53
N ARG A 4 -19.25 0.81 34.89
CA ARG A 4 -18.85 1.81 33.91
C ARG A 4 -17.89 1.22 32.89
N PHE A 5 -16.96 0.38 33.35
CA PHE A 5 -15.99 -0.24 32.48
C PHE A 5 -16.67 -1.21 31.51
N LEU A 6 -17.72 -1.88 31.98
CA LEU A 6 -18.45 -2.84 31.16
C LEU A 6 -19.05 -2.14 29.94
N ILE A 7 -19.58 -0.94 30.14
CA ILE A 7 -20.19 -0.17 29.07
C ILE A 7 -19.13 0.32 28.09
N GLU A 8 -17.96 0.65 28.60
CA GLU A 8 -16.87 1.14 27.76
C GLU A 8 -16.54 0.12 26.68
N LYS A 9 -16.62 -1.16 27.03
CA LYS A 9 -16.34 -2.24 26.09
C LYS A 9 -17.41 -2.30 25.00
N PHE A 10 -18.59 -1.76 25.30
CA PHE A 10 -19.69 -1.74 24.35
C PHE A 10 -19.29 -1.04 23.07
N SER A 11 -18.68 0.12 23.20
CA SER A 11 -18.24 0.90 22.05
C SER A 11 -16.92 0.38 21.51
N GLN A 12 -16.12 -0.23 22.38
CA GLN A 12 -14.82 -0.78 21.99
C GLN A 12 -13.87 0.33 21.55
N GLU A 13 -12.59 0.02 21.51
CA GLU A 13 -11.58 0.99 21.10
C GLU A 13 -11.24 0.83 19.63
N GLN A 14 -11.29 1.94 18.89
CA GLN A 14 -11.00 1.93 17.46
C GLN A 14 -9.51 1.71 17.22
N ILE A 15 -9.19 0.78 16.33
CA ILE A 15 -7.80 0.48 16.00
C ILE A 15 -7.23 1.46 15.01
N GLY A 16 -6.00 1.85 15.27
CA GLY A 16 -5.31 2.78 14.40
C GLY A 16 -4.66 3.92 15.19
N GLU A 17 -3.35 3.84 15.36
CA GLU A 17 -2.61 4.85 16.09
C GLU A 17 -2.40 6.10 15.24
N ASN A 18 -2.28 5.91 13.93
CA ASN A 18 -2.08 7.01 13.00
C ASN A 18 -1.92 6.43 11.62
N ILE A 19 -2.72 5.40 11.39
CA ILE A 19 -2.69 4.66 10.17
C ILE A 19 -3.29 5.44 9.00
N VAL A 20 -2.59 5.38 7.88
CA VAL A 20 -2.99 6.05 6.68
C VAL A 20 -3.83 5.11 5.83
N CYS A 21 -3.20 4.00 5.44
CA CYS A 21 -3.87 2.98 4.63
C CYS A 21 -3.36 1.59 5.04
N ARG A 22 -4.15 0.57 4.76
CA ARG A 22 -3.79 -0.80 5.12
C ARG A 22 -3.76 -1.71 3.90
N VAL A 23 -2.75 -2.57 3.83
CA VAL A 23 -2.62 -3.50 2.72
C VAL A 23 -3.02 -4.92 3.15
N ILE A 24 -4.00 -5.49 2.45
CA ILE A 24 -4.48 -6.82 2.78
C ILE A 24 -4.53 -7.71 1.55
N CYS A 25 -3.76 -8.80 1.58
CA CYS A 25 -3.74 -9.74 0.46
C CYS A 25 -4.91 -10.70 0.55
N THR A 26 -5.76 -10.69 -0.48
CA THR A 26 -6.94 -11.54 -0.51
C THR A 26 -6.63 -12.91 -1.09
N THR A 27 -5.62 -12.99 -1.94
CA THR A 27 -5.24 -14.25 -2.56
C THR A 27 -4.41 -15.13 -1.63
N GLY A 28 -4.13 -14.61 -0.43
CA GLY A 28 -3.36 -15.37 0.54
C GLY A 28 -1.93 -15.61 0.09
N GLN A 29 -1.12 -14.56 0.14
CA GLN A 29 0.28 -14.66 -0.26
C GLN A 29 1.16 -13.82 0.66
N ILE A 30 0.74 -12.59 0.90
CA ILE A 30 1.48 -11.66 1.76
C ILE A 30 0.68 -11.35 3.02
N PRO A 31 1.35 -11.26 4.19
CA PRO A 31 0.68 -10.96 5.46
C PRO A 31 0.25 -9.49 5.55
N ILE A 32 -0.94 -9.27 6.10
CA ILE A 32 -1.49 -7.93 6.23
C ILE A 32 -0.52 -7.01 6.96
N ARG A 33 -0.41 -5.77 6.49
CA ARG A 33 0.46 -4.78 7.08
C ARG A 33 -0.29 -3.48 7.34
N ASP A 34 0.28 -2.62 8.17
CA ASP A 34 -0.35 -1.35 8.49
C ASP A 34 0.52 -0.16 8.07
N LEU A 35 -0.03 0.66 7.19
CA LEU A 35 0.68 1.85 6.71
C LEU A 35 0.20 3.07 7.49
N SER A 36 1.13 3.84 8.03
CA SER A 36 0.75 5.02 8.81
C SER A 36 1.64 6.21 8.61
N ALA A 37 1.08 7.35 8.93
CA ALA A 37 1.79 8.62 8.82
C ALA A 37 1.36 9.56 9.94
N ASP A 38 2.32 10.33 10.47
CA ASP A 38 2.04 11.26 11.56
C ASP A 38 1.36 12.53 11.04
N ILE A 39 0.36 12.98 11.77
CA ILE A 39 -0.40 14.18 11.41
C ILE A 39 0.45 15.44 11.48
N SER A 40 1.22 15.56 12.56
CA SER A 40 2.06 16.75 12.77
C SER A 40 3.04 16.94 11.63
N GLN A 41 3.66 15.87 11.18
CA GLN A 41 4.62 15.95 10.08
C GLN A 41 3.92 16.30 8.78
N VAL A 42 2.71 15.77 8.60
CA VAL A 42 1.93 16.03 7.40
C VAL A 42 1.42 17.47 7.39
N LEU A 43 0.95 17.94 8.53
CA LEU A 43 0.44 19.30 8.65
C LEU A 43 1.58 20.32 8.56
N LYS A 44 2.74 19.94 9.08
CA LYS A 44 3.90 20.82 9.07
C LYS A 44 4.49 20.94 7.66
N GLU A 45 4.60 19.80 6.98
CA GLU A 45 5.13 19.77 5.63
C GLU A 45 4.03 19.97 4.59
N LYS A 46 4.03 21.12 3.94
CA LYS A 46 3.02 21.42 2.93
C LYS A 46 3.56 21.14 1.53
N ARG A 47 4.86 21.31 1.36
CA ARG A 47 5.49 21.08 0.07
C ARG A 47 6.12 19.68 0.02
N SER A 48 6.49 19.26 -1.18
CA SER A 48 7.09 17.95 -1.38
C SER A 48 6.15 16.84 -0.91
N ILE A 49 6.65 15.61 -0.90
CA ILE A 49 5.86 14.47 -0.48
C ILE A 49 5.98 14.24 1.02
N LYS A 50 4.92 13.71 1.63
CA LYS A 50 4.90 13.46 3.07
C LYS A 50 5.57 12.12 3.39
N LYS A 51 4.86 11.03 3.13
CA LYS A 51 5.39 9.69 3.39
C LYS A 51 4.92 8.70 2.33
N VAL A 52 5.83 7.84 1.89
CA VAL A 52 5.51 6.86 0.88
C VAL A 52 5.99 5.45 1.25
N TRP A 53 5.15 4.48 0.97
CA TRP A 53 5.46 3.07 1.25
C TRP A 53 5.90 2.32 0.00
N THR A 54 6.91 1.47 0.14
CA THR A 54 7.39 0.66 -0.97
C THR A 54 7.07 -0.80 -0.73
N PHE A 55 6.44 -1.43 -1.71
CA PHE A 55 6.06 -2.84 -1.61
C PHE A 55 6.72 -3.67 -2.70
N GLY A 56 7.06 -4.92 -2.37
CA GLY A 56 7.69 -5.79 -3.36
C GLY A 56 8.45 -6.95 -2.73
N ARG A 57 9.26 -7.62 -3.55
CA ARG A 57 10.06 -8.76 -3.11
C ARG A 57 11.31 -8.31 -2.35
N ASN A 58 11.48 -7.01 -2.16
CA ASN A 58 12.66 -6.49 -1.46
C ASN A 58 12.45 -6.51 0.05
N PRO A 59 13.42 -7.04 0.81
CA PRO A 59 13.35 -7.09 2.27
C PRO A 59 13.37 -5.69 2.89
N ALA A 60 13.78 -4.72 2.08
CA ALA A 60 13.83 -3.34 2.52
C ALA A 60 12.46 -2.75 2.38
N CYS A 61 11.84 -3.10 1.25
CA CYS A 61 10.52 -2.64 0.94
C CYS A 61 9.63 -2.71 2.16
N ASP A 62 8.83 -1.69 2.33
CA ASP A 62 7.91 -1.65 3.45
C ASP A 62 7.02 -2.90 3.45
N TYR A 63 6.94 -3.58 2.30
CA TYR A 63 6.12 -4.78 2.20
C TYR A 63 6.89 -5.94 1.58
N HIS A 64 6.94 -7.06 2.28
CA HIS A 64 7.66 -8.24 1.81
C HIS A 64 6.66 -9.30 1.32
N LEU A 65 6.59 -9.49 0.00
CA LEU A 65 5.68 -10.46 -0.59
C LEU A 65 6.19 -11.88 -0.39
N GLY A 66 7.27 -12.22 -1.09
CA GLY A 66 7.84 -13.55 -0.97
C GLY A 66 8.96 -13.79 -1.97
N ASN A 67 8.61 -14.26 -3.16
CA ASN A 67 9.60 -14.53 -4.20
C ASN A 67 8.94 -14.83 -5.54
N ILE A 68 8.12 -13.89 -6.02
CA ILE A 68 7.44 -14.07 -7.30
C ILE A 68 8.21 -13.40 -8.43
N SER A 69 8.69 -14.21 -9.37
CA SER A 69 9.46 -13.70 -10.50
C SER A 69 8.68 -12.62 -11.25
N ARG A 70 7.38 -12.85 -11.45
CA ARG A 70 6.55 -11.89 -12.15
C ARG A 70 6.50 -10.55 -11.42
N LEU A 71 6.87 -10.55 -10.15
CA LEU A 71 6.88 -9.33 -9.35
C LEU A 71 8.30 -8.80 -9.18
N SER A 72 8.44 -7.49 -9.04
CA SER A 72 9.76 -6.89 -8.87
C SER A 72 10.08 -6.62 -7.40
N ASN A 73 11.38 -6.38 -7.12
CA ASN A 73 11.83 -6.10 -5.75
C ASN A 73 10.87 -5.14 -5.08
N LYS A 74 10.63 -4.03 -5.76
CA LYS A 74 9.69 -3.01 -5.30
C LYS A 74 8.58 -2.92 -6.33
N HIS A 75 7.65 -3.86 -6.24
CA HIS A 75 6.57 -3.96 -7.19
C HIS A 75 5.72 -2.71 -7.23
N PHE A 76 5.36 -2.20 -6.07
CA PHE A 76 4.53 -1.00 -6.02
C PHE A 76 4.85 -0.13 -4.82
N GLN A 77 4.47 1.14 -4.91
CA GLN A 77 4.72 2.12 -3.86
C GLN A 77 3.49 2.98 -3.59
N ILE A 78 3.24 3.33 -2.33
CA ILE A 78 2.10 4.17 -1.99
C ILE A 78 2.57 5.47 -1.36
N LEU A 79 2.08 6.61 -1.88
CA LEU A 79 2.47 7.91 -1.35
C LEU A 79 1.30 8.65 -0.73
N LEU A 80 1.59 9.44 0.30
CA LEU A 80 0.58 10.23 0.98
C LEU A 80 0.98 11.70 0.99
N GLY A 81 0.03 12.57 0.68
CA GLY A 81 0.31 14.00 0.67
C GLY A 81 -0.87 14.81 0.18
N GLU A 82 -0.62 16.09 -0.13
CA GLU A 82 -1.68 16.97 -0.60
C GLU A 82 -2.79 17.08 0.43
N ASP A 83 -3.85 17.81 0.07
CA ASP A 83 -4.99 17.99 0.97
C ASP A 83 -5.69 16.66 1.23
N GLY A 84 -5.12 15.87 2.14
CA GLY A 84 -5.70 14.58 2.46
C GLY A 84 -5.63 13.61 1.30
N ASN A 85 -6.49 12.59 1.34
CA ASN A 85 -6.52 11.58 0.28
C ASN A 85 -5.19 10.84 0.18
N LEU A 86 -5.20 9.70 -0.49
CA LEU A 86 -4.01 8.89 -0.66
C LEU A 86 -3.69 8.70 -2.14
N LEU A 87 -2.45 8.35 -2.44
CA LEU A 87 -2.01 8.14 -3.81
C LEU A 87 -1.33 6.78 -3.94
N LEU A 88 -1.55 6.12 -5.07
CA LEU A 88 -0.95 4.82 -5.32
C LEU A 88 0.06 4.92 -6.46
N ASN A 89 1.31 4.56 -6.18
CA ASN A 89 2.36 4.63 -7.19
C ASN A 89 2.90 3.25 -7.53
N ASP A 90 2.69 2.83 -8.77
CA ASP A 90 3.18 1.54 -9.21
C ASP A 90 4.67 1.63 -9.55
N ILE A 91 5.44 0.63 -9.15
CA ILE A 91 6.89 0.64 -9.40
C ILE A 91 7.38 -0.74 -9.80
N SER A 92 6.52 -1.52 -10.45
CA SER A 92 6.86 -2.85 -10.87
C SER A 92 7.46 -2.88 -12.27
N THR A 93 8.16 -3.97 -12.56
CA THR A 93 8.81 -4.17 -13.85
C THR A 93 7.81 -4.40 -14.99
N ASN A 94 6.90 -5.36 -14.79
CA ASN A 94 5.91 -5.69 -15.82
C ASN A 94 4.64 -4.83 -15.70
N GLY A 95 4.44 -4.24 -14.54
CA GLY A 95 3.29 -3.41 -14.33
C GLY A 95 2.50 -3.76 -13.08
N THR A 96 1.74 -2.78 -12.60
CA THR A 96 0.89 -2.94 -11.41
C THR A 96 -0.57 -2.75 -11.82
N TRP A 97 -1.44 -3.59 -11.30
CA TRP A 97 -2.86 -3.52 -11.65
C TRP A 97 -3.75 -3.07 -10.52
N LEU A 98 -4.83 -2.41 -10.89
CA LEU A 98 -5.83 -1.96 -9.93
C LEU A 98 -7.18 -2.52 -10.36
N ASN A 99 -7.72 -3.41 -9.54
CA ASN A 99 -9.01 -4.05 -9.81
C ASN A 99 -9.14 -4.51 -11.27
N GLY A 100 -8.09 -5.11 -11.82
CA GLY A 100 -8.14 -5.60 -13.18
C GLY A 100 -7.71 -4.57 -14.20
N GLN A 101 -7.61 -3.31 -13.80
CA GLN A 101 -7.19 -2.27 -14.72
C GLN A 101 -5.75 -1.88 -14.48
N LYS A 102 -4.92 -2.07 -15.49
CA LYS A 102 -3.51 -1.75 -15.41
C LYS A 102 -3.28 -0.24 -15.44
N VAL A 103 -2.59 0.26 -14.43
CA VAL A 103 -2.29 1.68 -14.33
C VAL A 103 -0.88 1.99 -14.84
N GLU A 104 -0.62 3.26 -15.12
CA GLU A 104 0.69 3.68 -15.60
C GLU A 104 1.73 3.57 -14.51
N LYS A 105 2.84 2.90 -14.81
CA LYS A 105 3.92 2.73 -13.83
C LYS A 105 4.36 4.08 -13.27
N ASN A 106 4.95 4.03 -12.09
CA ASN A 106 5.44 5.22 -11.40
C ASN A 106 4.52 6.41 -11.60
N SER A 107 3.22 6.13 -11.66
CA SER A 107 2.23 7.17 -11.83
C SER A 107 1.37 7.31 -10.57
N ASN A 108 0.96 8.53 -10.25
CA ASN A 108 0.15 8.78 -9.08
C ASN A 108 -1.34 8.65 -9.40
N GLN A 109 -2.04 7.87 -8.60
CA GLN A 109 -3.47 7.65 -8.78
C GLN A 109 -4.22 7.89 -7.49
N LEU A 110 -5.45 8.39 -7.58
CA LEU A 110 -6.25 8.64 -6.40
C LEU A 110 -6.72 7.33 -5.79
N LEU A 111 -6.33 7.09 -4.54
CA LEU A 111 -6.70 5.86 -3.86
C LEU A 111 -8.21 5.65 -3.87
N SER A 112 -8.60 4.39 -3.70
CA SER A 112 -10.02 4.02 -3.68
C SER A 112 -10.34 3.26 -2.40
N GLN A 113 -11.60 3.33 -1.98
CA GLN A 113 -12.02 2.66 -0.75
C GLN A 113 -12.05 1.16 -0.97
N GLY A 114 -11.30 0.43 -0.15
CA GLY A 114 -11.23 -1.01 -0.27
C GLY A 114 -10.69 -1.45 -1.62
N ASP A 115 -10.00 -0.53 -2.29
CA ASP A 115 -9.42 -0.80 -3.61
C ASP A 115 -8.57 -2.07 -3.56
N GLU A 116 -8.13 -2.52 -4.71
CA GLU A 116 -7.31 -3.72 -4.80
C GLU A 116 -6.27 -3.61 -5.90
N ILE A 117 -5.04 -4.01 -5.60
CA ILE A 117 -3.98 -3.96 -6.60
C ILE A 117 -3.57 -5.37 -7.00
N THR A 118 -3.58 -5.64 -8.30
CA THR A 118 -3.20 -6.93 -8.83
C THR A 118 -1.81 -6.85 -9.44
N VAL A 119 -1.01 -7.89 -9.24
CA VAL A 119 0.34 -7.89 -9.76
C VAL A 119 0.76 -9.25 -10.32
N GLY A 120 1.77 -9.24 -11.19
CA GLY A 120 2.26 -10.46 -11.77
C GLY A 120 1.42 -10.91 -12.95
N VAL A 121 0.92 -9.94 -13.69
CA VAL A 121 0.09 -10.22 -14.84
C VAL A 121 0.88 -10.76 -16.02
N GLY A 122 0.28 -11.73 -16.69
CA GLY A 122 0.90 -12.36 -17.82
C GLY A 122 0.45 -13.80 -17.93
N VAL A 123 0.36 -14.45 -16.77
CA VAL A 123 -0.10 -15.81 -16.67
C VAL A 123 -1.24 -15.90 -15.67
N GLU A 124 -2.35 -16.48 -16.07
CA GLU A 124 -3.51 -16.60 -15.19
C GLU A 124 -3.11 -17.18 -13.83
N SER A 125 -2.11 -18.03 -13.84
CA SER A 125 -1.64 -18.67 -12.63
C SER A 125 -0.48 -17.92 -11.97
N ASP A 126 -0.12 -16.74 -12.49
CA ASP A 126 0.98 -15.99 -11.91
C ASP A 126 0.61 -14.58 -11.49
N ILE A 127 -0.67 -14.38 -11.29
CA ILE A 127 -1.18 -13.09 -10.85
C ILE A 127 -1.53 -13.13 -9.36
N LEU A 128 -1.20 -12.04 -8.68
CA LEU A 128 -1.46 -11.90 -7.26
C LEU A 128 -2.27 -10.63 -6.99
N SER A 129 -3.29 -10.74 -6.16
CA SER A 129 -4.13 -9.58 -5.85
C SER A 129 -3.93 -9.10 -4.43
N LEU A 130 -4.12 -7.80 -4.26
CA LEU A 130 -3.99 -7.15 -2.96
C LEU A 130 -5.15 -6.17 -2.74
N VAL A 131 -5.49 -5.93 -1.47
CA VAL A 131 -6.57 -5.01 -1.14
C VAL A 131 -6.08 -3.88 -0.25
N ILE A 132 -6.57 -2.67 -0.54
CA ILE A 132 -6.19 -1.50 0.20
C ILE A 132 -7.32 -1.04 1.12
N PHE A 133 -7.00 -0.84 2.39
CA PHE A 133 -7.99 -0.40 3.38
C PHE A 133 -7.64 0.99 3.90
N ILE A 134 -8.50 1.97 3.60
CA ILE A 134 -8.29 3.34 4.02
C ILE A 134 -8.81 3.57 5.44
N ASN A 135 -7.99 4.23 6.26
CA ASN A 135 -8.39 4.53 7.63
C ASN A 135 -9.31 5.74 7.68
N ASP A 136 -10.57 5.50 8.07
CA ASP A 136 -11.56 6.57 8.15
C ASP A 136 -11.14 7.62 9.16
N LYS A 137 -10.53 7.20 10.26
CA LYS A 137 -10.09 8.11 11.29
C LYS A 137 -9.08 9.11 10.74
N PHE A 138 -8.12 8.60 9.98
CA PHE A 138 -7.08 9.44 9.39
C PHE A 138 -7.70 10.50 8.47
N LYS A 139 -8.66 10.08 7.66
CA LYS A 139 -9.32 10.99 6.74
C LYS A 139 -10.02 12.12 7.49
N GLN A 140 -10.65 11.78 8.61
CA GLN A 140 -11.36 12.77 9.42
C GLN A 140 -10.42 13.87 9.88
N CYS A 141 -9.20 13.50 10.26
CA CYS A 141 -8.22 14.47 10.74
C CYS A 141 -7.77 15.38 9.60
N LEU A 142 -7.48 14.79 8.44
CA LEU A 142 -7.03 15.55 7.28
C LEU A 142 -8.15 16.45 6.76
N GLU A 143 -9.38 15.95 6.84
CA GLU A 143 -10.54 16.71 6.37
C GLU A 143 -10.70 18.01 7.17
N GLN A 144 -10.51 17.90 8.48
CA GLN A 144 -10.64 19.06 9.35
C GLN A 144 -9.33 19.85 9.40
N ASN A 145 -8.21 19.14 9.26
CA ASN A 145 -6.88 19.75 9.28
C ASN A 145 -6.75 20.81 10.38
N LYS A 146 -7.07 22.05 10.05
CA LYS A 146 -6.98 23.14 11.02
C LYS A 146 -8.14 23.08 12.01
N VAL A 147 -7.85 23.35 13.28
CA VAL A 147 -8.87 23.31 14.31
C VAL A 147 -9.52 24.69 14.49
N ASP A 148 -10.85 24.73 14.40
CA ASP A 148 -11.58 25.97 14.54
C ASP A 148 -13.06 25.71 14.81
N ARG A 149 -13.58 26.27 15.91
CA ARG A 149 -14.97 26.09 16.29
C ARG A 149 -15.26 24.64 16.66
N ILE A 150 -15.29 23.76 15.65
CA ILE A 150 -15.56 22.35 15.88
C ILE A 150 -14.28 21.53 15.75
N ARG A 151 -14.13 20.54 16.63
CA ARG A 151 -12.95 19.67 16.62
C ARG A 151 -13.31 18.28 16.13
N LYS B 1 28.67 -18.17 -18.61
CA LYS B 1 27.51 -17.27 -18.39
C LYS B 1 27.31 -16.34 -19.60
N LYS B 2 26.07 -15.92 -19.80
CA LYS B 2 25.74 -15.02 -20.90
C LYS B 2 24.43 -14.29 -20.65
N MET B 3 23.37 -15.04 -20.42
CA MET B 3 22.05 -14.47 -20.16
C MET B 3 21.41 -15.12 -18.94
N THR B 4 20.61 -14.34 -18.20
CA THR B 4 19.94 -14.84 -17.02
C THR B 4 18.51 -14.32 -16.96
N PHE B 5 17.63 -15.10 -16.31
CA PHE B 5 16.23 -14.72 -16.18
C PHE B 5 15.85 -14.53 -14.71
N GLN B 6 16.04 -13.33 -14.20
CA GLN B 6 15.73 -13.02 -12.81
C GLN B 6 14.27 -12.62 -12.65
N TPO B 7 13.91 -11.47 -13.22
CA TPO B 7 12.54 -10.98 -13.14
CB TPO B 7 12.48 -9.57 -12.51
CG2 TPO B 7 11.06 -9.04 -12.47
OG1 TPO B 7 13.01 -9.61 -11.22
P TPO B 7 13.67 -8.30 -10.65
O1P TPO B 7 14.57 -7.79 -11.80
O2P TPO B 7 12.48 -7.32 -10.46
O3P TPO B 7 14.42 -8.54 -9.38
C TPO B 7 11.91 -10.94 -14.53
O TPO B 7 12.10 -9.98 -15.28
H2 TPO B 7 14.59 -10.94 -13.68
HA TPO B 7 11.97 -11.65 -12.51
HB TPO B 7 13.08 -8.90 -13.12
HG21 TPO B 7 10.47 -9.67 -11.81
HG22 TPO B 7 10.63 -9.07 -13.46
HG23 TPO B 7 11.06 -8.03 -12.09
N PRO B 8 11.12 -11.97 -14.89
CA PRO B 8 10.45 -12.04 -16.19
C PRO B 8 9.71 -10.74 -16.53
N THR B 9 9.71 -10.39 -17.82
CA THR B 9 9.03 -9.19 -18.28
C THR B 9 8.02 -9.50 -19.37
N ASP B 10 6.87 -8.84 -19.31
CA ASP B 10 5.82 -9.05 -20.30
C ASP B 10 5.47 -7.75 -21.01
N PRO B 11 6.25 -7.39 -22.05
CA PRO B 11 6.02 -6.16 -22.82
C PRO B 11 4.57 -6.04 -23.31
N LEU B 12 4.29 -4.93 -23.98
CA LEU B 12 2.94 -4.69 -24.50
C LEU B 12 2.80 -5.23 -25.92
N GLU B 13 2.06 -6.32 -26.06
CA GLU B 13 1.84 -6.93 -27.37
C GLU B 13 0.45 -7.54 -27.47
N ALA A 1 7.63 -12.44 22.04
CA ALA A 1 6.22 -12.62 21.74
C ALA A 1 5.46 -11.30 21.88
N THR A 2 5.37 -10.56 20.79
CA THR A 2 4.67 -9.28 20.79
C THR A 2 4.03 -8.99 19.44
N GLN A 3 4.77 -9.24 18.37
CA GLN A 3 4.28 -9.01 17.02
C GLN A 3 3.03 -9.85 16.75
N ARG A 4 3.10 -11.14 17.10
CA ARG A 4 1.99 -12.05 16.90
C ARG A 4 0.82 -11.69 17.81
N PHE A 5 1.12 -11.48 19.09
CA PHE A 5 0.09 -11.13 20.07
C PHE A 5 -0.66 -9.87 19.63
N LEU A 6 0.07 -8.94 19.02
CA LEU A 6 -0.52 -7.70 18.55
C LEU A 6 -1.60 -7.97 17.50
N ILE A 7 -1.41 -9.03 16.73
CA ILE A 7 -2.36 -9.40 15.68
C ILE A 7 -3.65 -9.95 16.30
N GLU A 8 -3.51 -10.68 17.40
CA GLU A 8 -4.66 -11.27 18.07
C GLU A 8 -5.65 -10.17 18.46
N LYS A 9 -5.14 -9.09 19.04
CA LYS A 9 -5.97 -7.98 19.45
C LYS A 9 -6.56 -7.27 18.22
N PHE A 10 -5.89 -7.43 17.08
CA PHE A 10 -6.32 -6.80 15.84
C PHE A 10 -7.74 -7.22 15.48
N SER A 11 -8.00 -8.52 15.56
CA SER A 11 -9.31 -9.06 15.24
C SER A 11 -10.37 -8.54 16.21
N GLN A 12 -9.95 -8.29 17.45
CA GLN A 12 -10.86 -7.80 18.47
C GLN A 12 -11.08 -6.29 18.33
N GLU A 13 -10.07 -5.51 18.72
CA GLU A 13 -10.16 -4.06 18.63
C GLU A 13 -9.49 -3.56 17.35
N GLN A 14 -10.08 -2.53 16.74
CA GLN A 14 -9.55 -1.97 15.52
C GLN A 14 -8.42 -0.98 15.83
N ILE A 15 -7.27 -1.19 15.21
CA ILE A 15 -6.12 -0.32 15.42
C ILE A 15 -6.18 0.92 14.56
N GLY A 16 -5.82 2.02 15.17
CA GLY A 16 -5.83 3.31 14.47
C GLY A 16 -5.07 4.37 15.23
N GLU A 17 -3.74 4.28 15.21
CA GLU A 17 -2.89 5.25 15.90
C GLU A 17 -2.56 6.43 14.99
N ASN A 18 -2.37 6.15 13.71
CA ASN A 18 -2.04 7.17 12.73
C ASN A 18 -1.87 6.50 11.38
N ILE A 19 -2.73 5.52 11.17
CA ILE A 19 -2.71 4.71 10.00
C ILE A 19 -3.30 5.44 8.79
N VAL A 20 -2.60 5.31 7.68
CA VAL A 20 -2.99 5.93 6.44
C VAL A 20 -3.84 4.97 5.64
N CYS A 21 -3.26 3.82 5.31
CA CYS A 21 -3.95 2.79 4.56
C CYS A 21 -3.49 1.40 4.99
N ARG A 22 -4.28 0.37 4.67
CA ARG A 22 -3.94 -0.99 5.05
C ARG A 22 -4.06 -1.95 3.86
N VAL A 23 -3.01 -2.71 3.60
CA VAL A 23 -3.01 -3.66 2.50
C VAL A 23 -3.36 -5.07 2.99
N ILE A 24 -4.41 -5.65 2.42
CA ILE A 24 -4.86 -6.98 2.80
C ILE A 24 -4.84 -7.93 1.61
N CYS A 25 -3.99 -8.95 1.68
CA CYS A 25 -3.89 -9.94 0.61
C CYS A 25 -5.00 -10.98 0.74
N THR A 26 -6.06 -10.82 -0.03
CA THR A 26 -7.19 -11.74 0.01
C THR A 26 -6.92 -13.02 -0.79
N THR A 27 -5.95 -12.96 -1.70
CA THR A 27 -5.61 -14.11 -2.52
C THR A 27 -4.72 -15.09 -1.76
N GLY A 28 -4.35 -14.73 -0.54
CA GLY A 28 -3.52 -15.59 0.28
C GLY A 28 -2.09 -15.69 -0.23
N GLN A 29 -1.31 -14.65 0.00
CA GLN A 29 0.08 -14.63 -0.44
C GLN A 29 0.95 -13.81 0.53
N ILE A 30 0.41 -12.69 0.98
CA ILE A 30 1.13 -11.81 1.91
C ILE A 30 0.27 -11.50 3.13
N PRO A 31 0.88 -11.45 4.34
CA PRO A 31 0.15 -11.15 5.57
C PRO A 31 -0.26 -9.69 5.64
N ILE A 32 -1.42 -9.43 6.24
CA ILE A 32 -1.94 -8.08 6.36
C ILE A 32 -0.94 -7.15 7.03
N ARG A 33 -0.91 -5.91 6.56
CA ARG A 33 -0.01 -4.88 7.10
C ARG A 33 -0.74 -3.55 7.16
N ASP A 34 -0.20 -2.60 7.91
CA ASP A 34 -0.84 -1.29 8.03
C ASP A 34 0.13 -0.14 7.76
N LEU A 35 -0.20 0.66 6.75
CA LEU A 35 0.61 1.83 6.39
C LEU A 35 0.17 3.02 7.23
N SER A 36 1.13 3.79 7.74
CA SER A 36 0.77 4.93 8.56
C SER A 36 1.67 6.13 8.34
N ALA A 37 1.10 7.27 8.66
CA ALA A 37 1.80 8.55 8.54
C ALA A 37 1.56 9.40 9.78
N ASP A 38 2.59 10.11 10.22
CA ASP A 38 2.49 10.96 11.41
C ASP A 38 1.77 12.27 11.10
N ILE A 39 0.89 12.66 12.00
CA ILE A 39 0.11 13.89 11.86
C ILE A 39 1.00 15.15 11.86
N SER A 40 1.98 15.16 12.75
CA SER A 40 2.88 16.29 12.87
C SER A 40 3.55 16.61 11.54
N GLN A 41 3.93 15.55 10.84
CA GLN A 41 4.57 15.70 9.54
C GLN A 41 3.59 16.25 8.52
N VAL A 42 2.34 15.81 8.64
CA VAL A 42 1.28 16.24 7.73
C VAL A 42 1.07 17.75 7.84
N LEU A 43 1.12 18.27 9.05
CA LEU A 43 0.93 19.70 9.29
C LEU A 43 2.13 20.49 8.80
N LYS A 44 3.33 19.95 9.00
CA LYS A 44 4.56 20.60 8.58
C LYS A 44 4.55 20.84 7.07
N GLU A 45 3.99 19.89 6.33
CA GLU A 45 3.93 19.99 4.87
C GLU A 45 2.65 20.71 4.44
N LYS A 46 2.83 21.77 3.65
CA LYS A 46 1.68 22.54 3.16
C LYS A 46 1.22 22.02 1.80
N ARG A 47 0.54 20.88 1.82
CA ARG A 47 0.04 20.28 0.59
C ARG A 47 1.19 19.99 -0.38
N SER A 48 1.90 18.90 -0.13
CA SER A 48 3.02 18.50 -0.98
C SER A 48 3.22 17.00 -0.94
N ILE A 49 3.59 16.48 0.23
CA ILE A 49 3.82 15.05 0.40
C ILE A 49 4.07 14.69 1.87
N LYS A 50 3.50 13.58 2.31
CA LYS A 50 3.66 13.13 3.69
C LYS A 50 4.66 11.98 3.76
N LYS A 51 4.24 10.81 3.28
CA LYS A 51 5.10 9.63 3.28
C LYS A 51 4.69 8.65 2.20
N VAL A 52 5.67 7.89 1.68
CA VAL A 52 5.40 6.93 0.63
C VAL A 52 5.95 5.55 0.97
N TRP A 53 5.17 4.53 0.66
CA TRP A 53 5.56 3.14 0.91
C TRP A 53 5.96 2.40 -0.35
N THR A 54 7.01 1.60 -0.26
CA THR A 54 7.45 0.79 -1.39
C THR A 54 7.18 -0.68 -1.10
N PHE A 55 6.51 -1.35 -2.03
CA PHE A 55 6.15 -2.76 -1.86
C PHE A 55 6.91 -3.66 -2.82
N GLY A 56 7.22 -4.87 -2.36
CA GLY A 56 7.93 -5.82 -3.19
C GLY A 56 8.48 -6.99 -2.40
N ARG A 57 9.22 -7.86 -3.08
CA ARG A 57 9.81 -9.03 -2.43
C ARG A 57 11.08 -8.67 -1.67
N ASN A 58 11.49 -7.41 -1.73
CA ASN A 58 12.69 -6.96 -1.05
C ASN A 58 12.39 -6.60 0.41
N PRO A 59 13.24 -7.05 1.34
CA PRO A 59 13.07 -6.76 2.77
C PRO A 59 13.30 -5.27 3.08
N ALA A 60 13.76 -4.54 2.07
CA ALA A 60 14.00 -3.12 2.21
C ALA A 60 12.71 -2.39 2.03
N CYS A 61 11.97 -2.83 1.02
CA CYS A 61 10.69 -2.26 0.69
C CYS A 61 9.87 -2.08 1.95
N ASP A 62 9.20 -0.95 2.02
CA ASP A 62 8.36 -0.66 3.16
C ASP A 62 7.31 -1.76 3.33
N TYR A 63 7.09 -2.54 2.26
CA TYR A 63 6.14 -3.63 2.32
C TYR A 63 6.76 -4.92 1.78
N HIS A 64 6.80 -5.95 2.62
CA HIS A 64 7.37 -7.23 2.23
C HIS A 64 6.29 -8.14 1.65
N LEU A 65 6.47 -8.54 0.39
CA LEU A 65 5.50 -9.40 -0.28
C LEU A 65 6.10 -10.79 -0.54
N GLY A 66 5.34 -11.64 -1.22
CA GLY A 66 5.80 -12.98 -1.53
C GLY A 66 6.81 -12.99 -2.65
N ASN A 67 7.88 -13.77 -2.49
CA ASN A 67 8.93 -13.86 -3.50
C ASN A 67 8.38 -14.40 -4.82
N ILE A 68 7.91 -13.50 -5.67
CA ILE A 68 7.37 -13.88 -6.97
C ILE A 68 8.27 -13.39 -8.09
N SER A 69 8.70 -14.31 -8.95
CA SER A 69 9.57 -13.97 -10.07
C SER A 69 8.96 -12.87 -10.93
N ARG A 70 7.67 -13.00 -11.22
CA ARG A 70 6.97 -12.01 -12.04
C ARG A 70 6.98 -10.63 -11.38
N LEU A 71 7.13 -10.59 -10.06
CA LEU A 71 7.16 -9.32 -9.34
C LEU A 71 8.59 -8.82 -9.16
N SER A 72 8.73 -7.50 -9.06
CA SER A 72 10.06 -6.89 -8.90
C SER A 72 10.37 -6.59 -7.43
N ASN A 73 11.64 -6.28 -7.14
CA ASN A 73 12.08 -5.94 -5.79
C ASN A 73 11.07 -5.00 -5.14
N LYS A 74 10.81 -3.91 -5.84
CA LYS A 74 9.83 -2.91 -5.43
C LYS A 74 8.76 -2.88 -6.49
N HIS A 75 7.82 -3.81 -6.37
CA HIS A 75 6.77 -3.95 -7.35
C HIS A 75 5.91 -2.71 -7.46
N PHE A 76 5.50 -2.18 -6.33
CA PHE A 76 4.66 -0.98 -6.34
C PHE A 76 4.94 -0.09 -5.13
N GLN A 77 4.57 1.18 -5.25
CA GLN A 77 4.80 2.14 -4.17
C GLN A 77 3.56 3.00 -3.92
N ILE A 78 3.25 3.28 -2.65
CA ILE A 78 2.10 4.11 -2.34
C ILE A 78 2.52 5.43 -1.68
N LEU A 79 2.00 6.55 -2.16
CA LEU A 79 2.37 7.84 -1.60
C LEU A 79 1.16 8.56 -1.01
N LEU A 80 1.41 9.33 0.04
CA LEU A 80 0.37 10.09 0.71
C LEU A 80 0.74 11.57 0.76
N GLY A 81 -0.11 12.41 0.19
CA GLY A 81 0.15 13.85 0.18
C GLY A 81 -0.91 14.63 -0.56
N GLU A 82 -1.94 15.05 0.18
CA GLU A 82 -3.03 15.82 -0.41
C GLU A 82 -4.04 16.23 0.65
N ASP A 83 -3.55 16.52 1.85
CA ASP A 83 -4.42 16.93 2.95
C ASP A 83 -5.43 15.84 3.30
N GLY A 84 -5.11 14.60 2.94
CA GLY A 84 -6.01 13.50 3.23
C GLY A 84 -6.02 12.44 2.14
N ASN A 85 -6.29 12.85 0.91
CA ASN A 85 -6.34 11.92 -0.20
C ASN A 85 -5.04 11.14 -0.33
N LEU A 86 -5.14 9.91 -0.83
CA LEU A 86 -3.97 9.05 -1.01
C LEU A 86 -3.67 8.83 -2.49
N LEU A 87 -2.44 8.43 -2.79
CA LEU A 87 -2.03 8.19 -4.17
C LEU A 87 -1.30 6.85 -4.27
N LEU A 88 -1.53 6.15 -5.38
CA LEU A 88 -0.90 4.87 -5.62
C LEU A 88 0.09 4.97 -6.77
N ASN A 89 1.33 4.56 -6.53
CA ASN A 89 2.35 4.62 -7.57
C ASN A 89 2.90 3.24 -7.89
N ASP A 90 2.67 2.79 -9.12
CA ASP A 90 3.16 1.49 -9.57
C ASP A 90 4.65 1.60 -9.91
N ILE A 91 5.42 0.58 -9.57
CA ILE A 91 6.85 0.59 -9.82
C ILE A 91 7.40 -0.81 -10.09
N SER A 92 6.64 -1.64 -10.78
CA SER A 92 7.05 -2.99 -11.06
C SER A 92 7.66 -3.12 -12.46
N THR A 93 8.54 -4.10 -12.62
CA THR A 93 9.16 -4.35 -13.91
C THR A 93 8.13 -4.88 -14.90
N ASN A 94 7.13 -5.60 -14.38
CA ASN A 94 6.09 -6.19 -15.22
C ASN A 94 4.81 -5.36 -15.23
N GLY A 95 4.62 -4.49 -14.24
CA GLY A 95 3.44 -3.67 -14.21
C GLY A 95 2.56 -3.91 -13.00
N THR A 96 1.75 -2.91 -12.68
CA THR A 96 0.83 -2.96 -11.54
C THR A 96 -0.61 -2.84 -12.06
N TRP A 97 -1.51 -3.64 -11.50
CA TRP A 97 -2.89 -3.63 -11.96
C TRP A 97 -3.87 -3.14 -10.90
N LEU A 98 -4.94 -2.51 -11.39
CA LEU A 98 -6.00 -2.03 -10.54
C LEU A 98 -7.31 -2.63 -11.02
N ASN A 99 -7.90 -3.48 -10.20
CA ASN A 99 -9.15 -4.15 -10.53
C ASN A 99 -9.17 -4.67 -11.97
N GLY A 100 -8.07 -5.28 -12.40
CA GLY A 100 -8.01 -5.84 -13.73
C GLY A 100 -7.53 -4.84 -14.77
N GLN A 101 -7.43 -3.57 -14.39
CA GLN A 101 -6.99 -2.55 -15.32
C GLN A 101 -5.56 -2.12 -15.01
N LYS A 102 -4.67 -2.33 -15.98
CA LYS A 102 -3.28 -1.99 -15.83
C LYS A 102 -3.08 -0.47 -15.92
N VAL A 103 -2.49 0.09 -14.86
CA VAL A 103 -2.24 1.53 -14.80
C VAL A 103 -0.83 1.86 -15.29
N GLU A 104 -0.59 3.14 -15.56
CA GLU A 104 0.72 3.59 -16.02
C GLU A 104 1.75 3.49 -14.91
N LYS A 105 2.86 2.81 -15.18
CA LYS A 105 3.91 2.65 -14.19
C LYS A 105 4.36 4.00 -13.66
N ASN A 106 5.04 3.99 -12.52
CA ASN A 106 5.53 5.20 -11.86
C ASN A 106 4.58 6.37 -12.03
N SER A 107 3.30 6.06 -12.05
CA SER A 107 2.26 7.08 -12.20
C SER A 107 1.44 7.21 -10.92
N ASN A 108 1.01 8.43 -10.61
CA ASN A 108 0.21 8.67 -9.41
C ASN A 108 -1.28 8.59 -9.74
N GLN A 109 -2.01 7.83 -8.92
CA GLN A 109 -3.44 7.67 -9.11
C GLN A 109 -4.19 7.93 -7.82
N LEU A 110 -5.43 8.42 -7.94
CA LEU A 110 -6.24 8.71 -6.77
C LEU A 110 -6.72 7.41 -6.11
N LEU A 111 -6.27 7.17 -4.89
CA LEU A 111 -6.63 5.95 -4.18
C LEU A 111 -8.14 5.77 -4.12
N SER A 112 -8.54 4.51 -3.93
CA SER A 112 -9.95 4.15 -3.86
C SER A 112 -10.25 3.42 -2.55
N GLN A 113 -11.50 3.52 -2.09
CA GLN A 113 -11.89 2.87 -0.86
C GLN A 113 -11.96 1.36 -1.06
N GLY A 114 -11.22 0.62 -0.23
CA GLY A 114 -11.20 -0.82 -0.35
C GLY A 114 -10.70 -1.28 -1.71
N ASP A 115 -9.99 -0.39 -2.40
CA ASP A 115 -9.45 -0.70 -3.72
C ASP A 115 -8.61 -1.97 -3.69
N GLU A 116 -8.19 -2.42 -4.86
CA GLU A 116 -7.37 -3.62 -4.96
C GLU A 116 -6.35 -3.50 -6.10
N ILE A 117 -5.12 -3.90 -5.82
CA ILE A 117 -4.06 -3.85 -6.82
C ILE A 117 -3.59 -5.26 -7.17
N THR A 118 -3.57 -5.57 -8.45
CA THR A 118 -3.14 -6.88 -8.91
C THR A 118 -1.74 -6.79 -9.51
N VAL A 119 -0.91 -7.79 -9.23
CA VAL A 119 0.47 -7.78 -9.72
C VAL A 119 0.93 -9.17 -10.17
N GLY A 120 1.95 -9.18 -11.03
CA GLY A 120 2.49 -10.41 -11.53
C GLY A 120 1.71 -10.93 -12.72
N VAL A 121 1.12 -10.01 -13.46
CA VAL A 121 0.33 -10.35 -14.63
C VAL A 121 1.19 -10.92 -15.74
N GLY A 122 0.64 -11.93 -16.40
CA GLY A 122 1.31 -12.60 -17.48
C GLY A 122 0.85 -14.04 -17.57
N VAL A 123 0.72 -14.66 -16.41
CA VAL A 123 0.26 -16.02 -16.30
C VAL A 123 -0.92 -16.08 -15.34
N GLU A 124 -1.98 -16.78 -15.73
CA GLU A 124 -3.17 -16.88 -14.89
C GLU A 124 -2.82 -17.31 -13.48
N SER A 125 -1.82 -18.18 -13.36
CA SER A 125 -1.40 -18.68 -12.06
C SER A 125 -0.26 -17.86 -11.45
N ASP A 126 0.12 -16.75 -12.07
CA ASP A 126 1.22 -15.95 -11.54
C ASP A 126 0.81 -14.53 -11.19
N ILE A 127 -0.47 -14.36 -10.97
CA ILE A 127 -1.02 -13.07 -10.61
C ILE A 127 -1.38 -13.04 -9.13
N LEU A 128 -1.10 -11.91 -8.51
CA LEU A 128 -1.38 -11.70 -7.09
C LEU A 128 -2.28 -10.50 -6.89
N SER A 129 -3.30 -10.65 -6.05
CA SER A 129 -4.25 -9.57 -5.80
C SER A 129 -4.12 -9.04 -4.38
N LEU A 130 -4.03 -7.71 -4.27
CA LEU A 130 -3.90 -7.04 -2.98
C LEU A 130 -5.00 -6.01 -2.80
N VAL A 131 -5.58 -5.94 -1.60
CA VAL A 131 -6.63 -4.97 -1.32
C VAL A 131 -6.17 -3.89 -0.37
N ILE A 132 -6.53 -2.64 -0.67
CA ILE A 132 -6.14 -1.51 0.13
C ILE A 132 -7.33 -0.98 0.94
N PHE A 133 -7.12 -0.79 2.23
CA PHE A 133 -8.16 -0.28 3.11
C PHE A 133 -7.77 1.08 3.69
N ILE A 134 -8.57 2.09 3.39
CA ILE A 134 -8.30 3.44 3.87
C ILE A 134 -8.88 3.66 5.26
N ASN A 135 -8.07 4.26 6.13
CA ASN A 135 -8.51 4.54 7.50
C ASN A 135 -9.29 5.84 7.56
N ASP A 136 -10.55 5.75 7.96
CA ASP A 136 -11.41 6.92 8.06
C ASP A 136 -11.01 7.81 9.24
N LYS A 137 -10.47 7.19 10.27
CA LYS A 137 -10.04 7.93 11.46
C LYS A 137 -8.96 8.95 11.10
N PHE A 138 -7.99 8.53 10.31
CA PHE A 138 -6.90 9.40 9.89
C PHE A 138 -7.43 10.62 9.14
N LYS A 139 -8.37 10.37 8.24
CA LYS A 139 -8.97 11.44 7.45
C LYS A 139 -9.66 12.47 8.35
N GLN A 140 -10.24 11.98 9.45
CA GLN A 140 -10.93 12.84 10.39
C GLN A 140 -10.00 13.92 10.94
N CYS A 141 -8.81 13.51 11.36
CA CYS A 141 -7.83 14.44 11.90
C CYS A 141 -7.38 15.44 10.84
N LEU A 142 -7.07 14.94 9.65
CA LEU A 142 -6.63 15.79 8.55
C LEU A 142 -7.72 16.78 8.16
N GLU A 143 -8.97 16.32 8.15
CA GLU A 143 -10.09 17.17 7.80
C GLU A 143 -10.20 18.38 8.73
N GLN A 144 -9.96 18.14 10.02
CA GLN A 144 -10.03 19.20 11.01
C GLN A 144 -8.70 19.95 11.10
N ASN A 145 -7.60 19.21 10.95
CA ASN A 145 -6.26 19.79 11.02
C ASN A 145 -6.13 20.80 12.15
N LYS A 146 -6.88 20.57 13.23
CA LYS A 146 -6.86 21.47 14.38
C LYS A 146 -6.52 20.69 15.66
N VAL A 147 -5.93 21.38 16.62
CA VAL A 147 -5.56 20.78 17.89
C VAL A 147 -6.54 21.15 19.00
N ASP A 148 -7.15 20.15 19.62
CA ASP A 148 -8.10 20.37 20.68
C ASP A 148 -7.53 19.96 22.03
N ARG A 149 -6.67 18.95 22.02
CA ARG A 149 -6.04 18.45 23.24
C ARG A 149 -4.53 18.36 23.08
N ILE A 150 -3.84 17.99 24.15
CA ILE A 150 -2.38 17.86 24.12
C ILE A 150 -1.96 16.53 23.51
N ARG A 151 -1.18 16.60 22.45
CA ARG A 151 -0.70 15.39 21.77
C ARG A 151 0.55 14.85 22.45
N LYS B 1 16.43 -11.27 -18.91
CA LYS B 1 17.33 -11.86 -17.88
C LYS B 1 18.00 -13.13 -18.40
N LYS B 2 19.11 -12.97 -19.11
CA LYS B 2 19.84 -14.11 -19.66
C LYS B 2 20.64 -14.82 -18.56
N MET B 3 20.95 -16.09 -18.80
CA MET B 3 21.70 -16.89 -17.84
C MET B 3 20.88 -17.16 -16.58
N THR B 4 20.67 -16.11 -15.79
CA THR B 4 19.89 -16.23 -14.55
C THR B 4 18.54 -15.55 -14.70
N PHE B 5 17.47 -16.33 -14.56
CA PHE B 5 16.12 -15.80 -14.68
C PHE B 5 15.57 -15.43 -13.30
N GLN B 6 15.17 -14.17 -13.15
CA GLN B 6 14.62 -13.69 -11.88
C GLN B 6 13.32 -12.93 -12.11
N TPO B 7 13.32 -12.04 -13.09
CA TPO B 7 12.13 -11.25 -13.41
CB TPO B 7 12.40 -9.74 -13.20
CG2 TPO B 7 11.17 -8.92 -13.55
OG1 TPO B 7 12.76 -9.50 -11.86
P TPO B 7 13.62 -8.24 -11.56
O1P TPO B 7 12.96 -7.60 -10.32
O2P TPO B 7 15.01 -8.81 -11.15
O3P TPO B 7 13.71 -7.30 -12.72
C TPO B 7 11.67 -11.48 -14.84
O TPO B 7 12.13 -10.80 -15.76
H2 TPO B 7 14.13 -11.91 -13.61
HA TPO B 7 11.34 -11.54 -12.73
HB TPO B 7 13.20 -9.44 -13.84
HG21 TPO B 7 10.28 -9.52 -13.44
HG22 TPO B 7 11.24 -8.57 -14.57
HG23 TPO B 7 11.10 -8.07 -12.88
N PRO B 8 10.77 -12.46 -15.05
CA PRO B 8 10.26 -12.78 -16.39
C PRO B 8 9.72 -11.55 -17.11
N THR B 9 10.50 -11.03 -18.04
CA THR B 9 10.09 -9.85 -18.81
C THR B 9 9.51 -10.25 -20.16
N ASP B 10 8.44 -9.57 -20.55
CA ASP B 10 7.79 -9.85 -21.83
C ASP B 10 7.90 -8.65 -22.77
N PRO B 11 9.00 -8.57 -23.54
CA PRO B 11 9.22 -7.47 -24.49
C PRO B 11 8.04 -7.26 -25.42
N LEU B 12 7.92 -6.07 -25.97
CA LEU B 12 6.83 -5.73 -26.90
C LEU B 12 7.08 -6.36 -28.27
N GLU B 13 6.11 -6.19 -29.17
CA GLU B 13 6.22 -6.73 -30.52
C GLU B 13 6.36 -8.25 -30.49
N ALA A 1 -10.95 -27.49 20.27
CA ALA A 1 -9.81 -26.57 20.26
C ALA A 1 -10.27 -25.14 20.02
N THR A 2 -9.30 -24.23 19.92
CA THR A 2 -9.61 -22.82 19.71
C THR A 2 -9.58 -22.48 18.21
N GLN A 3 -10.33 -23.24 17.43
CA GLN A 3 -10.38 -23.02 15.99
C GLN A 3 -10.90 -21.62 15.66
N ARG A 4 -11.98 -21.23 16.32
CA ARG A 4 -12.58 -19.93 16.11
C ARG A 4 -11.59 -18.82 16.48
N PHE A 5 -10.80 -19.05 17.51
CA PHE A 5 -9.81 -18.08 17.96
C PHE A 5 -8.82 -17.77 16.85
N LEU A 6 -8.42 -18.80 16.10
CA LEU A 6 -7.48 -18.62 15.00
C LEU A 6 -8.03 -17.64 13.97
N ILE A 7 -9.35 -17.61 13.82
CA ILE A 7 -9.99 -16.72 12.87
C ILE A 7 -9.96 -15.28 13.37
N GLU A 8 -10.08 -15.11 14.68
CA GLU A 8 -10.06 -13.79 15.27
C GLU A 8 -8.76 -13.07 14.92
N LYS A 9 -7.66 -13.81 14.90
CA LYS A 9 -6.36 -13.26 14.57
C LYS A 9 -6.32 -12.83 13.10
N PHE A 10 -7.18 -13.43 12.28
CA PHE A 10 -7.24 -13.12 10.86
C PHE A 10 -7.50 -11.64 10.63
N SER A 11 -8.47 -11.10 11.35
CA SER A 11 -8.82 -9.69 11.24
C SER A 11 -7.86 -8.82 12.04
N GLN A 12 -7.36 -9.38 13.13
CA GLN A 12 -6.43 -8.67 14.01
C GLN A 12 -7.07 -7.40 14.56
N GLU A 13 -6.52 -6.90 15.67
CA GLU A 13 -7.04 -5.70 16.30
C GLU A 13 -6.91 -4.50 15.37
N GLN A 14 -7.97 -3.69 15.30
CA GLN A 14 -7.98 -2.51 14.45
C GLN A 14 -7.10 -1.41 15.04
N ILE A 15 -6.00 -1.12 14.35
CA ILE A 15 -5.07 -0.09 14.80
C ILE A 15 -5.53 1.30 14.40
N GLY A 16 -5.38 2.21 15.34
CA GLY A 16 -5.77 3.60 15.10
C GLY A 16 -4.81 4.58 15.73
N GLU A 17 -3.52 4.39 15.47
CA GLU A 17 -2.49 5.27 16.00
C GLU A 17 -2.26 6.48 15.09
N ASN A 18 -2.17 6.21 13.79
CA ASN A 18 -1.95 7.25 12.80
C ASN A 18 -1.84 6.58 11.45
N ILE A 19 -2.67 5.58 11.28
CA ILE A 19 -2.70 4.76 10.10
C ILE A 19 -3.33 5.49 8.92
N VAL A 20 -2.69 5.34 7.78
CA VAL A 20 -3.13 5.95 6.56
C VAL A 20 -4.01 4.98 5.78
N CYS A 21 -3.42 3.84 5.42
CA CYS A 21 -4.12 2.82 4.67
C CYS A 21 -3.62 1.42 5.06
N ARG A 22 -4.47 0.42 4.85
CA ARG A 22 -4.11 -0.96 5.19
C ARG A 22 -4.05 -1.84 3.94
N VAL A 23 -3.04 -2.70 3.88
CA VAL A 23 -2.88 -3.60 2.74
C VAL A 23 -3.21 -5.04 3.12
N ILE A 24 -4.17 -5.63 2.43
CA ILE A 24 -4.59 -6.99 2.70
C ILE A 24 -4.58 -7.85 1.45
N CYS A 25 -3.82 -8.94 1.48
CA CYS A 25 -3.74 -9.86 0.35
C CYS A 25 -4.96 -10.78 0.32
N THR A 26 -5.84 -10.58 -0.66
CA THR A 26 -7.06 -11.37 -0.77
C THR A 26 -6.77 -12.76 -1.34
N THR A 27 -5.69 -12.90 -2.10
CA THR A 27 -5.33 -14.18 -2.69
C THR A 27 -4.62 -15.08 -1.68
N GLY A 28 -4.41 -14.56 -0.48
CA GLY A 28 -3.76 -15.35 0.56
C GLY A 28 -2.32 -15.69 0.22
N GLN A 29 -1.43 -14.71 0.39
CA GLN A 29 -0.01 -14.91 0.10
C GLN A 29 0.86 -14.08 1.04
N ILE A 30 0.45 -12.83 1.24
CA ILE A 30 1.21 -11.93 2.12
C ILE A 30 0.36 -11.54 3.33
N PRO A 31 0.99 -11.43 4.52
CA PRO A 31 0.27 -11.07 5.75
C PRO A 31 -0.16 -9.60 5.76
N ILE A 32 -1.31 -9.33 6.35
CA ILE A 32 -1.84 -7.98 6.42
C ILE A 32 -0.86 -7.01 7.08
N ARG A 33 -0.81 -5.80 6.54
CA ARG A 33 0.08 -4.76 7.06
C ARG A 33 -0.67 -3.43 7.16
N ASP A 34 -0.12 -2.49 7.91
CA ASP A 34 -0.77 -1.19 8.07
C ASP A 34 0.17 -0.04 7.75
N LEU A 35 -0.21 0.76 6.76
CA LEU A 35 0.57 1.93 6.36
C LEU A 35 0.12 3.14 7.17
N SER A 36 1.06 3.86 7.77
CA SER A 36 0.71 5.02 8.56
C SER A 36 1.57 6.22 8.29
N ALA A 37 1.02 7.38 8.59
CA ALA A 37 1.72 8.64 8.42
C ALA A 37 1.43 9.59 9.56
N ASP A 38 2.41 10.46 9.86
CA ASP A 38 2.27 11.42 10.93
C ASP A 38 1.80 12.78 10.41
N ILE A 39 0.51 13.05 10.60
CA ILE A 39 -0.09 14.30 10.14
C ILE A 39 0.49 15.51 10.86
N SER A 40 0.63 15.41 12.18
CA SER A 40 1.15 16.50 12.98
C SER A 40 2.55 16.87 12.54
N GLN A 41 3.33 15.85 12.23
CA GLN A 41 4.71 16.03 11.78
C GLN A 41 4.75 16.67 10.40
N VAL A 42 3.80 16.28 9.55
CA VAL A 42 3.71 16.82 8.20
C VAL A 42 3.19 18.25 8.21
N LEU A 43 2.21 18.51 9.08
CA LEU A 43 1.62 19.84 9.19
C LEU A 43 2.69 20.86 9.56
N LYS A 44 3.70 20.42 10.31
CA LYS A 44 4.78 21.29 10.73
C LYS A 44 5.72 21.60 9.56
N GLU A 45 5.99 20.60 8.74
CA GLU A 45 6.87 20.76 7.59
C GLU A 45 6.05 20.97 6.32
N LYS A 46 6.19 22.16 5.73
CA LYS A 46 5.45 22.48 4.50
C LYS A 46 6.01 21.70 3.32
N ARG A 47 5.19 20.81 2.78
CA ARG A 47 5.61 19.99 1.63
C ARG A 47 4.39 19.49 0.86
N SER A 48 4.64 18.69 -0.18
CA SER A 48 3.57 18.15 -1.00
C SER A 48 3.24 16.72 -0.59
N ILE A 49 4.28 15.91 -0.38
CA ILE A 49 4.11 14.53 0.02
C ILE A 49 4.53 14.31 1.47
N LYS A 50 3.85 13.39 2.14
CA LYS A 50 4.16 13.08 3.54
C LYS A 50 5.08 11.88 3.64
N LYS A 51 4.54 10.70 3.35
CA LYS A 51 5.32 9.46 3.41
C LYS A 51 4.84 8.47 2.35
N VAL A 52 5.79 7.78 1.72
CA VAL A 52 5.45 6.82 0.68
C VAL A 52 5.96 5.42 1.03
N TRP A 53 5.13 4.43 0.75
CA TRP A 53 5.48 3.03 1.02
C TRP A 53 5.89 2.28 -0.23
N THR A 54 6.91 1.46 -0.13
CA THR A 54 7.36 0.64 -1.26
C THR A 54 7.10 -0.83 -0.97
N PHE A 55 6.43 -1.49 -1.91
CA PHE A 55 6.07 -2.90 -1.76
C PHE A 55 6.83 -3.76 -2.75
N GLY A 56 7.17 -4.98 -2.33
CA GLY A 56 7.90 -5.89 -3.20
C GLY A 56 8.53 -7.04 -2.45
N ARG A 57 9.30 -7.85 -3.17
CA ARG A 57 9.97 -9.01 -2.56
C ARG A 57 11.22 -8.60 -1.79
N ASN A 58 11.55 -7.31 -1.81
CA ASN A 58 12.73 -6.82 -1.11
C ASN A 58 12.42 -6.53 0.36
N PRO A 59 13.31 -6.97 1.27
CA PRO A 59 13.14 -6.75 2.72
C PRO A 59 13.29 -5.27 3.08
N ALA A 60 13.70 -4.47 2.12
CA ALA A 60 13.87 -3.04 2.33
C ALA A 60 12.53 -2.38 2.18
N CYS A 61 11.84 -2.82 1.14
CA CYS A 61 10.53 -2.31 0.82
C CYS A 61 9.70 -2.19 2.07
N ASP A 62 8.97 -1.10 2.17
CA ASP A 62 8.11 -0.87 3.32
C ASP A 62 7.14 -2.03 3.49
N TYR A 63 6.95 -2.82 2.42
CA TYR A 63 6.06 -3.97 2.47
C TYR A 63 6.74 -5.21 1.93
N HIS A 64 6.71 -6.29 2.71
CA HIS A 64 7.34 -7.54 2.29
C HIS A 64 6.29 -8.55 1.82
N LEU A 65 6.42 -8.99 0.58
CA LEU A 65 5.48 -9.95 0.00
C LEU A 65 6.20 -11.22 -0.45
N GLY A 66 5.44 -12.15 -1.02
CA GLY A 66 6.02 -13.39 -1.49
C GLY A 66 7.10 -13.17 -2.52
N ASN A 67 8.10 -14.05 -2.52
CA ASN A 67 9.21 -13.95 -3.47
C ASN A 67 8.82 -14.49 -4.84
N ILE A 68 8.05 -13.69 -5.58
CA ILE A 68 7.61 -14.09 -6.92
C ILE A 68 8.55 -13.55 -7.98
N SER A 69 9.08 -14.44 -8.81
CA SER A 69 10.00 -14.03 -9.88
C SER A 69 9.38 -12.97 -10.77
N ARG A 70 8.07 -13.06 -10.98
CA ARG A 70 7.36 -12.10 -11.80
C ARG A 70 7.40 -10.71 -11.19
N LEU A 71 7.15 -10.62 -9.88
CA LEU A 71 7.15 -9.35 -9.19
C LEU A 71 8.59 -8.82 -9.02
N SER A 72 8.72 -7.51 -8.94
CA SER A 72 10.04 -6.88 -8.79
C SER A 72 10.36 -6.59 -7.33
N ASN A 73 11.64 -6.25 -7.05
CA ASN A 73 12.08 -5.92 -5.69
C ASN A 73 11.06 -5.00 -5.03
N LYS A 74 10.77 -3.91 -5.72
CA LYS A 74 9.79 -2.94 -5.28
C LYS A 74 8.72 -2.89 -6.36
N HIS A 75 7.79 -3.83 -6.27
CA HIS A 75 6.74 -3.96 -7.26
C HIS A 75 5.86 -2.73 -7.35
N PHE A 76 5.45 -2.21 -6.20
CA PHE A 76 4.61 -1.02 -6.21
C PHE A 76 4.89 -0.13 -5.00
N GLN A 77 4.48 1.14 -5.09
CA GLN A 77 4.71 2.10 -4.02
C GLN A 77 3.44 2.93 -3.74
N ILE A 78 3.18 3.24 -2.47
CA ILE A 78 2.02 4.04 -2.12
C ILE A 78 2.42 5.38 -1.50
N LEU A 79 1.81 6.46 -1.98
CA LEU A 79 2.14 7.79 -1.47
C LEU A 79 1.02 8.37 -0.62
N LEU A 80 1.39 9.12 0.41
CA LEU A 80 0.43 9.74 1.31
C LEU A 80 0.67 11.25 1.38
N GLY A 81 -0.35 12.04 1.05
CA GLY A 81 -0.22 13.48 1.10
C GLY A 81 -0.90 14.17 -0.07
N GLU A 82 -0.09 14.77 -0.95
CA GLU A 82 -0.62 15.47 -2.11
C GLU A 82 -1.34 16.75 -1.70
N ASP A 83 -2.45 16.60 -0.99
CA ASP A 83 -3.23 17.74 -0.53
C ASP A 83 -4.22 17.33 0.55
N GLY A 84 -4.99 16.29 0.25
CA GLY A 84 -5.97 15.80 1.21
C GLY A 84 -6.55 14.46 0.81
N ASN A 85 -5.70 13.59 0.27
CA ASN A 85 -6.13 12.27 -0.16
C ASN A 85 -4.95 11.32 -0.27
N LEU A 86 -5.20 10.10 -0.76
CA LEU A 86 -4.15 9.10 -0.90
C LEU A 86 -3.81 8.87 -2.37
N LEU A 87 -2.58 8.44 -2.63
CA LEU A 87 -2.13 8.18 -3.99
C LEU A 87 -1.41 6.83 -4.06
N LEU A 88 -1.55 6.16 -5.19
CA LEU A 88 -0.91 4.86 -5.40
C LEU A 88 0.09 4.95 -6.55
N ASN A 89 1.33 4.59 -6.29
CA ASN A 89 2.36 4.66 -7.32
C ASN A 89 2.87 3.26 -7.68
N ASP A 90 2.62 2.87 -8.93
CA ASP A 90 3.08 1.58 -9.40
C ASP A 90 4.56 1.66 -9.77
N ILE A 91 5.33 0.63 -9.41
CA ILE A 91 6.76 0.63 -9.69
C ILE A 91 7.29 -0.78 -9.98
N SER A 92 6.51 -1.58 -10.70
CA SER A 92 6.91 -2.93 -11.00
C SER A 92 7.53 -3.03 -12.39
N THR A 93 8.29 -4.10 -12.61
CA THR A 93 8.93 -4.32 -13.89
C THR A 93 7.88 -4.67 -14.94
N ASN A 94 6.84 -5.38 -14.53
CA ASN A 94 5.77 -5.78 -15.44
C ASN A 94 4.55 -4.86 -15.34
N GLY A 95 4.42 -4.13 -14.24
CA GLY A 95 3.31 -3.23 -14.08
C GLY A 95 2.43 -3.56 -12.89
N THR A 96 1.60 -2.61 -12.51
CA THR A 96 0.67 -2.75 -11.39
C THR A 96 -0.75 -2.65 -11.89
N TRP A 97 -1.64 -3.50 -11.39
CA TRP A 97 -3.02 -3.50 -11.85
C TRP A 97 -4.01 -3.07 -10.79
N LEU A 98 -5.08 -2.44 -11.26
CA LEU A 98 -6.16 -1.99 -10.41
C LEU A 98 -7.46 -2.60 -10.93
N ASN A 99 -8.04 -3.49 -10.15
CA ASN A 99 -9.29 -4.17 -10.52
C ASN A 99 -9.29 -4.64 -11.97
N GLY A 100 -8.16 -5.21 -12.41
CA GLY A 100 -8.08 -5.72 -13.76
C GLY A 100 -7.61 -4.69 -14.76
N GLN A 101 -7.56 -3.42 -14.35
CA GLN A 101 -7.12 -2.36 -15.25
C GLN A 101 -5.70 -1.92 -14.89
N LYS A 102 -4.80 -2.10 -15.86
CA LYS A 102 -3.41 -1.73 -15.67
C LYS A 102 -3.22 -0.22 -15.72
N VAL A 103 -2.56 0.31 -14.70
CA VAL A 103 -2.30 1.75 -14.61
C VAL A 103 -0.90 2.09 -15.10
N GLU A 104 -0.66 3.37 -15.35
CA GLU A 104 0.64 3.83 -15.81
C GLU A 104 1.68 3.69 -14.69
N LYS A 105 2.78 3.02 -14.97
CA LYS A 105 3.84 2.84 -13.98
C LYS A 105 4.27 4.20 -13.41
N ASN A 106 4.94 4.15 -12.27
CA ASN A 106 5.41 5.35 -11.58
C ASN A 106 4.44 6.52 -11.72
N SER A 107 3.16 6.19 -11.76
CA SER A 107 2.11 7.20 -11.88
C SER A 107 1.27 7.28 -10.61
N ASN A 108 0.83 8.50 -10.26
CA ASN A 108 0.02 8.71 -9.08
C ASN A 108 -1.47 8.61 -9.42
N GLN A 109 -2.17 7.75 -8.69
CA GLN A 109 -3.61 7.57 -8.91
C GLN A 109 -4.37 7.73 -7.59
N LEU A 110 -5.59 8.25 -7.68
CA LEU A 110 -6.41 8.44 -6.50
C LEU A 110 -6.92 7.10 -5.98
N LEU A 111 -6.51 6.74 -4.76
CA LEU A 111 -6.91 5.47 -4.18
C LEU A 111 -8.42 5.31 -4.14
N SER A 112 -8.84 4.09 -3.87
CA SER A 112 -10.24 3.74 -3.78
C SER A 112 -10.54 3.07 -2.44
N GLN A 113 -11.78 3.19 -1.98
CA GLN A 113 -12.16 2.58 -0.70
C GLN A 113 -12.23 1.06 -0.87
N GLY A 114 -11.38 0.35 -0.11
CA GLY A 114 -11.32 -1.08 -0.21
C GLY A 114 -10.85 -1.52 -1.57
N ASP A 115 -10.11 -0.64 -2.25
CA ASP A 115 -9.58 -0.92 -3.58
C ASP A 115 -8.75 -2.19 -3.58
N GLU A 116 -8.30 -2.59 -4.77
CA GLU A 116 -7.50 -3.79 -4.91
C GLU A 116 -6.45 -3.62 -6.01
N ILE A 117 -5.22 -4.04 -5.73
CA ILE A 117 -4.14 -3.95 -6.70
C ILE A 117 -3.66 -5.34 -7.11
N THR A 118 -3.64 -5.59 -8.41
CA THR A 118 -3.21 -6.87 -8.94
C THR A 118 -1.80 -6.75 -9.52
N VAL A 119 -0.96 -7.74 -9.27
CA VAL A 119 0.41 -7.70 -9.77
C VAL A 119 0.89 -9.07 -10.25
N GLY A 120 1.91 -9.04 -11.10
CA GLY A 120 2.46 -10.26 -11.64
C GLY A 120 1.72 -10.75 -12.85
N VAL A 121 1.14 -9.81 -13.59
CA VAL A 121 0.37 -10.12 -14.77
C VAL A 121 1.25 -10.65 -15.90
N GLY A 122 0.71 -11.64 -16.58
CA GLY A 122 1.40 -12.28 -17.67
C GLY A 122 0.91 -13.70 -17.85
N VAL A 123 0.75 -14.39 -16.73
CA VAL A 123 0.26 -15.74 -16.70
C VAL A 123 -0.92 -15.82 -15.75
N GLU A 124 -1.97 -16.51 -16.15
CA GLU A 124 -3.17 -16.65 -15.33
C GLU A 124 -2.82 -17.10 -13.91
N SER A 125 -1.85 -17.99 -13.80
CA SER A 125 -1.44 -18.52 -12.52
C SER A 125 -0.28 -17.75 -11.88
N ASP A 126 0.14 -16.63 -12.48
CA ASP A 126 1.26 -15.87 -11.95
C ASP A 126 0.86 -14.47 -11.51
N ILE A 127 -0.41 -14.29 -11.28
CA ILE A 127 -0.94 -13.02 -10.82
C ILE A 127 -1.33 -13.07 -9.36
N LEU A 128 -1.01 -12.00 -8.66
CA LEU A 128 -1.31 -11.86 -7.23
C LEU A 128 -2.12 -10.61 -6.98
N SER A 129 -3.19 -10.72 -6.18
CA SER A 129 -4.04 -9.57 -5.89
C SER A 129 -3.90 -9.09 -4.46
N LEU A 130 -4.10 -7.80 -4.29
CA LEU A 130 -4.02 -7.15 -3.00
C LEU A 130 -5.18 -6.19 -2.80
N VAL A 131 -5.58 -5.98 -1.54
CA VAL A 131 -6.68 -5.08 -1.23
C VAL A 131 -6.23 -3.98 -0.28
N ILE A 132 -6.64 -2.75 -0.57
CA ILE A 132 -6.29 -1.61 0.23
C ILE A 132 -7.48 -1.12 1.07
N PHE A 133 -7.26 -1.03 2.37
CA PHE A 133 -8.30 -0.58 3.29
C PHE A 133 -7.96 0.79 3.87
N ILE A 134 -8.76 1.79 3.54
CA ILE A 134 -8.54 3.14 4.04
C ILE A 134 -9.16 3.34 5.42
N ASN A 135 -8.37 3.87 6.34
CA ASN A 135 -8.85 4.11 7.71
C ASN A 135 -9.59 5.44 7.79
N ASP A 136 -10.86 5.38 8.16
CA ASP A 136 -11.69 6.58 8.29
C ASP A 136 -11.15 7.50 9.39
N LYS A 137 -10.50 6.90 10.38
CA LYS A 137 -9.94 7.66 11.49
C LYS A 137 -8.97 8.73 10.98
N PHE A 138 -8.15 8.34 10.00
CA PHE A 138 -7.18 9.25 9.43
C PHE A 138 -7.87 10.46 8.81
N LYS A 139 -8.96 10.21 8.10
CA LYS A 139 -9.72 11.27 7.45
C LYS A 139 -10.20 12.29 8.48
N GLN A 140 -10.52 11.81 9.68
CA GLN A 140 -11.00 12.68 10.74
C GLN A 140 -9.91 13.67 11.17
N CYS A 141 -8.68 13.18 11.27
CA CYS A 141 -7.55 14.01 11.66
C CYS A 141 -7.24 15.06 10.60
N LEU A 142 -7.22 14.63 9.34
CA LEU A 142 -6.93 15.53 8.23
C LEU A 142 -8.07 16.54 8.06
N GLU A 143 -9.29 16.10 8.29
CA GLU A 143 -10.46 16.96 8.16
C GLU A 143 -10.39 18.13 9.14
N GLN A 144 -9.88 17.86 10.33
CA GLN A 144 -9.75 18.90 11.36
C GLN A 144 -8.39 19.57 11.29
N ASN A 145 -7.37 18.80 10.92
CA ASN A 145 -6.00 19.31 10.81
C ASN A 145 -5.65 20.22 11.99
N LYS A 146 -5.43 19.61 13.14
CA LYS A 146 -5.09 20.36 14.35
C LYS A 146 -3.74 21.05 14.19
N VAL A 147 -3.72 22.37 14.36
CA VAL A 147 -2.50 23.14 14.24
C VAL A 147 -1.72 23.15 15.56
N ASP A 148 -0.40 22.97 15.46
CA ASP A 148 0.45 22.96 16.65
C ASP A 148 1.10 24.33 16.86
N ARG A 149 0.34 25.39 16.61
CA ARG A 149 0.84 26.75 16.77
C ARG A 149 0.27 27.39 18.03
N ILE A 150 -1.01 27.11 18.31
CA ILE A 150 -1.67 27.65 19.49
C ILE A 150 -1.60 26.69 20.66
N ARG A 151 -1.10 27.18 21.79
CA ARG A 151 -0.99 26.36 22.99
C ARG A 151 -2.35 26.16 23.66
N LYS B 1 25.53 -24.96 -8.78
CA LYS B 1 25.08 -23.55 -8.69
C LYS B 1 23.99 -23.25 -9.71
N LYS B 2 23.23 -22.19 -9.46
CA LYS B 2 22.15 -21.80 -10.37
C LYS B 2 22.57 -20.60 -11.23
N MET B 3 21.78 -20.31 -12.24
CA MET B 3 22.07 -19.19 -13.14
C MET B 3 20.81 -18.74 -13.86
N THR B 4 19.67 -18.81 -13.17
CA THR B 4 18.39 -18.41 -13.75
C THR B 4 18.38 -16.91 -14.02
N PHE B 5 17.44 -16.47 -14.86
CA PHE B 5 17.32 -15.06 -15.20
C PHE B 5 17.07 -14.22 -13.96
N GLN B 6 16.89 -12.91 -14.14
CA GLN B 6 16.66 -12.00 -13.03
C GLN B 6 15.17 -11.69 -12.89
N TPO B 7 14.60 -11.04 -13.91
CA TPO B 7 13.19 -10.67 -13.90
CB TPO B 7 13.01 -9.15 -13.77
CG2 TPO B 7 11.53 -8.76 -13.82
OG1 TPO B 7 13.59 -8.69 -12.57
P TPO B 7 12.81 -8.85 -11.22
O1P TPO B 7 11.97 -7.55 -11.11
O2P TPO B 7 11.85 -10.05 -11.43
O3P TPO B 7 13.72 -9.04 -10.05
C TPO B 7 12.50 -11.16 -15.17
O TPO B 7 12.59 -10.51 -16.22
H2 TPO B 7 15.15 -10.79 -14.69
HA TPO B 7 12.73 -11.15 -13.05
HB TPO B 7 13.51 -8.67 -14.60
HG21 TPO B 7 11.25 -8.57 -14.85
HG22 TPO B 7 11.37 -7.87 -13.24
HG23 TPO B 7 10.94 -9.56 -13.42
N PRO B 8 11.79 -12.29 -15.11
CA PRO B 8 11.07 -12.85 -16.27
C PRO B 8 9.89 -11.98 -16.68
N THR B 9 9.67 -11.88 -18.00
CA THR B 9 8.57 -11.07 -18.52
C THR B 9 7.88 -11.79 -19.68
N ASP B 10 6.88 -11.14 -20.25
CA ASP B 10 6.14 -11.71 -21.38
C ASP B 10 6.70 -11.20 -22.70
N PRO B 11 7.48 -12.04 -23.40
CA PRO B 11 8.08 -11.66 -24.69
C PRO B 11 7.02 -11.51 -25.79
N LEU B 12 7.33 -10.69 -26.78
CA LEU B 12 6.41 -10.46 -27.90
C LEU B 12 6.62 -11.49 -29.00
N GLU B 13 5.89 -12.59 -28.93
CA GLU B 13 5.99 -13.66 -29.92
C GLU B 13 4.62 -14.10 -30.39
N ALA A 1 2.38 -11.69 30.81
CA ALA A 1 1.96 -11.39 29.45
C ALA A 1 1.55 -9.93 29.30
N THR A 2 2.54 -9.06 29.08
CA THR A 2 2.27 -7.64 28.93
C THR A 2 2.57 -7.17 27.51
N GLN A 3 3.87 -7.11 27.18
CA GLN A 3 4.28 -6.68 25.85
C GLN A 3 3.76 -7.63 24.78
N ARG A 4 3.72 -8.93 25.09
CA ARG A 4 3.25 -9.93 24.16
C ARG A 4 1.73 -9.83 24.00
N PHE A 5 1.02 -9.64 25.11
CA PHE A 5 -0.43 -9.53 25.09
C PHE A 5 -0.86 -8.39 24.17
N LEU A 6 -0.10 -7.31 24.18
CA LEU A 6 -0.40 -6.15 23.33
C LEU A 6 -0.40 -6.55 21.86
N ILE A 7 0.44 -7.51 21.51
CA ILE A 7 0.54 -7.98 20.13
C ILE A 7 -0.68 -8.80 19.75
N GLU A 8 -1.21 -9.57 20.71
CA GLU A 8 -2.38 -10.39 20.46
C GLU A 8 -3.54 -9.54 19.98
N LYS A 9 -3.70 -8.38 20.59
CA LYS A 9 -4.77 -7.46 20.23
C LYS A 9 -4.55 -6.90 18.82
N PHE A 10 -3.29 -6.91 18.39
CA PHE A 10 -2.92 -6.40 17.07
C PHE A 10 -3.70 -7.12 15.97
N SER A 11 -3.73 -8.45 16.06
CA SER A 11 -4.44 -9.26 15.08
C SER A 11 -5.93 -9.30 15.37
N GLN A 12 -6.28 -9.24 16.65
CA GLN A 12 -7.67 -9.27 17.08
C GLN A 12 -8.37 -7.97 16.72
N GLU A 13 -8.11 -6.92 17.49
CA GLU A 13 -8.72 -5.61 17.26
C GLU A 13 -7.93 -4.82 16.24
N GLN A 14 -8.59 -3.87 15.58
CA GLN A 14 -7.94 -3.04 14.58
C GLN A 14 -7.19 -1.89 15.23
N ILE A 15 -5.89 -1.80 14.96
CA ILE A 15 -5.06 -0.75 15.53
C ILE A 15 -5.16 0.54 14.74
N GLY A 16 -5.23 1.62 15.48
CA GLY A 16 -5.35 2.94 14.88
C GLY A 16 -4.51 3.98 15.60
N GLU A 17 -3.19 3.83 15.53
CA GLU A 17 -2.29 4.76 16.19
C GLU A 17 -2.09 6.01 15.34
N ASN A 18 -2.01 5.83 14.03
CA ASN A 18 -1.83 6.94 13.09
C ASN A 18 -1.70 6.35 11.72
N ILE A 19 -2.51 5.34 11.49
CA ILE A 19 -2.52 4.60 10.26
C ILE A 19 -3.11 5.38 9.11
N VAL A 20 -2.43 5.31 7.98
CA VAL A 20 -2.83 5.98 6.78
C VAL A 20 -3.70 5.06 5.93
N CYS A 21 -3.11 3.92 5.56
CA CYS A 21 -3.79 2.92 4.77
C CYS A 21 -3.29 1.52 5.14
N ARG A 22 -4.13 0.51 4.94
CA ARG A 22 -3.75 -0.85 5.27
C ARG A 22 -3.72 -1.74 4.03
N VAL A 23 -2.70 -2.60 3.94
CA VAL A 23 -2.56 -3.51 2.81
C VAL A 23 -2.99 -4.92 3.21
N ILE A 24 -3.97 -5.47 2.48
CA ILE A 24 -4.48 -6.80 2.77
C ILE A 24 -4.53 -7.67 1.52
N CYS A 25 -3.80 -8.77 1.53
CA CYS A 25 -3.78 -9.69 0.40
C CYS A 25 -5.02 -10.59 0.42
N THR A 26 -5.84 -10.49 -0.62
CA THR A 26 -7.08 -11.27 -0.70
C THR A 26 -6.83 -12.66 -1.27
N THR A 27 -5.77 -12.80 -2.07
CA THR A 27 -5.44 -14.09 -2.68
C THR A 27 -4.73 -15.02 -1.70
N GLY A 28 -4.48 -14.52 -0.49
CA GLY A 28 -3.82 -15.33 0.52
C GLY A 28 -2.41 -15.71 0.14
N GLN A 29 -1.49 -14.76 0.26
CA GLN A 29 -0.09 -14.99 -0.08
C GLN A 29 0.82 -14.18 0.84
N ILE A 30 0.46 -12.92 1.06
CA ILE A 30 1.25 -12.03 1.91
C ILE A 30 0.45 -11.63 3.15
N PRO A 31 1.11 -11.54 4.32
CA PRO A 31 0.44 -11.16 5.57
C PRO A 31 0.08 -9.68 5.61
N ILE A 32 -1.08 -9.38 6.17
CA ILE A 32 -1.56 -8.00 6.26
C ILE A 32 -0.55 -7.12 7.02
N ARG A 33 -0.43 -5.88 6.57
CA ARG A 33 0.48 -4.92 7.20
C ARG A 33 -0.22 -3.60 7.45
N ASP A 34 0.36 -2.76 8.29
CA ASP A 34 -0.24 -1.46 8.61
C ASP A 34 0.67 -0.31 8.20
N LEU A 35 0.17 0.54 7.32
CA LEU A 35 0.90 1.70 6.85
C LEU A 35 0.42 2.93 7.62
N SER A 36 1.35 3.76 8.10
CA SER A 36 0.95 4.93 8.86
C SER A 36 1.84 6.13 8.66
N ALA A 37 1.26 7.28 8.98
CA ALA A 37 1.96 8.55 8.88
C ALA A 37 1.47 9.53 9.93
N ASP A 38 2.38 10.31 10.50
CA ASP A 38 2.04 11.28 11.53
C ASP A 38 1.32 12.49 10.94
N ILE A 39 0.22 12.86 11.58
CA ILE A 39 -0.60 14.01 11.15
C ILE A 39 0.16 15.33 11.25
N SER A 40 0.86 15.52 12.36
CA SER A 40 1.61 16.75 12.60
C SER A 40 2.61 16.99 11.48
N GLN A 41 3.19 15.91 10.99
CA GLN A 41 4.16 15.98 9.91
C GLN A 41 3.46 16.39 8.61
N VAL A 42 2.24 15.89 8.43
CA VAL A 42 1.46 16.19 7.24
C VAL A 42 0.94 17.62 7.27
N LEU A 43 0.46 18.05 8.44
CA LEU A 43 -0.06 19.40 8.59
C LEU A 43 1.06 20.43 8.50
N LYS A 44 2.27 20.02 8.87
CA LYS A 44 3.42 20.92 8.84
C LYS A 44 3.78 21.28 7.41
N GLU A 45 3.89 20.26 6.55
CA GLU A 45 4.24 20.47 5.15
C GLU A 45 3.03 20.99 4.37
N LYS A 46 3.26 21.98 3.51
CA LYS A 46 2.20 22.56 2.70
C LYS A 46 2.14 21.92 1.32
N ARG A 47 3.31 21.51 0.82
CA ARG A 47 3.39 20.87 -0.49
C ARG A 47 4.30 19.65 -0.45
N SER A 48 4.63 19.12 -1.62
CA SER A 48 5.49 17.94 -1.71
C SER A 48 4.85 16.74 -1.02
N ILE A 49 5.52 15.61 -1.07
CA ILE A 49 5.02 14.39 -0.45
C ILE A 49 5.58 14.23 0.97
N LYS A 50 4.87 13.48 1.80
CA LYS A 50 5.29 13.25 3.18
C LYS A 50 5.97 11.89 3.34
N LYS A 51 5.15 10.85 3.47
CA LYS A 51 5.67 9.49 3.64
C LYS A 51 5.16 8.57 2.54
N VAL A 52 6.08 7.78 1.97
CA VAL A 52 5.72 6.86 0.91
C VAL A 52 6.15 5.44 1.23
N TRP A 53 5.27 4.50 0.94
CA TRP A 53 5.53 3.08 1.18
C TRP A 53 5.92 2.34 -0.09
N THR A 54 6.90 1.45 0.02
CA THR A 54 7.33 0.64 -1.11
C THR A 54 7.01 -0.82 -0.84
N PHE A 55 6.37 -1.47 -1.80
CA PHE A 55 5.99 -2.87 -1.66
C PHE A 55 6.64 -3.74 -2.73
N GLY A 56 6.99 -4.97 -2.35
CA GLY A 56 7.62 -5.88 -3.29
C GLY A 56 8.35 -7.02 -2.60
N ARG A 57 9.11 -7.79 -3.37
CA ARG A 57 9.86 -8.92 -2.83
C ARG A 57 11.14 -8.48 -2.13
N ASN A 58 11.36 -7.17 -2.04
CA ASN A 58 12.55 -6.64 -1.39
C ASN A 58 12.37 -6.55 0.12
N PRO A 59 13.33 -7.04 0.92
CA PRO A 59 13.26 -6.99 2.38
C PRO A 59 13.34 -5.55 2.90
N ALA A 60 13.73 -4.64 2.02
CA ALA A 60 13.83 -3.24 2.37
C ALA A 60 12.47 -2.62 2.24
N CYS A 61 11.80 -3.00 1.17
CA CYS A 61 10.48 -2.53 0.86
C CYS A 61 9.63 -2.48 2.11
N ASP A 62 8.85 -1.43 2.23
CA ASP A 62 7.96 -1.27 3.36
C ASP A 62 7.04 -2.48 3.48
N TYR A 63 6.90 -3.24 2.39
CA TYR A 63 6.06 -4.43 2.39
C TYR A 63 6.80 -5.64 1.85
N HIS A 64 6.87 -6.70 2.65
CA HIS A 64 7.55 -7.92 2.25
C HIS A 64 6.55 -8.97 1.77
N LEU A 65 6.53 -9.20 0.46
CA LEU A 65 5.61 -10.18 -0.13
C LEU A 65 6.38 -11.38 -0.66
N GLY A 66 5.64 -12.40 -1.10
CA GLY A 66 6.26 -13.59 -1.63
C GLY A 66 7.24 -13.31 -2.74
N ASN A 67 8.41 -13.97 -2.68
CA ASN A 67 9.44 -13.78 -3.70
C ASN A 67 9.06 -14.45 -5.01
N ILE A 68 8.27 -13.75 -5.81
CA ILE A 68 7.83 -14.27 -7.11
C ILE A 68 8.48 -13.51 -8.26
N SER A 69 8.95 -14.25 -9.25
CA SER A 69 9.60 -13.65 -10.42
C SER A 69 8.69 -12.64 -11.11
N ARG A 70 7.40 -12.94 -11.16
CA ARG A 70 6.43 -12.06 -11.79
C ARG A 70 6.41 -10.68 -11.12
N LEU A 71 6.85 -10.63 -9.87
CA LEU A 71 6.87 -9.37 -9.13
C LEU A 71 8.29 -8.86 -8.97
N SER A 72 8.43 -7.54 -8.84
CA SER A 72 9.75 -6.93 -8.69
C SER A 72 10.06 -6.65 -7.22
N ASN A 73 11.35 -6.40 -6.91
CA ASN A 73 11.79 -6.10 -5.55
C ASN A 73 10.80 -5.15 -4.89
N LYS A 74 10.56 -4.05 -5.58
CA LYS A 74 9.61 -3.04 -5.16
C LYS A 74 8.56 -2.92 -6.25
N HIS A 75 7.59 -3.82 -6.21
CA HIS A 75 6.56 -3.88 -7.21
C HIS A 75 5.73 -2.62 -7.27
N PHE A 76 5.32 -2.12 -6.12
CA PHE A 76 4.50 -0.92 -6.10
C PHE A 76 4.84 -0.04 -4.89
N GLN A 77 4.48 1.24 -4.99
CA GLN A 77 4.77 2.20 -3.92
C GLN A 77 3.56 3.10 -3.66
N ILE A 78 3.30 3.40 -2.39
CA ILE A 78 2.18 4.27 -2.04
C ILE A 78 2.68 5.58 -1.42
N LEU A 79 2.16 6.70 -1.89
CA LEU A 79 2.58 8.00 -1.39
C LEU A 79 1.42 8.79 -0.79
N LEU A 80 1.64 9.35 0.39
CA LEU A 80 0.63 10.15 1.07
C LEU A 80 1.18 11.53 1.41
N GLY A 81 0.51 12.57 0.92
CA GLY A 81 0.96 13.92 1.17
C GLY A 81 0.91 14.80 -0.07
N GLU A 82 -0.19 15.53 -0.23
CA GLU A 82 -0.36 16.41 -1.37
C GLU A 82 -1.75 17.04 -1.35
N ASP A 83 -2.75 16.24 -1.03
CA ASP A 83 -4.13 16.71 -0.98
C ASP A 83 -4.93 15.92 0.05
N GLY A 84 -6.24 16.17 0.10
CA GLY A 84 -7.09 15.46 1.05
C GLY A 84 -7.38 14.03 0.62
N ASN A 85 -6.32 13.23 0.48
CA ASN A 85 -6.46 11.84 0.08
C ASN A 85 -5.10 11.17 -0.05
N LEU A 86 -5.11 9.89 -0.45
CA LEU A 86 -3.88 9.13 -0.63
C LEU A 86 -3.59 8.89 -2.10
N LEU A 87 -2.34 8.58 -2.42
CA LEU A 87 -1.94 8.33 -3.80
C LEU A 87 -1.25 6.98 -3.91
N LEU A 88 -1.50 6.28 -5.02
CA LEU A 88 -0.89 4.98 -5.25
C LEU A 88 0.08 5.07 -6.42
N ASN A 89 1.33 4.70 -6.17
CA ASN A 89 2.34 4.76 -7.22
C ASN A 89 2.86 3.37 -7.58
N ASP A 90 2.60 2.95 -8.80
CA ASP A 90 3.07 1.65 -9.27
C ASP A 90 4.56 1.74 -9.62
N ILE A 91 5.32 0.72 -9.25
CA ILE A 91 6.76 0.72 -9.51
C ILE A 91 7.28 -0.68 -9.82
N SER A 92 6.52 -1.46 -10.59
CA SER A 92 6.90 -2.80 -10.94
C SER A 92 7.55 -2.86 -12.30
N THR A 93 8.36 -3.89 -12.52
CA THR A 93 9.02 -4.08 -13.81
C THR A 93 8.00 -4.44 -14.88
N ASN A 94 6.98 -5.22 -14.49
CA ASN A 94 5.95 -5.65 -15.43
C ASN A 94 4.67 -4.80 -15.34
N GLY A 95 4.47 -4.09 -14.23
CA GLY A 95 3.30 -3.27 -14.09
C GLY A 95 2.46 -3.60 -12.88
N THR A 96 1.64 -2.62 -12.48
CA THR A 96 0.74 -2.74 -11.34
C THR A 96 -0.70 -2.62 -11.81
N TRP A 97 -1.58 -3.46 -11.29
CA TRP A 97 -2.98 -3.44 -11.70
C TRP A 97 -3.94 -2.98 -10.62
N LEU A 98 -5.02 -2.35 -11.07
CA LEU A 98 -6.06 -1.87 -10.18
C LEU A 98 -7.38 -2.47 -10.65
N ASN A 99 -7.95 -3.34 -9.82
CA ASN A 99 -9.22 -4.01 -10.13
C ASN A 99 -9.30 -4.48 -11.58
N GLY A 100 -8.21 -5.09 -12.07
CA GLY A 100 -8.20 -5.59 -13.42
C GLY A 100 -7.74 -4.58 -14.44
N GLN A 101 -7.68 -3.31 -14.04
CA GLN A 101 -7.25 -2.26 -14.96
C GLN A 101 -5.82 -1.85 -14.65
N LYS A 102 -4.93 -2.03 -15.61
CA LYS A 102 -3.54 -1.69 -15.47
C LYS A 102 -3.34 -0.17 -15.50
N VAL A 103 -2.63 0.34 -14.49
CA VAL A 103 -2.36 1.77 -14.39
C VAL A 103 -0.96 2.09 -14.90
N GLU A 104 -0.72 3.38 -15.17
CA GLU A 104 0.58 3.81 -15.66
C GLU A 104 1.63 3.70 -14.57
N LYS A 105 2.74 3.03 -14.86
CA LYS A 105 3.81 2.87 -13.88
C LYS A 105 4.24 4.21 -13.32
N ASN A 106 4.90 4.18 -12.17
CA ASN A 106 5.40 5.37 -11.50
C ASN A 106 4.46 6.56 -11.68
N SER A 107 3.17 6.27 -11.71
CA SER A 107 2.15 7.31 -11.87
C SER A 107 1.32 7.46 -10.61
N ASN A 108 0.90 8.69 -10.30
CA ASN A 108 0.10 8.96 -9.12
C ASN A 108 -1.38 8.74 -9.40
N GLN A 109 -2.02 7.94 -8.56
CA GLN A 109 -3.44 7.65 -8.72
C GLN A 109 -4.19 7.88 -7.41
N LEU A 110 -5.44 8.32 -7.51
CA LEU A 110 -6.24 8.58 -6.34
C LEU A 110 -6.66 7.26 -5.68
N LEU A 111 -6.53 7.20 -4.37
CA LEU A 111 -6.89 5.99 -3.64
C LEU A 111 -8.39 5.75 -3.64
N SER A 112 -8.76 4.49 -3.46
CA SER A 112 -10.16 4.09 -3.43
C SER A 112 -10.46 3.34 -2.14
N GLN A 113 -11.71 3.39 -1.70
CA GLN A 113 -12.11 2.71 -0.46
C GLN A 113 -12.12 1.20 -0.68
N GLY A 114 -11.32 0.49 0.11
CA GLY A 114 -11.23 -0.94 0.00
C GLY A 114 -10.75 -1.38 -1.38
N ASP A 115 -10.07 -0.47 -2.08
CA ASP A 115 -9.54 -0.74 -3.40
C ASP A 115 -8.68 -2.00 -3.40
N GLU A 116 -8.26 -2.43 -4.58
CA GLU A 116 -7.43 -3.61 -4.71
C GLU A 116 -6.41 -3.46 -5.83
N ILE A 117 -5.18 -3.87 -5.56
CA ILE A 117 -4.12 -3.79 -6.56
C ILE A 117 -3.65 -5.18 -6.95
N THR A 118 -3.64 -5.46 -8.24
CA THR A 118 -3.20 -6.76 -8.76
C THR A 118 -1.82 -6.63 -9.36
N VAL A 119 -0.98 -7.63 -9.13
CA VAL A 119 0.39 -7.60 -9.65
C VAL A 119 0.85 -8.96 -10.15
N GLY A 120 1.86 -8.94 -11.03
CA GLY A 120 2.39 -10.15 -11.58
C GLY A 120 1.57 -10.65 -12.75
N VAL A 121 1.07 -9.71 -13.54
CA VAL A 121 0.26 -10.04 -14.69
C VAL A 121 1.08 -10.57 -15.86
N GLY A 122 0.52 -11.57 -16.51
CA GLY A 122 1.16 -12.21 -17.64
C GLY A 122 0.64 -13.62 -17.79
N VAL A 123 0.51 -14.31 -16.67
CA VAL A 123 0.00 -15.65 -16.63
C VAL A 123 -1.15 -15.73 -15.63
N GLU A 124 -2.28 -16.27 -16.07
CA GLU A 124 -3.46 -16.38 -15.20
C GLU A 124 -3.09 -17.00 -13.85
N SER A 125 -2.10 -17.89 -13.86
CA SER A 125 -1.66 -18.55 -12.66
C SER A 125 -0.50 -17.83 -11.97
N ASP A 126 -0.12 -16.64 -12.46
CA ASP A 126 0.99 -15.92 -11.86
C ASP A 126 0.62 -14.50 -11.46
N ILE A 127 -0.64 -14.28 -11.24
CA ILE A 127 -1.15 -12.99 -10.82
C ILE A 127 -1.52 -13.01 -9.35
N LEU A 128 -1.19 -11.92 -8.66
CA LEU A 128 -1.48 -11.78 -7.24
C LEU A 128 -2.28 -10.50 -7.00
N SER A 129 -3.33 -10.61 -6.18
CA SER A 129 -4.16 -9.46 -5.88
C SER A 129 -3.99 -8.98 -4.45
N LEU A 130 -4.20 -7.68 -4.27
CA LEU A 130 -4.07 -7.05 -2.96
C LEU A 130 -5.22 -6.09 -2.72
N VAL A 131 -5.52 -5.83 -1.45
CA VAL A 131 -6.60 -4.92 -1.08
C VAL A 131 -6.10 -3.81 -0.18
N ILE A 132 -6.55 -2.59 -0.44
CA ILE A 132 -6.15 -1.44 0.33
C ILE A 132 -7.28 -0.97 1.24
N PHE A 133 -6.99 -0.85 2.53
CA PHE A 133 -7.97 -0.40 3.51
C PHE A 133 -7.62 0.97 4.06
N ILE A 134 -8.47 1.96 3.80
CA ILE A 134 -8.23 3.31 4.27
C ILE A 134 -8.73 3.51 5.70
N ASN A 135 -7.91 4.14 6.52
CA ASN A 135 -8.28 4.40 7.91
C ASN A 135 -9.28 5.54 7.99
N ASP A 136 -10.47 5.25 8.52
CA ASP A 136 -11.51 6.26 8.65
C ASP A 136 -11.04 7.41 9.53
N LYS A 137 -10.30 7.09 10.57
CA LYS A 137 -9.78 8.10 11.49
C LYS A 137 -8.90 9.11 10.77
N PHE A 138 -8.00 8.59 9.94
CA PHE A 138 -7.09 9.44 9.18
C PHE A 138 -7.86 10.34 8.21
N LYS A 139 -8.84 9.77 7.52
CA LYS A 139 -9.63 10.52 6.56
C LYS A 139 -10.37 11.68 7.23
N GLN A 140 -11.05 11.40 8.33
CA GLN A 140 -11.80 12.42 9.04
C GLN A 140 -10.87 13.53 9.53
N CYS A 141 -9.66 13.15 9.94
CA CYS A 141 -8.68 14.12 10.43
C CYS A 141 -8.19 15.02 9.31
N LEU A 142 -7.87 14.43 8.17
CA LEU A 142 -7.39 15.18 7.01
C LEU A 142 -8.51 16.04 6.43
N GLU A 143 -9.69 15.46 6.32
CA GLU A 143 -10.84 16.18 5.77
C GLU A 143 -11.15 17.43 6.58
N GLN A 144 -11.15 17.29 7.90
CA GLN A 144 -11.43 18.41 8.79
C GLN A 144 -10.18 19.26 8.99
N ASN A 145 -9.02 18.62 9.06
CA ASN A 145 -7.74 19.31 9.24
C ASN A 145 -7.86 20.41 10.30
N LYS A 146 -7.59 20.05 11.55
CA LYS A 146 -7.66 21.01 12.65
C LYS A 146 -6.69 22.17 12.42
N VAL A 147 -7.19 23.38 12.62
CA VAL A 147 -6.36 24.58 12.44
C VAL A 147 -5.69 24.98 13.75
N ASP A 148 -4.37 25.11 13.72
CA ASP A 148 -3.60 25.50 14.89
C ASP A 148 -3.13 26.95 14.80
N ARG A 149 -3.54 27.76 15.77
CA ARG A 149 -3.17 29.17 15.79
C ARG A 149 -3.65 29.88 14.53
N ILE A 150 -4.97 30.06 14.44
CA ILE A 150 -5.57 30.73 13.29
C ILE A 150 -5.59 32.24 13.47
N ARG A 151 -5.30 32.98 12.41
CA ARG A 151 -5.28 34.44 12.46
C ARG A 151 -6.62 35.01 12.04
N LYS B 1 22.85 -21.71 -23.88
CA LYS B 1 23.03 -20.27 -23.55
C LYS B 1 22.14 -19.84 -22.40
N LYS B 2 22.74 -19.26 -21.37
CA LYS B 2 22.00 -18.81 -20.20
C LYS B 2 22.54 -17.47 -19.69
N MET B 3 21.64 -16.61 -19.22
CA MET B 3 22.03 -15.30 -18.71
C MET B 3 21.27 -14.98 -17.42
N THR B 4 21.44 -13.76 -16.93
CA THR B 4 20.79 -13.33 -15.71
C THR B 4 19.33 -12.93 -15.98
N PHE B 5 18.42 -13.86 -15.73
CA PHE B 5 17.00 -13.61 -15.95
C PHE B 5 16.34 -13.08 -14.69
N GLN B 6 16.94 -12.03 -14.12
CA GLN B 6 16.41 -11.42 -12.90
C GLN B 6 15.15 -10.60 -13.19
N TPO B 7 14.03 -11.06 -12.63
CA TPO B 7 12.76 -10.37 -12.83
CB TPO B 7 12.82 -8.91 -12.32
CG2 TPO B 7 11.51 -8.19 -12.56
OG1 TPO B 7 13.14 -8.88 -10.97
P TPO B 7 13.65 -7.54 -10.35
O1P TPO B 7 13.94 -7.88 -8.86
O2P TPO B 7 14.99 -7.27 -11.08
O3P TPO B 7 12.66 -6.42 -10.52
C TPO B 7 12.34 -10.38 -14.29
O TPO B 7 12.71 -9.50 -15.06
H2 TPO B 7 14.06 -11.87 -12.08
HA TPO B 7 12.01 -10.89 -12.24
HB TPO B 7 13.60 -8.40 -12.88
HG21 TPO B 7 10.81 -8.86 -13.05
HG22 TPO B 7 11.67 -7.33 -13.18
HG23 TPO B 7 11.09 -7.88 -11.61
N PRO B 8 11.56 -11.40 -14.71
CA PRO B 8 11.10 -11.52 -16.10
C PRO B 8 10.42 -10.25 -16.60
N THR B 9 10.28 -10.13 -17.92
CA THR B 9 9.65 -8.96 -18.52
C THR B 9 8.68 -9.38 -19.62
N ASP B 10 7.45 -8.87 -19.54
CA ASP B 10 6.42 -9.19 -20.53
C ASP B 10 6.39 -8.14 -21.64
N PRO B 11 6.92 -8.47 -22.83
CA PRO B 11 6.94 -7.54 -23.97
C PRO B 11 5.55 -7.29 -24.54
N LEU B 12 4.96 -6.16 -24.17
CA LEU B 12 3.62 -5.80 -24.65
C LEU B 12 3.67 -5.36 -26.11
N GLU B 13 2.57 -5.56 -26.82
CA GLU B 13 2.48 -5.19 -28.22
C GLU B 13 2.57 -3.68 -28.39
N ALA A 1 13.44 -1.70 24.09
CA ALA A 1 12.53 -2.62 23.41
C ALA A 1 11.66 -1.89 22.41
N THR A 2 11.69 -2.34 21.16
CA THR A 2 10.89 -1.73 20.11
C THR A 2 10.48 -2.77 19.07
N GLN A 3 11.43 -3.59 18.63
CA GLN A 3 11.15 -4.62 17.65
C GLN A 3 10.24 -5.70 18.22
N ARG A 4 10.56 -6.16 19.43
CA ARG A 4 9.76 -7.18 20.08
C ARG A 4 8.34 -6.68 20.36
N PHE A 5 8.26 -5.46 20.89
CA PHE A 5 6.96 -4.85 21.19
C PHE A 5 6.09 -4.80 19.95
N LEU A 6 6.71 -4.56 18.81
CA LEU A 6 6.00 -4.48 17.54
C LEU A 6 5.31 -5.80 17.24
N ILE A 7 5.92 -6.90 17.69
CA ILE A 7 5.36 -8.23 17.47
C ILE A 7 4.14 -8.45 18.36
N GLU A 8 4.18 -7.91 19.58
CA GLU A 8 3.08 -8.04 20.51
C GLU A 8 1.79 -7.50 19.90
N LYS A 9 1.93 -6.41 19.16
CA LYS A 9 0.78 -5.78 18.50
C LYS A 9 0.22 -6.67 17.40
N PHE A 10 1.07 -7.56 16.88
CA PHE A 10 0.66 -8.48 15.82
C PHE A 10 -0.55 -9.31 16.24
N SER A 11 -0.48 -9.87 17.43
CA SER A 11 -1.57 -10.69 17.97
C SER A 11 -2.74 -9.81 18.44
N GLN A 12 -2.42 -8.59 18.88
CA GLN A 12 -3.43 -7.67 19.36
C GLN A 12 -4.11 -6.95 18.19
N GLU A 13 -5.05 -6.07 18.50
CA GLU A 13 -5.76 -5.32 17.48
C GLU A 13 -4.94 -4.14 16.98
N GLN A 14 -5.27 -3.66 15.79
CA GLN A 14 -4.56 -2.52 15.20
C GLN A 14 -5.21 -1.20 15.60
N ILE A 15 -4.57 -0.49 16.52
CA ILE A 15 -5.09 0.79 16.99
C ILE A 15 -4.70 1.92 16.05
N GLY A 16 -5.66 2.79 15.83
CA GLY A 16 -5.45 3.94 14.96
C GLY A 16 -4.49 4.94 15.56
N GLU A 17 -3.24 4.53 15.74
CA GLU A 17 -2.22 5.39 16.32
C GLU A 17 -1.87 6.54 15.38
N ASN A 18 -1.79 6.24 14.09
CA ASN A 18 -1.47 7.25 13.09
C ASN A 18 -1.44 6.57 11.75
N ILE A 19 -2.39 5.67 11.60
CA ILE A 19 -2.50 4.87 10.43
C ILE A 19 -2.95 5.65 9.22
N VAL A 20 -2.39 5.30 8.09
CA VAL A 20 -2.65 5.94 6.82
C VAL A 20 -3.54 5.04 5.95
N CYS A 21 -3.11 3.81 5.80
CA CYS A 21 -3.83 2.82 5.00
C CYS A 21 -3.51 1.40 5.46
N ARG A 22 -4.32 0.43 5.04
CA ARG A 22 -4.11 -0.96 5.42
C ARG A 22 -4.02 -1.85 4.18
N VAL A 23 -3.08 -2.79 4.20
CA VAL A 23 -2.91 -3.70 3.07
C VAL A 23 -3.41 -5.10 3.41
N ILE A 24 -4.35 -5.58 2.60
CA ILE A 24 -4.95 -6.90 2.81
C ILE A 24 -4.86 -7.75 1.55
N CYS A 25 -4.12 -8.85 1.61
CA CYS A 25 -3.97 -9.74 0.48
C CYS A 25 -5.17 -10.67 0.38
N THR A 26 -5.85 -10.66 -0.77
CA THR A 26 -7.03 -11.49 -0.98
C THR A 26 -6.64 -12.87 -1.53
N THR A 27 -5.52 -12.95 -2.22
CA THR A 27 -5.06 -14.21 -2.79
C THR A 27 -4.37 -15.08 -1.74
N GLY A 28 -4.25 -14.56 -0.52
CA GLY A 28 -3.63 -15.32 0.55
C GLY A 28 -2.17 -15.62 0.28
N GLN A 29 -1.31 -14.61 0.46
CA GLN A 29 0.12 -14.78 0.24
C GLN A 29 0.91 -13.89 1.20
N ILE A 30 0.48 -12.64 1.33
CA ILE A 30 1.15 -11.69 2.20
C ILE A 30 0.31 -11.39 3.45
N PRO A 31 0.94 -11.26 4.63
CA PRO A 31 0.23 -10.99 5.88
C PRO A 31 -0.25 -9.55 5.96
N ILE A 32 -1.40 -9.35 6.59
CA ILE A 32 -1.98 -8.02 6.73
C ILE A 32 -1.05 -7.08 7.50
N ARG A 33 -0.83 -5.89 6.94
CA ARG A 33 0.04 -4.90 7.55
C ARG A 33 -0.69 -3.55 7.61
N ASP A 34 -0.18 -2.64 8.44
CA ASP A 34 -0.80 -1.32 8.57
C ASP A 34 0.15 -0.21 8.12
N LEU A 35 -0.28 0.54 7.12
CA LEU A 35 0.50 1.67 6.60
C LEU A 35 0.16 2.91 7.43
N SER A 36 1.18 3.65 7.85
CA SER A 36 0.93 4.84 8.66
C SER A 36 1.81 6.01 8.30
N ALA A 37 1.29 7.17 8.64
CA ALA A 37 2.00 8.43 8.42
C ALA A 37 1.68 9.43 9.52
N ASP A 38 2.69 10.20 9.93
CA ASP A 38 2.51 11.19 10.98
C ASP A 38 1.83 12.45 10.43
N ILE A 39 0.70 12.79 11.02
CA ILE A 39 -0.09 13.95 10.60
C ILE A 39 0.66 15.27 10.83
N SER A 40 1.35 15.37 11.96
CA SER A 40 2.07 16.59 12.30
C SER A 40 3.06 16.97 11.22
N GLN A 41 3.75 15.97 10.70
CA GLN A 41 4.73 16.19 9.65
C GLN A 41 4.05 16.58 8.34
N VAL A 42 2.91 15.97 8.07
CA VAL A 42 2.15 16.24 6.85
C VAL A 42 1.69 17.70 6.81
N LEU A 43 1.16 18.18 7.93
CA LEU A 43 0.68 19.56 8.02
C LEU A 43 1.84 20.54 8.01
N LYS A 44 2.94 20.17 8.64
CA LYS A 44 4.12 21.03 8.70
C LYS A 44 4.88 21.01 7.38
N GLU A 45 5.01 19.83 6.79
CA GLU A 45 5.72 19.68 5.53
C GLU A 45 4.78 19.90 4.35
N LYS A 46 5.01 20.98 3.61
CA LYS A 46 4.18 21.31 2.45
C LYS A 46 4.96 21.11 1.15
N ARG A 47 5.88 20.15 1.18
CA ARG A 47 6.70 19.86 0.00
C ARG A 47 6.07 18.75 -0.84
N SER A 48 6.79 18.32 -1.87
CA SER A 48 6.31 17.27 -2.76
C SER A 48 6.06 15.98 -1.99
N ILE A 49 4.78 15.59 -1.90
CA ILE A 49 4.37 14.38 -1.20
C ILE A 49 4.93 14.33 0.23
N LYS A 50 4.33 13.49 1.07
CA LYS A 50 4.77 13.36 2.46
C LYS A 50 5.48 12.03 2.69
N LYS A 51 4.71 10.94 2.77
CA LYS A 51 5.28 9.62 3.01
C LYS A 51 4.80 8.62 1.97
N VAL A 52 5.72 7.77 1.50
CA VAL A 52 5.40 6.77 0.51
C VAL A 52 5.95 5.40 0.88
N TRP A 53 5.14 4.38 0.65
CA TRP A 53 5.52 3.00 0.94
C TRP A 53 5.96 2.24 -0.30
N THR A 54 6.99 1.42 -0.16
CA THR A 54 7.46 0.59 -1.26
C THR A 54 7.12 -0.87 -0.98
N PHE A 55 6.42 -1.49 -1.91
CA PHE A 55 6.00 -2.88 -1.78
C PHE A 55 6.71 -3.76 -2.80
N GLY A 56 7.00 -5.01 -2.40
CA GLY A 56 7.67 -5.92 -3.29
C GLY A 56 8.28 -7.12 -2.58
N ARG A 57 9.09 -7.89 -3.29
CA ARG A 57 9.75 -9.06 -2.73
C ARG A 57 11.05 -8.71 -2.01
N ASN A 58 11.30 -7.41 -1.82
CA ASN A 58 12.51 -6.96 -1.16
C ASN A 58 12.28 -6.76 0.34
N PRO A 59 13.20 -7.25 1.19
CA PRO A 59 13.10 -7.09 2.65
C PRO A 59 13.23 -5.63 3.07
N ALA A 60 13.64 -4.79 2.13
CA ALA A 60 13.80 -3.38 2.39
C ALA A 60 12.46 -2.70 2.24
N CYS A 61 11.77 -3.13 1.19
CA CYS A 61 10.48 -2.61 0.88
C CYS A 61 9.63 -2.48 2.13
N ASP A 62 8.92 -1.38 2.22
CA ASP A 62 8.05 -1.15 3.35
C ASP A 62 7.06 -2.29 3.50
N TYR A 63 6.88 -3.07 2.43
CA TYR A 63 5.96 -4.21 2.45
C TYR A 63 6.65 -5.47 1.93
N HIS A 64 6.72 -6.50 2.77
CA HIS A 64 7.34 -7.75 2.39
C HIS A 64 6.28 -8.76 1.93
N LEU A 65 6.25 -9.01 0.62
CA LEU A 65 5.29 -9.95 0.05
C LEU A 65 5.99 -11.19 -0.51
N GLY A 66 5.19 -12.16 -0.96
CA GLY A 66 5.74 -13.38 -1.51
C GLY A 66 6.74 -13.12 -2.64
N ASN A 67 7.75 -13.97 -2.73
CA ASN A 67 8.77 -13.83 -3.76
C ASN A 67 8.30 -14.42 -5.08
N ILE A 68 7.79 -13.56 -5.96
CA ILE A 68 7.30 -13.99 -7.26
C ILE A 68 8.20 -13.49 -8.38
N SER A 69 8.66 -14.41 -9.23
CA SER A 69 9.53 -14.06 -10.34
C SER A 69 8.91 -12.98 -11.22
N ARG A 70 7.58 -12.98 -11.31
CA ARG A 70 6.87 -12.00 -12.10
C ARG A 70 6.86 -10.64 -11.43
N LEU A 71 7.07 -10.62 -10.12
CA LEU A 71 7.09 -9.37 -9.36
C LEU A 71 8.52 -8.90 -9.11
N SER A 72 8.70 -7.59 -8.97
CA SER A 72 10.02 -7.02 -8.73
C SER A 72 10.27 -6.75 -7.25
N ASN A 73 11.54 -6.52 -6.90
CA ASN A 73 11.93 -6.23 -5.52
C ASN A 73 10.94 -5.26 -4.89
N LYS A 74 10.74 -4.14 -5.59
CA LYS A 74 9.79 -3.12 -5.20
C LYS A 74 8.76 -3.02 -6.31
N HIS A 75 7.79 -3.92 -6.25
CA HIS A 75 6.77 -4.00 -7.27
C HIS A 75 5.93 -2.74 -7.38
N PHE A 76 5.52 -2.21 -6.25
CA PHE A 76 4.68 -1.01 -6.27
C PHE A 76 4.96 -0.11 -5.06
N GLN A 77 4.50 1.15 -5.15
CA GLN A 77 4.70 2.12 -4.08
C GLN A 77 3.42 2.91 -3.80
N ILE A 78 3.14 3.18 -2.53
CA ILE A 78 1.96 3.96 -2.18
C ILE A 78 2.37 5.27 -1.52
N LEU A 79 1.79 6.39 -1.95
CA LEU A 79 2.13 7.68 -1.38
C LEU A 79 0.94 8.33 -0.71
N LEU A 80 1.21 9.10 0.35
CA LEU A 80 0.16 9.79 1.09
C LEU A 80 0.46 11.29 1.16
N GLY A 81 -0.47 12.10 0.69
CA GLY A 81 -0.29 13.53 0.70
C GLY A 81 -1.51 14.27 0.18
N GLU A 82 -1.28 15.21 -0.74
CA GLU A 82 -2.37 15.99 -1.32
C GLU A 82 -3.12 16.76 -0.24
N ASP A 83 -4.17 17.48 -0.65
CA ASP A 83 -4.97 18.26 0.28
C ASP A 83 -5.62 17.36 1.33
N GLY A 84 -5.94 16.13 0.93
CA GLY A 84 -6.57 15.20 1.84
C GLY A 84 -7.02 13.93 1.16
N ASN A 85 -6.09 13.29 0.43
CA ASN A 85 -6.39 12.06 -0.28
C ASN A 85 -5.15 11.17 -0.38
N LEU A 86 -5.33 9.96 -0.88
CA LEU A 86 -4.23 9.02 -1.04
C LEU A 86 -3.87 8.85 -2.51
N LEU A 87 -2.62 8.45 -2.76
CA LEU A 87 -2.15 8.25 -4.13
C LEU A 87 -1.39 6.92 -4.23
N LEU A 88 -1.56 6.23 -5.35
CA LEU A 88 -0.90 4.95 -5.57
C LEU A 88 0.14 5.06 -6.67
N ASN A 89 1.36 4.61 -6.40
CA ASN A 89 2.42 4.68 -7.39
C ASN A 89 2.96 3.30 -7.74
N ASP A 90 2.78 2.89 -8.99
CA ASP A 90 3.28 1.60 -9.44
C ASP A 90 4.77 1.69 -9.74
N ILE A 91 5.51 0.64 -9.41
CA ILE A 91 6.95 0.61 -9.63
C ILE A 91 7.46 -0.79 -9.92
N SER A 92 6.69 -1.57 -10.69
CA SER A 92 7.06 -2.92 -10.99
C SER A 92 7.71 -3.04 -12.37
N THR A 93 8.58 -4.02 -12.52
CA THR A 93 9.24 -4.26 -13.78
C THR A 93 8.23 -4.78 -14.80
N ASN A 94 7.22 -5.52 -14.31
CA ASN A 94 6.20 -6.10 -15.17
C ASN A 94 4.91 -5.26 -15.22
N GLY A 95 4.71 -4.39 -14.22
CA GLY A 95 3.52 -3.57 -14.20
C GLY A 95 2.64 -3.80 -12.99
N THR A 96 1.86 -2.78 -12.68
CA THR A 96 0.92 -2.82 -11.55
C THR A 96 -0.51 -2.67 -12.07
N TRP A 97 -1.43 -3.46 -11.52
CA TRP A 97 -2.81 -3.41 -11.98
C TRP A 97 -3.78 -2.92 -10.93
N LEU A 98 -4.83 -2.26 -11.41
CA LEU A 98 -5.89 -1.78 -10.55
C LEU A 98 -7.21 -2.34 -11.07
N ASN A 99 -7.82 -3.21 -10.28
CA ASN A 99 -9.09 -3.83 -10.65
C ASN A 99 -9.08 -4.35 -12.10
N GLY A 100 -7.99 -4.98 -12.50
CA GLY A 100 -7.90 -5.52 -13.84
C GLY A 100 -7.41 -4.52 -14.86
N GLN A 101 -7.28 -3.26 -14.46
CA GLN A 101 -6.82 -2.22 -15.37
C GLN A 101 -5.38 -1.83 -15.06
N LYS A 102 -4.50 -2.05 -16.03
CA LYS A 102 -3.10 -1.73 -15.88
C LYS A 102 -2.86 -0.22 -15.96
N VAL A 103 -2.27 0.33 -14.90
CA VAL A 103 -1.99 1.76 -14.84
C VAL A 103 -0.56 2.06 -15.28
N GLU A 104 -0.29 3.35 -15.54
CA GLU A 104 1.04 3.77 -15.96
C GLU A 104 2.02 3.66 -14.79
N LYS A 105 3.16 3.02 -15.04
CA LYS A 105 4.17 2.86 -13.99
C LYS A 105 4.54 4.22 -13.42
N ASN A 106 5.18 4.20 -12.25
CA ASN A 106 5.59 5.41 -11.55
C ASN A 106 4.61 6.57 -11.77
N SER A 107 3.33 6.22 -11.81
CA SER A 107 2.27 7.20 -12.01
C SER A 107 1.42 7.34 -10.75
N ASN A 108 0.95 8.55 -10.49
CA ASN A 108 0.13 8.82 -9.32
C ASN A 108 -1.36 8.69 -9.66
N GLN A 109 -2.07 7.89 -8.88
CA GLN A 109 -3.50 7.70 -9.10
C GLN A 109 -4.28 7.91 -7.80
N LEU A 110 -5.53 8.34 -7.93
CA LEU A 110 -6.35 8.59 -6.75
C LEU A 110 -6.77 7.27 -6.11
N LEU A 111 -6.34 7.07 -4.87
CA LEU A 111 -6.66 5.84 -4.15
C LEU A 111 -8.16 5.64 -4.04
N SER A 112 -8.55 4.38 -3.82
CA SER A 112 -9.96 4.02 -3.69
C SER A 112 -10.19 3.29 -2.37
N GLN A 113 -11.41 3.37 -1.86
CA GLN A 113 -11.75 2.71 -0.60
C GLN A 113 -11.79 1.20 -0.80
N GLY A 114 -11.02 0.47 0.00
CA GLY A 114 -10.97 -0.96 -0.12
C GLY A 114 -10.51 -1.41 -1.50
N ASP A 115 -9.83 -0.50 -2.21
CA ASP A 115 -9.33 -0.78 -3.54
C ASP A 115 -8.46 -2.04 -3.56
N GLU A 116 -8.07 -2.46 -4.75
CA GLU A 116 -7.23 -3.65 -4.89
C GLU A 116 -6.25 -3.49 -6.04
N ILE A 117 -4.99 -3.88 -5.80
CA ILE A 117 -3.96 -3.79 -6.82
C ILE A 117 -3.50 -5.19 -7.23
N THR A 118 -3.49 -5.45 -8.52
CA THR A 118 -3.09 -6.74 -9.05
C THR A 118 -1.69 -6.66 -9.62
N VAL A 119 -0.87 -7.67 -9.37
CA VAL A 119 0.51 -7.66 -9.85
C VAL A 119 0.95 -9.04 -10.34
N GLY A 120 1.97 -9.06 -11.20
CA GLY A 120 2.48 -10.29 -11.73
C GLY A 120 1.63 -10.80 -12.87
N VAL A 121 1.19 -9.89 -13.72
CA VAL A 121 0.35 -10.23 -14.84
C VAL A 121 1.13 -10.79 -16.01
N GLY A 122 0.53 -11.80 -16.62
CA GLY A 122 1.14 -12.47 -17.74
C GLY A 122 0.58 -13.87 -17.88
N VAL A 123 0.42 -14.52 -16.74
CA VAL A 123 -0.14 -15.85 -16.68
C VAL A 123 -1.31 -15.87 -15.70
N GLU A 124 -2.41 -16.49 -16.10
CA GLU A 124 -3.59 -16.55 -15.26
C GLU A 124 -3.26 -17.03 -13.85
N SER A 125 -2.37 -18.01 -13.75
CA SER A 125 -1.98 -18.56 -12.47
C SER A 125 -0.74 -17.89 -11.87
N ASP A 126 -0.25 -16.83 -12.50
CA ASP A 126 0.94 -16.16 -11.99
C ASP A 126 0.69 -14.72 -11.59
N ILE A 127 -0.56 -14.43 -11.29
CA ILE A 127 -0.97 -13.11 -10.86
C ILE A 127 -1.28 -13.09 -9.37
N LEU A 128 -0.85 -12.01 -8.73
CA LEU A 128 -1.07 -11.83 -7.29
C LEU A 128 -1.88 -10.56 -7.05
N SER A 129 -2.89 -10.64 -6.19
CA SER A 129 -3.72 -9.48 -5.89
C SER A 129 -3.58 -9.00 -4.46
N LEU A 130 -3.77 -7.70 -4.30
CA LEU A 130 -3.68 -7.05 -3.00
C LEU A 130 -4.84 -6.07 -2.82
N VAL A 131 -5.32 -5.94 -1.58
CA VAL A 131 -6.41 -5.03 -1.27
C VAL A 131 -5.96 -3.92 -0.34
N ILE A 132 -6.31 -2.68 -0.67
CA ILE A 132 -5.94 -1.55 0.13
C ILE A 132 -7.15 -1.00 0.90
N PHE A 133 -6.98 -0.83 2.20
CA PHE A 133 -8.05 -0.33 3.06
C PHE A 133 -7.67 1.02 3.67
N ILE A 134 -8.48 2.04 3.39
CA ILE A 134 -8.22 3.37 3.92
C ILE A 134 -8.81 3.53 5.31
N ASN A 135 -8.03 4.10 6.22
CA ASN A 135 -8.47 4.30 7.59
C ASN A 135 -9.37 5.54 7.69
N ASP A 136 -10.54 5.35 8.28
CA ASP A 136 -11.50 6.45 8.44
C ASP A 136 -11.04 7.41 9.53
N LYS A 137 -10.37 6.89 10.55
CA LYS A 137 -9.87 7.70 11.65
C LYS A 137 -8.93 8.78 11.13
N PHE A 138 -8.02 8.38 10.26
CA PHE A 138 -7.05 9.31 9.68
C PHE A 138 -7.76 10.45 8.97
N LYS A 139 -8.79 10.12 8.20
CA LYS A 139 -9.55 11.11 7.45
C LYS A 139 -10.24 12.09 8.40
N GLN A 140 -10.66 11.59 9.56
CA GLN A 140 -11.33 12.42 10.56
C GLN A 140 -10.42 13.56 11.02
N CYS A 141 -9.17 13.24 11.29
CA CYS A 141 -8.20 14.23 11.73
C CYS A 141 -7.87 15.21 10.61
N LEU A 142 -7.67 14.70 9.42
CA LEU A 142 -7.35 15.52 8.26
C LEU A 142 -8.53 16.38 7.84
N GLU A 143 -9.69 15.76 7.68
CA GLU A 143 -10.90 16.47 7.28
C GLU A 143 -11.24 17.58 8.28
N GLN A 144 -10.94 17.33 9.55
CA GLN A 144 -11.21 18.32 10.60
C GLN A 144 -10.17 19.42 10.59
N ASN A 145 -8.95 19.07 10.18
CA ASN A 145 -7.85 20.04 10.13
C ASN A 145 -7.26 20.11 8.72
N LYS A 146 -7.98 20.77 7.82
CA LYS A 146 -7.52 20.90 6.44
C LYS A 146 -6.18 21.62 6.38
N VAL A 147 -5.38 21.30 5.37
CA VAL A 147 -4.07 21.91 5.20
C VAL A 147 -4.14 23.13 4.28
N ASP A 148 -3.54 24.23 4.73
CA ASP A 148 -3.55 25.47 3.95
C ASP A 148 -2.77 26.56 4.67
N ARG A 149 -1.51 26.75 4.27
CA ARG A 149 -0.66 27.76 4.88
C ARG A 149 0.28 28.38 3.84
N ILE A 150 0.74 29.59 4.12
CA ILE A 150 1.63 30.29 3.21
C ILE A 150 3.10 30.01 3.56
N ARG A 151 3.81 29.37 2.63
CA ARG A 151 5.21 29.04 2.83
C ARG A 151 5.38 28.11 4.03
N LYS B 1 26.67 -18.94 -14.69
CA LYS B 1 26.71 -19.32 -13.25
C LYS B 1 25.35 -19.80 -12.76
N LYS B 2 24.76 -20.75 -13.49
CA LYS B 2 23.45 -21.29 -13.13
C LYS B 2 22.36 -20.23 -13.29
N MET B 3 22.32 -19.28 -12.36
CA MET B 3 21.33 -18.21 -12.40
C MET B 3 21.54 -17.32 -13.62
N THR B 4 20.46 -16.72 -14.10
CA THR B 4 20.53 -15.83 -15.25
C THR B 4 19.44 -14.75 -15.19
N PHE B 5 18.22 -15.18 -14.89
CA PHE B 5 17.10 -14.25 -14.79
C PHE B 5 16.61 -14.14 -13.35
N GLN B 6 16.35 -12.91 -12.92
CA GLN B 6 15.87 -12.67 -11.56
C GLN B 6 14.38 -12.36 -11.55
N TPO B 7 13.97 -11.35 -12.31
CA TPO B 7 12.57 -10.97 -12.39
CB TPO B 7 12.35 -9.52 -11.91
CG2 TPO B 7 10.89 -9.12 -12.02
OG1 TPO B 7 12.77 -9.39 -10.58
P TPO B 7 14.16 -8.73 -10.30
O1P TPO B 7 13.83 -7.25 -9.97
O2P TPO B 7 14.70 -9.44 -9.04
O3P TPO B 7 15.10 -8.85 -11.47
C TPO B 7 12.04 -11.12 -13.82
O TPO B 7 11.91 -10.13 -14.54
H2 TPO B 7 14.63 -10.85 -12.83
HA TPO B 7 12.01 -11.63 -11.74
HB TPO B 7 12.94 -8.86 -12.53
HG21 TPO B 7 10.27 -9.94 -11.69
HG22 TPO B 7 10.67 -8.88 -13.05
HG23 TPO B 7 10.71 -8.26 -11.40
N PRO B 8 11.72 -12.36 -14.23
CA PRO B 8 11.21 -12.62 -15.59
C PRO B 8 10.07 -11.68 -15.96
N THR B 9 10.26 -10.97 -17.07
CA THR B 9 9.25 -10.03 -17.55
C THR B 9 8.04 -10.77 -18.13
N ASP B 10 8.29 -11.59 -19.15
CA ASP B 10 7.23 -12.34 -19.80
C ASP B 10 7.81 -13.44 -20.69
N PRO B 11 7.99 -14.66 -20.14
CA PRO B 11 8.53 -15.79 -20.90
C PRO B 11 7.56 -16.29 -21.96
N LEU B 12 8.00 -16.22 -23.23
CA LEU B 12 7.18 -16.66 -24.35
C LEU B 12 5.90 -15.82 -24.44
N GLU B 13 5.43 -15.62 -25.68
CA GLU B 13 4.23 -14.83 -25.91
C GLU B 13 3.15 -15.68 -26.57
N ALA A 1 -16.51 -12.92 30.41
CA ALA A 1 -17.47 -13.66 29.61
C ALA A 1 -16.76 -14.64 28.67
N THR A 2 -17.44 -15.73 28.34
CA THR A 2 -16.87 -16.75 27.45
C THR A 2 -17.43 -16.60 26.04
N GLN A 3 -18.76 -16.71 25.93
CA GLN A 3 -19.42 -16.59 24.63
C GLN A 3 -19.24 -15.19 24.05
N ARG A 4 -19.37 -14.18 24.92
CA ARG A 4 -19.23 -12.80 24.50
C ARG A 4 -17.82 -12.51 23.99
N PHE A 5 -16.83 -13.09 24.66
CA PHE A 5 -15.44 -12.90 24.29
C PHE A 5 -15.18 -13.46 22.89
N LEU A 6 -15.86 -14.55 22.56
CA LEU A 6 -15.69 -15.18 21.26
C LEU A 6 -16.04 -14.22 20.14
N ILE A 7 -17.10 -13.44 20.34
CA ILE A 7 -17.54 -12.47 19.34
C ILE A 7 -16.57 -11.30 19.24
N GLU A 8 -15.98 -10.92 20.37
CA GLU A 8 -15.04 -9.81 20.40
C GLU A 8 -13.88 -10.07 19.43
N LYS A 9 -13.51 -11.34 19.32
CA LYS A 9 -12.42 -11.74 18.43
C LYS A 9 -12.81 -11.53 16.97
N PHE A 10 -14.12 -11.52 16.70
CA PHE A 10 -14.63 -11.33 15.35
C PHE A 10 -14.12 -10.03 14.74
N SER A 11 -14.22 -8.95 15.51
CA SER A 11 -13.77 -7.64 15.05
C SER A 11 -12.25 -7.60 14.94
N GLN A 12 -11.57 -8.43 15.73
CA GLN A 12 -10.11 -8.48 15.71
C GLN A 12 -9.51 -7.15 16.13
N GLU A 13 -8.23 -7.18 16.50
CA GLU A 13 -7.54 -5.96 16.93
C GLU A 13 -7.47 -4.94 15.81
N GLN A 14 -7.95 -3.73 16.08
CA GLN A 14 -7.94 -2.66 15.08
C GLN A 14 -6.95 -1.57 15.48
N ILE A 15 -5.95 -1.35 14.63
CA ILE A 15 -4.94 -0.33 14.89
C ILE A 15 -5.42 1.05 14.49
N GLY A 16 -5.11 2.00 15.33
CA GLY A 16 -5.50 3.38 15.09
C GLY A 16 -4.56 4.38 15.75
N GLU A 17 -3.26 4.22 15.48
CA GLU A 17 -2.26 5.10 16.05
C GLU A 17 -2.02 6.32 15.15
N ASN A 18 -1.94 6.08 13.85
CA ASN A 18 -1.72 7.13 12.88
C ASN A 18 -1.61 6.49 11.51
N ILE A 19 -2.44 5.48 11.33
CA ILE A 19 -2.47 4.70 10.14
C ILE A 19 -3.12 5.44 8.97
N VAL A 20 -2.46 5.35 7.84
CA VAL A 20 -2.89 5.97 6.62
C VAL A 20 -3.77 5.00 5.84
N CYS A 21 -3.18 3.86 5.47
CA CYS A 21 -3.87 2.82 4.74
C CYS A 21 -3.41 1.44 5.20
N ARG A 22 -4.19 0.41 4.89
CA ARG A 22 -3.86 -0.94 5.29
C ARG A 22 -3.93 -1.90 4.10
N VAL A 23 -2.82 -2.60 3.84
CA VAL A 23 -2.76 -3.54 2.74
C VAL A 23 -3.16 -4.95 3.19
N ILE A 24 -4.18 -5.50 2.54
CA ILE A 24 -4.67 -6.83 2.88
C ILE A 24 -4.72 -7.73 1.65
N CYS A 25 -4.04 -8.87 1.73
CA CYS A 25 -4.02 -9.82 0.62
C CYS A 25 -5.12 -10.86 0.78
N THR A 26 -6.22 -10.66 0.06
CA THR A 26 -7.36 -11.56 0.13
C THR A 26 -7.11 -12.84 -0.67
N THR A 27 -6.19 -12.78 -1.62
CA THR A 27 -5.88 -13.94 -2.45
C THR A 27 -4.95 -14.91 -1.72
N GLY A 28 -4.54 -14.53 -0.51
CA GLY A 28 -3.67 -15.39 0.28
C GLY A 28 -2.28 -15.54 -0.33
N GLN A 29 -1.48 -14.48 -0.23
CA GLN A 29 -0.13 -14.51 -0.77
C GLN A 29 0.82 -13.69 0.11
N ILE A 30 0.34 -12.57 0.62
CA ILE A 30 1.14 -11.69 1.48
C ILE A 30 0.42 -11.39 2.78
N PRO A 31 1.15 -11.34 3.92
CA PRO A 31 0.55 -11.06 5.22
C PRO A 31 0.14 -9.60 5.35
N ILE A 32 -1.03 -9.37 5.93
CA ILE A 32 -1.55 -8.02 6.12
C ILE A 32 -0.57 -7.13 6.89
N ARG A 33 -0.52 -5.86 6.50
CA ARG A 33 0.36 -4.90 7.14
C ARG A 33 -0.35 -3.55 7.30
N ASP A 34 0.20 -2.68 8.14
CA ASP A 34 -0.40 -1.37 8.38
C ASP A 34 0.54 -0.24 8.00
N LEU A 35 0.10 0.60 7.06
CA LEU A 35 0.86 1.75 6.62
C LEU A 35 0.41 2.98 7.40
N SER A 36 1.35 3.82 7.84
CA SER A 36 0.97 4.98 8.61
C SER A 36 1.84 6.20 8.37
N ALA A 37 1.24 7.34 8.69
CA ALA A 37 1.92 8.62 8.56
C ALA A 37 1.52 9.54 9.71
N ASP A 38 2.48 10.32 10.21
CA ASP A 38 2.23 11.23 11.32
C ASP A 38 1.51 12.50 10.84
N ILE A 39 0.49 12.89 11.60
CA ILE A 39 -0.30 14.07 11.29
C ILE A 39 0.53 15.34 11.38
N SER A 40 1.32 15.47 12.44
CA SER A 40 2.14 16.64 12.66
C SER A 40 3.12 16.82 11.50
N GLN A 41 3.65 15.71 11.02
CA GLN A 41 4.59 15.71 9.92
C GLN A 41 3.90 16.12 8.63
N VAL A 42 2.65 15.69 8.47
CA VAL A 42 1.87 16.01 7.29
C VAL A 42 1.53 17.50 7.25
N LEU A 43 1.00 18.01 8.35
CA LEU A 43 0.63 19.41 8.44
C LEU A 43 1.87 20.31 8.43
N LYS A 44 2.96 19.79 8.97
CA LYS A 44 4.22 20.54 9.02
C LYS A 44 4.86 20.61 7.64
N GLU A 45 4.72 19.53 6.87
CA GLU A 45 5.29 19.47 5.53
C GLU A 45 4.40 20.20 4.53
N LYS A 46 4.93 21.28 3.95
CA LYS A 46 4.19 22.07 2.97
C LYS A 46 4.59 21.69 1.55
N ARG A 47 4.96 20.43 1.36
CA ARG A 47 5.36 19.95 0.05
C ARG A 47 4.23 19.17 -0.61
N SER A 48 4.50 18.65 -1.81
CA SER A 48 3.51 17.88 -2.56
C SER A 48 3.43 16.46 -2.04
N ILE A 49 4.55 15.94 -1.55
CA ILE A 49 4.61 14.58 -1.02
C ILE A 49 4.86 14.58 0.48
N LYS A 50 4.29 13.59 1.16
CA LYS A 50 4.44 13.48 2.61
C LYS A 50 5.20 12.20 2.98
N LYS A 51 4.59 11.06 2.69
CA LYS A 51 5.21 9.77 2.99
C LYS A 51 4.75 8.71 1.98
N VAL A 52 5.71 8.03 1.36
CA VAL A 52 5.41 7.01 0.37
C VAL A 52 5.96 5.65 0.78
N TRP A 53 5.16 4.61 0.56
CA TRP A 53 5.55 3.24 0.88
C TRP A 53 6.00 2.46 -0.34
N THR A 54 7.05 1.66 -0.19
CA THR A 54 7.54 0.82 -1.27
C THR A 54 7.21 -0.63 -0.95
N PHE A 55 6.61 -1.32 -1.90
CA PHE A 55 6.18 -2.71 -1.72
C PHE A 55 6.85 -3.62 -2.74
N GLY A 56 7.15 -4.85 -2.30
CA GLY A 56 7.77 -5.82 -3.18
C GLY A 56 8.44 -6.95 -2.43
N ARG A 57 9.21 -7.76 -3.15
CA ARG A 57 9.92 -8.89 -2.54
C ARG A 57 11.23 -8.46 -1.88
N ASN A 58 11.49 -7.15 -1.85
CA ASN A 58 12.71 -6.64 -1.25
C ASN A 58 12.53 -6.46 0.26
N PRO A 59 13.49 -6.94 1.07
CA PRO A 59 13.44 -6.82 2.53
C PRO A 59 13.52 -5.36 2.97
N ALA A 60 13.90 -4.49 2.05
CA ALA A 60 13.99 -3.07 2.32
C ALA A 60 12.63 -2.46 2.18
N CYS A 61 11.97 -2.87 1.11
CA CYS A 61 10.65 -2.42 0.79
C CYS A 61 9.78 -2.41 2.03
N ASP A 62 9.00 -1.36 2.17
CA ASP A 62 8.09 -1.24 3.29
C ASP A 62 7.16 -2.46 3.33
N TYR A 63 7.06 -3.16 2.20
CA TYR A 63 6.21 -4.35 2.11
C TYR A 63 7.00 -5.52 1.52
N HIS A 64 7.03 -6.63 2.25
CA HIS A 64 7.74 -7.82 1.79
C HIS A 64 6.78 -8.82 1.17
N LEU A 65 6.83 -8.95 -0.15
CA LEU A 65 5.96 -9.87 -0.87
C LEU A 65 6.38 -11.33 -0.63
N GLY A 66 5.74 -12.24 -1.36
CA GLY A 66 6.07 -13.65 -1.21
C GLY A 66 7.15 -14.11 -2.17
N ASN A 67 8.14 -13.26 -2.38
CA ASN A 67 9.26 -13.57 -3.28
C ASN A 67 8.80 -14.27 -4.55
N ILE A 68 8.01 -13.57 -5.36
CA ILE A 68 7.51 -14.11 -6.61
C ILE A 68 8.42 -13.73 -7.77
N SER A 69 8.74 -14.70 -8.61
CA SER A 69 9.62 -14.47 -9.76
C SER A 69 9.09 -13.33 -10.63
N ARG A 70 7.79 -13.36 -10.90
CA ARG A 70 7.15 -12.33 -11.74
C ARG A 70 7.24 -10.96 -11.10
N LEU A 71 6.94 -10.87 -9.81
CA LEU A 71 6.99 -9.60 -9.10
C LEU A 71 8.43 -9.13 -8.87
N SER A 72 8.61 -7.82 -8.78
CA SER A 72 9.95 -7.26 -8.58
C SER A 72 10.23 -6.94 -7.11
N ASN A 73 11.51 -6.75 -6.78
CA ASN A 73 11.93 -6.42 -5.41
C ASN A 73 10.98 -5.40 -4.81
N LYS A 74 10.80 -4.32 -5.57
CA LYS A 74 9.90 -3.24 -5.20
C LYS A 74 8.87 -3.14 -6.31
N HIS A 75 7.86 -4.00 -6.21
CA HIS A 75 6.81 -4.10 -7.22
C HIS A 75 5.97 -2.85 -7.33
N PHE A 76 5.56 -2.31 -6.20
CA PHE A 76 4.70 -1.11 -6.21
C PHE A 76 4.90 -0.24 -4.98
N GLN A 77 4.45 1.02 -5.06
CA GLN A 77 4.58 1.96 -3.96
C GLN A 77 3.28 2.73 -3.73
N ILE A 78 3.12 3.26 -2.52
CA ILE A 78 1.95 4.07 -2.20
C ILE A 78 2.37 5.43 -1.66
N LEU A 79 1.79 6.51 -2.20
CA LEU A 79 2.13 7.85 -1.75
C LEU A 79 0.96 8.54 -1.06
N LEU A 80 1.28 9.35 -0.06
CA LEU A 80 0.28 10.08 0.70
C LEU A 80 0.61 11.58 0.69
N GLY A 81 -0.37 12.39 0.28
CA GLY A 81 -0.16 13.82 0.23
C GLY A 81 -1.07 14.59 1.18
N GLU A 82 -0.94 15.91 1.17
CA GLU A 82 -1.75 16.75 2.04
C GLU A 82 -3.24 16.55 1.77
N ASP A 83 -4.07 17.45 2.28
CA ASP A 83 -5.51 17.39 2.09
C ASP A 83 -6.10 16.21 2.88
N GLY A 84 -5.71 15.00 2.51
CA GLY A 84 -6.21 13.82 3.20
C GLY A 84 -6.38 12.62 2.28
N ASN A 85 -6.39 12.88 0.97
CA ASN A 85 -6.54 11.82 -0.01
C ASN A 85 -5.29 10.94 -0.06
N LEU A 86 -5.37 9.87 -0.83
CA LEU A 86 -4.25 8.94 -0.96
C LEU A 86 -3.84 8.76 -2.42
N LEU A 87 -2.59 8.38 -2.64
CA LEU A 87 -2.09 8.17 -3.99
C LEU A 87 -1.31 6.86 -4.06
N LEU A 88 -1.47 6.14 -5.17
CA LEU A 88 -0.78 4.87 -5.34
C LEU A 88 0.23 4.98 -6.48
N ASN A 89 1.47 4.57 -6.22
CA ASN A 89 2.50 4.63 -7.24
C ASN A 89 3.00 3.25 -7.61
N ASP A 90 2.77 2.87 -8.86
CA ASP A 90 3.22 1.57 -9.34
C ASP A 90 4.71 1.62 -9.68
N ILE A 91 5.44 0.53 -9.41
CA ILE A 91 6.87 0.50 -9.67
C ILE A 91 7.37 -0.92 -9.97
N SER A 92 6.58 -1.71 -10.69
CA SER A 92 6.95 -3.06 -11.00
C SER A 92 7.56 -3.17 -12.39
N THR A 93 8.31 -4.24 -12.61
CA THR A 93 8.93 -4.48 -13.90
C THR A 93 7.88 -4.83 -14.94
N ASN A 94 6.83 -5.54 -14.51
CA ASN A 94 5.76 -5.95 -15.41
C ASN A 94 4.55 -5.02 -15.34
N GLY A 95 4.42 -4.26 -14.25
CA GLY A 95 3.31 -3.36 -14.12
C GLY A 95 2.44 -3.65 -12.91
N THR A 96 1.65 -2.65 -12.54
CA THR A 96 0.73 -2.73 -11.41
C THR A 96 -0.71 -2.57 -11.89
N TRP A 97 -1.62 -3.38 -11.37
CA TRP A 97 -3.00 -3.33 -11.81
C TRP A 97 -3.96 -2.84 -10.75
N LEU A 98 -5.01 -2.18 -11.20
CA LEU A 98 -6.06 -1.69 -10.34
C LEU A 98 -7.39 -2.26 -10.84
N ASN A 99 -8.00 -3.12 -10.04
CA ASN A 99 -9.27 -3.74 -10.41
C ASN A 99 -9.29 -4.22 -11.87
N GLY A 100 -8.20 -4.84 -12.32
CA GLY A 100 -8.13 -5.33 -13.66
C GLY A 100 -7.66 -4.31 -14.67
N GLN A 101 -7.47 -3.07 -14.22
CA GLN A 101 -7.01 -2.03 -15.11
C GLN A 101 -5.55 -1.68 -14.83
N LYS A 102 -4.71 -1.88 -15.84
CA LYS A 102 -3.30 -1.60 -15.73
C LYS A 102 -3.02 -0.10 -15.78
N VAL A 103 -2.40 0.41 -14.72
CA VAL A 103 -2.07 1.83 -14.64
C VAL A 103 -0.65 2.10 -15.10
N GLU A 104 -0.34 3.36 -15.39
CA GLU A 104 0.99 3.75 -15.83
C GLU A 104 1.99 3.64 -14.69
N LYS A 105 3.08 2.93 -14.92
CA LYS A 105 4.10 2.76 -13.90
C LYS A 105 4.54 4.11 -13.34
N ASN A 106 5.15 4.08 -12.17
CA ASN A 106 5.63 5.29 -11.50
C ASN A 106 4.70 6.48 -11.71
N SER A 107 3.40 6.19 -11.79
CA SER A 107 2.39 7.21 -11.98
C SER A 107 1.52 7.35 -10.73
N ASN A 108 1.09 8.58 -10.45
CA ASN A 108 0.26 8.84 -9.28
C ASN A 108 -1.22 8.68 -9.62
N GLN A 109 -1.93 7.89 -8.83
CA GLN A 109 -3.35 7.67 -9.05
C GLN A 109 -4.14 7.89 -7.75
N LEU A 110 -5.38 8.33 -7.89
CA LEU A 110 -6.22 8.58 -6.73
C LEU A 110 -6.67 7.26 -6.11
N LEU A 111 -6.43 7.10 -4.83
CA LEU A 111 -6.80 5.88 -4.13
C LEU A 111 -8.30 5.69 -4.09
N SER A 112 -8.72 4.45 -3.90
CA SER A 112 -10.13 4.09 -3.84
C SER A 112 -10.44 3.37 -2.53
N GLN A 113 -11.68 3.46 -2.08
CA GLN A 113 -12.08 2.83 -0.82
C GLN A 113 -12.12 1.31 -1.00
N GLY A 114 -11.36 0.61 -0.17
CA GLY A 114 -11.30 -0.82 -0.24
C GLY A 114 -10.82 -1.31 -1.60
N ASP A 115 -10.13 -0.43 -2.32
CA ASP A 115 -9.60 -0.76 -3.64
C ASP A 115 -8.70 -1.99 -3.57
N GLU A 116 -8.26 -2.45 -4.74
CA GLU A 116 -7.40 -3.62 -4.82
C GLU A 116 -6.40 -3.48 -5.95
N ILE A 117 -5.14 -3.83 -5.66
CA ILE A 117 -4.09 -3.76 -6.66
C ILE A 117 -3.65 -5.16 -7.09
N THR A 118 -3.64 -5.40 -8.39
CA THR A 118 -3.26 -6.70 -8.92
C THR A 118 -1.85 -6.62 -9.52
N VAL A 119 -1.05 -7.64 -9.26
CA VAL A 119 0.31 -7.65 -9.77
C VAL A 119 0.75 -9.04 -10.26
N GLY A 120 1.76 -9.07 -11.11
CA GLY A 120 2.26 -10.31 -11.64
C GLY A 120 1.48 -10.77 -12.86
N VAL A 121 0.85 -9.82 -13.54
CA VAL A 121 0.05 -10.12 -14.70
C VAL A 121 0.89 -10.68 -15.85
N GLY A 122 0.31 -11.66 -16.52
CA GLY A 122 0.97 -12.32 -17.63
C GLY A 122 0.55 -13.76 -17.71
N VAL A 123 0.48 -14.39 -16.54
CA VAL A 123 0.05 -15.76 -16.42
C VAL A 123 -1.09 -15.85 -15.41
N GLU A 124 -2.16 -16.53 -15.79
CA GLU A 124 -3.32 -16.67 -14.91
C GLU A 124 -2.91 -17.14 -13.51
N SER A 125 -1.86 -17.95 -13.45
CA SER A 125 -1.37 -18.47 -12.19
C SER A 125 -0.25 -17.63 -11.59
N ASP A 126 0.06 -16.47 -12.20
CA ASP A 126 1.13 -15.63 -11.67
C ASP A 126 0.66 -14.24 -11.29
N ILE A 127 -0.62 -14.13 -11.07
CA ILE A 127 -1.23 -12.88 -10.68
C ILE A 127 -1.55 -12.87 -9.18
N LEU A 128 -1.29 -11.74 -8.56
CA LEU A 128 -1.54 -11.56 -7.13
C LEU A 128 -2.45 -10.36 -6.91
N SER A 129 -3.46 -10.52 -6.05
CA SER A 129 -4.39 -9.45 -5.77
C SER A 129 -4.27 -8.94 -4.33
N LEU A 130 -4.11 -7.64 -4.19
CA LEU A 130 -3.97 -7.01 -2.89
C LEU A 130 -5.07 -5.97 -2.67
N VAL A 131 -5.63 -5.91 -1.47
CA VAL A 131 -6.69 -4.96 -1.16
C VAL A 131 -6.19 -3.87 -0.20
N ILE A 132 -6.60 -2.64 -0.45
CA ILE A 132 -6.21 -1.52 0.36
C ILE A 132 -7.35 -1.05 1.26
N PHE A 133 -7.06 -0.88 2.54
CA PHE A 133 -8.04 -0.42 3.51
C PHE A 133 -7.68 0.96 4.04
N ILE A 134 -8.51 1.95 3.71
CA ILE A 134 -8.26 3.32 4.15
C ILE A 134 -8.80 3.57 5.55
N ASN A 135 -7.98 4.18 6.39
CA ASN A 135 -8.39 4.48 7.76
C ASN A 135 -9.32 5.69 7.80
N ASP A 136 -10.58 5.44 8.13
CA ASP A 136 -11.56 6.51 8.20
C ASP A 136 -11.18 7.56 9.25
N LYS A 137 -10.63 7.09 10.37
CA LYS A 137 -10.23 7.98 11.45
C LYS A 137 -9.14 8.94 10.97
N PHE A 138 -8.15 8.39 10.26
CA PHE A 138 -7.05 9.19 9.75
C PHE A 138 -7.56 10.26 8.77
N LYS A 139 -8.46 9.85 7.89
CA LYS A 139 -9.02 10.75 6.90
C LYS A 139 -9.84 11.86 7.57
N GLN A 140 -10.50 11.51 8.66
CA GLN A 140 -11.31 12.47 9.40
C GLN A 140 -10.49 13.67 9.86
N CYS A 141 -9.32 13.39 10.41
CA CYS A 141 -8.42 14.44 10.89
C CYS A 141 -7.87 15.26 9.73
N LEU A 142 -7.41 14.57 8.69
CA LEU A 142 -6.86 15.23 7.51
C LEU A 142 -7.93 16.01 6.76
N GLU A 143 -9.13 15.43 6.69
CA GLU A 143 -10.24 16.07 6.00
C GLU A 143 -10.56 17.43 6.62
N GLN A 144 -10.58 17.48 7.95
CA GLN A 144 -10.88 18.71 8.66
C GLN A 144 -9.62 19.56 8.84
N ASN A 145 -8.49 18.89 9.04
CA ASN A 145 -7.20 19.57 9.22
C ASN A 145 -7.34 20.79 10.13
N LYS A 146 -7.27 20.54 11.44
CA LYS A 146 -7.39 21.62 12.42
C LYS A 146 -6.01 22.08 12.89
N VAL A 147 -5.92 23.34 13.27
CA VAL A 147 -4.66 23.91 13.74
C VAL A 147 -4.43 23.59 15.20
N ASP A 148 -3.37 22.85 15.48
CA ASP A 148 -3.03 22.47 16.85
C ASP A 148 -1.60 22.88 17.20
N ARG A 149 -1.15 23.99 16.61
CA ARG A 149 0.20 24.49 16.85
C ARG A 149 1.24 23.47 16.44
N ILE A 150 2.49 23.72 16.81
CA ILE A 150 3.59 22.81 16.47
C ILE A 150 3.83 21.81 17.59
N ARG A 151 3.63 20.54 17.30
CA ARG A 151 3.83 19.48 18.27
C ARG A 151 3.95 18.11 17.59
N LYS B 1 18.44 -29.28 -14.52
CA LYS B 1 17.85 -28.06 -13.91
C LYS B 1 18.93 -27.18 -13.30
N LYS B 2 19.30 -26.12 -14.02
CA LYS B 2 20.32 -25.19 -13.54
C LYS B 2 20.23 -23.86 -14.27
N MET B 3 20.61 -22.79 -13.59
CA MET B 3 20.57 -21.45 -14.17
C MET B 3 19.15 -21.08 -14.58
N THR B 4 18.56 -20.13 -13.86
CA THR B 4 17.20 -19.68 -14.14
C THR B 4 17.16 -18.17 -14.29
N PHE B 5 16.40 -17.71 -15.28
CA PHE B 5 16.25 -16.27 -15.54
C PHE B 5 15.71 -15.55 -14.30
N GLN B 6 15.56 -14.23 -14.42
CA GLN B 6 15.05 -13.43 -13.32
C GLN B 6 13.99 -12.45 -13.80
N TPO B 7 12.82 -12.48 -13.15
CA TPO B 7 11.73 -11.59 -13.53
CB TPO B 7 12.11 -10.11 -13.34
CG2 TPO B 7 10.97 -9.19 -13.76
OG1 TPO B 7 12.44 -9.87 -12.00
P TPO B 7 13.52 -8.79 -11.70
O1P TPO B 7 12.71 -7.46 -11.58
O2P TPO B 7 14.09 -9.17 -10.31
O3P TPO B 7 14.58 -8.71 -12.75
C TPO B 7 11.30 -11.83 -14.98
O TPO B 7 11.64 -11.06 -15.87
H2 TPO B 7 12.71 -13.11 -12.41
HA TPO B 7 10.89 -11.81 -12.88
HB TPO B 7 12.96 -9.89 -13.96
HG21 TPO B 7 10.08 -9.78 -13.93
HG22 TPO B 7 11.24 -8.67 -14.67
HG23 TPO B 7 10.79 -8.47 -12.98
N PRO B 8 10.53 -12.92 -15.22
CA PRO B 8 10.05 -13.26 -16.57
C PRO B 8 9.19 -12.16 -17.16
N THR B 9 9.80 -11.31 -18.00
CA THR B 9 9.08 -10.23 -18.64
C THR B 9 8.03 -10.75 -19.60
N ASP B 10 7.24 -9.85 -20.18
CA ASP B 10 6.19 -10.23 -21.12
C ASP B 10 6.55 -9.78 -22.54
N PRO B 11 7.30 -10.60 -23.28
CA PRO B 11 7.70 -10.28 -24.65
C PRO B 11 6.54 -10.34 -25.63
N LEU B 12 6.42 -9.30 -26.46
CA LEU B 12 5.34 -9.23 -27.44
C LEU B 12 5.50 -10.32 -28.50
N GLU B 13 4.55 -10.38 -29.42
CA GLU B 13 4.56 -11.37 -30.49
C GLU B 13 3.69 -10.93 -31.66
N ALA A 1 -20.79 -7.07 28.55
CA ALA A 1 -20.47 -8.41 28.06
C ALA A 1 -19.30 -9.01 28.82
N THR A 2 -18.95 -10.26 28.51
CA THR A 2 -17.85 -10.94 29.16
C THR A 2 -17.28 -12.02 28.27
N GLN A 3 -18.15 -12.89 27.76
CA GLN A 3 -17.74 -13.98 26.88
C GLN A 3 -17.32 -13.45 25.52
N ARG A 4 -18.15 -12.58 24.94
CA ARG A 4 -17.87 -12.01 23.64
C ARG A 4 -16.57 -11.20 23.66
N PHE A 5 -16.31 -10.53 24.78
CA PHE A 5 -15.11 -9.73 24.94
C PHE A 5 -13.86 -10.58 24.71
N LEU A 6 -13.85 -11.76 25.31
CA LEU A 6 -12.71 -12.67 25.16
C LEU A 6 -12.49 -13.04 23.70
N ILE A 7 -13.58 -13.09 22.93
CA ILE A 7 -13.50 -13.42 21.51
C ILE A 7 -12.92 -12.26 20.72
N GLU A 8 -13.26 -11.04 21.12
CA GLU A 8 -12.77 -9.84 20.46
C GLU A 8 -11.25 -9.80 20.44
N LYS A 9 -10.64 -10.29 21.53
CA LYS A 9 -9.19 -10.32 21.65
C LYS A 9 -8.57 -11.29 20.65
N PHE A 10 -9.29 -12.36 20.33
CA PHE A 10 -8.81 -13.36 19.39
C PHE A 10 -8.46 -12.74 18.05
N SER A 11 -9.37 -11.93 17.55
CA SER A 11 -9.19 -11.24 16.28
C SER A 11 -8.32 -10.00 16.44
N GLN A 12 -8.34 -9.42 17.64
CA GLN A 12 -7.55 -8.23 17.92
C GLN A 12 -8.02 -7.05 17.07
N GLU A 13 -8.43 -5.97 17.73
CA GLU A 13 -8.91 -4.78 17.04
C GLU A 13 -7.78 -4.10 16.29
N GLN A 14 -8.13 -3.29 15.29
CA GLN A 14 -7.14 -2.58 14.49
C GLN A 14 -6.64 -1.35 15.23
N ILE A 15 -5.33 -1.15 15.21
CA ILE A 15 -4.69 -0.06 15.86
C ILE A 15 -4.78 1.19 14.99
N GLY A 16 -5.10 2.31 15.64
CA GLY A 16 -5.22 3.58 14.94
C GLY A 16 -4.33 4.65 15.53
N GLU A 17 -3.01 4.46 15.40
CA GLU A 17 -2.06 5.43 15.93
C GLU A 17 -1.88 6.60 14.98
N ASN A 18 -1.87 6.32 13.69
CA ASN A 18 -1.71 7.35 12.67
C ASN A 18 -1.65 6.66 11.32
N ILE A 19 -2.50 5.66 11.21
CA ILE A 19 -2.58 4.83 10.04
C ILE A 19 -3.21 5.56 8.87
N VAL A 20 -2.60 5.39 7.71
CA VAL A 20 -3.04 6.00 6.49
C VAL A 20 -3.94 5.05 5.73
N CYS A 21 -3.38 3.90 5.38
CA CYS A 21 -4.10 2.86 4.65
C CYS A 21 -3.65 1.48 5.10
N ARG A 22 -4.42 0.46 4.76
CA ARG A 22 -4.10 -0.91 5.14
C ARG A 22 -4.09 -1.84 3.92
N VAL A 23 -2.99 -2.56 3.74
CA VAL A 23 -2.86 -3.48 2.61
C VAL A 23 -3.28 -4.89 3.01
N ILE A 24 -4.26 -5.43 2.28
CA ILE A 24 -4.77 -6.76 2.56
C ILE A 24 -4.75 -7.65 1.32
N CYS A 25 -4.05 -8.78 1.41
CA CYS A 25 -3.96 -9.71 0.28
C CYS A 25 -5.10 -10.72 0.35
N THR A 26 -6.08 -10.57 -0.54
CA THR A 26 -7.23 -11.46 -0.57
C THR A 26 -6.90 -12.80 -1.23
N THR A 27 -5.83 -12.84 -2.02
CA THR A 27 -5.43 -14.07 -2.70
C THR A 27 -4.67 -15.01 -1.76
N GLY A 28 -4.45 -14.55 -0.53
CA GLY A 28 -3.76 -15.38 0.45
C GLY A 28 -2.31 -15.65 0.05
N GLN A 29 -1.47 -14.63 0.19
CA GLN A 29 -0.05 -14.77 -0.15
C GLN A 29 0.81 -13.90 0.77
N ILE A 30 0.37 -12.65 0.96
CA ILE A 30 1.09 -11.71 1.82
C ILE A 30 0.29 -11.39 3.08
N PRO A 31 0.97 -11.29 4.24
CA PRO A 31 0.30 -10.99 5.50
C PRO A 31 -0.13 -9.52 5.60
N ILE A 32 -1.37 -9.31 6.01
CA ILE A 32 -1.91 -7.95 6.14
C ILE A 32 -1.02 -7.07 7.00
N ARG A 33 -0.80 -5.84 6.53
CA ARG A 33 0.03 -4.88 7.25
C ARG A 33 -0.69 -3.54 7.38
N ASP A 34 -0.19 -2.69 8.26
CA ASP A 34 -0.80 -1.38 8.49
C ASP A 34 0.14 -0.26 8.07
N LEU A 35 -0.30 0.55 7.11
CA LEU A 35 0.48 1.67 6.63
C LEU A 35 0.09 2.94 7.37
N SER A 36 1.07 3.74 7.76
CA SER A 36 0.78 4.97 8.49
C SER A 36 1.72 6.11 8.16
N ALA A 37 1.22 7.29 8.42
CA ALA A 37 1.99 8.51 8.18
C ALA A 37 1.95 9.43 9.39
N ASP A 38 3.02 10.21 9.57
CA ASP A 38 3.10 11.13 10.69
C ASP A 38 2.59 12.52 10.30
N ILE A 39 1.34 12.79 10.62
CA ILE A 39 0.71 14.06 10.29
C ILE A 39 1.38 15.23 11.02
N SER A 40 1.63 15.04 12.30
CA SER A 40 2.24 16.08 13.11
C SER A 40 3.63 16.44 12.58
N GLN A 41 4.36 15.40 12.21
CA GLN A 41 5.71 15.57 11.67
C GLN A 41 5.67 16.25 10.31
N VAL A 42 4.72 15.85 9.48
CA VAL A 42 4.56 16.41 8.14
C VAL A 42 4.06 17.84 8.21
N LEU A 43 3.15 18.10 9.15
CA LEU A 43 2.58 19.44 9.32
C LEU A 43 3.68 20.45 9.62
N LYS A 44 4.71 20.01 10.34
CA LYS A 44 5.83 20.88 10.68
C LYS A 44 6.64 21.27 9.45
N GLU A 45 7.02 20.27 8.67
CA GLU A 45 7.80 20.51 7.45
C GLU A 45 6.95 21.21 6.40
N LYS A 46 7.55 22.20 5.74
CA LYS A 46 6.85 22.96 4.71
C LYS A 46 6.69 22.13 3.43
N ARG A 47 7.31 20.95 3.38
CA ARG A 47 7.23 20.09 2.21
C ARG A 47 5.78 19.85 1.80
N SER A 48 5.59 19.30 0.61
CA SER A 48 4.26 19.03 0.10
C SER A 48 4.02 17.53 -0.08
N ILE A 49 4.50 16.75 0.88
CA ILE A 49 4.35 15.29 0.84
C ILE A 49 4.40 14.70 2.24
N LYS A 50 3.52 13.73 2.49
CA LYS A 50 3.47 13.08 3.79
C LYS A 50 4.48 11.94 3.87
N LYS A 51 4.11 10.77 3.32
CA LYS A 51 5.00 9.62 3.34
C LYS A 51 4.67 8.67 2.20
N VAL A 52 5.65 7.86 1.80
CA VAL A 52 5.46 6.92 0.71
C VAL A 52 5.92 5.50 1.08
N TRP A 53 5.13 4.52 0.67
CA TRP A 53 5.42 3.11 0.92
C TRP A 53 5.91 2.39 -0.32
N THR A 54 6.90 1.52 -0.16
CA THR A 54 7.41 0.73 -1.26
C THR A 54 7.12 -0.74 -0.99
N PHE A 55 6.47 -1.39 -1.94
CA PHE A 55 6.10 -2.80 -1.81
C PHE A 55 6.79 -3.63 -2.88
N GLY A 56 7.15 -4.87 -2.51
CA GLY A 56 7.79 -5.74 -3.47
C GLY A 56 8.44 -6.95 -2.83
N ARG A 57 9.22 -7.69 -3.62
CA ARG A 57 9.90 -8.89 -3.13
C ARG A 57 11.15 -8.54 -2.32
N ASN A 58 11.45 -7.26 -2.19
CA ASN A 58 12.62 -6.82 -1.44
C ASN A 58 12.32 -6.72 0.04
N PRO A 59 13.18 -7.29 0.90
CA PRO A 59 13.01 -7.24 2.36
C PRO A 59 13.17 -5.82 2.90
N ALA A 60 13.65 -4.92 2.05
CA ALA A 60 13.84 -3.54 2.42
C ALA A 60 12.54 -2.82 2.27
N CYS A 61 11.88 -3.11 1.16
CA CYS A 61 10.61 -2.53 0.84
C CYS A 61 9.75 -2.41 2.07
N ASP A 62 9.04 -1.32 2.16
CA ASP A 62 8.15 -1.10 3.29
C ASP A 62 7.17 -2.26 3.42
N TYR A 63 7.00 -3.02 2.34
CA TYR A 63 6.10 -4.17 2.35
C TYR A 63 6.79 -5.42 1.81
N HIS A 64 6.68 -6.52 2.55
CA HIS A 64 7.30 -7.78 2.14
C HIS A 64 6.25 -8.72 1.57
N LEU A 65 6.26 -8.92 0.25
CA LEU A 65 5.30 -9.79 -0.40
C LEU A 65 5.63 -11.26 -0.14
N GLY A 66 6.72 -11.73 -0.75
CA GLY A 66 7.11 -13.13 -0.56
C GLY A 66 8.28 -13.51 -1.43
N ASN A 67 8.03 -14.33 -2.45
CA ASN A 67 9.08 -14.79 -3.35
C ASN A 67 8.52 -15.14 -4.73
N ILE A 68 7.96 -14.15 -5.41
CA ILE A 68 7.39 -14.35 -6.74
C ILE A 68 8.21 -13.64 -7.80
N SER A 69 8.82 -14.41 -8.71
CA SER A 69 9.63 -13.85 -9.77
C SER A 69 8.85 -12.81 -10.57
N ARG A 70 7.56 -13.06 -10.74
CA ARG A 70 6.70 -12.15 -11.49
C ARG A 70 6.65 -10.76 -10.85
N LEU A 71 7.04 -10.69 -9.57
CA LEU A 71 7.04 -9.42 -8.86
C LEU A 71 8.46 -8.89 -8.69
N SER A 72 8.60 -7.57 -8.71
CA SER A 72 9.92 -6.95 -8.58
C SER A 72 10.24 -6.60 -7.12
N ASN A 73 11.52 -6.41 -6.82
CA ASN A 73 11.97 -6.05 -5.46
C ASN A 73 11.01 -5.03 -4.87
N LYS A 74 10.78 -3.99 -5.64
CA LYS A 74 9.85 -2.92 -5.28
C LYS A 74 8.80 -2.86 -6.37
N HIS A 75 7.82 -3.73 -6.24
CA HIS A 75 6.76 -3.87 -7.21
C HIS A 75 5.90 -2.61 -7.34
N PHE A 76 5.52 -2.05 -6.21
CA PHE A 76 4.69 -0.84 -6.24
C PHE A 76 5.00 0.10 -5.07
N GLN A 77 4.58 1.35 -5.23
CA GLN A 77 4.82 2.37 -4.20
C GLN A 77 3.57 3.20 -3.94
N ILE A 78 3.28 3.48 -2.68
CA ILE A 78 2.13 4.30 -2.33
C ILE A 78 2.59 5.61 -1.68
N LEU A 79 2.05 6.74 -2.13
CA LEU A 79 2.43 8.03 -1.58
C LEU A 79 1.24 8.78 -1.00
N LEU A 80 1.49 9.53 0.07
CA LEU A 80 0.45 10.31 0.73
C LEU A 80 0.89 11.77 0.83
N GLY A 81 -0.04 12.68 0.56
CA GLY A 81 0.26 14.10 0.62
C GLY A 81 -0.86 14.91 1.25
N GLU A 82 -1.01 16.15 0.78
CA GLU A 82 -2.06 17.03 1.30
C GLU A 82 -3.44 16.49 0.97
N ASP A 83 -4.47 17.18 1.43
CA ASP A 83 -5.85 16.76 1.18
C ASP A 83 -6.11 15.39 1.78
N GLY A 84 -7.39 15.10 2.04
CA GLY A 84 -7.75 13.81 2.61
C GLY A 84 -7.89 12.73 1.55
N ASN A 85 -6.80 12.47 0.83
CA ASN A 85 -6.81 11.45 -0.21
C ASN A 85 -5.49 10.70 -0.24
N LEU A 86 -5.44 9.64 -1.03
CA LEU A 86 -4.23 8.82 -1.15
C LEU A 86 -3.84 8.64 -2.62
N LEU A 87 -2.57 8.32 -2.86
CA LEU A 87 -2.08 8.12 -4.22
C LEU A 87 -1.34 6.79 -4.32
N LEU A 88 -1.57 6.07 -5.41
CA LEU A 88 -0.93 4.78 -5.63
C LEU A 88 0.04 4.88 -6.80
N ASN A 89 1.31 4.60 -6.55
CA ASN A 89 2.32 4.67 -7.59
C ASN A 89 2.91 3.30 -7.90
N ASP A 90 2.69 2.83 -9.11
CA ASP A 90 3.23 1.54 -9.53
C ASP A 90 4.72 1.66 -9.86
N ILE A 91 5.50 0.66 -9.47
CA ILE A 91 6.95 0.69 -9.71
C ILE A 91 7.48 -0.70 -10.04
N SER A 92 6.64 -1.55 -10.62
CA SER A 92 7.02 -2.89 -10.95
C SER A 92 7.61 -3.01 -12.34
N THR A 93 8.35 -4.10 -12.54
CA THR A 93 8.98 -4.39 -13.83
C THR A 93 7.94 -4.75 -14.89
N ASN A 94 7.06 -5.69 -14.55
CA ASN A 94 6.04 -6.14 -15.49
C ASN A 94 4.74 -5.33 -15.38
N GLY A 95 4.74 -4.30 -14.53
CA GLY A 95 3.58 -3.48 -14.37
C GLY A 95 2.74 -3.81 -13.16
N THR A 96 1.94 -2.83 -12.75
CA THR A 96 1.04 -2.97 -11.61
C THR A 96 -0.41 -2.82 -12.09
N TRP A 97 -1.30 -3.65 -11.57
CA TRP A 97 -2.69 -3.61 -12.01
C TRP A 97 -3.65 -3.09 -10.96
N LEU A 98 -4.70 -2.44 -11.45
CA LEU A 98 -5.75 -1.92 -10.60
C LEU A 98 -7.07 -2.51 -11.06
N ASN A 99 -7.67 -3.34 -10.21
CA ASN A 99 -8.94 -3.99 -10.52
C ASN A 99 -8.98 -4.56 -11.95
N GLY A 100 -7.89 -5.20 -12.38
CA GLY A 100 -7.85 -5.79 -13.68
C GLY A 100 -7.38 -4.84 -14.76
N GLN A 101 -7.33 -3.56 -14.46
CA GLN A 101 -6.88 -2.58 -15.43
C GLN A 101 -5.45 -2.13 -15.11
N LYS A 102 -4.55 -2.38 -16.04
CA LYS A 102 -3.17 -2.02 -15.88
C LYS A 102 -2.97 -0.51 -15.96
N VAL A 103 -2.36 0.06 -14.92
CA VAL A 103 -2.11 1.49 -14.86
C VAL A 103 -0.69 1.81 -15.34
N GLU A 104 -0.44 3.08 -15.62
CA GLU A 104 0.87 3.51 -16.08
C GLU A 104 1.89 3.42 -14.95
N LYS A 105 3.00 2.74 -15.20
CA LYS A 105 4.05 2.58 -14.20
C LYS A 105 4.50 3.94 -13.69
N ASN A 106 5.17 3.92 -12.55
CA ASN A 106 5.67 5.13 -11.89
C ASN A 106 4.72 6.32 -12.06
N SER A 107 3.44 6.02 -12.11
CA SER A 107 2.41 7.04 -12.27
C SER A 107 1.56 7.15 -11.01
N ASN A 108 1.14 8.38 -10.68
CA ASN A 108 0.32 8.60 -9.49
C ASN A 108 -1.16 8.57 -9.84
N GLN A 109 -1.94 7.84 -9.04
CA GLN A 109 -3.37 7.74 -9.26
C GLN A 109 -4.14 8.06 -7.98
N LEU A 110 -5.35 8.57 -8.12
CA LEU A 110 -6.17 8.90 -6.97
C LEU A 110 -6.69 7.61 -6.31
N LEU A 111 -6.23 7.36 -5.09
CA LEU A 111 -6.63 6.17 -4.36
C LEU A 111 -8.13 5.98 -4.36
N SER A 112 -8.56 4.74 -4.17
CA SER A 112 -9.96 4.38 -4.15
C SER A 112 -10.31 3.67 -2.85
N GLN A 113 -11.57 3.76 -2.43
CA GLN A 113 -12.01 3.11 -1.20
C GLN A 113 -12.05 1.61 -1.40
N GLY A 114 -11.29 0.89 -0.58
CA GLY A 114 -11.23 -0.55 -0.68
C GLY A 114 -10.60 -0.99 -1.99
N ASP A 115 -9.86 -0.06 -2.62
CA ASP A 115 -9.21 -0.33 -3.89
C ASP A 115 -8.42 -1.63 -3.84
N GLU A 116 -8.03 -2.13 -5.00
CA GLU A 116 -7.28 -3.37 -5.10
C GLU A 116 -6.24 -3.31 -6.21
N ILE A 117 -5.02 -3.77 -5.91
CA ILE A 117 -3.94 -3.78 -6.89
C ILE A 117 -3.54 -5.20 -7.23
N THR A 118 -3.50 -5.50 -8.52
CA THR A 118 -3.12 -6.83 -8.98
C THR A 118 -1.72 -6.79 -9.56
N VAL A 119 -0.92 -7.81 -9.26
CA VAL A 119 0.46 -7.85 -9.74
C VAL A 119 0.88 -9.25 -10.17
N GLY A 120 1.92 -9.29 -11.01
CA GLY A 120 2.43 -10.56 -11.49
C GLY A 120 1.66 -11.06 -12.70
N VAL A 121 1.18 -10.12 -13.50
CA VAL A 121 0.41 -10.44 -14.68
C VAL A 121 1.27 -11.04 -15.79
N GLY A 122 0.70 -12.04 -16.45
CA GLY A 122 1.37 -12.73 -17.51
C GLY A 122 0.84 -14.14 -17.63
N VAL A 123 0.66 -14.76 -16.47
CA VAL A 123 0.12 -16.11 -16.39
C VAL A 123 -1.07 -16.11 -15.45
N GLU A 124 -2.17 -16.72 -15.89
CA GLU A 124 -3.38 -16.76 -15.07
C GLU A 124 -3.09 -17.25 -13.66
N SER A 125 -2.14 -18.17 -13.54
CA SER A 125 -1.78 -18.73 -12.25
C SER A 125 -0.61 -18.00 -11.59
N ASP A 126 -0.15 -16.88 -12.18
CA ASP A 126 0.96 -16.15 -11.59
C ASP A 126 0.63 -14.72 -11.23
N ILE A 127 -0.64 -14.47 -11.06
CA ILE A 127 -1.12 -13.15 -10.68
C ILE A 127 -1.51 -13.12 -9.21
N LEU A 128 -1.15 -12.03 -8.56
CA LEU A 128 -1.45 -11.82 -7.15
C LEU A 128 -2.21 -10.52 -6.95
N SER A 129 -3.27 -10.56 -6.14
CA SER A 129 -4.08 -9.38 -5.90
C SER A 129 -3.93 -8.86 -4.49
N LEU A 130 -4.09 -7.55 -4.36
CA LEU A 130 -3.98 -6.86 -3.08
C LEU A 130 -5.11 -5.85 -2.92
N VAL A 131 -5.58 -5.68 -1.68
CA VAL A 131 -6.65 -4.73 -1.40
C VAL A 131 -6.20 -3.65 -0.43
N ILE A 132 -6.62 -2.41 -0.68
CA ILE A 132 -6.25 -1.29 0.14
C ILE A 132 -7.43 -0.84 1.00
N PHE A 133 -7.20 -0.76 2.31
CA PHE A 133 -8.22 -0.33 3.25
C PHE A 133 -7.87 1.02 3.86
N ILE A 134 -8.72 2.02 3.62
CA ILE A 134 -8.48 3.36 4.15
C ILE A 134 -8.98 3.50 5.57
N ASN A 135 -8.16 4.09 6.43
CA ASN A 135 -8.52 4.29 7.83
C ASN A 135 -9.34 5.56 8.00
N ASP A 136 -10.59 5.40 8.42
CA ASP A 136 -11.48 6.54 8.62
C ASP A 136 -10.89 7.51 9.64
N LYS A 137 -10.11 7.00 10.58
CA LYS A 137 -9.49 7.81 11.61
C LYS A 137 -8.62 8.89 10.99
N PHE A 138 -7.84 8.50 9.98
CA PHE A 138 -6.95 9.42 9.29
C PHE A 138 -7.75 10.57 8.67
N LYS A 139 -8.85 10.24 8.04
CA LYS A 139 -9.71 11.23 7.40
C LYS A 139 -10.22 12.25 8.41
N GLN A 140 -10.46 11.78 9.63
CA GLN A 140 -10.96 12.64 10.70
C GLN A 140 -9.91 13.66 11.10
N CYS A 141 -8.64 13.24 11.10
CA CYS A 141 -7.54 14.13 11.47
C CYS A 141 -7.44 15.31 10.50
N LEU A 142 -7.52 15.01 9.21
CA LEU A 142 -7.43 16.04 8.18
C LEU A 142 -8.67 16.93 8.20
N GLU A 143 -9.83 16.31 8.45
CA GLU A 143 -11.09 17.05 8.50
C GLU A 143 -11.05 18.14 9.56
N GLN A 144 -10.45 17.82 10.71
CA GLN A 144 -10.34 18.76 11.81
C GLN A 144 -9.05 19.57 11.71
N ASN A 145 -7.99 18.92 11.25
CA ASN A 145 -6.68 19.57 11.09
C ASN A 145 -6.33 20.42 12.33
N LYS A 146 -5.25 21.19 12.21
CA LYS A 146 -4.80 22.03 13.31
C LYS A 146 -5.89 23.02 13.71
N VAL A 147 -5.82 23.50 14.95
CA VAL A 147 -6.80 24.46 15.45
C VAL A 147 -6.68 25.80 14.73
N ASP A 148 -7.82 26.37 14.36
CA ASP A 148 -7.84 27.66 13.66
C ASP A 148 -9.18 28.36 13.85
N ARG A 149 -9.22 29.65 13.53
CA ARG A 149 -10.44 30.44 13.67
C ARG A 149 -11.03 30.76 12.30
N ILE A 150 -12.27 31.25 12.30
CA ILE A 150 -12.95 31.60 11.07
C ILE A 150 -12.54 32.99 10.58
N ARG A 151 -12.21 33.07 9.29
CA ARG A 151 -11.80 34.35 8.70
C ARG A 151 -12.78 34.79 7.62
N LYS B 1 20.30 -11.12 -20.43
CA LYS B 1 19.36 -11.85 -21.30
C LYS B 1 19.93 -13.19 -21.74
N LYS B 2 20.32 -14.01 -20.78
CA LYS B 2 20.89 -15.33 -21.06
C LYS B 2 20.99 -16.17 -19.79
N MET B 3 21.87 -15.76 -18.88
CA MET B 3 22.07 -16.47 -17.63
C MET B 3 21.46 -15.69 -16.46
N THR B 4 21.66 -14.38 -16.47
CA THR B 4 21.13 -13.53 -15.41
C THR B 4 19.62 -13.37 -15.54
N PHE B 5 18.93 -13.39 -14.40
CA PHE B 5 17.48 -13.26 -14.40
C PHE B 5 16.96 -13.05 -12.97
N GLN B 6 15.68 -12.74 -12.86
CA GLN B 6 15.06 -12.53 -11.55
C GLN B 6 13.56 -12.27 -11.69
N TPO B 7 13.19 -11.51 -12.70
CA TPO B 7 11.78 -11.19 -12.95
CB TPO B 7 11.46 -9.75 -12.52
CG2 TPO B 7 10.00 -9.41 -12.81
OG1 TPO B 7 11.72 -9.58 -11.16
P TPO B 7 12.79 -8.53 -10.73
O1P TPO B 7 12.09 -7.16 -10.94
O2P TPO B 7 13.00 -8.77 -9.21
O3P TPO B 7 14.06 -8.66 -11.51
C TPO B 7 11.43 -11.37 -14.43
O TPO B 7 11.82 -10.57 -15.27
H2 TPO B 7 13.87 -11.15 -13.31
HA TPO B 7 11.19 -11.87 -12.36
HB TPO B 7 12.08 -9.07 -13.08
HG21 TPO B 7 9.42 -10.32 -12.84
HG22 TPO B 7 9.93 -8.90 -13.75
HG23 TPO B 7 9.62 -8.77 -12.02
N PRO B 8 10.68 -12.44 -14.76
CA PRO B 8 10.28 -12.72 -16.14
C PRO B 8 9.62 -11.52 -16.81
N THR B 9 10.14 -11.12 -17.97
CA THR B 9 9.61 -9.98 -18.70
C THR B 9 8.49 -10.43 -19.66
N ASP B 10 7.59 -9.50 -19.96
CA ASP B 10 6.47 -9.80 -20.86
C ASP B 10 6.65 -9.09 -22.20
N PRO B 11 7.45 -9.69 -23.10
CA PRO B 11 7.70 -9.10 -24.43
C PRO B 11 6.48 -9.19 -25.34
N LEU B 12 6.42 -8.30 -26.33
CA LEU B 12 5.31 -8.28 -27.27
C LEU B 12 5.70 -7.57 -28.56
N GLU B 13 5.89 -8.35 -29.62
CA GLU B 13 6.26 -7.80 -30.91
C GLU B 13 5.81 -8.72 -32.05
N ALA A 1 -23.54 -1.11 11.92
CA ALA A 1 -22.57 -1.12 13.01
C ALA A 1 -23.23 -1.54 14.32
N THR A 2 -23.34 -2.84 14.54
CA THR A 2 -23.94 -3.37 15.75
C THR A 2 -23.25 -4.65 16.20
N GLN A 3 -23.19 -5.63 15.31
CA GLN A 3 -22.55 -6.91 15.61
C GLN A 3 -21.03 -6.75 15.69
N ARG A 4 -20.46 -6.08 14.71
CA ARG A 4 -19.02 -5.85 14.66
C ARG A 4 -18.56 -5.01 15.85
N PHE A 5 -19.39 -4.07 16.25
CA PHE A 5 -19.07 -3.19 17.37
C PHE A 5 -18.90 -4.01 18.65
N LEU A 6 -19.77 -4.99 18.84
CA LEU A 6 -19.72 -5.84 20.03
C LEU A 6 -18.40 -6.61 20.09
N ILE A 7 -17.98 -7.16 18.96
CA ILE A 7 -16.73 -7.91 18.89
C ILE A 7 -15.53 -7.01 19.09
N GLU A 8 -15.63 -5.78 18.58
CA GLU A 8 -14.54 -4.82 18.70
C GLU A 8 -14.17 -4.60 20.17
N LYS A 9 -15.19 -4.63 21.03
CA LYS A 9 -14.99 -4.46 22.47
C LYS A 9 -14.23 -5.64 23.06
N PHE A 10 -14.31 -6.78 22.38
CA PHE A 10 -13.62 -7.99 22.83
C PHE A 10 -12.13 -7.76 23.00
N SER A 11 -11.52 -7.14 21.99
CA SER A 11 -10.10 -6.85 22.02
C SER A 11 -9.81 -5.63 22.89
N GLN A 12 -10.74 -4.69 22.90
CA GLN A 12 -10.59 -3.46 23.68
C GLN A 12 -9.43 -2.61 23.17
N GLU A 13 -8.95 -2.92 21.96
CA GLU A 13 -7.84 -2.17 21.37
C GLU A 13 -8.36 -1.18 20.34
N GLN A 14 -7.88 0.06 20.42
CA GLN A 14 -8.29 1.11 19.49
C GLN A 14 -7.29 1.23 18.35
N ILE A 15 -7.65 0.67 17.19
CA ILE A 15 -6.79 0.72 16.02
C ILE A 15 -6.94 2.03 15.28
N GLY A 16 -5.80 2.54 14.85
CA GLY A 16 -5.76 3.79 14.12
C GLY A 16 -4.93 4.85 14.82
N GLU A 17 -3.70 4.49 15.17
CA GLU A 17 -2.79 5.41 15.85
C GLU A 17 -2.39 6.56 14.93
N ASN A 18 -2.03 6.23 13.70
CA ASN A 18 -1.62 7.22 12.73
C ASN A 18 -1.53 6.55 11.39
N ILE A 19 -2.40 5.58 11.22
CA ILE A 19 -2.44 4.77 10.04
C ILE A 19 -3.07 5.50 8.86
N VAL A 20 -2.40 5.38 7.72
CA VAL A 20 -2.80 6.00 6.51
C VAL A 20 -3.70 5.06 5.71
N CYS A 21 -3.12 3.91 5.35
CA CYS A 21 -3.83 2.90 4.59
C CYS A 21 -3.35 1.49 4.99
N ARG A 22 -4.24 0.51 4.87
CA ARG A 22 -3.89 -0.86 5.23
C ARG A 22 -3.91 -1.77 4.01
N VAL A 23 -2.92 -2.66 3.92
CA VAL A 23 -2.82 -3.59 2.80
C VAL A 23 -3.22 -5.00 3.23
N ILE A 24 -4.21 -5.55 2.55
CA ILE A 24 -4.72 -6.88 2.87
C ILE A 24 -4.70 -7.79 1.64
N CYS A 25 -3.91 -8.86 1.70
CA CYS A 25 -3.82 -9.80 0.59
C CYS A 25 -5.01 -10.76 0.59
N THR A 26 -5.73 -10.81 -0.51
CA THR A 26 -6.90 -11.68 -0.62
C THR A 26 -6.54 -13.02 -1.26
N THR A 27 -5.47 -13.04 -2.04
CA THR A 27 -5.02 -14.27 -2.70
C THR A 27 -4.24 -15.16 -1.74
N GLY A 28 -4.05 -14.69 -0.52
CA GLY A 28 -3.33 -15.48 0.47
C GLY A 28 -1.87 -15.70 0.10
N GLN A 29 -1.06 -14.65 0.22
CA GLN A 29 0.36 -14.74 -0.10
C GLN A 29 1.19 -13.86 0.84
N ILE A 30 0.69 -12.64 1.07
CA ILE A 30 1.39 -11.69 1.94
C ILE A 30 0.57 -11.39 3.19
N PRO A 31 1.23 -11.27 4.35
CA PRO A 31 0.54 -10.98 5.62
C PRO A 31 0.09 -9.53 5.70
N ILE A 32 -1.12 -9.33 6.21
CA ILE A 32 -1.69 -7.99 6.34
C ILE A 32 -0.78 -7.07 7.15
N ARG A 33 -0.49 -5.90 6.60
CA ARG A 33 0.36 -4.91 7.28
C ARG A 33 -0.36 -3.57 7.37
N ASP A 34 0.14 -2.68 8.22
CA ASP A 34 -0.47 -1.38 8.40
C ASP A 34 0.49 -0.25 8.02
N LEU A 35 0.10 0.55 7.04
CA LEU A 35 0.90 1.68 6.59
C LEU A 35 0.45 2.92 7.35
N SER A 36 1.39 3.75 7.80
CA SER A 36 1.02 4.94 8.55
C SER A 36 1.91 6.13 8.29
N ALA A 37 1.36 7.29 8.59
CA ALA A 37 2.07 8.55 8.44
C ALA A 37 1.69 9.52 9.55
N ASP A 38 2.67 10.29 10.01
CA ASP A 38 2.43 11.25 11.09
C ASP A 38 1.68 12.48 10.58
N ILE A 39 0.52 12.73 11.19
CA ILE A 39 -0.32 13.86 10.81
C ILE A 39 0.37 15.20 11.08
N SER A 40 0.98 15.33 12.25
CA SER A 40 1.65 16.56 12.63
C SER A 40 2.76 16.89 11.65
N GLN A 41 3.49 15.86 11.25
CA GLN A 41 4.59 16.01 10.31
C GLN A 41 4.07 16.39 8.92
N VAL A 42 2.93 15.82 8.55
CA VAL A 42 2.33 16.10 7.25
C VAL A 42 1.81 17.54 7.18
N LEU A 43 1.15 17.97 8.25
CA LEU A 43 0.61 19.33 8.32
C LEU A 43 1.73 20.37 8.44
N LYS A 44 2.85 19.95 9.02
CA LYS A 44 3.99 20.85 9.20
C LYS A 44 4.68 21.11 7.86
N GLU A 45 4.80 20.09 7.04
CA GLU A 45 5.44 20.21 5.73
C GLU A 45 4.41 20.32 4.61
N LYS A 46 4.52 21.38 3.82
CA LYS A 46 3.59 21.60 2.71
C LYS A 46 4.24 21.21 1.38
N ARG A 47 3.92 20.01 0.91
CA ARG A 47 4.48 19.52 -0.35
C ARG A 47 3.49 18.59 -1.06
N SER A 48 3.98 17.88 -2.07
CA SER A 48 3.14 16.97 -2.83
C SER A 48 2.88 15.68 -2.05
N ILE A 49 3.96 15.01 -1.66
CA ILE A 49 3.87 13.76 -0.91
C ILE A 49 4.67 13.82 0.39
N LYS A 50 4.26 13.04 1.38
CA LYS A 50 4.94 13.01 2.66
C LYS A 50 5.76 11.73 2.81
N LYS A 51 5.06 10.61 2.99
CA LYS A 51 5.73 9.32 3.14
C LYS A 51 5.16 8.30 2.15
N VAL A 52 6.05 7.70 1.37
CA VAL A 52 5.64 6.71 0.38
C VAL A 52 6.14 5.33 0.76
N TRP A 53 5.28 4.34 0.55
CA TRP A 53 5.63 2.95 0.87
C TRP A 53 6.03 2.16 -0.37
N THR A 54 7.06 1.33 -0.25
CA THR A 54 7.51 0.49 -1.36
C THR A 54 7.21 -0.97 -1.04
N PHE A 55 6.64 -1.67 -2.00
CA PHE A 55 6.27 -3.07 -1.83
C PHE A 55 7.07 -3.98 -2.75
N GLY A 56 7.39 -5.18 -2.27
CA GLY A 56 8.14 -6.11 -3.07
C GLY A 56 8.60 -7.33 -2.31
N ARG A 57 9.38 -8.18 -2.98
CA ARG A 57 9.90 -9.40 -2.36
C ARG A 57 11.16 -9.11 -1.53
N ASN A 58 11.63 -7.88 -1.56
CA ASN A 58 12.82 -7.51 -0.80
C ASN A 58 12.46 -7.08 0.62
N PRO A 59 13.27 -7.50 1.61
CA PRO A 59 13.06 -7.17 3.02
C PRO A 59 13.31 -5.69 3.29
N ALA A 60 13.76 -4.97 2.27
CA ALA A 60 14.04 -3.55 2.38
C ALA A 60 12.75 -2.79 2.20
N CYS A 61 12.03 -3.20 1.18
CA CYS A 61 10.77 -2.60 0.85
C CYS A 61 9.92 -2.43 2.09
N ASP A 62 9.26 -1.30 2.16
CA ASP A 62 8.40 -1.02 3.30
C ASP A 62 7.35 -2.13 3.45
N TYR A 63 7.14 -2.90 2.37
CA TYR A 63 6.18 -4.00 2.41
C TYR A 63 6.81 -5.28 1.87
N HIS A 64 6.83 -6.31 2.71
CA HIS A 64 7.40 -7.60 2.32
C HIS A 64 6.34 -8.49 1.68
N LEU A 65 6.44 -8.67 0.36
CA LEU A 65 5.48 -9.49 -0.37
C LEU A 65 5.73 -10.98 -0.13
N GLY A 66 6.66 -11.56 -0.87
CA GLY A 66 6.96 -12.97 -0.72
C GLY A 66 8.20 -13.39 -1.50
N ASN A 67 7.99 -13.93 -2.70
CA ASN A 67 9.09 -14.37 -3.53
C ASN A 67 8.60 -14.85 -4.90
N ILE A 68 7.97 -13.95 -5.64
CA ILE A 68 7.45 -14.28 -6.97
C ILE A 68 8.36 -13.71 -8.06
N SER A 69 8.87 -14.59 -8.92
CA SER A 69 9.76 -14.18 -10.00
C SER A 69 9.08 -13.16 -10.91
N ARG A 70 7.78 -13.30 -11.10
CA ARG A 70 7.04 -12.38 -11.95
C ARG A 70 7.13 -10.95 -11.43
N LEU A 71 6.90 -10.79 -10.12
CA LEU A 71 6.97 -9.47 -9.51
C LEU A 71 8.42 -9.01 -9.40
N SER A 72 8.61 -7.69 -9.37
CA SER A 72 9.94 -7.12 -9.29
C SER A 72 10.31 -6.82 -7.84
N ASN A 73 11.59 -6.54 -7.59
CA ASN A 73 12.05 -6.22 -6.23
C ASN A 73 11.01 -5.30 -5.59
N LYS A 74 11.01 -4.05 -6.01
CA LYS A 74 10.02 -3.09 -5.55
C LYS A 74 8.93 -3.03 -6.61
N HIS A 75 7.98 -3.95 -6.48
CA HIS A 75 6.91 -4.08 -7.45
C HIS A 75 6.01 -2.85 -7.51
N PHE A 76 5.64 -2.34 -6.35
CA PHE A 76 4.76 -1.16 -6.31
C PHE A 76 4.95 -0.34 -5.04
N GLN A 77 4.48 0.91 -5.07
CA GLN A 77 4.61 1.81 -3.93
C GLN A 77 3.31 2.56 -3.67
N ILE A 78 3.17 3.08 -2.45
CA ILE A 78 1.99 3.87 -2.10
C ILE A 78 2.42 5.25 -1.58
N LEU A 79 1.80 6.30 -2.09
CA LEU A 79 2.15 7.66 -1.67
C LEU A 79 1.11 8.25 -0.73
N LEU A 80 1.58 8.95 0.29
CA LEU A 80 0.70 9.59 1.26
C LEU A 80 1.02 11.08 1.36
N GLY A 81 0.01 11.91 1.13
CA GLY A 81 0.20 13.35 1.21
C GLY A 81 -0.99 14.13 0.67
N GLU A 82 -0.70 15.20 -0.06
CA GLU A 82 -1.77 16.04 -0.62
C GLU A 82 -2.60 16.69 0.48
N ASP A 83 -3.61 17.45 0.08
CA ASP A 83 -4.48 18.12 1.04
C ASP A 83 -5.16 17.11 1.96
N GLY A 84 -5.94 16.20 1.36
CA GLY A 84 -6.63 15.20 2.15
C GLY A 84 -7.01 13.99 1.32
N ASN A 85 -6.00 13.22 0.90
CA ASN A 85 -6.24 12.02 0.11
C ASN A 85 -4.97 11.17 0.01
N LEU A 86 -5.10 9.99 -0.57
CA LEU A 86 -3.97 9.08 -0.73
C LEU A 86 -3.71 8.79 -2.20
N LEU A 87 -2.49 8.40 -2.52
CA LEU A 87 -2.11 8.08 -3.89
C LEU A 87 -1.33 6.78 -3.94
N LEU A 88 -1.49 6.03 -5.03
CA LEU A 88 -0.80 4.77 -5.20
C LEU A 88 0.20 4.89 -6.35
N ASN A 89 1.44 4.47 -6.10
CA ASN A 89 2.48 4.57 -7.13
C ASN A 89 2.96 3.19 -7.56
N ASP A 90 2.72 2.85 -8.82
CA ASP A 90 3.16 1.56 -9.35
C ASP A 90 4.64 1.64 -9.74
N ILE A 91 5.38 0.56 -9.49
CA ILE A 91 6.80 0.52 -9.79
C ILE A 91 7.27 -0.89 -10.14
N SER A 92 6.45 -1.66 -10.83
CA SER A 92 6.79 -3.02 -11.18
C SER A 92 7.35 -3.11 -12.60
N THR A 93 8.13 -4.17 -12.84
CA THR A 93 8.70 -4.41 -14.14
C THR A 93 7.61 -4.76 -15.14
N ASN A 94 6.57 -5.45 -14.65
CA ASN A 94 5.46 -5.86 -15.50
C ASN A 94 4.27 -4.90 -15.40
N GLY A 95 4.20 -4.12 -14.32
CA GLY A 95 3.11 -3.20 -14.15
C GLY A 95 2.25 -3.49 -12.94
N THR A 96 1.46 -2.51 -12.56
CA THR A 96 0.56 -2.63 -11.42
C THR A 96 -0.89 -2.50 -11.89
N TRP A 97 -1.78 -3.33 -11.38
CA TRP A 97 -3.16 -3.31 -11.81
C TRP A 97 -4.14 -2.90 -10.72
N LEU A 98 -5.21 -2.26 -11.16
CA LEU A 98 -6.28 -1.85 -10.28
C LEU A 98 -7.60 -2.43 -10.80
N ASN A 99 -8.17 -3.34 -10.04
CA ASN A 99 -9.42 -3.99 -10.43
C ASN A 99 -9.40 -4.45 -11.88
N GLY A 100 -8.25 -4.92 -12.35
CA GLY A 100 -8.13 -5.39 -13.70
C GLY A 100 -7.70 -4.32 -14.68
N GLN A 101 -7.51 -3.10 -14.20
CA GLN A 101 -7.08 -2.01 -15.07
C GLN A 101 -5.63 -1.63 -14.79
N LYS A 102 -4.79 -1.77 -15.80
CA LYS A 102 -3.39 -1.45 -15.71
C LYS A 102 -3.17 0.06 -15.73
N VAL A 103 -2.39 0.55 -14.77
CA VAL A 103 -2.09 1.98 -14.67
C VAL A 103 -0.65 2.27 -15.09
N GLU A 104 -0.37 3.54 -15.35
CA GLU A 104 0.98 3.96 -15.75
C GLU A 104 1.94 3.82 -14.57
N LYS A 105 3.09 3.21 -14.80
CA LYS A 105 4.08 3.03 -13.74
C LYS A 105 4.42 4.38 -13.15
N ASN A 106 5.12 4.35 -12.02
CA ASN A 106 5.55 5.54 -11.30
C ASN A 106 4.52 6.67 -11.47
N SER A 107 3.25 6.30 -11.48
CA SER A 107 2.17 7.26 -11.63
C SER A 107 1.34 7.38 -10.36
N ASN A 108 0.86 8.59 -10.09
CA ASN A 108 0.05 8.84 -8.90
C ASN A 108 -1.43 8.72 -9.23
N GLN A 109 -2.12 7.82 -8.53
CA GLN A 109 -3.55 7.61 -8.76
C GLN A 109 -4.33 7.69 -7.46
N LEU A 110 -5.55 8.20 -7.54
CA LEU A 110 -6.41 8.31 -6.36
C LEU A 110 -6.92 6.94 -5.94
N LEU A 111 -6.51 6.51 -4.75
CA LEU A 111 -6.92 5.21 -4.24
C LEU A 111 -8.43 5.11 -4.07
N SER A 112 -8.88 3.88 -3.82
CA SER A 112 -10.29 3.61 -3.62
C SER A 112 -10.50 2.91 -2.28
N GLN A 113 -11.69 3.07 -1.70
CA GLN A 113 -11.99 2.46 -0.41
C GLN A 113 -12.11 0.95 -0.57
N GLY A 114 -11.26 0.22 0.15
CA GLY A 114 -11.27 -1.22 0.08
C GLY A 114 -10.90 -1.73 -1.31
N ASP A 115 -10.24 -0.88 -2.08
CA ASP A 115 -9.83 -1.21 -3.43
C ASP A 115 -8.87 -2.40 -3.41
N GLU A 116 -8.42 -2.81 -4.60
CA GLU A 116 -7.51 -3.93 -4.71
C GLU A 116 -6.52 -3.72 -5.86
N ILE A 117 -5.25 -4.01 -5.61
CA ILE A 117 -4.22 -3.87 -6.62
C ILE A 117 -3.75 -5.24 -7.08
N THR A 118 -3.75 -5.46 -8.39
CA THR A 118 -3.34 -6.73 -8.96
C THR A 118 -1.94 -6.60 -9.57
N VAL A 119 -1.10 -7.60 -9.36
CA VAL A 119 0.25 -7.54 -9.88
C VAL A 119 0.73 -8.89 -10.40
N GLY A 120 1.73 -8.87 -11.27
CA GLY A 120 2.28 -10.08 -11.85
C GLY A 120 1.49 -10.55 -13.04
N VAL A 121 0.90 -9.61 -13.74
CA VAL A 121 0.09 -9.92 -14.90
C VAL A 121 0.91 -10.44 -16.07
N GLY A 122 0.36 -11.43 -16.74
CA GLY A 122 1.01 -12.07 -17.85
C GLY A 122 0.56 -13.49 -17.98
N VAL A 123 0.49 -14.17 -16.83
CA VAL A 123 0.03 -15.54 -16.76
C VAL A 123 -1.10 -15.64 -15.75
N GLU A 124 -2.16 -16.35 -16.10
CA GLU A 124 -3.31 -16.49 -15.20
C GLU A 124 -2.89 -16.93 -13.80
N SER A 125 -1.88 -17.79 -13.73
CA SER A 125 -1.40 -18.31 -12.46
C SER A 125 -0.23 -17.50 -11.90
N ASP A 126 0.13 -16.37 -12.53
CA ASP A 126 1.24 -15.58 -12.05
C ASP A 126 0.84 -14.19 -11.59
N ILE A 127 -0.42 -14.05 -11.31
CA ILE A 127 -0.96 -12.78 -10.82
C ILE A 127 -1.28 -12.85 -9.33
N LEU A 128 -0.95 -11.78 -8.64
CA LEU A 128 -1.18 -11.66 -7.21
C LEU A 128 -2.01 -10.41 -6.91
N SER A 129 -3.02 -10.56 -6.06
CA SER A 129 -3.88 -9.41 -5.74
C SER A 129 -3.72 -8.96 -4.29
N LEU A 130 -3.94 -7.66 -4.11
CA LEU A 130 -3.85 -7.04 -2.79
C LEU A 130 -5.03 -6.09 -2.58
N VAL A 131 -5.45 -5.93 -1.33
CA VAL A 131 -6.56 -5.05 -1.02
C VAL A 131 -6.10 -3.86 -0.18
N ILE A 132 -6.64 -2.68 -0.49
CA ILE A 132 -6.28 -1.47 0.20
C ILE A 132 -7.42 -1.03 1.12
N PHE A 133 -7.12 -0.92 2.41
CA PHE A 133 -8.09 -0.50 3.40
C PHE A 133 -7.74 0.89 3.93
N ILE A 134 -8.51 1.88 3.53
CA ILE A 134 -8.28 3.25 3.95
C ILE A 134 -8.92 3.54 5.30
N ASN A 135 -8.12 4.09 6.22
CA ASN A 135 -8.61 4.40 7.55
C ASN A 135 -9.43 5.69 7.52
N ASP A 136 -10.70 5.58 7.92
CA ASP A 136 -11.60 6.73 7.93
C ASP A 136 -11.18 7.74 9.00
N LYS A 137 -10.61 7.23 10.09
CA LYS A 137 -10.16 8.10 11.18
C LYS A 137 -9.12 9.10 10.69
N PHE A 138 -8.16 8.60 9.92
CA PHE A 138 -7.11 9.43 9.38
C PHE A 138 -7.68 10.56 8.52
N LYS A 139 -8.65 10.21 7.68
CA LYS A 139 -9.29 11.19 6.80
C LYS A 139 -10.06 12.23 7.61
N GLN A 140 -10.76 11.77 8.64
CA GLN A 140 -11.53 12.66 9.49
C GLN A 140 -10.64 13.71 10.15
N CYS A 141 -9.45 13.29 10.56
CA CYS A 141 -8.50 14.19 11.20
C CYS A 141 -8.04 15.28 10.23
N LEU A 142 -7.70 14.87 9.02
CA LEU A 142 -7.24 15.81 8.00
C LEU A 142 -8.39 16.71 7.54
N GLU A 143 -9.58 16.12 7.41
CA GLU A 143 -10.75 16.88 6.97
C GLU A 143 -11.05 18.01 7.95
N GLN A 144 -10.82 17.77 9.23
CA GLN A 144 -11.07 18.77 10.26
C GLN A 144 -9.82 19.61 10.50
N ASN A 145 -8.65 18.97 10.45
CA ASN A 145 -7.37 19.64 10.67
C ASN A 145 -7.44 20.59 11.87
N LYS A 146 -6.38 21.39 12.04
CA LYS A 146 -6.32 22.34 13.14
C LYS A 146 -7.48 23.32 13.09
N VAL A 147 -8.32 23.32 14.13
CA VAL A 147 -9.45 24.22 14.19
C VAL A 147 -9.17 25.41 15.10
N ASP A 148 -9.47 26.60 14.60
CA ASP A 148 -9.24 27.83 15.36
C ASP A 148 -10.43 28.12 16.28
N ARG A 149 -10.36 29.26 16.98
CA ARG A 149 -11.43 29.66 17.89
C ARG A 149 -12.22 30.83 17.32
N ILE A 150 -13.51 30.88 17.63
CA ILE A 150 -14.37 31.95 17.16
C ILE A 150 -14.33 33.15 18.10
N ARG A 151 -14.32 34.35 17.52
CA ARG A 151 -14.27 35.58 18.31
C ARG A 151 -13.00 35.65 19.15
N LYS B 1 16.06 -21.17 -5.43
CA LYS B 1 16.34 -19.96 -6.25
C LYS B 1 16.53 -20.32 -7.72
N LYS B 2 16.41 -19.34 -8.60
CA LYS B 2 16.56 -19.55 -10.03
C LYS B 2 18.02 -19.38 -10.45
N MET B 3 18.26 -19.38 -11.76
CA MET B 3 19.60 -19.23 -12.29
C MET B 3 19.66 -18.07 -13.29
N THR B 4 20.45 -17.05 -12.95
CA THR B 4 20.62 -15.87 -13.80
C THR B 4 19.28 -15.41 -14.37
N PHE B 5 18.46 -14.78 -13.52
CA PHE B 5 17.16 -14.28 -13.93
C PHE B 5 16.95 -12.85 -13.47
N GLN B 6 17.36 -11.89 -14.31
CA GLN B 6 17.22 -10.48 -13.98
C GLN B 6 15.76 -10.04 -14.10
N TPO B 7 14.93 -10.52 -13.17
CA TPO B 7 13.51 -10.18 -13.17
CB TPO B 7 13.30 -8.67 -12.95
CG2 TPO B 7 11.82 -8.31 -12.98
OG1 TPO B 7 13.85 -8.29 -11.71
P TPO B 7 13.40 -9.06 -10.43
O1P TPO B 7 14.40 -10.24 -10.31
O2P TPO B 7 13.65 -8.07 -9.27
O3P TPO B 7 11.98 -9.52 -10.50
C TPO B 7 12.85 -10.58 -14.49
O TPO B 7 12.86 -9.83 -15.46
H2 TPO B 7 15.27 -11.13 -12.50
HA TPO B 7 13.04 -10.72 -12.37
HB TPO B 7 13.80 -8.13 -13.74
HG21 TPO B 7 11.55 -7.84 -12.04
HG22 TPO B 7 11.23 -9.21 -13.11
HG23 TPO B 7 11.63 -7.63 -13.79
N PRO B 8 12.25 -11.80 -14.55
CA PRO B 8 11.59 -12.29 -15.76
C PRO B 8 10.32 -11.51 -16.08
N THR B 9 10.47 -10.44 -16.85
CA THR B 9 9.34 -9.60 -17.23
C THR B 9 8.37 -10.38 -18.11
N ASP B 10 8.92 -11.22 -18.99
CA ASP B 10 8.11 -12.02 -19.89
C ASP B 10 8.98 -12.95 -20.73
N PRO B 11 8.53 -14.20 -20.95
CA PRO B 11 9.28 -15.18 -21.73
C PRO B 11 9.27 -14.87 -23.22
N LEU B 12 10.43 -14.55 -23.78
CA LEU B 12 10.54 -14.23 -25.19
C LEU B 12 10.49 -15.50 -26.04
N GLU B 13 10.33 -15.32 -27.35
CA GLU B 13 10.26 -16.45 -28.27
C GLU B 13 11.55 -16.59 -29.06
N ALA A 1 -9.67 -10.94 34.20
CA ALA A 1 -10.13 -11.81 33.12
C ALA A 1 -9.13 -12.91 32.82
N THR A 2 -9.61 -14.15 32.80
CA THR A 2 -8.75 -15.30 32.52
C THR A 2 -9.10 -15.93 31.18
N GLN A 3 -10.25 -16.59 31.13
CA GLN A 3 -10.70 -17.25 29.91
C GLN A 3 -11.13 -16.21 28.86
N ARG A 4 -11.86 -15.20 29.32
CA ARG A 4 -12.34 -14.15 28.43
C ARG A 4 -11.17 -13.43 27.75
N PHE A 5 -10.07 -13.27 28.49
CA PHE A 5 -8.89 -12.60 27.97
C PHE A 5 -8.39 -13.30 26.71
N LEU A 6 -8.36 -14.62 26.74
CA LEU A 6 -7.92 -15.41 25.59
C LEU A 6 -8.81 -15.16 24.38
N ILE A 7 -10.08 -14.90 24.64
CA ILE A 7 -11.04 -14.64 23.57
C ILE A 7 -10.82 -13.27 22.95
N GLU A 8 -10.42 -12.30 23.78
CA GLU A 8 -10.18 -10.95 23.32
C GLU A 8 -9.12 -10.95 22.22
N LYS A 9 -8.06 -11.72 22.43
CA LYS A 9 -6.98 -11.83 21.45
C LYS A 9 -7.48 -12.52 20.18
N PHE A 10 -8.54 -13.32 20.33
CA PHE A 10 -9.12 -14.05 19.20
C PHE A 10 -9.51 -13.09 18.08
N SER A 11 -10.21 -12.03 18.44
CA SER A 11 -10.65 -11.04 17.47
C SER A 11 -9.51 -10.12 17.06
N GLN A 12 -8.57 -9.91 17.98
CA GLN A 12 -7.41 -9.05 17.71
C GLN A 12 -7.85 -7.62 17.44
N GLU A 13 -7.44 -6.70 18.31
CA GLU A 13 -7.80 -5.30 18.16
C GLU A 13 -7.08 -4.68 16.96
N GLN A 14 -7.70 -3.66 16.37
CA GLN A 14 -7.13 -2.99 15.21
C GLN A 14 -6.29 -1.79 15.64
N ILE A 15 -5.13 -1.62 15.01
CA ILE A 15 -4.23 -0.51 15.33
C ILE A 15 -4.66 0.77 14.64
N GLY A 16 -4.57 1.85 15.39
CA GLY A 16 -4.94 3.15 14.87
C GLY A 16 -4.17 4.28 15.54
N GLU A 17 -2.85 4.28 15.34
CA GLU A 17 -2.00 5.31 15.92
C GLU A 17 -1.90 6.53 15.02
N ASN A 18 -1.88 6.29 13.71
CA ASN A 18 -1.79 7.36 12.73
C ASN A 18 -1.68 6.72 11.36
N ILE A 19 -2.45 5.66 11.22
CA ILE A 19 -2.46 4.87 10.03
C ILE A 19 -3.12 5.58 8.86
N VAL A 20 -2.48 5.47 7.71
CA VAL A 20 -2.93 6.07 6.50
C VAL A 20 -3.80 5.09 5.73
N CYS A 21 -3.21 3.95 5.39
CA CYS A 21 -3.90 2.89 4.67
C CYS A 21 -3.39 1.52 5.11
N ARG A 22 -4.20 0.50 4.90
CA ARG A 22 -3.83 -0.87 5.28
C ARG A 22 -3.89 -1.81 4.08
N VAL A 23 -2.78 -2.50 3.81
CA VAL A 23 -2.72 -3.43 2.70
C VAL A 23 -3.08 -4.84 3.15
N ILE A 24 -4.10 -5.42 2.51
CA ILE A 24 -4.57 -6.75 2.85
C ILE A 24 -4.67 -7.64 1.61
N CYS A 25 -4.01 -8.79 1.64
CA CYS A 25 -4.06 -9.72 0.52
C CYS A 25 -5.22 -10.70 0.69
N THR A 26 -6.26 -10.53 -0.12
CA THR A 26 -7.43 -11.39 -0.06
C THR A 26 -7.21 -12.72 -0.76
N THR A 27 -6.31 -12.73 -1.74
CA THR A 27 -6.02 -13.95 -2.48
C THR A 27 -5.09 -14.88 -1.71
N GLY A 28 -4.65 -14.42 -0.54
CA GLY A 28 -3.76 -15.22 0.29
C GLY A 28 -2.39 -15.42 -0.32
N GLN A 29 -1.54 -14.41 -0.18
CA GLN A 29 -0.19 -14.47 -0.72
C GLN A 29 0.79 -13.68 0.16
N ILE A 30 0.33 -12.53 0.67
CA ILE A 30 1.16 -11.68 1.51
C ILE A 30 0.45 -11.34 2.82
N PRO A 31 1.18 -11.30 3.94
CA PRO A 31 0.60 -10.98 5.25
C PRO A 31 0.21 -9.51 5.35
N ILE A 32 -0.93 -9.26 6.01
CA ILE A 32 -1.43 -7.90 6.18
C ILE A 32 -0.40 -6.99 6.85
N ARG A 33 -0.45 -5.71 6.51
CA ARG A 33 0.46 -4.72 7.07
C ARG A 33 -0.25 -3.38 7.26
N ASP A 34 0.33 -2.51 8.07
CA ASP A 34 -0.28 -1.20 8.33
C ASP A 34 0.65 -0.07 7.94
N LEU A 35 0.17 0.80 7.06
CA LEU A 35 0.92 1.97 6.60
C LEU A 35 0.43 3.21 7.34
N SER A 36 1.34 4.07 7.79
CA SER A 36 0.92 5.26 8.51
C SER A 36 1.77 6.48 8.21
N ALA A 37 1.17 7.62 8.49
CA ALA A 37 1.81 8.91 8.29
C ALA A 37 1.37 9.92 9.34
N ASP A 38 2.27 10.83 9.69
CA ASP A 38 1.97 11.85 10.70
C ASP A 38 1.14 12.98 10.10
N ILE A 39 -0.02 13.20 10.70
CA ILE A 39 -0.94 14.25 10.25
C ILE A 39 -0.35 15.65 10.42
N SER A 40 0.30 15.89 11.55
CA SER A 40 0.90 17.18 11.84
C SER A 40 1.92 17.55 10.78
N GLN A 41 2.70 16.55 10.38
CA GLN A 41 3.73 16.72 9.37
C GLN A 41 3.10 17.00 8.01
N VAL A 42 1.97 16.34 7.75
CA VAL A 42 1.27 16.51 6.48
C VAL A 42 0.60 17.89 6.40
N LEU A 43 0.07 18.34 7.53
CA LEU A 43 -0.60 19.63 7.60
C LEU A 43 0.41 20.78 7.45
N LYS A 44 1.56 20.63 8.11
CA LYS A 44 2.61 21.65 8.07
C LYS A 44 3.15 21.80 6.65
N GLU A 45 3.40 20.67 5.99
CA GLU A 45 3.92 20.69 4.64
C GLU A 45 2.80 20.45 3.61
N LYS A 46 2.60 21.42 2.73
CA LYS A 46 1.56 21.31 1.71
C LYS A 46 2.16 21.00 0.35
N ARG A 47 3.42 21.40 0.15
CA ARG A 47 4.11 21.15 -1.10
C ARG A 47 4.83 19.80 -1.08
N SER A 48 5.05 19.22 -2.26
CA SER A 48 5.72 17.94 -2.37
C SER A 48 4.94 16.84 -1.65
N ILE A 49 5.48 15.63 -1.66
CA ILE A 49 4.84 14.49 -1.01
C ILE A 49 5.35 14.33 0.42
N LYS A 50 4.50 13.75 1.27
CA LYS A 50 4.87 13.54 2.67
C LYS A 50 5.65 12.25 2.84
N LYS A 51 4.95 11.12 2.86
CA LYS A 51 5.61 9.81 3.02
C LYS A 51 5.10 8.82 1.99
N VAL A 52 6.00 8.03 1.44
CA VAL A 52 5.65 7.04 0.44
C VAL A 52 6.12 5.64 0.83
N TRP A 53 5.25 4.67 0.60
CA TRP A 53 5.57 3.27 0.92
C TRP A 53 5.99 2.48 -0.32
N THR A 54 6.99 1.62 -0.16
CA THR A 54 7.44 0.77 -1.24
C THR A 54 7.08 -0.68 -0.93
N PHE A 55 6.47 -1.34 -1.88
CA PHE A 55 6.05 -2.73 -1.70
C PHE A 55 6.71 -3.65 -2.72
N GLY A 56 7.02 -4.87 -2.30
CA GLY A 56 7.65 -5.82 -3.19
C GLY A 56 8.29 -7.00 -2.46
N ARG A 57 9.01 -7.83 -3.20
CA ARG A 57 9.65 -9.02 -2.63
C ARG A 57 10.91 -8.67 -1.83
N ASN A 58 11.22 -7.38 -1.72
CA ASN A 58 12.40 -6.95 -0.97
C ASN A 58 12.10 -6.82 0.53
N PRO A 59 13.07 -7.21 1.38
CA PRO A 59 12.91 -7.13 2.83
C PRO A 59 13.01 -5.70 3.32
N ALA A 60 13.50 -4.83 2.43
CA ALA A 60 13.63 -3.42 2.73
C ALA A 60 12.30 -2.76 2.49
N CYS A 61 11.70 -3.14 1.38
CA CYS A 61 10.43 -2.63 0.98
C CYS A 61 9.49 -2.55 2.16
N ASP A 62 8.72 -1.50 2.18
CA ASP A 62 7.74 -1.29 3.24
C ASP A 62 6.80 -2.48 3.32
N TYR A 63 6.74 -3.28 2.24
CA TYR A 63 5.88 -4.45 2.20
C TYR A 63 6.66 -5.69 1.76
N HIS A 64 6.64 -6.72 2.61
CA HIS A 64 7.36 -7.95 2.30
C HIS A 64 6.43 -8.99 1.70
N LEU A 65 6.62 -9.29 0.43
CA LEU A 65 5.79 -10.27 -0.27
C LEU A 65 6.43 -11.66 -0.20
N GLY A 66 5.69 -12.67 -0.63
CA GLY A 66 6.21 -14.03 -0.60
C GLY A 66 7.49 -14.17 -1.39
N ASN A 67 7.35 -14.41 -2.70
CA ASN A 67 8.50 -14.57 -3.58
C ASN A 67 8.06 -14.91 -5.00
N ILE A 68 7.59 -13.91 -5.73
CA ILE A 68 7.13 -14.11 -7.09
C ILE A 68 8.08 -13.48 -8.11
N SER A 69 8.69 -14.32 -8.95
CA SER A 69 9.63 -13.85 -9.97
C SER A 69 8.99 -12.77 -10.84
N ARG A 70 7.69 -12.93 -11.11
CA ARG A 70 6.97 -11.97 -11.93
C ARG A 70 6.97 -10.59 -11.30
N LEU A 71 7.04 -10.55 -9.97
CA LEU A 71 7.05 -9.29 -9.24
C LEU A 71 8.48 -8.79 -9.03
N SER A 72 8.63 -7.47 -8.93
CA SER A 72 9.96 -6.87 -8.74
C SER A 72 10.25 -6.63 -7.26
N ASN A 73 11.52 -6.36 -6.94
CA ASN A 73 11.94 -6.08 -5.57
C ASN A 73 10.94 -5.13 -4.92
N LYS A 74 10.71 -4.03 -5.59
CA LYS A 74 9.74 -3.02 -5.17
C LYS A 74 8.70 -2.93 -6.26
N HIS A 75 7.73 -3.82 -6.19
CA HIS A 75 6.69 -3.91 -7.20
C HIS A 75 5.85 -2.66 -7.29
N PHE A 76 5.45 -2.12 -6.16
CA PHE A 76 4.62 -0.92 -6.17
C PHE A 76 4.90 0.00 -4.98
N GLN A 77 4.47 1.26 -5.10
CA GLN A 77 4.68 2.25 -4.04
C GLN A 77 3.42 3.06 -3.78
N ILE A 78 3.21 3.48 -2.54
CA ILE A 78 2.04 4.29 -2.19
C ILE A 78 2.47 5.59 -1.52
N LEU A 79 1.91 6.72 -1.96
CA LEU A 79 2.27 8.01 -1.38
C LEU A 79 1.05 8.78 -0.90
N LEU A 80 1.16 9.35 0.29
CA LEU A 80 0.09 10.15 0.88
C LEU A 80 0.60 11.53 1.26
N GLY A 81 -0.12 12.56 0.86
CA GLY A 81 0.29 13.93 1.18
C GLY A 81 -0.24 14.93 0.17
N GLU A 82 0.62 15.88 -0.21
CA GLU A 82 0.24 16.92 -1.17
C GLU A 82 -0.81 17.85 -0.58
N ASP A 83 -2.04 17.36 -0.47
CA ASP A 83 -3.14 18.15 0.08
C ASP A 83 -4.17 17.26 0.75
N GLY A 84 -4.77 16.36 -0.03
CA GLY A 84 -5.77 15.46 0.51
C GLY A 84 -5.81 14.14 -0.24
N ASN A 85 -6.60 13.20 0.28
CA ASN A 85 -6.72 11.89 -0.35
C ASN A 85 -5.38 11.17 -0.40
N LEU A 86 -5.39 9.94 -0.87
CA LEU A 86 -4.18 9.14 -0.99
C LEU A 86 -3.83 8.88 -2.46
N LEU A 87 -2.58 8.54 -2.71
CA LEU A 87 -2.12 8.25 -4.06
C LEU A 87 -1.38 6.93 -4.12
N LEU A 88 -1.56 6.20 -5.22
CA LEU A 88 -0.91 4.92 -5.40
C LEU A 88 0.04 4.97 -6.59
N ASN A 89 1.30 4.62 -6.36
CA ASN A 89 2.30 4.67 -7.42
C ASN A 89 2.86 3.29 -7.75
N ASP A 90 2.61 2.83 -8.96
CA ASP A 90 3.12 1.54 -9.39
C ASP A 90 4.61 1.66 -9.72
N ILE A 91 5.39 0.64 -9.34
CA ILE A 91 6.84 0.66 -9.59
C ILE A 91 7.38 -0.74 -9.89
N SER A 92 6.62 -1.54 -10.63
CA SER A 92 7.04 -2.89 -10.95
C SER A 92 7.64 -2.97 -12.34
N THR A 93 8.53 -3.94 -12.52
CA THR A 93 9.15 -4.16 -13.82
C THR A 93 8.12 -4.70 -14.80
N ASN A 94 7.15 -5.45 -14.28
CA ASN A 94 6.11 -6.04 -15.12
C ASN A 94 4.81 -5.22 -15.13
N GLY A 95 4.62 -4.35 -14.14
CA GLY A 95 3.43 -3.55 -14.11
C GLY A 95 2.54 -3.81 -12.90
N THR A 96 1.73 -2.82 -12.57
CA THR A 96 0.79 -2.90 -11.45
C THR A 96 -0.63 -2.78 -11.97
N TRP A 97 -1.53 -3.60 -11.44
CA TRP A 97 -2.91 -3.59 -11.91
C TRP A 97 -3.91 -3.13 -10.86
N LEU A 98 -4.96 -2.49 -11.35
CA LEU A 98 -6.04 -2.02 -10.50
C LEU A 98 -7.35 -2.62 -11.02
N ASN A 99 -7.94 -3.49 -10.21
CA ASN A 99 -9.20 -4.14 -10.57
C ASN A 99 -9.21 -4.64 -12.01
N GLY A 100 -8.10 -5.25 -12.44
CA GLY A 100 -8.03 -5.78 -13.79
C GLY A 100 -7.55 -4.78 -14.80
N GLN A 101 -7.47 -3.51 -14.41
CA GLN A 101 -7.02 -2.47 -15.33
C GLN A 101 -5.59 -2.05 -15.00
N LYS A 102 -4.70 -2.25 -15.95
CA LYS A 102 -3.30 -1.90 -15.78
C LYS A 102 -3.09 -0.39 -15.85
N VAL A 103 -2.51 0.15 -14.80
CA VAL A 103 -2.24 1.59 -14.73
C VAL A 103 -0.83 1.91 -15.21
N GLU A 104 -0.58 3.18 -15.48
CA GLU A 104 0.75 3.62 -15.93
C GLU A 104 1.76 3.51 -14.80
N LYS A 105 2.88 2.84 -15.07
CA LYS A 105 3.92 2.67 -14.07
C LYS A 105 4.36 4.03 -13.54
N ASN A 106 5.03 4.01 -12.40
CA ASN A 106 5.52 5.23 -11.73
C ASN A 106 4.55 6.40 -11.89
N SER A 107 3.27 6.07 -11.94
CA SER A 107 2.21 7.07 -12.07
C SER A 107 1.37 7.15 -10.80
N ASN A 108 0.92 8.35 -10.45
CA ASN A 108 0.10 8.53 -9.26
C ASN A 108 -1.38 8.50 -9.59
N GLN A 109 -2.14 7.74 -8.80
CA GLN A 109 -3.58 7.63 -9.01
C GLN A 109 -4.32 7.89 -7.71
N LEU A 110 -5.55 8.38 -7.82
CA LEU A 110 -6.36 8.66 -6.64
C LEU A 110 -6.82 7.37 -5.97
N LEU A 111 -6.52 7.24 -4.68
CA LEU A 111 -6.90 6.05 -3.93
C LEU A 111 -8.39 5.78 -4.00
N SER A 112 -8.73 4.51 -3.83
CA SER A 112 -10.12 4.06 -3.86
C SER A 112 -10.46 3.31 -2.58
N GLN A 113 -11.74 3.34 -2.20
CA GLN A 113 -12.18 2.64 -0.98
C GLN A 113 -12.16 1.14 -1.20
N GLY A 114 -11.44 0.44 -0.33
CA GLY A 114 -11.33 -1.00 -0.44
C GLY A 114 -10.79 -1.43 -1.79
N ASP A 115 -10.08 -0.53 -2.45
CA ASP A 115 -9.50 -0.80 -3.76
C ASP A 115 -8.67 -2.07 -3.73
N GLU A 116 -8.24 -2.51 -4.90
CA GLU A 116 -7.43 -3.71 -5.01
C GLU A 116 -6.37 -3.57 -6.11
N ILE A 117 -5.14 -3.98 -5.81
CA ILE A 117 -4.06 -3.91 -6.76
C ILE A 117 -3.58 -5.32 -7.13
N THR A 118 -3.57 -5.60 -8.43
CA THR A 118 -3.14 -6.90 -8.92
C THR A 118 -1.73 -6.78 -9.51
N VAL A 119 -0.89 -7.77 -9.23
CA VAL A 119 0.49 -7.72 -9.72
C VAL A 119 0.98 -9.09 -10.19
N GLY A 120 2.00 -9.07 -11.05
CA GLY A 120 2.57 -10.29 -11.57
C GLY A 120 1.82 -10.80 -12.77
N VAL A 121 1.20 -9.88 -13.49
CA VAL A 121 0.42 -10.24 -14.66
C VAL A 121 1.28 -10.77 -15.79
N GLY A 122 0.75 -11.79 -16.45
CA GLY A 122 1.43 -12.44 -17.54
C GLY A 122 0.95 -13.86 -17.70
N VAL A 123 0.77 -14.51 -16.56
CA VAL A 123 0.27 -15.87 -16.50
C VAL A 123 -0.93 -15.92 -15.58
N GLU A 124 -1.97 -16.64 -15.99
CA GLU A 124 -3.19 -16.74 -15.19
C GLU A 124 -2.88 -17.15 -13.76
N SER A 125 -1.93 -18.07 -13.59
CA SER A 125 -1.56 -18.56 -12.29
C SER A 125 -0.38 -17.81 -11.67
N ASP A 126 0.07 -16.73 -12.31
CA ASP A 126 1.21 -15.98 -11.79
C ASP A 126 0.84 -14.55 -11.41
N ILE A 127 -0.43 -14.35 -11.15
CA ILE A 127 -0.93 -13.05 -10.74
C ILE A 127 -1.28 -13.04 -9.26
N LEU A 128 -0.96 -11.93 -8.62
CA LEU A 128 -1.23 -11.75 -7.19
C LEU A 128 -2.15 -10.55 -6.98
N SER A 129 -3.16 -10.73 -6.14
CA SER A 129 -4.11 -9.65 -5.85
C SER A 129 -3.93 -9.10 -4.44
N LEU A 130 -4.09 -7.79 -4.32
CA LEU A 130 -3.95 -7.12 -3.03
C LEU A 130 -5.08 -6.11 -2.82
N VAL A 131 -5.57 -6.01 -1.58
CA VAL A 131 -6.65 -5.08 -1.27
C VAL A 131 -6.18 -3.98 -0.33
N ILE A 132 -6.63 -2.76 -0.57
CA ILE A 132 -6.25 -1.62 0.23
C ILE A 132 -7.39 -1.18 1.14
N PHE A 133 -7.08 -1.02 2.43
CA PHE A 133 -8.06 -0.59 3.41
C PHE A 133 -7.72 0.79 3.95
N ILE A 134 -8.58 1.76 3.68
CA ILE A 134 -8.37 3.12 4.13
C ILE A 134 -8.87 3.33 5.56
N ASN A 135 -8.04 3.98 6.37
CA ASN A 135 -8.40 4.23 7.76
C ASN A 135 -9.27 5.49 7.88
N ASP A 136 -10.57 5.29 8.08
CA ASP A 136 -11.50 6.40 8.20
C ASP A 136 -11.09 7.33 9.33
N LYS A 137 -10.44 6.77 10.35
CA LYS A 137 -10.00 7.55 11.49
C LYS A 137 -9.05 8.67 11.05
N PHE A 138 -8.12 8.32 10.18
CA PHE A 138 -7.15 9.28 9.67
C PHE A 138 -7.85 10.43 8.96
N LYS A 139 -8.84 10.10 8.14
CA LYS A 139 -9.59 11.10 7.40
C LYS A 139 -10.38 12.00 8.35
N GLN A 140 -10.97 11.40 9.38
CA GLN A 140 -11.75 12.15 10.36
C GLN A 140 -10.89 13.22 11.03
N CYS A 141 -9.66 12.84 11.39
CA CYS A 141 -8.75 13.77 12.05
C CYS A 141 -8.48 14.99 11.15
N LEU A 142 -8.21 14.73 9.88
CA LEU A 142 -7.94 15.80 8.93
C LEU A 142 -9.18 16.66 8.71
N GLU A 143 -10.34 16.02 8.72
CA GLU A 143 -11.60 16.73 8.52
C GLU A 143 -11.87 17.71 9.66
N GLN A 144 -11.50 17.31 10.87
CA GLN A 144 -11.70 18.14 12.05
C GLN A 144 -10.51 19.07 12.25
N ASN A 145 -9.31 18.58 11.94
CA ASN A 145 -8.08 19.35 12.09
C ASN A 145 -8.07 20.15 13.40
N LYS A 146 -8.63 19.56 14.45
CA LYS A 146 -8.70 20.22 15.76
C LYS A 146 -7.99 19.38 16.81
N VAL A 147 -7.25 20.05 17.69
CA VAL A 147 -6.53 19.35 18.75
C VAL A 147 -7.49 18.68 19.73
N ASP A 148 -7.41 17.36 19.80
CA ASP A 148 -8.27 16.58 20.68
C ASP A 148 -7.49 16.10 21.92
N ARG A 149 -7.74 16.74 23.05
CA ARG A 149 -7.07 16.37 24.29
C ARG A 149 -7.52 14.99 24.77
N ILE A 150 -6.63 14.01 24.64
CA ILE A 150 -6.93 12.65 25.06
C ILE A 150 -6.52 12.42 26.51
N ARG A 151 -7.43 11.87 27.30
CA ARG A 151 -7.16 11.58 28.70
C ARG A 151 -6.38 10.28 28.86
N LYS B 1 26.40 -15.65 -10.97
CA LYS B 1 27.06 -14.40 -11.43
C LYS B 1 26.84 -14.16 -12.91
N LYS B 2 27.37 -15.07 -13.74
CA LYS B 2 27.23 -14.97 -15.18
C LYS B 2 25.82 -15.33 -15.62
N MET B 3 25.42 -16.57 -15.38
CA MET B 3 24.09 -17.04 -15.75
C MET B 3 23.10 -16.83 -14.61
N THR B 4 22.31 -15.76 -14.70
CA THR B 4 21.33 -15.44 -13.68
C THR B 4 20.18 -14.63 -14.26
N PHE B 5 19.00 -14.75 -13.65
CA PHE B 5 17.83 -14.03 -14.12
C PHE B 5 17.59 -12.78 -13.27
N GLN B 6 17.64 -11.62 -13.92
CA GLN B 6 17.43 -10.35 -13.23
C GLN B 6 15.98 -9.89 -13.36
N TPO B 7 15.12 -10.45 -12.52
CA TPO B 7 13.70 -10.09 -12.54
CB TPO B 7 13.50 -8.59 -12.28
CG2 TPO B 7 12.03 -8.21 -12.35
OG1 TPO B 7 14.02 -8.23 -11.03
P TPO B 7 13.68 -9.11 -9.79
O1P TPO B 7 12.22 -9.57 -10.02
O2P TPO B 7 14.62 -10.34 -9.91
O3P TPO B 7 13.86 -8.37 -8.49
C TPO B 7 13.07 -10.47 -13.88
O TPO B 7 12.98 -9.65 -14.79
H2 TPO B 7 15.43 -11.12 -11.88
HA TPO B 7 13.21 -10.65 -11.75
HB TPO B 7 14.02 -8.03 -13.05
HG21 TPO B 7 11.42 -9.09 -12.18
HG22 TPO B 7 11.79 -7.81 -13.32
HG23 TPO B 7 11.81 -7.47 -11.59
N PRO B 8 12.60 -11.72 -14.01
CA PRO B 8 11.97 -12.21 -15.24
C PRO B 8 10.85 -11.28 -15.71
N THR B 9 10.64 -11.24 -17.02
CA THR B 9 9.59 -10.40 -17.60
C THR B 9 8.41 -11.25 -18.09
N ASP B 10 8.67 -12.05 -19.12
CA ASP B 10 7.63 -12.92 -19.69
C ASP B 10 8.25 -14.12 -20.39
N PRO B 11 8.79 -15.08 -19.64
CA PRO B 11 9.42 -16.27 -20.20
C PRO B 11 8.40 -17.23 -20.80
N LEU B 12 8.86 -18.42 -21.18
CA LEU B 12 7.99 -19.42 -21.77
C LEU B 12 8.17 -20.78 -21.09
N GLU B 13 7.13 -21.60 -21.15
CA GLU B 13 7.17 -22.92 -20.54
C GLU B 13 6.76 -24.00 -21.54
N ALA A 1 -19.36 -12.30 32.64
CA ALA A 1 -20.30 -12.92 31.72
C ALA A 1 -19.62 -14.00 30.87
N THR A 2 -18.43 -13.68 30.36
CA THR A 2 -17.67 -14.62 29.54
C THR A 2 -18.22 -14.67 28.12
N GLN A 3 -19.50 -14.99 27.98
CA GLN A 3 -20.14 -15.08 26.68
C GLN A 3 -20.06 -13.75 25.94
N ARG A 4 -20.24 -12.66 26.67
CA ARG A 4 -20.17 -11.32 26.09
C ARG A 4 -18.80 -11.06 25.48
N PHE A 5 -17.76 -11.56 26.13
CA PHE A 5 -16.40 -11.38 25.65
C PHE A 5 -16.19 -12.10 24.32
N LEU A 6 -16.79 -13.28 24.19
CA LEU A 6 -16.67 -14.08 22.98
C LEU A 6 -17.21 -13.31 21.77
N ILE A 7 -18.36 -12.67 21.97
CA ILE A 7 -18.99 -11.90 20.90
C ILE A 7 -18.16 -10.67 20.54
N GLU A 8 -17.53 -10.07 21.55
CA GLU A 8 -16.71 -8.88 21.34
C GLU A 8 -15.62 -9.18 20.32
N LYS A 9 -15.11 -10.40 20.34
CA LYS A 9 -14.07 -10.82 19.42
C LYS A 9 -14.60 -10.87 17.99
N PHE A 10 -15.92 -11.03 17.86
CA PHE A 10 -16.55 -11.11 16.54
C PHE A 10 -16.25 -9.86 15.71
N SER A 11 -16.40 -8.70 16.33
CA SER A 11 -16.14 -7.43 15.66
C SER A 11 -14.65 -7.23 15.45
N GLN A 12 -13.84 -7.84 16.30
CA GLN A 12 -12.39 -7.73 16.22
C GLN A 12 -11.94 -6.28 16.43
N GLU A 13 -10.79 -6.11 17.05
CA GLU A 13 -10.25 -4.77 17.31
C GLU A 13 -9.57 -4.21 16.08
N GLN A 14 -10.00 -3.04 15.65
CA GLN A 14 -9.43 -2.38 14.47
C GLN A 14 -8.35 -1.39 14.87
N ILE A 15 -7.25 -1.40 14.15
CA ILE A 15 -6.14 -0.50 14.43
C ILE A 15 -6.36 0.88 13.84
N GLY A 16 -6.02 1.87 14.62
CA GLY A 16 -6.17 3.25 14.20
C GLY A 16 -5.27 4.20 14.97
N GLU A 17 -4.11 3.71 15.39
CA GLU A 17 -3.16 4.52 16.14
C GLU A 17 -2.75 5.74 15.34
N ASN A 18 -2.53 5.56 14.04
CA ASN A 18 -2.13 6.65 13.16
C ASN A 18 -1.96 6.06 11.79
N ILE A 19 -2.86 5.14 11.49
CA ILE A 19 -2.83 4.42 10.26
C ILE A 19 -3.22 5.27 9.07
N VAL A 20 -2.56 5.01 7.96
CA VAL A 20 -2.77 5.73 6.73
C VAL A 20 -3.46 4.83 5.71
N CYS A 21 -2.92 3.64 5.54
CA CYS A 21 -3.48 2.65 4.63
C CYS A 21 -3.14 1.23 5.09
N ARG A 22 -3.92 0.25 4.62
CA ARG A 22 -3.70 -1.13 5.01
C ARG A 22 -3.68 -2.06 3.79
N VAL A 23 -2.74 -2.99 3.77
CA VAL A 23 -2.62 -3.93 2.67
C VAL A 23 -3.06 -5.33 3.10
N ILE A 24 -4.05 -5.87 2.41
CA ILE A 24 -4.57 -7.19 2.73
C ILE A 24 -4.58 -8.11 1.51
N CYS A 25 -3.78 -9.18 1.57
CA CYS A 25 -3.70 -10.12 0.46
C CYS A 25 -4.87 -11.11 0.53
N THR A 26 -5.87 -10.88 -0.31
CA THR A 26 -7.05 -11.75 -0.34
C THR A 26 -6.77 -13.08 -1.02
N THR A 27 -5.77 -13.10 -1.90
CA THR A 27 -5.41 -14.31 -2.62
C THR A 27 -4.59 -15.26 -1.75
N GLY A 28 -4.28 -14.83 -0.53
CA GLY A 28 -3.50 -15.65 0.39
C GLY A 28 -2.07 -15.86 -0.07
N GLN A 29 -1.23 -14.86 0.15
CA GLN A 29 0.18 -14.93 -0.23
C GLN A 29 1.06 -14.15 0.74
N ILE A 30 0.57 -12.98 1.16
CA ILE A 30 1.31 -12.13 2.08
C ILE A 30 0.47 -11.79 3.31
N PRO A 31 1.09 -11.75 4.50
CA PRO A 31 0.39 -11.43 5.75
C PRO A 31 -0.02 -9.96 5.82
N ILE A 32 -1.24 -9.71 6.28
CA ILE A 32 -1.75 -8.35 6.38
C ILE A 32 -0.83 -7.45 7.20
N ARG A 33 -0.64 -6.23 6.71
CA ARG A 33 0.21 -5.25 7.38
C ARG A 33 -0.53 -3.92 7.51
N ASP A 34 -0.04 -3.04 8.39
CA ASP A 34 -0.69 -1.75 8.58
C ASP A 34 0.24 -0.59 8.24
N LEU A 35 -0.18 0.21 7.26
CA LEU A 35 0.60 1.38 6.84
C LEU A 35 0.12 2.60 7.64
N SER A 36 1.05 3.42 8.10
CA SER A 36 0.68 4.58 8.88
C SER A 36 1.59 5.77 8.68
N ALA A 37 1.04 6.92 9.00
CA ALA A 37 1.76 8.18 8.92
C ALA A 37 1.43 9.05 10.13
N ASP A 38 2.45 9.75 10.64
CA ASP A 38 2.26 10.62 11.80
C ASP A 38 1.52 11.90 11.44
N ILE A 39 0.52 12.24 12.25
CA ILE A 39 -0.28 13.44 12.03
C ILE A 39 0.55 14.72 12.17
N SER A 40 1.43 14.73 13.15
CA SER A 40 2.27 15.89 13.43
C SER A 40 3.14 16.26 12.24
N GLN A 41 3.72 15.26 11.60
CA GLN A 41 4.57 15.48 10.44
C GLN A 41 3.74 15.97 9.26
N VAL A 42 2.55 15.42 9.11
CA VAL A 42 1.65 15.81 8.03
C VAL A 42 1.19 17.26 8.19
N LEU A 43 0.71 17.59 9.38
CA LEU A 43 0.23 18.93 9.67
C LEU A 43 1.38 19.94 9.65
N LYS A 44 2.59 19.46 9.95
CA LYS A 44 3.77 20.32 9.96
C LYS A 44 4.32 20.53 8.56
N GLU A 45 4.17 19.51 7.72
CA GLU A 45 4.65 19.58 6.34
C GLU A 45 3.75 20.48 5.50
N LYS A 46 4.32 21.55 4.96
CA LYS A 46 3.56 22.48 4.12
C LYS A 46 3.48 21.98 2.69
N ARG A 47 2.34 21.37 2.36
CA ARG A 47 2.13 20.84 1.01
C ARG A 47 3.10 19.71 0.72
N SER A 48 3.23 19.34 -0.56
CA SER A 48 4.13 18.27 -0.97
C SER A 48 3.67 16.93 -0.41
N ILE A 49 4.53 15.93 -0.50
CA ILE A 49 4.21 14.59 0.01
C ILE A 49 4.63 14.45 1.48
N LYS A 50 3.97 13.54 2.18
CA LYS A 50 4.27 13.31 3.59
C LYS A 50 5.06 12.02 3.78
N LYS A 51 4.41 10.88 3.52
CA LYS A 51 5.06 9.58 3.66
C LYS A 51 4.65 8.63 2.55
N VAL A 52 5.60 7.84 2.06
CA VAL A 52 5.34 6.90 1.00
C VAL A 52 5.84 5.49 1.33
N TRP A 53 5.05 4.51 0.99
CA TRP A 53 5.39 3.10 1.22
C TRP A 53 5.86 2.40 -0.05
N THR A 54 6.89 1.58 0.09
CA THR A 54 7.40 0.81 -1.04
C THR A 54 7.15 -0.68 -0.78
N PHE A 55 6.51 -1.33 -1.74
CA PHE A 55 6.17 -2.74 -1.62
C PHE A 55 6.86 -3.57 -2.69
N GLY A 56 7.24 -4.80 -2.32
CA GLY A 56 7.91 -5.67 -3.28
C GLY A 56 8.59 -6.85 -2.61
N ARG A 57 9.34 -7.62 -3.40
CA ARG A 57 10.04 -8.80 -2.89
C ARG A 57 11.31 -8.42 -2.12
N ASN A 58 11.61 -7.13 -2.05
CA ASN A 58 12.80 -6.66 -1.35
C ASN A 58 12.54 -6.51 0.15
N PRO A 59 13.45 -7.01 1.00
CA PRO A 59 13.32 -6.92 2.46
C PRO A 59 13.48 -5.48 2.95
N ALA A 60 13.90 -4.59 2.05
CA ALA A 60 14.06 -3.20 2.39
C ALA A 60 12.74 -2.52 2.30
N CYS A 61 12.03 -2.86 1.24
CA CYS A 61 10.72 -2.32 0.97
C CYS A 61 9.92 -2.22 2.24
N ASP A 62 9.20 -1.13 2.36
CA ASP A 62 8.36 -0.90 3.52
C ASP A 62 7.38 -2.08 3.70
N TYR A 63 7.17 -2.84 2.63
CA TYR A 63 6.27 -3.99 2.69
C TYR A 63 6.96 -5.24 2.13
N HIS A 64 7.01 -6.29 2.95
CA HIS A 64 7.63 -7.54 2.54
C HIS A 64 6.59 -8.55 2.06
N LEU A 65 6.68 -8.93 0.79
CA LEU A 65 5.74 -9.89 0.22
C LEU A 65 6.48 -11.09 -0.37
N GLY A 66 5.73 -12.01 -0.97
CA GLY A 66 6.34 -13.20 -1.56
C GLY A 66 7.39 -12.86 -2.59
N ASN A 67 8.23 -13.84 -2.92
CA ASN A 67 9.29 -13.63 -3.90
C ASN A 67 8.86 -14.13 -5.28
N ILE A 68 7.90 -13.45 -5.88
CA ILE A 68 7.39 -13.83 -7.19
C ILE A 68 8.24 -13.21 -8.29
N SER A 69 8.69 -14.05 -9.23
CA SER A 69 9.53 -13.59 -10.33
C SER A 69 8.84 -12.47 -11.12
N ARG A 70 7.54 -12.64 -11.35
CA ARG A 70 6.77 -11.64 -12.09
C ARG A 70 6.78 -10.29 -11.38
N LEU A 71 6.96 -10.31 -10.07
CA LEU A 71 6.99 -9.09 -9.27
C LEU A 71 8.41 -8.56 -9.13
N SER A 72 8.54 -7.25 -8.97
CA SER A 72 9.87 -6.64 -8.84
C SER A 72 10.23 -6.35 -7.39
N ASN A 73 11.51 -6.03 -7.15
CA ASN A 73 12.00 -5.71 -5.80
C ASN A 73 11.01 -4.79 -5.10
N LYS A 74 10.70 -3.69 -5.77
CA LYS A 74 9.73 -2.72 -5.29
C LYS A 74 8.60 -2.69 -6.30
N HIS A 75 7.69 -3.65 -6.16
CA HIS A 75 6.58 -3.79 -7.08
C HIS A 75 5.72 -2.56 -7.15
N PHE A 76 5.38 -2.00 -6.00
CA PHE A 76 4.55 -0.81 -5.99
C PHE A 76 4.89 0.13 -4.83
N GLN A 77 4.47 1.39 -4.96
CA GLN A 77 4.73 2.41 -3.95
C GLN A 77 3.49 3.24 -3.65
N ILE A 78 3.15 3.40 -2.38
CA ILE A 78 1.98 4.19 -2.00
C ILE A 78 2.40 5.48 -1.31
N LEU A 79 1.85 6.62 -1.76
CA LEU A 79 2.20 7.91 -1.16
C LEU A 79 0.96 8.65 -0.67
N LEU A 80 1.10 9.30 0.48
CA LEU A 80 0.01 10.07 1.07
C LEU A 80 0.44 11.52 1.32
N GLY A 81 -0.34 12.46 0.79
CA GLY A 81 -0.02 13.86 0.98
C GLY A 81 0.06 14.62 -0.33
N GLU A 82 -0.77 15.63 -0.47
CA GLU A 82 -0.79 16.45 -1.69
C GLU A 82 -1.78 17.60 -1.57
N ASP A 83 -2.97 17.30 -1.07
CA ASP A 83 -4.00 18.32 -0.89
C ASP A 83 -5.02 17.88 0.15
N GLY A 84 -5.47 16.63 0.05
CA GLY A 84 -6.45 16.11 0.98
C GLY A 84 -6.90 14.71 0.63
N ASN A 85 -5.95 13.89 0.17
CA ASN A 85 -6.26 12.52 -0.20
C ASN A 85 -4.99 11.68 -0.28
N LEU A 86 -5.14 10.42 -0.72
CA LEU A 86 -4.00 9.53 -0.83
C LEU A 86 -3.71 9.20 -2.29
N LEU A 87 -2.49 8.74 -2.56
CA LEU A 87 -2.09 8.39 -3.92
C LEU A 87 -1.41 7.03 -3.97
N LEU A 88 -1.71 6.28 -5.02
CA LEU A 88 -1.12 4.95 -5.20
C LEU A 88 -0.18 4.96 -6.39
N ASN A 89 1.07 4.58 -6.18
CA ASN A 89 2.05 4.58 -7.27
C ASN A 89 2.56 3.19 -7.57
N ASP A 90 2.58 2.85 -8.84
CA ASP A 90 3.08 1.55 -9.29
C ASP A 90 4.57 1.66 -9.65
N ILE A 91 5.36 0.71 -9.18
CA ILE A 91 6.81 0.72 -9.46
C ILE A 91 7.31 -0.66 -9.85
N SER A 92 6.44 -1.47 -10.42
CA SER A 92 6.80 -2.81 -10.81
C SER A 92 7.29 -2.89 -12.24
N THR A 93 8.08 -3.92 -12.52
CA THR A 93 8.62 -4.17 -13.85
C THR A 93 7.51 -4.58 -14.82
N ASN A 94 6.75 -5.59 -14.41
CA ASN A 94 5.68 -6.12 -15.24
C ASN A 94 4.40 -5.29 -15.13
N GLY A 95 4.43 -4.24 -14.32
CA GLY A 95 3.27 -3.39 -14.16
C GLY A 95 2.44 -3.73 -12.94
N THR A 96 1.66 -2.75 -12.51
CA THR A 96 0.77 -2.89 -11.35
C THR A 96 -0.68 -2.74 -11.80
N TRP A 97 -1.56 -3.58 -11.28
CA TRP A 97 -2.96 -3.53 -11.69
C TRP A 97 -3.90 -3.07 -10.60
N LEU A 98 -4.97 -2.41 -11.03
CA LEU A 98 -6.00 -1.93 -10.13
C LEU A 98 -7.34 -2.50 -10.60
N ASN A 99 -7.92 -3.37 -9.79
CA ASN A 99 -9.19 -4.01 -10.11
C ASN A 99 -9.27 -4.49 -11.55
N GLY A 100 -8.19 -5.10 -12.05
CA GLY A 100 -8.19 -5.60 -13.40
C GLY A 100 -7.73 -4.58 -14.41
N GLN A 101 -7.64 -3.32 -14.00
CA GLN A 101 -7.21 -2.27 -14.92
C GLN A 101 -5.77 -1.87 -14.63
N LYS A 102 -4.90 -2.07 -15.62
CA LYS A 102 -3.50 -1.75 -15.50
C LYS A 102 -3.27 -0.24 -15.55
N VAL A 103 -2.66 0.29 -14.49
CA VAL A 103 -2.38 1.71 -14.40
C VAL A 103 -0.97 2.02 -14.93
N GLU A 104 -0.71 3.28 -15.21
CA GLU A 104 0.59 3.70 -15.72
C GLU A 104 1.64 3.58 -14.62
N LYS A 105 2.74 2.90 -14.93
CA LYS A 105 3.82 2.73 -13.96
C LYS A 105 4.27 4.08 -13.42
N ASN A 106 4.94 4.05 -12.28
CA ASN A 106 5.44 5.26 -11.62
C ASN A 106 4.48 6.43 -11.75
N SER A 107 3.19 6.10 -11.79
CA SER A 107 2.14 7.12 -11.88
C SER A 107 1.32 7.17 -10.60
N ASN A 108 0.88 8.37 -10.23
CA ASN A 108 0.08 8.53 -9.02
C ASN A 108 -1.40 8.49 -9.34
N GLN A 109 -2.15 7.68 -8.58
CA GLN A 109 -3.58 7.55 -8.80
C GLN A 109 -4.34 7.71 -7.48
N LEU A 110 -5.59 8.17 -7.58
CA LEU A 110 -6.41 8.34 -6.40
C LEU A 110 -6.91 6.98 -5.92
N LEU A 111 -6.43 6.54 -4.77
CA LEU A 111 -6.81 5.25 -4.23
C LEU A 111 -8.30 5.17 -3.92
N SER A 112 -8.77 3.96 -3.66
CA SER A 112 -10.16 3.71 -3.34
C SER A 112 -10.28 2.99 -2.00
N GLN A 113 -11.42 3.18 -1.32
CA GLN A 113 -11.63 2.54 -0.03
C GLN A 113 -11.83 1.03 -0.21
N GLY A 114 -10.89 0.26 0.32
CA GLY A 114 -10.96 -1.17 0.20
C GLY A 114 -10.61 -1.64 -1.21
N ASP A 115 -9.96 -0.78 -1.97
CA ASP A 115 -9.57 -1.09 -3.33
C ASP A 115 -8.66 -2.31 -3.36
N GLU A 116 -8.25 -2.71 -4.56
CA GLU A 116 -7.38 -3.87 -4.70
C GLU A 116 -6.39 -3.69 -5.84
N ILE A 117 -5.12 -4.05 -5.60
CA ILE A 117 -4.09 -3.96 -6.62
C ILE A 117 -3.64 -5.37 -7.02
N THR A 118 -3.65 -5.63 -8.32
CA THR A 118 -3.25 -6.93 -8.83
C THR A 118 -1.86 -6.83 -9.44
N VAL A 119 -1.03 -7.85 -9.22
CA VAL A 119 0.33 -7.82 -9.73
C VAL A 119 0.78 -9.18 -10.27
N GLY A 120 1.79 -9.15 -11.13
CA GLY A 120 2.32 -10.36 -11.70
C GLY A 120 1.52 -10.82 -12.90
N VAL A 121 0.96 -9.87 -13.62
CA VAL A 121 0.15 -10.17 -14.77
C VAL A 121 0.98 -10.69 -15.94
N GLY A 122 0.41 -11.68 -16.62
CA GLY A 122 1.04 -12.31 -17.74
C GLY A 122 0.54 -13.73 -17.90
N VAL A 123 0.42 -14.41 -16.77
CA VAL A 123 -0.09 -15.76 -16.73
C VAL A 123 -1.24 -15.83 -15.73
N GLU A 124 -2.35 -16.42 -16.12
CA GLU A 124 -3.51 -16.53 -15.26
C GLU A 124 -3.12 -17.10 -13.89
N SER A 125 -2.14 -17.98 -13.88
CA SER A 125 -1.69 -18.62 -12.65
C SER A 125 -0.51 -17.88 -12.01
N ASP A 126 -0.13 -16.71 -12.55
CA ASP A 126 1.00 -15.98 -11.99
C ASP A 126 0.63 -14.57 -11.56
N ILE A 127 -0.64 -14.37 -11.32
CA ILE A 127 -1.15 -13.08 -10.87
C ILE A 127 -1.47 -13.11 -9.39
N LEU A 128 -1.14 -12.03 -8.72
CA LEU A 128 -1.37 -11.87 -7.28
C LEU A 128 -2.29 -10.68 -7.02
N SER A 129 -3.28 -10.88 -6.16
CA SER A 129 -4.22 -9.82 -5.83
C SER A 129 -4.04 -9.31 -4.41
N LEU A 130 -4.08 -7.99 -4.25
CA LEU A 130 -3.92 -7.36 -2.94
C LEU A 130 -5.03 -6.34 -2.70
N VAL A 131 -5.47 -6.22 -1.45
CA VAL A 131 -6.53 -5.29 -1.10
C VAL A 131 -6.00 -4.14 -0.24
N ILE A 132 -6.41 -2.93 -0.58
CA ILE A 132 -5.97 -1.75 0.11
C ILE A 132 -7.09 -1.19 1.00
N PHE A 133 -6.79 -1.06 2.28
CA PHE A 133 -7.76 -0.54 3.24
C PHE A 133 -7.32 0.83 3.75
N ILE A 134 -8.00 1.88 3.29
CA ILE A 134 -7.67 3.24 3.70
C ILE A 134 -8.34 3.60 5.01
N ASN A 135 -7.58 4.19 5.93
CA ASN A 135 -8.11 4.59 7.22
C ASN A 135 -8.96 5.84 7.11
N ASP A 136 -10.23 5.72 7.47
CA ASP A 136 -11.16 6.85 7.41
C ASP A 136 -10.89 7.84 8.54
N LYS A 137 -10.41 7.33 9.67
CA LYS A 137 -10.11 8.16 10.82
C LYS A 137 -9.07 9.22 10.45
N PHE A 138 -8.03 8.79 9.74
CA PHE A 138 -6.98 9.70 9.32
C PHE A 138 -7.54 10.84 8.49
N LYS A 139 -8.43 10.50 7.56
CA LYS A 139 -9.05 11.51 6.70
C LYS A 139 -9.80 12.56 7.52
N GLN A 140 -10.49 12.10 8.55
CA GLN A 140 -11.25 13.00 9.42
C GLN A 140 -10.32 14.01 10.09
N CYS A 141 -9.20 13.53 10.60
CA CYS A 141 -8.23 14.40 11.26
C CYS A 141 -7.58 15.34 10.26
N LEU A 142 -7.23 14.81 9.10
CA LEU A 142 -6.59 15.61 8.05
C LEU A 142 -7.55 16.67 7.51
N GLU A 143 -8.82 16.30 7.40
CA GLU A 143 -9.84 17.22 6.89
C GLU A 143 -10.02 18.41 7.84
N GLN A 144 -9.98 18.14 9.14
CA GLN A 144 -10.13 19.19 10.14
C GLN A 144 -8.80 19.85 10.44
N ASN A 145 -7.72 19.07 10.36
CA ASN A 145 -6.37 19.57 10.63
C ASN A 145 -6.34 20.48 11.86
N LYS A 146 -6.21 19.87 13.03
CA LYS A 146 -6.17 20.63 14.28
C LYS A 146 -4.75 20.71 14.83
N VAL A 147 -4.21 21.91 14.90
CA VAL A 147 -2.86 22.13 15.40
C VAL A 147 -2.85 22.20 16.92
N ASP A 148 -1.87 21.55 17.53
CA ASP A 148 -1.75 21.54 18.98
C ASP A 148 -0.30 21.75 19.41
N ARG A 149 0.45 22.50 18.60
CA ARG A 149 1.86 22.78 18.89
C ARG A 149 1.99 23.95 19.85
N ILE A 150 2.98 23.87 20.73
CA ILE A 150 3.22 24.93 21.71
C ILE A 150 4.44 25.75 21.33
N ARG A 151 4.25 27.06 21.19
CA ARG A 151 5.33 27.97 20.83
C ARG A 151 5.29 29.23 21.69
N LYS B 1 14.40 -25.53 -19.66
CA LYS B 1 15.26 -24.56 -20.37
C LYS B 1 14.45 -23.71 -21.35
N LYS B 2 13.82 -22.66 -20.84
CA LYS B 2 13.01 -21.78 -21.66
C LYS B 2 13.66 -20.41 -21.81
N MET B 3 14.38 -20.00 -20.77
CA MET B 3 15.06 -18.70 -20.78
C MET B 3 15.89 -18.52 -19.51
N THR B 4 15.34 -18.95 -18.38
CA THR B 4 16.04 -18.84 -17.10
C THR B 4 16.36 -17.38 -16.78
N PHE B 5 15.64 -16.81 -15.82
CA PHE B 5 15.86 -15.43 -15.43
C PHE B 5 15.23 -15.14 -14.07
N GLN B 6 15.33 -13.89 -13.63
CA GLN B 6 14.76 -13.48 -12.36
C GLN B 6 13.39 -12.84 -12.54
N TPO B 7 13.37 -11.64 -13.11
CA TPO B 7 12.12 -10.92 -13.34
CB TPO B 7 12.24 -9.45 -12.90
CG2 TPO B 7 10.94 -8.70 -13.17
OG1 TPO B 7 12.54 -9.38 -11.54
P TPO B 7 13.83 -8.62 -11.10
O1P TPO B 7 14.21 -9.22 -9.73
O2P TPO B 7 14.90 -9.04 -12.15
O3P TPO B 7 13.63 -7.14 -11.04
C TPO B 7 11.73 -10.98 -14.82
O TPO B 7 12.39 -10.40 -15.67
H2 TPO B 7 14.21 -11.23 -13.38
HA TPO B 7 11.35 -11.39 -12.74
HB TPO B 7 13.03 -8.98 -13.46
HG21 TPO B 7 10.10 -9.33 -12.95
HG22 TPO B 7 10.90 -8.40 -14.21
HG23 TPO B 7 10.90 -7.81 -12.54
N PRO B 8 10.62 -11.68 -15.14
CA PRO B 8 10.15 -11.80 -16.52
C PRO B 8 9.83 -10.44 -17.15
N THR B 9 9.98 -10.36 -18.46
CA THR B 9 9.71 -9.12 -19.19
C THR B 9 8.50 -9.27 -20.11
N ASP B 10 8.23 -10.50 -20.54
CA ASP B 10 7.10 -10.77 -21.42
C ASP B 10 7.30 -10.10 -22.77
N PRO B 11 8.28 -10.58 -23.56
CA PRO B 11 8.57 -10.02 -24.89
C PRO B 11 7.34 -9.96 -25.78
N LEU B 12 6.85 -8.74 -26.03
CA LEU B 12 5.68 -8.55 -26.87
C LEU B 12 4.45 -9.23 -26.27
N GLU B 13 3.43 -8.43 -25.97
CA GLU B 13 2.20 -8.94 -25.39
C GLU B 13 2.47 -9.63 -24.06
N ALA A 1 2.23 6.59 39.42
CA ALA A 1 2.66 5.50 38.55
C ALA A 1 2.78 5.98 37.10
N THR A 2 3.79 5.47 36.40
CA THR A 2 4.02 5.84 35.01
C THR A 2 4.70 4.71 34.25
N GLN A 3 5.75 4.16 34.83
CA GLN A 3 6.49 3.07 34.21
C GLN A 3 5.60 1.85 33.99
N ARG A 4 4.69 1.62 34.93
CA ARG A 4 3.77 0.49 34.84
C ARG A 4 2.73 0.72 33.75
N PHE A 5 2.28 1.97 33.62
CA PHE A 5 1.28 2.32 32.61
C PHE A 5 1.78 1.99 31.22
N LEU A 6 3.06 2.27 30.97
CA LEU A 6 3.67 1.99 29.67
C LEU A 6 3.60 0.51 29.34
N ILE A 7 3.66 -0.32 30.37
CA ILE A 7 3.59 -1.77 30.19
C ILE A 7 2.18 -2.21 29.84
N GLU A 8 1.19 -1.54 30.41
CA GLU A 8 -0.21 -1.86 30.15
C GLU A 8 -0.51 -1.78 28.65
N LYS A 9 0.03 -0.76 28.01
CA LYS A 9 -0.15 -0.56 26.58
C LYS A 9 0.53 -1.68 25.78
N PHE A 10 1.54 -2.29 26.40
CA PHE A 10 2.29 -3.37 25.76
C PHE A 10 1.37 -4.50 25.33
N SER A 11 0.50 -4.91 26.24
CA SER A 11 -0.45 -5.99 25.97
C SER A 11 -1.65 -5.47 25.19
N GLN A 12 -2.10 -4.28 25.54
CA GLN A 12 -3.25 -3.67 24.88
C GLN A 12 -2.84 -3.02 23.57
N GLU A 13 -3.18 -3.67 22.45
CA GLU A 13 -2.86 -3.15 21.14
C GLU A 13 -3.98 -2.27 20.60
N GLN A 14 -3.66 -1.01 20.32
CA GLN A 14 -4.64 -0.07 19.81
C GLN A 14 -4.41 0.22 18.32
N ILE A 15 -5.32 -0.29 17.49
CA ILE A 15 -5.22 -0.09 16.05
C ILE A 15 -5.78 1.25 15.63
N GLY A 16 -5.07 1.88 14.72
CA GLY A 16 -5.48 3.18 14.22
C GLY A 16 -4.86 4.31 15.02
N GLU A 17 -3.55 4.24 15.25
CA GLU A 17 -2.85 5.26 16.00
C GLU A 17 -2.45 6.44 15.11
N ASN A 18 -2.19 6.14 13.84
CA ASN A 18 -1.80 7.16 12.88
C ASN A 18 -1.69 6.51 11.53
N ILE A 19 -2.58 5.55 11.33
CA ILE A 19 -2.62 4.76 10.14
C ILE A 19 -3.24 5.51 8.97
N VAL A 20 -2.57 5.39 7.83
CA VAL A 20 -2.98 6.01 6.61
C VAL A 20 -3.91 5.07 5.84
N CYS A 21 -3.37 3.91 5.50
CA CYS A 21 -4.12 2.89 4.79
C CYS A 21 -3.67 1.49 5.25
N ARG A 22 -4.46 0.47 4.93
CA ARG A 22 -4.13 -0.90 5.33
C ARG A 22 -4.19 -1.85 4.13
N VAL A 23 -3.10 -2.55 3.89
CA VAL A 23 -3.04 -3.50 2.78
C VAL A 23 -3.40 -4.91 3.24
N ILE A 24 -4.43 -5.48 2.61
CA ILE A 24 -4.88 -6.82 2.95
C ILE A 24 -4.95 -7.71 1.72
N CYS A 25 -4.18 -8.79 1.72
CA CYS A 25 -4.16 -9.73 0.60
C CYS A 25 -5.35 -10.67 0.68
N THR A 26 -6.30 -10.50 -0.24
CA THR A 26 -7.50 -11.33 -0.27
C THR A 26 -7.24 -12.67 -0.93
N THR A 27 -6.26 -12.72 -1.83
CA THR A 27 -5.93 -13.96 -2.52
C THR A 27 -5.06 -14.87 -1.66
N GLY A 28 -4.71 -14.40 -0.46
CA GLY A 28 -3.90 -15.19 0.44
C GLY A 28 -2.49 -15.43 -0.09
N GLN A 29 -1.63 -14.43 0.08
CA GLN A 29 -0.24 -14.53 -0.38
C GLN A 29 0.69 -13.72 0.53
N ILE A 30 0.22 -12.55 0.95
CA ILE A 30 1.01 -11.67 1.80
C ILE A 30 0.25 -11.34 3.09
N PRO A 31 0.95 -11.27 4.24
CA PRO A 31 0.31 -10.97 5.52
C PRO A 31 -0.10 -9.50 5.62
N ILE A 32 -1.28 -9.26 6.17
CA ILE A 32 -1.80 -7.90 6.31
C ILE A 32 -0.83 -7.00 7.06
N ARG A 33 -0.60 -5.81 6.50
CA ARG A 33 0.29 -4.82 7.10
C ARG A 33 -0.43 -3.49 7.26
N ASP A 34 0.12 -2.60 8.07
CA ASP A 34 -0.50 -1.30 8.30
C ASP A 34 0.39 -0.15 7.84
N LEU A 35 -0.12 0.63 6.89
CA LEU A 35 0.59 1.79 6.37
C LEU A 35 0.20 3.01 7.19
N SER A 36 1.18 3.73 7.74
CA SER A 36 0.85 4.89 8.55
C SER A 36 1.77 6.06 8.33
N ALA A 37 1.23 7.22 8.66
CA ALA A 37 1.94 8.48 8.56
C ALA A 37 1.53 9.43 9.69
N ASP A 38 2.50 10.17 10.21
CA ASP A 38 2.23 11.09 11.30
C ASP A 38 1.61 12.39 10.78
N ILE A 39 0.58 12.85 11.48
CA ILE A 39 -0.15 14.06 11.11
C ILE A 39 0.74 15.30 11.21
N SER A 40 1.53 15.39 12.26
CA SER A 40 2.40 16.53 12.48
C SER A 40 3.35 16.74 11.30
N GLN A 41 3.85 15.62 10.78
CA GLN A 41 4.76 15.65 9.65
C GLN A 41 4.04 16.11 8.38
N VAL A 42 2.81 15.64 8.21
CA VAL A 42 2.01 16.00 7.05
C VAL A 42 1.59 17.45 7.10
N LEU A 43 1.28 17.95 8.30
CA LEU A 43 0.86 19.33 8.47
C LEU A 43 2.02 20.29 8.23
N LYS A 44 3.21 19.93 8.70
CA LYS A 44 4.39 20.77 8.54
C LYS A 44 4.94 20.66 7.12
N GLU A 45 4.90 19.45 6.56
CA GLU A 45 5.40 19.22 5.21
C GLU A 45 4.59 20.00 4.19
N LYS A 46 5.27 20.87 3.44
CA LYS A 46 4.61 21.69 2.43
C LYS A 46 4.78 21.08 1.04
N ARG A 47 5.76 20.19 0.90
CA ARG A 47 6.03 19.54 -0.38
C ARG A 47 4.77 18.88 -0.94
N SER A 48 4.91 18.19 -2.06
CA SER A 48 3.78 17.51 -2.69
C SER A 48 3.52 16.16 -2.02
N ILE A 49 4.58 15.53 -1.55
CA ILE A 49 4.47 14.23 -0.89
C ILE A 49 4.95 14.29 0.55
N LYS A 50 4.47 13.35 1.37
CA LYS A 50 4.86 13.30 2.78
C LYS A 50 5.55 11.98 3.10
N LYS A 51 4.82 10.89 2.94
CA LYS A 51 5.35 9.56 3.20
C LYS A 51 4.88 8.56 2.16
N VAL A 52 5.83 7.81 1.60
CA VAL A 52 5.49 6.83 0.58
C VAL A 52 6.01 5.44 0.92
N TRP A 53 5.18 4.44 0.66
CA TRP A 53 5.53 3.04 0.92
C TRP A 53 5.94 2.31 -0.35
N THR A 54 6.97 1.48 -0.24
CA THR A 54 7.42 0.68 -1.37
C THR A 54 7.15 -0.80 -1.08
N PHE A 55 6.46 -1.45 -2.01
CA PHE A 55 6.11 -2.86 -1.85
C PHE A 55 6.88 -3.74 -2.83
N GLY A 56 7.20 -4.95 -2.39
CA GLY A 56 7.92 -5.89 -3.23
C GLY A 56 8.54 -7.02 -2.44
N ARG A 57 9.29 -7.88 -3.13
CA ARG A 57 9.94 -9.02 -2.49
C ARG A 57 11.20 -8.60 -1.73
N ASN A 58 11.53 -7.31 -1.77
CA ASN A 58 12.70 -6.80 -1.08
C ASN A 58 12.40 -6.51 0.38
N PRO A 59 13.28 -6.94 1.31
CA PRO A 59 13.10 -6.70 2.74
C PRO A 59 13.27 -5.22 3.09
N ALA A 60 13.70 -4.43 2.11
CA ALA A 60 13.87 -3.01 2.30
C ALA A 60 12.55 -2.33 2.13
N CYS A 61 11.86 -2.79 1.09
CA CYS A 61 10.56 -2.28 0.76
C CYS A 61 9.71 -2.14 2.00
N ASP A 62 9.00 -1.03 2.08
CA ASP A 62 8.13 -0.79 3.21
C ASP A 62 7.14 -1.93 3.38
N TYR A 63 6.96 -2.71 2.31
CA TYR A 63 6.04 -3.85 2.34
C TYR A 63 6.72 -5.11 1.82
N HIS A 64 6.69 -6.17 2.63
CA HIS A 64 7.31 -7.42 2.25
C HIS A 64 6.26 -8.43 1.78
N LEU A 65 6.43 -8.93 0.56
CA LEU A 65 5.49 -9.89 -0.01
C LEU A 65 6.20 -11.18 -0.43
N GLY A 66 5.43 -12.18 -0.83
CA GLY A 66 6.01 -13.44 -1.26
C GLY A 66 7.04 -13.27 -2.37
N ASN A 67 7.96 -14.21 -2.46
CA ASN A 67 9.01 -14.16 -3.46
C ASN A 67 8.48 -14.61 -4.83
N ILE A 68 7.85 -13.68 -5.54
CA ILE A 68 7.30 -13.98 -6.85
C ILE A 68 8.17 -13.40 -7.96
N SER A 69 8.69 -14.27 -8.83
CA SER A 69 9.54 -13.85 -9.93
C SER A 69 8.84 -12.79 -10.77
N ARG A 70 7.55 -12.98 -11.02
CA ARG A 70 6.76 -12.05 -11.81
C ARG A 70 6.74 -10.66 -11.17
N LEU A 71 7.11 -10.58 -9.89
CA LEU A 71 7.12 -9.31 -9.19
C LEU A 71 8.55 -8.81 -9.00
N SER A 72 8.72 -7.49 -8.97
CA SER A 72 10.04 -6.89 -8.81
C SER A 72 10.35 -6.57 -7.34
N ASN A 73 11.63 -6.31 -7.05
CA ASN A 73 12.06 -5.98 -5.68
C ASN A 73 11.07 -5.03 -5.04
N LYS A 74 10.79 -3.96 -5.75
CA LYS A 74 9.81 -2.95 -5.34
C LYS A 74 8.76 -2.88 -6.43
N HIS A 75 7.82 -3.81 -6.36
CA HIS A 75 6.77 -3.93 -7.35
C HIS A 75 5.92 -2.69 -7.45
N PHE A 76 5.50 -2.17 -6.31
CA PHE A 76 4.66 -0.98 -6.31
C PHE A 76 4.94 -0.09 -5.10
N GLN A 77 4.57 1.19 -5.22
CA GLN A 77 4.80 2.15 -4.15
C GLN A 77 3.57 3.02 -3.91
N ILE A 78 3.29 3.33 -2.63
CA ILE A 78 2.14 4.16 -2.31
C ILE A 78 2.58 5.47 -1.63
N LEU A 79 2.12 6.61 -2.17
CA LEU A 79 2.49 7.90 -1.60
C LEU A 79 1.30 8.58 -0.93
N LEU A 80 1.60 9.35 0.11
CA LEU A 80 0.57 10.08 0.85
C LEU A 80 0.89 11.57 0.90
N GLY A 81 -0.03 12.39 0.41
CA GLY A 81 0.19 13.83 0.41
C GLY A 81 -0.92 14.59 -0.28
N GLU A 82 -0.54 15.47 -1.20
CA GLU A 82 -1.51 16.28 -1.95
C GLU A 82 -2.21 17.28 -1.03
N ASP A 83 -3.08 16.77 -0.17
CA ASP A 83 -3.81 17.63 0.76
C ASP A 83 -4.68 16.79 1.70
N GLY A 84 -5.60 16.03 1.12
CA GLY A 84 -6.48 15.20 1.91
C GLY A 84 -6.86 13.92 1.20
N ASN A 85 -5.87 13.12 0.83
CA ASN A 85 -6.11 11.87 0.14
C ASN A 85 -4.81 11.07 -0.03
N LEU A 86 -4.93 9.88 -0.62
CA LEU A 86 -3.76 9.03 -0.83
C LEU A 86 -3.52 8.81 -2.32
N LEU A 87 -2.30 8.41 -2.66
CA LEU A 87 -1.95 8.18 -4.06
C LEU A 87 -1.23 6.83 -4.20
N LEU A 88 -1.49 6.14 -5.30
CA LEU A 88 -0.88 4.85 -5.55
C LEU A 88 0.09 4.94 -6.72
N ASN A 89 1.35 4.56 -6.50
CA ASN A 89 2.35 4.61 -7.55
C ASN A 89 2.90 3.24 -7.88
N ASP A 90 2.66 2.80 -9.10
CA ASP A 90 3.15 1.51 -9.55
C ASP A 90 4.64 1.61 -9.89
N ILE A 91 5.42 0.59 -9.51
CA ILE A 91 6.86 0.61 -9.77
C ILE A 91 7.40 -0.79 -10.04
N SER A 92 6.64 -1.60 -10.77
CA SER A 92 7.05 -2.96 -11.06
C SER A 92 7.74 -3.04 -12.42
N THR A 93 8.53 -4.10 -12.59
CA THR A 93 9.23 -4.32 -13.85
C THR A 93 8.23 -4.69 -14.95
N ASN A 94 7.21 -5.47 -14.59
CA ASN A 94 6.20 -5.91 -15.56
C ASN A 94 4.93 -5.07 -15.51
N GLY A 95 4.68 -4.35 -14.40
CA GLY A 95 3.51 -3.54 -14.32
C GLY A 95 2.64 -3.83 -13.11
N THR A 96 1.81 -2.85 -12.75
CA THR A 96 0.89 -2.95 -11.62
C THR A 96 -0.54 -2.83 -12.12
N TRP A 97 -1.43 -3.66 -11.59
CA TRP A 97 -2.82 -3.65 -12.04
C TRP A 97 -3.79 -3.17 -10.98
N LEU A 98 -4.86 -2.54 -11.46
CA LEU A 98 -5.92 -2.07 -10.60
C LEU A 98 -7.24 -2.67 -11.09
N ASN A 99 -7.82 -3.52 -10.26
CA ASN A 99 -9.08 -4.20 -10.60
C ASN A 99 -9.11 -4.71 -12.04
N GLY A 100 -8.00 -5.32 -12.48
CA GLY A 100 -7.95 -5.86 -13.82
C GLY A 100 -7.49 -4.84 -14.85
N GLN A 101 -7.40 -3.59 -14.46
CA GLN A 101 -6.96 -2.54 -15.38
C GLN A 101 -5.53 -2.12 -15.07
N LYS A 102 -4.64 -2.32 -16.04
CA LYS A 102 -3.26 -1.98 -15.89
C LYS A 102 -3.04 -0.47 -15.92
N VAL A 103 -2.51 0.07 -14.83
CA VAL A 103 -2.27 1.51 -14.73
C VAL A 103 -0.87 1.87 -15.23
N GLU A 104 -0.65 3.15 -15.49
CA GLU A 104 0.64 3.61 -15.98
C GLU A 104 1.69 3.52 -14.88
N LYS A 105 2.80 2.84 -15.17
CA LYS A 105 3.87 2.68 -14.19
C LYS A 105 4.30 4.03 -13.65
N ASN A 106 4.97 4.01 -12.51
CA ASN A 106 5.47 5.21 -11.85
C ASN A 106 4.51 6.40 -12.02
N SER A 107 3.23 6.09 -12.03
CA SER A 107 2.20 7.12 -12.18
C SER A 107 1.38 7.26 -10.90
N ASN A 108 0.97 8.47 -10.59
CA ASN A 108 0.17 8.73 -9.39
C ASN A 108 -1.31 8.59 -9.68
N GLN A 109 -2.02 7.85 -8.82
CA GLN A 109 -3.45 7.64 -8.97
C GLN A 109 -4.17 7.96 -7.67
N LEU A 110 -5.40 8.44 -7.77
CA LEU A 110 -6.19 8.76 -6.59
C LEU A 110 -6.66 7.49 -5.89
N LEU A 111 -6.55 7.48 -4.57
CA LEU A 111 -6.94 6.32 -3.78
C LEU A 111 -8.41 5.99 -3.98
N SER A 112 -8.73 4.72 -3.81
CA SER A 112 -10.09 4.22 -3.95
C SER A 112 -10.52 3.48 -2.68
N GLN A 113 -11.82 3.45 -2.42
CA GLN A 113 -12.34 2.77 -1.25
C GLN A 113 -12.25 1.26 -1.43
N GLY A 114 -11.53 0.59 -0.54
CA GLY A 114 -11.37 -0.84 -0.63
C GLY A 114 -10.75 -1.26 -1.95
N ASP A 115 -10.01 -0.35 -2.57
CA ASP A 115 -9.35 -0.63 -3.84
C ASP A 115 -8.52 -1.90 -3.77
N GLU A 116 -8.10 -2.37 -4.93
CA GLU A 116 -7.29 -3.58 -5.02
C GLU A 116 -6.27 -3.49 -6.15
N ILE A 117 -5.04 -3.89 -5.87
CA ILE A 117 -3.98 -3.87 -6.87
C ILE A 117 -3.54 -5.29 -7.22
N THR A 118 -3.52 -5.58 -8.52
CA THR A 118 -3.11 -6.89 -9.00
C THR A 118 -1.72 -6.81 -9.59
N VAL A 119 -0.89 -7.82 -9.32
CA VAL A 119 0.47 -7.83 -9.84
C VAL A 119 0.92 -9.22 -10.29
N GLY A 120 1.93 -9.25 -11.15
CA GLY A 120 2.45 -10.49 -11.66
C GLY A 120 1.70 -10.97 -12.88
N VAL A 121 1.12 -10.03 -13.62
CA VAL A 121 0.37 -10.35 -14.81
C VAL A 121 1.25 -10.92 -15.91
N GLY A 122 0.70 -11.92 -16.59
CA GLY A 122 1.39 -12.60 -17.66
C GLY A 122 0.96 -14.04 -17.71
N VAL A 123 0.83 -14.64 -16.53
CA VAL A 123 0.40 -16.00 -16.40
C VAL A 123 -0.78 -16.05 -15.44
N GLU A 124 -1.81 -16.80 -15.81
CA GLU A 124 -3.01 -16.90 -14.98
C GLU A 124 -2.66 -17.25 -13.53
N SER A 125 -1.63 -18.05 -13.34
CA SER A 125 -1.23 -18.48 -12.01
C SER A 125 -0.14 -17.58 -11.41
N ASP A 126 0.39 -16.63 -12.18
CA ASP A 126 1.45 -15.76 -11.66
C ASP A 126 0.96 -14.38 -11.29
N ILE A 127 -0.33 -14.28 -11.09
CA ILE A 127 -0.95 -13.03 -10.70
C ILE A 127 -1.35 -13.04 -9.23
N LEU A 128 -1.11 -11.92 -8.58
CA LEU A 128 -1.43 -11.74 -7.17
C LEU A 128 -2.35 -10.54 -6.98
N SER A 129 -3.40 -10.70 -6.18
CA SER A 129 -4.33 -9.62 -5.93
C SER A 129 -4.23 -9.09 -4.50
N LEU A 130 -4.10 -7.78 -4.39
CA LEU A 130 -3.97 -7.12 -3.09
C LEU A 130 -5.07 -6.08 -2.90
N VAL A 131 -5.71 -6.08 -1.74
CA VAL A 131 -6.78 -5.12 -1.45
C VAL A 131 -6.34 -4.12 -0.40
N ILE A 132 -6.68 -2.85 -0.62
CA ILE A 132 -6.31 -1.79 0.28
C ILE A 132 -7.52 -1.31 1.08
N PHE A 133 -7.31 -1.07 2.37
CA PHE A 133 -8.36 -0.60 3.25
C PHE A 133 -7.99 0.75 3.84
N ILE A 134 -8.86 1.74 3.61
CA ILE A 134 -8.63 3.09 4.11
C ILE A 134 -9.14 3.26 5.54
N ASN A 135 -8.31 3.86 6.38
CA ASN A 135 -8.68 4.09 7.78
C ASN A 135 -9.47 5.38 7.93
N ASP A 136 -10.74 5.26 8.29
CA ASP A 136 -11.62 6.42 8.46
C ASP A 136 -11.10 7.32 9.58
N LYS A 137 -10.43 6.72 10.55
CA LYS A 137 -9.88 7.48 11.67
C LYS A 137 -8.95 8.58 11.19
N PHE A 138 -8.11 8.23 10.21
CA PHE A 138 -7.16 9.17 9.64
C PHE A 138 -7.88 10.37 9.04
N LYS A 139 -8.97 10.11 8.32
CA LYS A 139 -9.75 11.15 7.69
C LYS A 139 -10.33 12.11 8.73
N GLN A 140 -10.66 11.57 9.90
CA GLN A 140 -11.22 12.37 10.99
C GLN A 140 -10.24 13.46 11.42
N CYS A 141 -8.99 13.09 11.59
CA CYS A 141 -7.95 14.04 12.00
C CYS A 141 -7.69 15.07 10.91
N LEU A 142 -7.60 14.60 9.67
CA LEU A 142 -7.34 15.48 8.54
C LEU A 142 -8.50 16.46 8.34
N GLU A 143 -9.71 16.01 8.60
CA GLU A 143 -10.89 16.85 8.45
C GLU A 143 -10.83 18.06 9.36
N GLN A 144 -10.50 17.82 10.63
CA GLN A 144 -10.40 18.89 11.61
C GLN A 144 -9.05 19.58 11.53
N ASN A 145 -8.00 18.80 11.26
CA ASN A 145 -6.64 19.32 11.15
C ASN A 145 -6.34 20.32 12.26
N LYS A 146 -6.74 19.99 13.48
CA LYS A 146 -6.51 20.86 14.63
C LYS A 146 -5.53 20.21 15.61
N VAL A 147 -4.91 21.04 16.44
CA VAL A 147 -3.97 20.54 17.44
C VAL A 147 -4.61 20.41 18.81
N ASP A 148 -4.46 19.24 19.42
CA ASP A 148 -5.03 18.98 20.73
C ASP A 148 -4.16 19.56 21.84
N ARG A 149 -4.39 20.82 22.16
CA ARG A 149 -3.62 21.51 23.20
C ARG A 149 -4.51 21.85 24.39
N ILE A 150 -3.91 21.93 25.57
CA ILE A 150 -4.64 22.25 26.79
C ILE A 150 -4.94 23.74 26.87
N ARG A 151 -6.22 24.07 27.01
CA ARG A 151 -6.65 25.46 27.10
C ARG A 151 -6.26 26.24 25.84
N LYS B 1 25.90 -24.11 -17.35
CA LYS B 1 26.12 -22.68 -16.96
C LYS B 1 24.98 -22.18 -16.10
N LYS B 2 25.26 -21.14 -15.31
CA LYS B 2 24.25 -20.55 -14.43
C LYS B 2 23.24 -19.74 -15.23
N MET B 3 21.96 -19.92 -14.92
CA MET B 3 20.90 -19.20 -15.61
C MET B 3 20.46 -17.97 -14.81
N THR B 4 20.96 -16.80 -15.22
CA THR B 4 20.62 -15.56 -14.54
C THR B 4 19.32 -14.98 -15.08
N PHE B 5 18.33 -14.84 -14.21
CA PHE B 5 17.04 -14.30 -14.61
C PHE B 5 16.64 -13.12 -13.71
N GLN B 6 16.72 -13.33 -12.40
CA GLN B 6 16.38 -12.29 -11.43
C GLN B 6 14.91 -11.94 -11.51
N TPO B 7 14.53 -11.14 -12.50
CA TPO B 7 13.15 -10.73 -12.68
CB TPO B 7 12.92 -9.29 -12.18
CG2 TPO B 7 11.47 -8.85 -12.39
OG1 TPO B 7 13.23 -9.21 -10.82
P TPO B 7 14.25 -8.12 -10.36
O1P TPO B 7 13.72 -7.64 -8.98
O2P TPO B 7 15.58 -8.87 -10.16
O3P TPO B 7 14.37 -6.99 -11.34
C TPO B 7 12.73 -10.82 -14.15
O TPO B 7 13.13 -9.98 -14.97
H2 TPO B 7 15.21 -10.81 -13.13
HA TPO B 7 12.52 -11.39 -12.10
HB TPO B 7 13.57 -8.62 -12.73
HG21 TPO B 7 11.46 -7.96 -13.01
HG22 TPO B 7 11.02 -8.63 -11.43
HG23 TPO B 7 10.92 -9.64 -12.88
N PRO B 8 11.93 -11.83 -14.52
CA PRO B 8 11.46 -12.01 -15.90
C PRO B 8 10.85 -10.74 -16.48
N THR B 9 11.53 -10.16 -17.47
CA THR B 9 11.06 -8.94 -18.12
C THR B 9 9.67 -9.17 -18.74
N ASP B 10 9.47 -10.35 -19.30
CA ASP B 10 8.21 -10.69 -19.94
C ASP B 10 7.90 -9.73 -21.09
N PRO B 11 8.49 -9.98 -22.27
CA PRO B 11 8.27 -9.14 -23.46
C PRO B 11 6.86 -9.28 -24.02
N LEU B 12 6.30 -8.15 -24.45
CA LEU B 12 4.95 -8.15 -25.01
C LEU B 12 4.96 -7.56 -26.42
N GLU B 13 4.33 -8.26 -27.36
CA GLU B 13 4.26 -7.81 -28.74
C GLU B 13 3.08 -8.44 -29.46
N ALA A 1 -6.44 -21.79 21.41
CA ALA A 1 -7.65 -21.21 20.82
C ALA A 1 -7.76 -19.73 21.15
N THR A 2 -8.13 -18.92 20.17
CA THR A 2 -8.29 -17.48 20.36
C THR A 2 -9.70 -17.15 20.83
N GLN A 3 -10.04 -17.58 22.04
CA GLN A 3 -11.35 -17.32 22.60
C GLN A 3 -11.53 -15.84 22.90
N ARG A 4 -10.50 -15.22 23.45
CA ARG A 4 -10.54 -13.80 23.79
C ARG A 4 -10.66 -12.95 22.52
N PHE A 5 -10.00 -13.39 21.46
CA PHE A 5 -10.04 -12.67 20.19
C PHE A 5 -11.47 -12.58 19.66
N LEU A 6 -12.22 -13.66 19.79
CA LEU A 6 -13.60 -13.69 19.33
C LEU A 6 -14.44 -12.63 20.03
N ILE A 7 -14.22 -12.47 21.32
CA ILE A 7 -14.96 -11.48 22.11
C ILE A 7 -14.55 -10.06 21.72
N GLU A 8 -13.28 -9.88 21.39
CA GLU A 8 -12.78 -8.57 21.01
C GLU A 8 -13.57 -8.03 19.81
N LYS A 9 -13.96 -8.93 18.92
CA LYS A 9 -14.73 -8.57 17.74
C LYS A 9 -16.13 -8.08 18.13
N PHE A 10 -16.60 -8.51 19.30
CA PHE A 10 -17.91 -8.13 19.80
C PHE A 10 -18.06 -6.61 19.87
N SER A 11 -17.05 -5.97 20.46
CA SER A 11 -17.06 -4.51 20.59
C SER A 11 -16.63 -3.84 19.28
N GLN A 12 -15.77 -4.53 18.54
CA GLN A 12 -15.27 -4.00 17.27
C GLN A 12 -14.54 -2.68 17.47
N GLU A 13 -13.36 -2.76 18.06
CA GLU A 13 -12.54 -1.57 18.31
C GLU A 13 -11.62 -1.28 17.13
N GLN A 14 -11.78 -0.08 16.55
CA GLN A 14 -10.97 0.32 15.42
C GLN A 14 -9.65 0.93 15.88
N ILE A 15 -8.57 0.16 15.78
CA ILE A 15 -7.25 0.63 16.18
C ILE A 15 -6.60 1.46 15.11
N GLY A 16 -5.98 2.54 15.54
CA GLY A 16 -5.31 3.44 14.63
C GLY A 16 -4.52 4.52 15.35
N GLU A 17 -3.21 4.34 15.43
CA GLU A 17 -2.34 5.30 16.10
C GLU A 17 -2.05 6.50 15.20
N ASN A 18 -1.96 6.23 13.89
CA ASN A 18 -1.68 7.28 12.92
C ASN A 18 -1.59 6.61 11.57
N ILE A 19 -2.48 5.65 11.38
CA ILE A 19 -2.53 4.86 10.19
C ILE A 19 -3.15 5.60 9.02
N VAL A 20 -2.49 5.47 7.87
CA VAL A 20 -2.91 6.10 6.66
C VAL A 20 -3.83 5.16 5.88
N CYS A 21 -3.27 4.00 5.53
CA CYS A 21 -4.00 2.97 4.81
C CYS A 21 -3.47 1.59 5.17
N ARG A 22 -4.22 0.54 4.82
CA ARG A 22 -3.80 -0.82 5.13
C ARG A 22 -3.87 -1.71 3.89
N VAL A 23 -2.85 -2.56 3.72
CA VAL A 23 -2.79 -3.47 2.58
C VAL A 23 -3.11 -4.89 3.01
N ILE A 24 -4.14 -5.48 2.39
CA ILE A 24 -4.56 -6.83 2.70
C ILE A 24 -4.50 -7.73 1.48
N CYS A 25 -3.78 -8.84 1.59
CA CYS A 25 -3.66 -9.79 0.49
C CYS A 25 -4.81 -10.79 0.52
N THR A 26 -5.78 -10.59 -0.36
CA THR A 26 -6.94 -11.48 -0.42
C THR A 26 -6.60 -12.80 -1.12
N THR A 27 -5.53 -12.81 -1.90
CA THR A 27 -5.11 -14.01 -2.62
C THR A 27 -4.34 -14.96 -1.70
N GLY A 28 -4.13 -14.55 -0.46
CA GLY A 28 -3.42 -15.38 0.50
C GLY A 28 -1.98 -15.65 0.08
N GLN A 29 -1.12 -14.64 0.23
CA GLN A 29 0.28 -14.78 -0.13
C GLN A 29 1.16 -13.93 0.78
N ILE A 30 0.71 -12.72 1.06
CA ILE A 30 1.47 -11.81 1.92
C ILE A 30 0.65 -11.41 3.16
N PRO A 31 1.30 -11.29 4.33
CA PRO A 31 0.61 -10.93 5.57
C PRO A 31 0.20 -9.46 5.58
N ILE A 32 -1.00 -9.20 6.10
CA ILE A 32 -1.53 -7.85 6.16
C ILE A 32 -0.59 -6.90 6.91
N ARG A 33 -0.55 -5.65 6.45
CA ARG A 33 0.29 -4.63 7.06
C ARG A 33 -0.48 -3.32 7.14
N ASP A 34 0.02 -2.38 7.95
CA ASP A 34 -0.65 -1.09 8.10
C ASP A 34 0.27 0.07 7.77
N LEU A 35 -0.13 0.86 6.77
CA LEU A 35 0.63 2.03 6.36
C LEU A 35 0.24 3.21 7.23
N SER A 36 1.21 3.90 7.80
CA SER A 36 0.90 5.05 8.63
C SER A 36 1.80 6.23 8.39
N ALA A 37 1.26 7.38 8.73
CA ALA A 37 1.96 8.65 8.60
C ALA A 37 1.57 9.60 9.72
N ASP A 38 2.54 10.38 10.19
CA ASP A 38 2.28 11.33 11.28
C ASP A 38 1.52 12.55 10.77
N ILE A 39 0.53 12.97 11.55
CA ILE A 39 -0.30 14.12 11.21
C ILE A 39 0.50 15.41 11.15
N SER A 40 1.41 15.58 12.11
CA SER A 40 2.23 16.77 12.19
C SER A 40 3.01 16.98 10.90
N GLN A 41 3.52 15.89 10.36
CA GLN A 41 4.29 15.94 9.13
C GLN A 41 3.40 16.30 7.94
N VAL A 42 2.16 15.80 7.97
CA VAL A 42 1.20 16.06 6.91
C VAL A 42 0.72 17.51 6.96
N LEU A 43 0.53 18.03 8.17
CA LEU A 43 0.08 19.41 8.35
C LEU A 43 1.17 20.39 7.97
N LYS A 44 2.43 20.01 8.22
CA LYS A 44 3.56 20.87 7.91
C LYS A 44 3.85 20.87 6.41
N GLU A 45 3.95 19.69 5.83
CA GLU A 45 4.21 19.56 4.40
C GLU A 45 2.93 19.69 3.59
N LYS A 46 2.88 20.68 2.72
CA LYS A 46 1.70 20.91 1.88
C LYS A 46 2.11 21.21 0.44
N ARG A 47 3.29 20.72 0.05
CA ARG A 47 3.79 20.93 -1.30
C ARG A 47 4.42 19.65 -1.85
N SER A 48 5.34 19.09 -1.08
CA SER A 48 6.02 17.86 -1.49
C SER A 48 5.24 16.64 -1.01
N ILE A 49 5.87 15.47 -1.08
CA ILE A 49 5.23 14.23 -0.65
C ILE A 49 5.46 13.97 0.83
N LYS A 50 4.39 13.64 1.55
CA LYS A 50 4.47 13.37 2.98
C LYS A 50 5.19 12.06 3.25
N LYS A 51 4.58 10.95 2.84
CA LYS A 51 5.17 9.64 3.05
C LYS A 51 4.71 8.64 1.99
N VAL A 52 5.63 7.79 1.55
CA VAL A 52 5.32 6.79 0.53
C VAL A 52 5.85 5.42 0.91
N TRP A 53 5.03 4.40 0.64
CA TRP A 53 5.40 3.01 0.93
C TRP A 53 5.81 2.25 -0.32
N THR A 54 6.85 1.43 -0.19
CA THR A 54 7.31 0.61 -1.30
C THR A 54 7.00 -0.86 -1.01
N PHE A 55 6.40 -1.53 -1.99
CA PHE A 55 6.01 -2.93 -1.83
C PHE A 55 6.69 -3.82 -2.86
N GLY A 56 7.02 -5.04 -2.46
CA GLY A 56 7.66 -5.97 -3.38
C GLY A 56 8.32 -7.14 -2.66
N ARG A 57 9.12 -7.90 -3.39
CA ARG A 57 9.81 -9.06 -2.83
C ARG A 57 11.09 -8.65 -2.09
N ASN A 58 11.36 -7.36 -2.01
CA ASN A 58 12.56 -6.87 -1.35
C ASN A 58 12.34 -6.71 0.16
N PRO A 59 13.29 -7.18 0.98
CA PRO A 59 13.20 -7.08 2.44
C PRO A 59 13.29 -5.63 2.91
N ALA A 60 13.69 -4.75 2.01
CA ALA A 60 13.79 -3.34 2.31
C ALA A 60 12.44 -2.71 2.17
N CYS A 61 11.79 -3.10 1.09
CA CYS A 61 10.48 -2.61 0.76
C CYS A 61 9.60 -2.56 1.99
N ASP A 62 8.81 -1.51 2.07
CA ASP A 62 7.89 -1.33 3.18
C ASP A 62 6.96 -2.55 3.28
N TYR A 63 6.86 -3.32 2.19
CA TYR A 63 6.02 -4.51 2.18
C TYR A 63 6.79 -5.72 1.68
N HIS A 64 6.97 -6.70 2.55
CA HIS A 64 7.70 -7.91 2.19
C HIS A 64 6.78 -8.94 1.53
N LEU A 65 7.04 -9.23 0.27
CA LEU A 65 6.26 -10.19 -0.49
C LEU A 65 6.86 -11.58 -0.38
N GLY A 66 6.08 -12.59 -0.77
CA GLY A 66 6.56 -13.96 -0.71
C GLY A 66 7.82 -14.16 -1.51
N ASN A 67 7.67 -14.45 -2.81
CA ASN A 67 8.81 -14.66 -3.69
C ASN A 67 8.34 -15.01 -5.10
N ILE A 68 7.80 -14.02 -5.80
CA ILE A 68 7.31 -14.23 -7.16
C ILE A 68 8.24 -13.60 -8.19
N SER A 69 8.83 -14.45 -9.04
CA SER A 69 9.74 -13.97 -10.07
C SER A 69 9.07 -12.90 -10.94
N ARG A 70 7.79 -13.09 -11.22
CA ARG A 70 7.04 -12.14 -12.04
C ARG A 70 7.00 -10.77 -11.40
N LEU A 71 7.18 -10.72 -10.08
CA LEU A 71 7.17 -9.46 -9.35
C LEU A 71 8.59 -8.95 -9.11
N SER A 72 8.73 -7.64 -8.99
CA SER A 72 10.05 -7.03 -8.78
C SER A 72 10.29 -6.76 -7.29
N ASN A 73 11.56 -6.50 -6.93
CA ASN A 73 11.94 -6.20 -5.55
C ASN A 73 10.91 -5.26 -4.93
N LYS A 74 10.69 -4.15 -5.63
CA LYS A 74 9.71 -3.15 -5.24
C LYS A 74 8.69 -3.06 -6.36
N HIS A 75 7.74 -3.99 -6.31
CA HIS A 75 6.73 -4.09 -7.34
C HIS A 75 5.88 -2.84 -7.44
N PHE A 76 5.44 -2.33 -6.31
CA PHE A 76 4.60 -1.14 -6.32
C PHE A 76 4.88 -0.24 -5.12
N GLN A 77 4.48 1.03 -5.23
CA GLN A 77 4.70 1.99 -4.15
C GLN A 77 3.45 2.84 -3.91
N ILE A 78 3.17 3.16 -2.65
CA ILE A 78 2.01 4.00 -2.34
C ILE A 78 2.44 5.32 -1.71
N LEU A 79 1.97 6.43 -2.27
CA LEU A 79 2.33 7.74 -1.74
C LEU A 79 1.13 8.46 -1.14
N LEU A 80 1.41 9.28 -0.12
CA LEU A 80 0.37 10.04 0.56
C LEU A 80 0.71 11.52 0.56
N GLY A 81 -0.19 12.34 0.03
CA GLY A 81 0.04 13.77 -0.03
C GLY A 81 -1.21 14.56 -0.36
N GLU A 82 -1.05 15.60 -1.18
CA GLU A 82 -2.18 16.43 -1.58
C GLU A 82 -2.79 17.14 -0.37
N ASP A 83 -3.61 16.42 0.38
CA ASP A 83 -4.26 16.98 1.56
C ASP A 83 -4.71 15.87 2.51
N GLY A 84 -5.81 15.21 2.15
CA GLY A 84 -6.33 14.14 2.97
C GLY A 84 -6.67 12.90 2.17
N ASN A 85 -6.06 12.77 0.99
CA ASN A 85 -6.30 11.62 0.13
C ASN A 85 -5.03 10.79 -0.04
N LEU A 86 -5.15 9.67 -0.74
CA LEU A 86 -4.00 8.79 -0.96
C LEU A 86 -3.75 8.60 -2.45
N LEU A 87 -2.52 8.22 -2.80
CA LEU A 87 -2.14 8.00 -4.18
C LEU A 87 -1.40 6.68 -4.32
N LEU A 88 -1.57 6.01 -5.46
CA LEU A 88 -0.92 4.73 -5.69
C LEU A 88 0.12 4.87 -6.80
N ASN A 89 1.36 4.49 -6.51
CA ASN A 89 2.43 4.57 -7.50
C ASN A 89 2.95 3.21 -7.87
N ASP A 90 2.75 2.83 -9.13
CA ASP A 90 3.22 1.54 -9.61
C ASP A 90 4.72 1.61 -9.91
N ILE A 91 5.46 0.57 -9.51
CA ILE A 91 6.90 0.55 -9.72
C ILE A 91 7.41 -0.87 -9.99
N SER A 92 6.67 -1.66 -10.77
CA SER A 92 7.05 -3.01 -11.05
C SER A 92 7.68 -3.14 -12.42
N THR A 93 8.54 -4.13 -12.57
CA THR A 93 9.18 -4.40 -13.85
C THR A 93 8.16 -4.91 -14.85
N ASN A 94 7.14 -5.63 -14.35
CA ASN A 94 6.10 -6.20 -15.20
C ASN A 94 4.83 -5.34 -15.24
N GLY A 95 4.64 -4.47 -14.25
CA GLY A 95 3.47 -3.63 -14.24
C GLY A 95 2.59 -3.84 -13.03
N THR A 96 1.80 -2.82 -12.72
CA THR A 96 0.86 -2.83 -11.59
C THR A 96 -0.57 -2.71 -12.11
N TRP A 97 -1.48 -3.48 -11.54
CA TRP A 97 -2.86 -3.46 -12.00
C TRP A 97 -3.84 -2.98 -10.95
N LEU A 98 -4.91 -2.35 -11.44
CA LEU A 98 -5.97 -1.87 -10.59
C LEU A 98 -7.29 -2.45 -11.07
N ASN A 99 -7.88 -3.30 -10.24
CA ASN A 99 -9.14 -3.95 -10.56
C ASN A 99 -9.14 -4.54 -11.97
N GLY A 100 -7.99 -5.05 -12.41
CA GLY A 100 -7.89 -5.64 -13.71
C GLY A 100 -7.43 -4.67 -14.78
N GLN A 101 -7.34 -3.39 -14.44
CA GLN A 101 -6.90 -2.39 -15.41
C GLN A 101 -5.49 -1.92 -15.09
N LYS A 102 -4.58 -2.15 -16.03
CA LYS A 102 -3.19 -1.78 -15.86
C LYS A 102 -3.03 -0.26 -15.96
N VAL A 103 -2.20 0.29 -15.06
CA VAL A 103 -1.96 1.72 -15.03
C VAL A 103 -0.53 2.06 -15.46
N GLU A 104 -0.29 3.35 -15.70
CA GLU A 104 1.03 3.81 -16.12
C GLU A 104 2.02 3.69 -14.96
N LYS A 105 3.14 3.01 -15.20
CA LYS A 105 4.16 2.83 -14.17
C LYS A 105 4.58 4.18 -13.60
N ASN A 106 5.21 4.13 -12.42
CA ASN A 106 5.67 5.33 -11.71
C ASN A 106 4.72 6.50 -11.89
N SER A 107 3.44 6.20 -11.99
CA SER A 107 2.42 7.22 -12.15
C SER A 107 1.53 7.31 -10.92
N ASN A 108 1.09 8.53 -10.59
CA ASN A 108 0.24 8.73 -9.42
C ASN A 108 -1.23 8.53 -9.78
N GLN A 109 -1.94 7.80 -8.94
CA GLN A 109 -3.37 7.53 -9.16
C GLN A 109 -4.16 7.85 -7.90
N LEU A 110 -5.40 8.29 -8.08
CA LEU A 110 -6.25 8.63 -6.94
C LEU A 110 -6.71 7.36 -6.24
N LEU A 111 -6.36 7.24 -4.96
CA LEU A 111 -6.73 6.07 -4.18
C LEU A 111 -8.23 5.86 -4.15
N SER A 112 -8.62 4.61 -3.97
CA SER A 112 -10.02 4.22 -3.93
C SER A 112 -10.34 3.49 -2.62
N GLN A 113 -11.59 3.56 -2.19
CA GLN A 113 -12.00 2.90 -0.96
C GLN A 113 -12.03 1.39 -1.13
N GLY A 114 -11.29 0.69 -0.28
CA GLY A 114 -11.22 -0.75 -0.37
C GLY A 114 -10.71 -1.22 -1.72
N ASP A 115 -10.00 -0.34 -2.41
CA ASP A 115 -9.45 -0.65 -3.72
C ASP A 115 -8.56 -1.88 -3.66
N GLU A 116 -8.14 -2.35 -4.82
CA GLU A 116 -7.28 -3.52 -4.90
C GLU A 116 -6.27 -3.40 -6.05
N ILE A 117 -5.02 -3.75 -5.79
CA ILE A 117 -3.97 -3.69 -6.80
C ILE A 117 -3.53 -5.10 -7.17
N THR A 118 -3.52 -5.39 -8.46
CA THR A 118 -3.12 -6.70 -8.96
C THR A 118 -1.72 -6.62 -9.56
N VAL A 119 -0.90 -7.63 -9.27
CA VAL A 119 0.47 -7.64 -9.77
C VAL A 119 0.92 -9.02 -10.22
N GLY A 120 1.94 -9.05 -11.06
CA GLY A 120 2.46 -10.29 -11.57
C GLY A 120 1.67 -10.81 -12.75
N VAL A 121 1.10 -9.88 -13.50
CA VAL A 121 0.30 -10.22 -14.65
C VAL A 121 1.12 -10.83 -15.78
N GLY A 122 0.54 -11.83 -16.41
CA GLY A 122 1.17 -12.53 -17.49
C GLY A 122 0.57 -13.90 -17.66
N VAL A 123 0.38 -14.57 -16.52
CA VAL A 123 -0.22 -15.89 -16.48
C VAL A 123 -1.39 -15.88 -15.51
N GLU A 124 -2.46 -16.57 -15.86
CA GLU A 124 -3.65 -16.60 -15.02
C GLU A 124 -3.33 -16.97 -13.58
N SER A 125 -2.44 -17.94 -13.40
CA SER A 125 -2.07 -18.40 -12.07
C SER A 125 -0.83 -17.70 -11.52
N ASP A 126 -0.30 -16.68 -12.22
CA ASP A 126 0.88 -15.99 -11.75
C ASP A 126 0.61 -14.56 -11.34
N ILE A 127 -0.63 -14.28 -11.05
CA ILE A 127 -1.05 -12.97 -10.62
C ILE A 127 -1.38 -12.94 -9.13
N LEU A 128 -0.97 -11.86 -8.49
CA LEU A 128 -1.21 -11.66 -7.05
C LEU A 128 -1.95 -10.36 -6.82
N SER A 129 -2.98 -10.39 -5.97
CA SER A 129 -3.77 -9.20 -5.69
C SER A 129 -3.60 -8.71 -4.26
N LEU A 130 -3.77 -7.41 -4.12
CA LEU A 130 -3.66 -6.74 -2.82
C LEU A 130 -4.81 -5.74 -2.65
N VAL A 131 -5.38 -5.68 -1.45
CA VAL A 131 -6.48 -4.76 -1.18
C VAL A 131 -6.04 -3.64 -0.23
N ILE A 132 -6.50 -2.42 -0.51
CA ILE A 132 -6.17 -1.28 0.29
C ILE A 132 -7.33 -0.85 1.17
N PHE A 133 -7.08 -0.73 2.47
CA PHE A 133 -8.11 -0.32 3.43
C PHE A 133 -7.79 1.04 4.01
N ILE A 134 -8.67 2.01 3.77
CA ILE A 134 -8.48 3.36 4.27
C ILE A 134 -8.99 3.51 5.69
N ASN A 135 -8.20 4.15 6.54
CA ASN A 135 -8.57 4.37 7.93
C ASN A 135 -9.42 5.63 8.06
N ASP A 136 -10.71 5.44 8.33
CA ASP A 136 -11.63 6.56 8.47
C ASP A 136 -11.18 7.52 9.57
N LYS A 137 -10.52 6.96 10.59
CA LYS A 137 -10.04 7.75 11.70
C LYS A 137 -9.07 8.83 11.22
N PHE A 138 -8.14 8.43 10.36
CA PHE A 138 -7.16 9.35 9.82
C PHE A 138 -7.83 10.51 9.09
N LYS A 139 -8.85 10.19 8.29
CA LYS A 139 -9.58 11.19 7.52
C LYS A 139 -10.31 12.15 8.46
N GLN A 140 -10.79 11.62 9.58
CA GLN A 140 -11.52 12.43 10.56
C GLN A 140 -10.66 13.59 11.06
N CYS A 141 -9.41 13.29 11.41
CA CYS A 141 -8.50 14.31 11.91
C CYS A 141 -8.26 15.40 10.86
N LEU A 142 -8.01 14.98 9.63
CA LEU A 142 -7.75 15.92 8.55
C LEU A 142 -8.95 16.86 8.35
N GLU A 143 -10.15 16.32 8.54
CA GLU A 143 -11.36 17.11 8.38
C GLU A 143 -11.42 18.24 9.40
N GLN A 144 -10.89 17.98 10.60
CA GLN A 144 -10.88 18.97 11.67
C GLN A 144 -9.61 19.80 11.64
N ASN A 145 -8.50 19.15 11.27
CA ASN A 145 -7.20 19.82 11.20
C ASN A 145 -6.97 20.75 12.39
N LYS A 146 -6.38 20.20 13.45
CA LYS A 146 -6.11 20.97 14.67
C LYS A 146 -4.65 21.44 14.70
N VAL A 147 -4.46 22.74 14.63
CA VAL A 147 -3.11 23.32 14.65
C VAL A 147 -2.44 23.09 16.01
N ASP A 148 -1.24 22.54 15.98
CA ASP A 148 -0.48 22.28 17.20
C ASP A 148 0.62 23.31 17.40
N ARG A 149 0.48 24.13 18.44
CA ARG A 149 1.47 25.15 18.74
C ARG A 149 2.32 24.76 19.94
N ILE A 150 1.69 24.61 21.09
CA ILE A 150 2.40 24.23 22.31
C ILE A 150 2.51 22.71 22.43
N ARG A 151 3.73 22.23 22.68
CA ARG A 151 3.98 20.80 22.81
C ARG A 151 3.89 20.37 24.27
N LYS B 1 26.30 -16.79 -6.77
CA LYS B 1 27.29 -16.53 -7.84
C LYS B 1 26.64 -16.57 -9.22
N LYS B 2 26.07 -17.72 -9.56
CA LYS B 2 25.42 -17.90 -10.85
C LYS B 2 23.96 -17.45 -10.78
N MET B 3 23.64 -16.39 -11.52
CA MET B 3 22.28 -15.85 -11.55
C MET B 3 21.91 -15.39 -12.95
N THR B 4 20.61 -15.44 -13.26
CA THR B 4 20.13 -15.02 -14.57
C THR B 4 18.60 -15.02 -14.60
N PHE B 5 18.03 -13.92 -15.09
CA PHE B 5 16.58 -13.78 -15.18
C PHE B 5 15.94 -13.85 -13.79
N GLN B 6 15.94 -12.73 -13.08
CA GLN B 6 15.37 -12.67 -11.75
C GLN B 6 13.92 -12.18 -11.80
N TPO B 7 13.61 -11.34 -12.79
CA TPO B 7 12.27 -10.81 -12.96
CB TPO B 7 12.14 -9.41 -12.33
CG2 TPO B 7 10.74 -8.84 -12.53
OG1 TPO B 7 12.43 -9.47 -10.96
P TPO B 7 13.81 -8.91 -10.48
O1P TPO B 7 13.51 -7.42 -10.15
O2P TPO B 7 14.09 -9.67 -9.16
O3P TPO B 7 14.89 -9.09 -11.49
C TPO B 7 11.89 -10.74 -14.44
O TPO B 7 12.44 -9.93 -15.19
H2 TPO B 7 14.32 -11.07 -13.42
HA TPO B 7 11.59 -11.47 -12.46
HB TPO B 7 12.85 -8.75 -12.81
HG21 TPO B 7 10.70 -7.85 -12.13
HG22 TPO B 7 10.03 -9.47 -12.03
HG23 TPO B 7 10.51 -8.81 -13.59
N PRO B 8 10.95 -11.59 -14.89
CA PRO B 8 10.51 -11.60 -16.29
C PRO B 8 9.90 -10.28 -16.71
N THR B 9 10.27 -9.81 -17.90
CA THR B 9 9.76 -8.55 -18.43
C THR B 9 8.73 -8.79 -19.53
N ASP B 10 7.60 -8.10 -19.45
CA ASP B 10 6.54 -8.24 -20.43
C ASP B 10 6.48 -7.02 -21.35
N PRO B 11 7.42 -6.92 -22.32
CA PRO B 11 7.45 -5.79 -23.25
C PRO B 11 6.29 -5.81 -24.24
N LEU B 12 5.74 -4.64 -24.52
CA LEU B 12 4.62 -4.52 -25.45
C LEU B 12 5.11 -4.56 -26.89
N GLU B 13 4.23 -4.97 -27.80
CA GLU B 13 4.57 -5.05 -29.21
C GLU B 13 3.43 -4.52 -30.08
N ALA A 1 -16.42 -7.13 41.75
CA ALA A 1 -15.46 -7.06 40.66
C ALA A 1 -16.13 -7.32 39.31
N THR A 2 -15.49 -6.86 38.25
CA THR A 2 -16.03 -7.05 36.90
C THR A 2 -15.05 -7.82 36.02
N GLN A 3 -15.00 -9.14 36.21
CA GLN A 3 -14.11 -9.99 35.44
C GLN A 3 -14.47 -9.95 33.96
N ARG A 4 -15.76 -10.10 33.66
CA ARG A 4 -16.24 -10.08 32.29
C ARG A 4 -16.00 -8.72 31.65
N PHE A 5 -16.32 -7.66 32.38
CA PHE A 5 -16.15 -6.30 31.89
C PHE A 5 -14.67 -6.03 31.58
N LEU A 6 -13.79 -6.61 32.39
CA LEU A 6 -12.35 -6.43 32.20
C LEU A 6 -11.92 -6.92 30.83
N ILE A 7 -12.43 -8.09 30.43
CA ILE A 7 -12.10 -8.66 29.14
C ILE A 7 -12.67 -7.82 28.00
N GLU A 8 -13.84 -7.24 28.22
CA GLU A 8 -14.47 -6.40 27.22
C GLU A 8 -13.55 -5.27 26.81
N LYS A 9 -12.86 -4.69 27.79
CA LYS A 9 -11.92 -3.61 27.53
C LYS A 9 -10.72 -4.12 26.74
N PHE A 10 -10.46 -5.42 26.84
CA PHE A 10 -9.35 -6.05 26.13
C PHE A 10 -9.47 -5.81 24.63
N SER A 11 -10.67 -6.05 24.10
CA SER A 11 -10.92 -5.86 22.68
C SER A 11 -11.08 -4.39 22.34
N GLN A 12 -11.47 -3.60 23.34
CA GLN A 12 -11.67 -2.17 23.15
C GLN A 12 -10.34 -1.42 23.21
N GLU A 13 -9.42 -1.80 22.33
CA GLU A 13 -8.11 -1.16 22.28
C GLU A 13 -8.05 -0.11 21.18
N GLN A 14 -7.29 0.95 21.41
CA GLN A 14 -7.16 2.01 20.43
C GLN A 14 -6.49 1.50 19.15
N ILE A 15 -7.29 1.25 18.13
CA ILE A 15 -6.77 0.76 16.87
C ILE A 15 -6.26 1.89 15.99
N GLY A 16 -5.13 1.63 15.37
CA GLY A 16 -4.50 2.61 14.51
C GLY A 16 -3.93 3.78 15.28
N GLU A 17 -2.61 3.89 15.28
CA GLU A 17 -1.94 4.98 15.99
C GLU A 17 -1.80 6.21 15.10
N ASN A 18 -1.82 6.01 13.79
CA ASN A 18 -1.69 7.09 12.83
C ASN A 18 -1.62 6.49 11.45
N ILE A 19 -2.45 5.48 11.27
CA ILE A 19 -2.51 4.71 10.07
C ILE A 19 -3.14 5.48 8.93
N VAL A 20 -2.49 5.40 7.78
CA VAL A 20 -2.92 6.05 6.58
C VAL A 20 -3.81 5.12 5.77
N CYS A 21 -3.23 3.99 5.38
CA CYS A 21 -3.94 2.98 4.61
C CYS A 21 -3.42 1.58 4.98
N ARG A 22 -4.29 0.59 4.91
CA ARG A 22 -3.91 -0.78 5.24
C ARG A 22 -3.95 -1.70 4.03
N VAL A 23 -2.89 -2.46 3.82
CA VAL A 23 -2.82 -3.38 2.70
C VAL A 23 -3.19 -4.81 3.13
N ILE A 24 -4.20 -5.37 2.48
CA ILE A 24 -4.67 -6.71 2.81
C ILE A 24 -4.68 -7.61 1.58
N CYS A 25 -4.06 -8.79 1.70
CA CYS A 25 -4.01 -9.73 0.59
C CYS A 25 -5.13 -10.76 0.70
N THR A 26 -6.20 -10.55 -0.07
CA THR A 26 -7.34 -11.46 -0.06
C THR A 26 -7.06 -12.73 -0.84
N THR A 27 -6.05 -12.69 -1.72
CA THR A 27 -5.70 -13.85 -2.53
C THR A 27 -4.85 -14.85 -1.74
N GLY A 28 -4.53 -14.50 -0.50
CA GLY A 28 -3.75 -15.38 0.36
C GLY A 28 -2.34 -15.62 -0.17
N GLN A 29 -1.51 -14.59 -0.12
CA GLN A 29 -0.13 -14.69 -0.58
C GLN A 29 0.82 -13.85 0.28
N ILE A 30 0.33 -12.71 0.75
CA ILE A 30 1.14 -11.81 1.57
C ILE A 30 0.41 -11.47 2.87
N PRO A 31 1.14 -11.39 4.01
CA PRO A 31 0.53 -11.07 5.30
C PRO A 31 0.13 -9.60 5.39
N ILE A 32 -1.05 -9.36 5.96
CA ILE A 32 -1.56 -8.00 6.09
C ILE A 32 -0.60 -7.11 6.87
N ARG A 33 -0.49 -5.86 6.43
CA ARG A 33 0.40 -4.89 7.06
C ARG A 33 -0.32 -3.56 7.26
N ASP A 34 0.23 -2.70 8.10
CA ASP A 34 -0.39 -1.40 8.38
C ASP A 34 0.52 -0.25 7.96
N LEU A 35 0.03 0.57 7.04
CA LEU A 35 0.77 1.73 6.57
C LEU A 35 0.34 2.96 7.35
N SER A 36 1.28 3.79 7.79
CA SER A 36 0.93 4.97 8.56
C SER A 36 1.83 6.16 8.33
N ALA A 37 1.28 7.31 8.65
CA ALA A 37 1.99 8.58 8.54
C ALA A 37 1.61 9.51 9.68
N ASP A 38 2.58 10.25 10.19
CA ASP A 38 2.34 11.18 11.29
C ASP A 38 1.71 12.48 10.79
N ILE A 39 0.62 12.87 11.44
CA ILE A 39 -0.11 14.08 11.07
C ILE A 39 0.73 15.33 11.29
N SER A 40 1.51 15.33 12.37
CA SER A 40 2.35 16.47 12.70
C SER A 40 3.29 16.80 11.55
N GLN A 41 3.84 15.77 10.94
CA GLN A 41 4.76 15.94 9.82
C GLN A 41 4.02 16.49 8.60
N VAL A 42 2.86 15.92 8.33
CA VAL A 42 2.05 16.34 7.19
C VAL A 42 1.62 17.79 7.33
N LEU A 43 1.15 18.16 8.51
CA LEU A 43 0.70 19.53 8.78
C LEU A 43 1.88 20.49 8.82
N LYS A 44 3.05 19.98 9.21
CA LYS A 44 4.25 20.79 9.31
C LYS A 44 4.92 20.95 7.94
N GLU A 45 5.07 19.84 7.22
CA GLU A 45 5.69 19.85 5.91
C GLU A 45 4.77 20.51 4.88
N LYS A 46 5.21 21.66 4.36
CA LYS A 46 4.43 22.38 3.36
C LYS A 46 4.97 22.13 1.96
N ARG A 47 5.54 20.94 1.75
CA ARG A 47 6.10 20.58 0.46
C ARG A 47 5.31 19.44 -0.17
N SER A 48 5.58 19.16 -1.44
CA SER A 48 4.90 18.09 -2.16
C SER A 48 5.14 16.75 -1.49
N ILE A 49 4.15 15.86 -1.56
CA ILE A 49 4.23 14.53 -0.97
C ILE A 49 4.65 14.57 0.50
N LYS A 50 4.34 13.51 1.23
CA LYS A 50 4.67 13.43 2.65
C LYS A 50 5.39 12.11 2.96
N LYS A 51 4.70 11.01 2.74
CA LYS A 51 5.26 9.69 3.01
C LYS A 51 4.79 8.68 1.97
N VAL A 52 5.71 7.88 1.45
CA VAL A 52 5.38 6.88 0.45
C VAL A 52 5.87 5.49 0.84
N TRP A 53 5.03 4.50 0.59
CA TRP A 53 5.36 3.11 0.89
C TRP A 53 5.80 2.34 -0.36
N THR A 54 6.81 1.50 -0.20
CA THR A 54 7.28 0.67 -1.30
C THR A 54 6.97 -0.79 -1.01
N PHE A 55 6.35 -1.46 -1.97
CA PHE A 55 5.98 -2.85 -1.81
C PHE A 55 6.67 -3.74 -2.85
N GLY A 56 7.01 -4.96 -2.44
CA GLY A 56 7.67 -5.87 -3.36
C GLY A 56 8.39 -7.01 -2.66
N ARG A 57 9.23 -7.71 -3.40
CA ARG A 57 10.00 -8.84 -2.87
C ARG A 57 11.24 -8.38 -2.11
N ASN A 58 11.43 -7.07 -2.01
CA ASN A 58 12.61 -6.53 -1.33
C ASN A 58 12.37 -6.43 0.18
N PRO A 59 13.33 -6.91 0.99
CA PRO A 59 13.22 -6.86 2.46
C PRO A 59 13.22 -5.43 2.97
N ALA A 60 13.65 -4.51 2.10
CA ALA A 60 13.68 -3.10 2.43
C ALA A 60 12.31 -2.52 2.24
N CYS A 61 11.71 -2.93 1.13
CA CYS A 61 10.40 -2.49 0.77
C CYS A 61 9.49 -2.50 1.97
N ASP A 62 8.67 -1.49 2.06
CA ASP A 62 7.71 -1.39 3.15
C ASP A 62 6.82 -2.64 3.19
N TYR A 63 6.79 -3.38 2.07
CA TYR A 63 5.98 -4.60 1.99
C TYR A 63 6.80 -5.76 1.47
N HIS A 64 6.82 -6.86 2.22
CA HIS A 64 7.57 -8.05 1.82
C HIS A 64 6.62 -9.11 1.28
N LEU A 65 6.65 -9.32 -0.03
CA LEU A 65 5.79 -10.31 -0.67
C LEU A 65 6.23 -11.74 -0.33
N GLY A 66 7.36 -12.15 -0.88
CA GLY A 66 7.86 -13.49 -0.63
C GLY A 66 9.00 -13.88 -1.56
N ASN A 67 8.64 -14.25 -2.79
CA ASN A 67 9.64 -14.64 -3.77
C ASN A 67 9.00 -14.94 -5.13
N ILE A 68 8.14 -14.03 -5.58
CA ILE A 68 7.46 -14.20 -6.87
C ILE A 68 8.28 -13.58 -8.00
N SER A 69 8.81 -14.42 -8.88
CA SER A 69 9.62 -13.96 -10.00
C SER A 69 8.88 -12.92 -10.83
N ARG A 70 7.58 -13.15 -11.03
CA ARG A 70 6.76 -12.23 -11.82
C ARG A 70 6.74 -10.83 -11.21
N LEU A 71 7.04 -10.74 -9.92
CA LEU A 71 7.06 -9.45 -9.23
C LEU A 71 8.48 -8.95 -9.02
N SER A 72 8.64 -7.64 -8.96
CA SER A 72 9.97 -7.03 -8.77
C SER A 72 10.26 -6.75 -7.30
N ASN A 73 11.53 -6.46 -6.99
CA ASN A 73 11.94 -6.14 -5.62
C ASN A 73 10.94 -5.20 -4.98
N LYS A 74 10.70 -4.10 -5.68
CA LYS A 74 9.72 -3.09 -5.27
C LYS A 74 8.68 -3.02 -6.37
N HIS A 75 7.72 -3.94 -6.30
CA HIS A 75 6.69 -4.05 -7.31
C HIS A 75 5.86 -2.80 -7.42
N PHE A 76 5.45 -2.26 -6.30
CA PHE A 76 4.62 -1.05 -6.32
C PHE A 76 4.91 -0.14 -5.12
N GLN A 77 4.51 1.12 -5.23
CA GLN A 77 4.74 2.10 -4.18
C GLN A 77 3.49 2.95 -3.95
N ILE A 78 3.22 3.30 -2.69
CA ILE A 78 2.05 4.13 -2.38
C ILE A 78 2.47 5.46 -1.77
N LEU A 79 2.03 6.56 -2.38
CA LEU A 79 2.38 7.89 -1.87
C LEU A 79 1.22 8.53 -1.12
N LEU A 80 1.54 9.34 -0.11
CA LEU A 80 0.54 10.01 0.69
C LEU A 80 0.77 11.52 0.71
N GLY A 81 -0.23 12.28 0.27
CA GLY A 81 -0.10 13.73 0.24
C GLY A 81 -0.93 14.41 1.31
N GLU A 82 -1.27 15.67 1.08
CA GLU A 82 -2.08 16.44 2.03
C GLU A 82 -3.54 16.02 1.97
N ASP A 83 -4.33 16.56 2.90
CA ASP A 83 -5.75 16.23 2.95
C ASP A 83 -5.96 14.73 3.16
N GLY A 84 -7.22 14.32 3.29
CA GLY A 84 -7.53 12.93 3.49
C GLY A 84 -7.55 12.15 2.19
N ASN A 85 -6.44 12.16 1.47
CA ASN A 85 -6.34 11.45 0.20
C ASN A 85 -4.97 10.80 0.04
N LEU A 86 -4.93 9.67 -0.64
CA LEU A 86 -3.68 8.94 -0.86
C LEU A 86 -3.45 8.71 -2.35
N LEU A 87 -2.21 8.44 -2.71
CA LEU A 87 -1.86 8.18 -4.10
C LEU A 87 -1.20 6.82 -4.25
N LEU A 88 -1.44 6.18 -5.38
CA LEU A 88 -0.88 4.86 -5.65
C LEU A 88 0.14 4.95 -6.79
N ASN A 89 1.37 4.55 -6.52
CA ASN A 89 2.41 4.61 -7.53
C ASN A 89 2.94 3.23 -7.87
N ASP A 90 2.74 2.81 -9.11
CA ASP A 90 3.21 1.52 -9.56
C ASP A 90 4.70 1.58 -9.88
N ILE A 91 5.45 0.55 -9.51
CA ILE A 91 6.89 0.52 -9.74
C ILE A 91 7.41 -0.89 -10.00
N SER A 92 6.65 -1.69 -10.74
CA SER A 92 7.04 -3.05 -11.02
C SER A 92 7.66 -3.18 -12.41
N THR A 93 8.52 -4.17 -12.55
CA THR A 93 9.16 -4.45 -13.83
C THR A 93 8.13 -4.98 -14.82
N ASN A 94 7.14 -5.70 -14.30
CA ASN A 94 6.10 -6.29 -15.14
C ASN A 94 4.83 -5.44 -15.19
N GLY A 95 4.63 -4.55 -14.21
CA GLY A 95 3.46 -3.72 -14.21
C GLY A 95 2.57 -3.92 -12.99
N THR A 96 1.78 -2.89 -12.70
CA THR A 96 0.85 -2.90 -11.58
C THR A 96 -0.58 -2.77 -12.10
N TRP A 97 -1.49 -3.54 -11.54
CA TRP A 97 -2.88 -3.52 -12.01
C TRP A 97 -3.86 -3.01 -10.99
N LEU A 98 -4.91 -2.37 -11.48
CA LEU A 98 -5.98 -1.87 -10.65
C LEU A 98 -7.29 -2.45 -11.15
N ASN A 99 -7.91 -3.30 -10.33
CA ASN A 99 -9.16 -3.95 -10.68
C ASN A 99 -9.17 -4.49 -12.11
N GLY A 100 -8.06 -5.12 -12.52
CA GLY A 100 -7.98 -5.68 -13.84
C GLY A 100 -7.48 -4.70 -14.89
N GLN A 101 -7.40 -3.42 -14.53
CA GLN A 101 -6.92 -2.42 -15.46
C GLN A 101 -5.50 -1.99 -15.12
N LYS A 102 -4.58 -2.21 -16.04
CA LYS A 102 -3.20 -1.86 -15.86
C LYS A 102 -3.00 -0.35 -15.95
N VAL A 103 -2.31 0.20 -14.95
CA VAL A 103 -2.05 1.64 -14.90
C VAL A 103 -0.63 1.97 -15.35
N GLU A 104 -0.38 3.25 -15.59
CA GLU A 104 0.94 3.69 -16.03
C GLU A 104 1.95 3.58 -14.90
N LYS A 105 3.06 2.90 -15.14
CA LYS A 105 4.09 2.74 -14.12
C LYS A 105 4.50 4.09 -13.56
N ASN A 106 5.18 4.07 -12.42
CA ASN A 106 5.63 5.29 -11.74
C ASN A 106 4.67 6.45 -11.93
N SER A 107 3.38 6.13 -11.95
CA SER A 107 2.34 7.15 -12.13
C SER A 107 1.53 7.33 -10.85
N ASN A 108 1.11 8.55 -10.59
CA ASN A 108 0.32 8.85 -9.40
C ASN A 108 -1.18 8.73 -9.69
N GLN A 109 -1.88 7.99 -8.85
CA GLN A 109 -3.31 7.80 -9.03
C GLN A 109 -4.04 8.11 -7.73
N LEU A 110 -5.28 8.58 -7.84
CA LEU A 110 -6.07 8.92 -6.67
C LEU A 110 -6.53 7.65 -5.95
N LEU A 111 -6.43 7.64 -4.63
CA LEU A 111 -6.82 6.49 -3.84
C LEU A 111 -8.30 6.17 -4.01
N SER A 112 -8.62 4.91 -3.80
CA SER A 112 -9.99 4.43 -3.91
C SER A 112 -10.41 3.70 -2.64
N GLN A 113 -11.70 3.70 -2.34
CA GLN A 113 -12.21 3.04 -1.16
C GLN A 113 -12.15 1.53 -1.34
N GLY A 114 -11.44 0.86 -0.44
CA GLY A 114 -11.29 -0.58 -0.53
C GLY A 114 -10.69 -1.02 -1.86
N ASP A 115 -9.93 -0.12 -2.47
CA ASP A 115 -9.30 -0.38 -3.75
C ASP A 115 -8.52 -1.69 -3.73
N GLU A 116 -8.11 -2.13 -4.90
CA GLU A 116 -7.36 -3.37 -5.03
C GLU A 116 -6.33 -3.27 -6.16
N ILE A 117 -5.11 -3.73 -5.89
CA ILE A 117 -4.05 -3.70 -6.88
C ILE A 117 -3.60 -5.12 -7.23
N THR A 118 -3.58 -5.43 -8.51
CA THR A 118 -3.17 -6.75 -8.97
C THR A 118 -1.76 -6.68 -9.55
N VAL A 119 -0.95 -7.70 -9.26
CA VAL A 119 0.42 -7.72 -9.74
C VAL A 119 0.86 -9.11 -10.20
N GLY A 120 1.89 -9.15 -11.04
CA GLY A 120 2.41 -10.40 -11.53
C GLY A 120 1.63 -10.90 -12.73
N VAL A 121 1.06 -9.97 -13.48
CA VAL A 121 0.27 -10.32 -14.64
C VAL A 121 1.11 -10.90 -15.76
N GLY A 122 0.55 -11.91 -16.41
CA GLY A 122 1.21 -12.59 -17.48
C GLY A 122 0.76 -14.03 -17.54
N VAL A 123 0.60 -14.62 -16.37
CA VAL A 123 0.15 -15.98 -16.23
C VAL A 123 -1.05 -16.02 -15.29
N GLU A 124 -2.12 -16.69 -15.71
CA GLU A 124 -3.33 -16.77 -14.89
C GLU A 124 -3.00 -17.21 -13.46
N SER A 125 -2.02 -18.10 -13.34
CA SER A 125 -1.62 -18.61 -12.04
C SER A 125 -0.47 -17.82 -11.41
N ASP A 126 -0.06 -16.71 -12.03
CA ASP A 126 1.04 -15.93 -11.48
C ASP A 126 0.66 -14.50 -11.15
N ILE A 127 -0.62 -14.30 -10.96
CA ILE A 127 -1.15 -12.99 -10.61
C ILE A 127 -1.51 -12.93 -9.13
N LEU A 128 -1.20 -11.80 -8.52
CA LEU A 128 -1.45 -11.57 -7.11
C LEU A 128 -2.36 -10.36 -6.92
N SER A 129 -3.37 -10.49 -6.06
CA SER A 129 -4.29 -9.39 -5.80
C SER A 129 -4.15 -8.85 -4.39
N LEU A 130 -4.06 -7.52 -4.28
CA LEU A 130 -3.91 -6.86 -2.99
C LEU A 130 -5.01 -5.81 -2.80
N VAL A 131 -5.59 -5.76 -1.60
CA VAL A 131 -6.65 -4.80 -1.32
C VAL A 131 -6.18 -3.74 -0.33
N ILE A 132 -6.57 -2.50 -0.56
CA ILE A 132 -6.20 -1.39 0.27
C ILE A 132 -7.37 -0.93 1.13
N PHE A 133 -7.11 -0.73 2.42
CA PHE A 133 -8.14 -0.28 3.35
C PHE A 133 -7.79 1.10 3.90
N ILE A 134 -8.64 2.08 3.62
CA ILE A 134 -8.41 3.44 4.08
C ILE A 134 -8.92 3.64 5.51
N ASN A 135 -8.10 4.28 6.34
CA ASN A 135 -8.48 4.55 7.72
C ASN A 135 -9.32 5.82 7.82
N ASP A 136 -10.60 5.64 8.12
CA ASP A 136 -11.52 6.77 8.23
C ASP A 136 -11.05 7.76 9.30
N LYS A 137 -10.38 7.24 10.32
CA LYS A 137 -9.88 8.07 11.41
C LYS A 137 -8.90 9.11 10.88
N PHE A 138 -7.98 8.66 10.03
CA PHE A 138 -6.97 9.54 9.46
C PHE A 138 -7.63 10.67 8.65
N LYS A 139 -8.62 10.30 7.85
CA LYS A 139 -9.33 11.28 7.03
C LYS A 139 -10.10 12.28 7.90
N GLN A 140 -10.60 11.80 9.03
CA GLN A 140 -11.35 12.65 9.95
C GLN A 140 -10.52 13.84 10.42
N CYS A 141 -9.28 13.56 10.83
CA CYS A 141 -8.38 14.62 11.31
C CYS A 141 -8.06 15.60 10.19
N LEU A 142 -7.73 15.07 9.01
CA LEU A 142 -7.38 15.91 7.87
C LEU A 142 -8.59 16.75 7.44
N GLU A 143 -9.78 16.17 7.55
CA GLU A 143 -11.00 16.87 7.17
C GLU A 143 -11.17 18.14 7.99
N GLN A 144 -10.83 18.06 9.27
CA GLN A 144 -10.95 19.21 10.16
C GLN A 144 -9.66 20.03 10.16
N ASN A 145 -8.54 19.36 9.92
CA ASN A 145 -7.22 20.02 9.88
C ASN A 145 -7.05 21.01 11.05
N LYS A 146 -7.42 22.26 10.83
CA LYS A 146 -7.30 23.28 11.88
C LYS A 146 -8.52 23.28 12.78
N VAL A 147 -8.28 23.11 14.08
CA VAL A 147 -9.37 23.09 15.06
C VAL A 147 -9.99 24.47 15.22
N ASP A 148 -11.31 24.52 15.23
CA ASP A 148 -12.02 25.78 15.39
C ASP A 148 -12.30 26.08 16.86
N ARG A 149 -13.19 25.30 17.46
CA ARG A 149 -13.53 25.48 18.87
C ARG A 149 -13.07 24.29 19.70
N ILE A 150 -12.69 24.56 20.95
CA ILE A 150 -12.23 23.51 21.85
C ILE A 150 -13.41 22.77 22.49
N ARG A 151 -13.32 21.45 22.50
CA ARG A 151 -14.38 20.62 23.09
C ARG A 151 -14.16 20.43 24.58
N LYS B 1 16.72 -26.03 -6.29
CA LYS B 1 17.48 -24.79 -5.97
C LYS B 1 17.69 -23.95 -7.23
N LYS B 2 16.59 -23.54 -7.85
CA LYS B 2 16.65 -22.73 -9.07
C LYS B 2 15.77 -21.49 -8.93
N MET B 3 16.39 -20.32 -9.07
CA MET B 3 15.67 -19.05 -8.97
C MET B 3 16.34 -17.98 -9.82
N THR B 4 16.93 -18.38 -10.94
CA THR B 4 17.60 -17.46 -11.84
C THR B 4 16.67 -17.01 -12.96
N PHE B 5 15.72 -16.14 -12.63
CA PHE B 5 14.77 -15.64 -13.61
C PHE B 5 15.03 -14.18 -13.93
N GLN B 6 15.55 -13.45 -12.94
CA GLN B 6 15.84 -12.04 -13.11
C GLN B 6 14.57 -11.24 -13.39
N TPO B 7 13.46 -11.67 -12.79
CA TPO B 7 12.18 -11.00 -12.99
CB TPO B 7 12.22 -9.56 -12.46
CG2 TPO B 7 10.90 -8.84 -12.68
OG1 TPO B 7 12.53 -9.56 -11.09
P TPO B 7 13.59 -8.54 -10.57
O1P TPO B 7 14.93 -9.02 -11.16
O2P TPO B 7 13.19 -7.19 -11.24
O3P TPO B 7 13.61 -8.44 -9.07
C TPO B 7 11.79 -10.99 -14.47
O TPO B 7 12.18 -10.10 -15.21
H2 TPO B 7 13.50 -12.46 -12.22
HA TPO B 7 11.43 -11.54 -12.43
HB TPO B 7 12.99 -9.02 -12.99
HG21 TPO B 7 10.97 -7.82 -12.35
HG22 TPO B 7 10.12 -9.35 -12.11
HG23 TPO B 7 10.65 -8.87 -13.73
N PRO B 8 10.99 -11.98 -14.91
CA PRO B 8 10.54 -12.07 -16.30
C PRO B 8 9.94 -10.76 -16.81
N THR B 9 10.59 -10.16 -17.79
CA THR B 9 10.13 -8.91 -18.37
C THR B 9 8.83 -9.10 -19.16
N ASP B 10 8.49 -10.36 -19.44
CA ASP B 10 7.27 -10.67 -20.18
C ASP B 10 7.38 -10.17 -21.62
N PRO B 11 8.23 -10.81 -22.43
CA PRO B 11 8.42 -10.42 -23.84
C PRO B 11 7.10 -10.37 -24.61
N LEU B 12 7.20 -10.14 -25.91
CA LEU B 12 6.01 -10.06 -26.76
C LEU B 12 5.43 -11.44 -27.01
N GLU B 13 4.25 -11.47 -27.65
CA GLU B 13 3.59 -12.73 -27.95
C GLU B 13 3.09 -12.75 -29.39
N ALA A 1 -20.93 -10.16 35.86
CA ALA A 1 -20.53 -9.33 34.73
C ALA A 1 -19.39 -9.97 33.95
N THR A 2 -19.62 -10.22 32.66
CA THR A 2 -18.61 -10.84 31.82
C THR A 2 -18.70 -10.30 30.39
N GLN A 3 -19.86 -10.49 29.76
CA GLN A 3 -20.08 -10.03 28.40
C GLN A 3 -20.07 -8.51 28.34
N ARG A 4 -20.79 -7.87 29.26
CA ARG A 4 -20.86 -6.41 29.30
C ARG A 4 -19.48 -5.81 29.51
N PHE A 5 -18.68 -6.46 30.35
CA PHE A 5 -17.32 -5.98 30.63
C PHE A 5 -16.50 -5.90 29.36
N LEU A 6 -16.64 -6.91 28.50
CA LEU A 6 -15.90 -6.96 27.24
C LEU A 6 -16.24 -5.75 26.38
N ILE A 7 -17.47 -5.27 26.50
CA ILE A 7 -17.92 -4.12 25.73
C ILE A 7 -17.28 -2.83 26.25
N GLU A 8 -17.07 -2.76 27.56
CA GLU A 8 -16.47 -1.59 28.17
C GLU A 8 -15.09 -1.33 27.57
N LYS A 9 -14.32 -2.40 27.38
CA LYS A 9 -12.99 -2.28 26.79
C LYS A 9 -13.08 -1.85 25.33
N PHE A 10 -14.23 -2.12 24.71
CA PHE A 10 -14.46 -1.76 23.32
C PHE A 10 -14.24 -0.27 23.09
N SER A 11 -14.85 0.54 23.95
CA SER A 11 -14.74 1.99 23.86
C SER A 11 -13.41 2.48 24.46
N GLN A 12 -12.93 1.76 25.47
CA GLN A 12 -11.68 2.11 26.13
C GLN A 12 -10.51 2.02 25.16
N GLU A 13 -10.47 0.93 24.40
CA GLU A 13 -9.39 0.72 23.43
C GLU A 13 -9.58 1.61 22.21
N GLN A 14 -8.53 2.34 21.85
CA GLN A 14 -8.58 3.23 20.70
C GLN A 14 -7.81 2.66 19.52
N ILE A 15 -8.54 2.23 18.49
CA ILE A 15 -7.92 1.65 17.30
C ILE A 15 -7.43 2.72 16.35
N GLY A 16 -6.26 2.49 15.81
CA GLY A 16 -5.65 3.41 14.88
C GLY A 16 -4.74 4.41 15.56
N GLU A 17 -3.44 4.11 15.56
CA GLU A 17 -2.46 4.98 16.20
C GLU A 17 -2.15 6.18 15.31
N ASN A 18 -2.01 5.94 14.01
CA ASN A 18 -1.72 7.00 13.05
C ASN A 18 -1.63 6.36 11.69
N ILE A 19 -2.51 5.40 11.49
CA ILE A 19 -2.57 4.62 10.28
C ILE A 19 -3.18 5.40 9.13
N VAL A 20 -2.55 5.28 7.97
CA VAL A 20 -2.96 5.93 6.77
C VAL A 20 -3.85 5.00 5.95
N CYS A 21 -3.27 3.86 5.56
CA CYS A 21 -3.98 2.86 4.78
C CYS A 21 -3.50 1.46 5.18
N ARG A 22 -4.29 0.45 4.85
CA ARG A 22 -3.94 -0.94 5.17
C ARG A 22 -3.92 -1.82 3.93
N VAL A 23 -2.92 -2.68 3.83
CA VAL A 23 -2.81 -3.58 2.69
C VAL A 23 -3.18 -5.01 3.08
N ILE A 24 -4.18 -5.57 2.39
CA ILE A 24 -4.64 -6.91 2.68
C ILE A 24 -4.62 -7.78 1.41
N CYS A 25 -3.87 -8.88 1.48
CA CYS A 25 -3.79 -9.79 0.34
C CYS A 25 -4.93 -10.81 0.38
N THR A 26 -5.90 -10.64 -0.51
CA THR A 26 -7.06 -11.53 -0.57
C THR A 26 -6.70 -12.88 -1.19
N THR A 27 -5.63 -12.92 -1.97
CA THR A 27 -5.21 -14.16 -2.62
C THR A 27 -4.43 -15.06 -1.65
N GLY A 28 -4.22 -14.58 -0.43
CA GLY A 28 -3.50 -15.35 0.56
C GLY A 28 -2.07 -15.64 0.16
N GLN A 29 -1.23 -14.60 0.23
CA GLN A 29 0.18 -14.74 -0.12
C GLN A 29 1.05 -13.88 0.80
N ILE A 30 0.63 -12.64 1.01
CA ILE A 30 1.36 -11.71 1.86
C ILE A 30 0.59 -11.42 3.15
N PRO A 31 1.28 -11.31 4.30
CA PRO A 31 0.62 -11.03 5.57
C PRO A 31 0.17 -9.58 5.68
N ILE A 32 -1.08 -9.39 6.10
CA ILE A 32 -1.65 -8.06 6.24
C ILE A 32 -0.78 -7.16 7.11
N ARG A 33 -0.49 -5.97 6.61
CA ARG A 33 0.32 -5.00 7.33
C ARG A 33 -0.42 -3.68 7.46
N ASP A 34 0.04 -2.82 8.36
CA ASP A 34 -0.60 -1.53 8.58
C ASP A 34 0.32 -0.37 8.18
N LEU A 35 -0.14 0.42 7.22
CA LEU A 35 0.61 1.58 6.74
C LEU A 35 0.21 2.80 7.54
N SER A 36 1.17 3.62 7.96
CA SER A 36 0.85 4.80 8.74
C SER A 36 1.78 5.98 8.48
N ALA A 37 1.24 7.14 8.81
CA ALA A 37 1.97 8.39 8.67
C ALA A 37 1.60 9.37 9.78
N ASP A 38 2.59 10.13 10.24
CA ASP A 38 2.35 11.09 11.31
C ASP A 38 1.60 12.32 10.80
N ILE A 39 0.54 12.69 11.53
CA ILE A 39 -0.29 13.83 11.17
C ILE A 39 0.47 15.14 11.24
N SER A 40 1.24 15.32 12.30
CA SER A 40 2.01 16.54 12.51
C SER A 40 2.96 16.78 11.34
N GLN A 41 3.56 15.69 10.87
CA GLN A 41 4.48 15.75 9.75
C GLN A 41 3.76 16.09 8.46
N VAL A 42 2.55 15.57 8.32
CA VAL A 42 1.74 15.81 7.14
C VAL A 42 1.21 17.25 7.13
N LEU A 43 0.78 17.71 8.30
CA LEU A 43 0.24 19.07 8.42
C LEU A 43 1.36 20.10 8.28
N LYS A 44 2.54 19.76 8.78
CA LYS A 44 3.69 20.67 8.71
C LYS A 44 4.19 20.78 7.28
N GLU A 45 4.37 19.64 6.62
CA GLU A 45 4.86 19.61 5.24
C GLU A 45 3.70 19.66 4.26
N LYS A 46 3.44 20.84 3.72
CA LYS A 46 2.36 21.01 2.75
C LYS A 46 2.85 20.76 1.33
N ARG A 47 4.12 21.07 1.09
CA ARG A 47 4.72 20.88 -0.23
C ARG A 47 5.31 19.48 -0.36
N SER A 48 5.50 19.03 -1.60
CA SER A 48 6.06 17.71 -1.86
C SER A 48 5.19 16.61 -1.26
N ILE A 49 5.72 15.40 -1.22
CA ILE A 49 4.99 14.26 -0.67
C ILE A 49 5.26 14.12 0.83
N LYS A 50 4.31 13.51 1.54
CA LYS A 50 4.45 13.32 2.97
C LYS A 50 5.19 12.02 3.28
N LYS A 51 4.57 10.88 2.97
CA LYS A 51 5.17 9.58 3.21
C LYS A 51 4.71 8.57 2.18
N VAL A 52 5.65 7.81 1.63
CA VAL A 52 5.33 6.81 0.61
C VAL A 52 5.83 5.42 0.98
N TRP A 53 5.00 4.43 0.71
CA TRP A 53 5.35 3.03 1.00
C TRP A 53 5.80 2.29 -0.25
N THR A 54 6.82 1.46 -0.11
CA THR A 54 7.32 0.66 -1.22
C THR A 54 7.05 -0.82 -0.95
N PHE A 55 6.44 -1.48 -1.91
CA PHE A 55 6.10 -2.90 -1.78
C PHE A 55 6.78 -3.73 -2.86
N GLY A 56 7.16 -4.95 -2.51
CA GLY A 56 7.79 -5.82 -3.49
C GLY A 56 8.57 -6.97 -2.86
N ARG A 57 9.34 -7.68 -3.69
CA ARG A 57 10.14 -8.81 -3.24
C ARG A 57 11.39 -8.36 -2.47
N ASN A 58 11.56 -7.06 -2.30
CA ASN A 58 12.71 -6.52 -1.60
C ASN A 58 12.47 -6.51 -0.09
N PRO A 59 13.39 -7.10 0.71
CA PRO A 59 13.25 -7.15 2.17
C PRO A 59 13.33 -5.74 2.76
N ALA A 60 13.78 -4.78 1.95
CA ALA A 60 13.88 -3.40 2.36
C ALA A 60 12.54 -2.76 2.22
N CYS A 61 11.92 -3.06 1.09
CA CYS A 61 10.62 -2.55 0.76
C CYS A 61 9.73 -2.55 1.99
N ASP A 62 8.95 -1.51 2.12
CA ASP A 62 8.04 -1.39 3.24
C ASP A 62 7.13 -2.62 3.31
N TYR A 63 7.03 -3.34 2.19
CA TYR A 63 6.21 -4.54 2.11
C TYR A 63 7.01 -5.70 1.54
N HIS A 64 6.95 -6.86 2.21
CA HIS A 64 7.67 -8.04 1.74
C HIS A 64 6.73 -9.02 1.07
N LEU A 65 6.85 -9.15 -0.24
CA LEU A 65 6.01 -10.06 -1.02
C LEU A 65 6.70 -11.41 -1.21
N GLY A 66 5.92 -12.39 -1.65
CA GLY A 66 6.47 -13.72 -1.88
C GLY A 66 7.52 -13.73 -2.97
N ASN A 67 8.36 -14.76 -2.98
CA ASN A 67 9.40 -14.88 -3.98
C ASN A 67 8.82 -15.16 -5.36
N ILE A 68 8.22 -14.13 -5.95
CA ILE A 68 7.62 -14.27 -7.28
C ILE A 68 8.45 -13.54 -8.33
N SER A 69 9.03 -14.31 -9.25
CA SER A 69 9.86 -13.74 -10.31
C SER A 69 9.10 -12.68 -11.11
N ARG A 70 7.79 -12.90 -11.28
CA ARG A 70 6.95 -11.98 -12.02
C ARG A 70 6.92 -10.60 -11.35
N LEU A 71 7.15 -10.58 -10.04
CA LEU A 71 7.13 -9.32 -9.29
C LEU A 71 8.56 -8.78 -9.14
N SER A 72 8.67 -7.46 -9.05
CA SER A 72 9.98 -6.81 -8.90
C SER A 72 10.30 -6.57 -7.43
N ASN A 73 11.57 -6.25 -7.16
CA ASN A 73 12.03 -5.95 -5.80
C ASN A 73 11.01 -5.06 -5.10
N LYS A 74 10.73 -3.94 -5.74
CA LYS A 74 9.74 -2.98 -5.27
C LYS A 74 8.67 -2.89 -6.34
N HIS A 75 7.75 -3.84 -6.31
CA HIS A 75 6.70 -3.93 -7.30
C HIS A 75 5.85 -2.69 -7.36
N PHE A 76 5.44 -2.19 -6.21
CA PHE A 76 4.58 -1.00 -6.18
C PHE A 76 4.88 -0.10 -4.99
N GLN A 77 4.47 1.16 -5.10
CA GLN A 77 4.69 2.14 -4.04
C GLN A 77 3.44 2.97 -3.79
N ILE A 78 3.18 3.32 -2.54
CA ILE A 78 2.01 4.13 -2.21
C ILE A 78 2.41 5.46 -1.58
N LEU A 79 1.93 6.56 -2.16
CA LEU A 79 2.26 7.89 -1.65
C LEU A 79 1.11 8.47 -0.83
N LEU A 80 1.47 9.29 0.15
CA LEU A 80 0.48 9.94 1.02
C LEU A 80 0.66 11.45 1.01
N GLY A 81 -0.39 12.17 0.63
CA GLY A 81 -0.32 13.62 0.60
C GLY A 81 -1.65 14.26 0.26
N GLU A 82 -1.61 15.31 -0.55
CA GLU A 82 -2.82 16.02 -0.94
C GLU A 82 -3.55 16.58 0.27
N ASP A 83 -4.68 17.24 0.03
CA ASP A 83 -5.47 17.81 1.11
C ASP A 83 -6.39 16.76 1.74
N GLY A 84 -5.78 15.70 2.25
CA GLY A 84 -6.56 14.63 2.87
C GLY A 84 -6.88 13.51 1.90
N ASN A 85 -5.91 13.18 1.04
CA ASN A 85 -6.11 12.11 0.06
C ASN A 85 -4.87 11.23 -0.02
N LEU A 86 -4.99 10.11 -0.73
CA LEU A 86 -3.88 9.18 -0.89
C LEU A 86 -3.56 8.95 -2.37
N LEU A 87 -2.35 8.48 -2.64
CA LEU A 87 -1.92 8.23 -4.00
C LEU A 87 -1.27 6.85 -4.12
N LEU A 88 -1.51 6.19 -5.25
CA LEU A 88 -0.94 4.86 -5.49
C LEU A 88 0.06 4.95 -6.63
N ASN A 89 1.30 4.57 -6.36
CA ASN A 89 2.34 4.62 -7.38
C ASN A 89 2.88 3.24 -7.72
N ASP A 90 2.66 2.81 -8.95
CA ASP A 90 3.15 1.52 -9.41
C ASP A 90 4.64 1.62 -9.73
N ILE A 91 5.42 0.60 -9.37
CA ILE A 91 6.85 0.62 -9.61
C ILE A 91 7.40 -0.78 -9.92
N SER A 92 6.64 -1.58 -10.66
CA SER A 92 7.06 -2.92 -10.99
C SER A 92 7.66 -3.00 -12.38
N THR A 93 8.56 -3.96 -12.57
CA THR A 93 9.18 -4.18 -13.87
C THR A 93 8.15 -4.72 -14.85
N ASN A 94 7.17 -5.48 -14.34
CA ASN A 94 6.14 -6.07 -15.17
C ASN A 94 4.85 -5.25 -15.17
N GLY A 95 4.66 -4.40 -14.17
CA GLY A 95 3.46 -3.58 -14.13
C GLY A 95 2.60 -3.84 -12.91
N THR A 96 1.79 -2.85 -12.58
CA THR A 96 0.86 -2.92 -11.45
C THR A 96 -0.56 -2.81 -11.96
N TRP A 97 -1.47 -3.62 -11.42
CA TRP A 97 -2.85 -3.61 -11.89
C TRP A 97 -3.83 -3.11 -10.85
N LEU A 98 -4.89 -2.48 -11.36
CA LEU A 98 -5.97 -1.99 -10.52
C LEU A 98 -7.27 -2.60 -11.02
N ASN A 99 -7.87 -3.44 -10.19
CA ASN A 99 -9.13 -4.12 -10.54
C ASN A 99 -9.14 -4.64 -11.97
N GLY A 100 -8.04 -5.26 -12.40
CA GLY A 100 -7.97 -5.81 -13.73
C GLY A 100 -7.47 -4.83 -14.77
N GLN A 101 -7.43 -3.55 -14.42
CA GLN A 101 -6.96 -2.53 -15.34
C GLN A 101 -5.54 -2.10 -14.98
N LYS A 102 -4.62 -2.32 -15.91
CA LYS A 102 -3.23 -1.96 -15.70
C LYS A 102 -3.04 -0.44 -15.77
N VAL A 103 -2.40 0.10 -14.74
CA VAL A 103 -2.15 1.54 -14.65
C VAL A 103 -0.74 1.88 -15.14
N GLU A 104 -0.51 3.15 -15.42
CA GLU A 104 0.80 3.61 -15.88
C GLU A 104 1.83 3.52 -14.77
N LYS A 105 2.92 2.81 -15.02
CA LYS A 105 3.98 2.65 -14.03
C LYS A 105 4.43 4.01 -13.50
N ASN A 106 5.11 3.98 -12.36
CA ASN A 106 5.60 5.19 -11.69
C ASN A 106 4.67 6.38 -11.89
N SER A 107 3.37 6.09 -11.91
CA SER A 107 2.36 7.13 -12.07
C SER A 107 1.53 7.29 -10.80
N ASN A 108 1.13 8.52 -10.51
CA ASN A 108 0.33 8.79 -9.32
C ASN A 108 -1.16 8.65 -9.62
N GLN A 109 -1.86 7.90 -8.78
CA GLN A 109 -3.29 7.67 -8.96
C GLN A 109 -4.05 7.96 -7.68
N LEU A 110 -5.28 8.43 -7.81
CA LEU A 110 -6.11 8.72 -6.65
C LEU A 110 -6.58 7.43 -6.00
N LEU A 111 -6.32 7.30 -4.70
CA LEU A 111 -6.71 6.09 -3.98
C LEU A 111 -8.21 5.85 -4.05
N SER A 112 -8.59 4.59 -3.87
CA SER A 112 -9.99 4.19 -3.91
C SER A 112 -10.38 3.46 -2.63
N GLN A 113 -11.66 3.51 -2.29
CA GLN A 113 -12.15 2.86 -1.07
C GLN A 113 -12.12 1.34 -1.26
N GLY A 114 -11.41 0.66 -0.37
CA GLY A 114 -11.29 -0.78 -0.46
C GLY A 114 -10.69 -1.22 -1.78
N ASP A 115 -9.97 -0.29 -2.42
CA ASP A 115 -9.33 -0.56 -3.71
C ASP A 115 -8.53 -1.86 -3.66
N GLU A 116 -8.11 -2.31 -4.83
CA GLU A 116 -7.32 -3.54 -4.93
C GLU A 116 -6.28 -3.43 -6.04
N ILE A 117 -5.06 -3.87 -5.74
CA ILE A 117 -3.98 -3.84 -6.72
C ILE A 117 -3.53 -5.25 -7.08
N THR A 118 -3.51 -5.54 -8.37
CA THR A 118 -3.09 -6.85 -8.84
C THR A 118 -1.69 -6.77 -9.43
N VAL A 119 -0.86 -7.77 -9.13
CA VAL A 119 0.51 -7.76 -9.63
C VAL A 119 0.97 -9.16 -10.06
N GLY A 120 2.00 -9.18 -10.91
CA GLY A 120 2.53 -10.43 -11.40
C GLY A 120 1.75 -10.95 -12.59
N VAL A 121 1.22 -10.01 -13.38
CA VAL A 121 0.45 -10.34 -14.54
C VAL A 121 1.30 -10.91 -15.67
N GLY A 122 0.75 -11.91 -16.33
CA GLY A 122 1.42 -12.58 -17.41
C GLY A 122 0.89 -13.98 -17.58
N VAL A 123 0.64 -14.63 -16.45
CA VAL A 123 0.09 -15.97 -16.43
C VAL A 123 -1.16 -15.99 -15.54
N GLU A 124 -2.21 -16.65 -16.01
CA GLU A 124 -3.45 -16.72 -15.28
C GLU A 124 -3.23 -17.15 -13.82
N SER A 125 -2.36 -18.13 -13.63
CA SER A 125 -2.07 -18.66 -12.30
C SER A 125 -0.88 -17.97 -11.63
N ASP A 126 -0.32 -16.93 -12.25
CA ASP A 126 0.82 -16.26 -11.66
C ASP A 126 0.56 -14.80 -11.30
N ILE A 127 -0.69 -14.50 -11.08
CA ILE A 127 -1.11 -13.17 -10.70
C ILE A 127 -1.49 -13.13 -9.22
N LEU A 128 -1.10 -12.05 -8.57
CA LEU A 128 -1.37 -11.85 -7.15
C LEU A 128 -2.16 -10.56 -6.93
N SER A 129 -3.19 -10.63 -6.10
CA SER A 129 -4.03 -9.46 -5.83
C SER A 129 -3.86 -8.95 -4.41
N LEU A 130 -4.05 -7.64 -4.27
CA LEU A 130 -3.94 -6.97 -2.99
C LEU A 130 -5.09 -5.98 -2.79
N VAL A 131 -5.54 -5.81 -1.54
CA VAL A 131 -6.63 -4.90 -1.25
C VAL A 131 -6.17 -3.80 -0.29
N ILE A 132 -6.62 -2.57 -0.53
CA ILE A 132 -6.26 -1.44 0.28
C ILE A 132 -7.42 -1.02 1.18
N PHE A 133 -7.14 -0.93 2.49
CA PHE A 133 -8.14 -0.53 3.46
C PHE A 133 -7.80 0.85 4.03
N ILE A 134 -8.59 1.85 3.67
CA ILE A 134 -8.37 3.21 4.12
C ILE A 134 -8.99 3.47 5.49
N ASN A 135 -8.23 4.10 6.37
CA ASN A 135 -8.71 4.42 7.72
C ASN A 135 -9.43 5.76 7.72
N ASP A 136 -10.75 5.71 7.84
CA ASP A 136 -11.56 6.92 7.85
C ASP A 136 -11.16 7.85 8.99
N LYS A 137 -10.60 7.28 10.04
CA LYS A 137 -10.17 8.06 11.19
C LYS A 137 -9.11 9.09 10.79
N PHE A 138 -8.14 8.64 10.01
CA PHE A 138 -7.06 9.51 9.55
C PHE A 138 -7.62 10.67 8.72
N LYS A 139 -8.54 10.37 7.82
CA LYS A 139 -9.14 11.38 6.97
C LYS A 139 -9.95 12.39 7.79
N GLN A 140 -10.57 11.90 8.87
CA GLN A 140 -11.37 12.75 9.73
C GLN A 140 -10.50 13.79 10.44
N CYS A 141 -9.32 13.38 10.88
CA CYS A 141 -8.40 14.28 11.57
C CYS A 141 -7.89 15.36 10.64
N LEU A 142 -7.52 14.97 9.43
CA LEU A 142 -7.00 15.92 8.44
C LEU A 142 -8.03 17.01 8.14
N GLU A 143 -9.30 16.63 8.12
CA GLU A 143 -10.36 17.59 7.84
C GLU A 143 -10.42 18.69 8.91
N GLN A 144 -10.30 18.29 10.17
CA GLN A 144 -10.34 19.25 11.26
C GLN A 144 -8.98 19.88 11.50
N ASN A 145 -7.93 19.10 11.31
CA ASN A 145 -6.55 19.56 11.48
C ASN A 145 -6.40 20.37 12.78
N LYS A 146 -5.22 20.96 12.97
CA LYS A 146 -4.95 21.77 14.15
C LYS A 146 -5.10 23.25 13.86
N VAL A 147 -5.94 23.92 14.64
CA VAL A 147 -6.17 25.35 14.46
C VAL A 147 -5.23 26.17 15.33
N ASP A 148 -4.66 27.22 14.75
CA ASP A 148 -3.73 28.09 15.48
C ASP A 148 -4.39 29.42 15.81
N ARG A 149 -4.44 29.74 17.10
CA ARG A 149 -5.05 30.98 17.56
C ARG A 149 -4.06 31.77 18.42
N ILE A 150 -3.75 32.99 17.98
CA ILE A 150 -2.83 33.85 18.71
C ILE A 150 -3.57 34.79 19.65
N ARG A 151 -3.03 34.96 20.86
CA ARG A 151 -3.65 35.84 21.85
C ARG A 151 -2.64 36.24 22.91
N LYS B 1 18.93 -9.16 -20.58
CA LYS B 1 17.66 -9.60 -21.23
C LYS B 1 17.87 -10.89 -22.01
N LYS B 2 18.78 -11.72 -21.54
CA LYS B 2 19.08 -12.99 -22.20
C LYS B 2 19.50 -14.04 -21.18
N MET B 3 20.47 -13.69 -20.34
CA MET B 3 20.97 -14.61 -19.33
C MET B 3 20.45 -14.22 -17.95
N THR B 4 20.85 -13.04 -17.48
CA THR B 4 20.42 -12.56 -16.17
C THR B 4 19.21 -11.64 -16.31
N PHE B 5 18.45 -11.52 -15.23
CA PHE B 5 17.26 -10.68 -15.23
C PHE B 5 16.60 -10.66 -13.86
N GLN B 6 16.58 -11.82 -13.20
CA GLN B 6 15.99 -11.94 -11.87
C GLN B 6 14.46 -11.82 -11.94
N TPO B 7 13.99 -10.65 -12.36
CA TPO B 7 12.55 -10.41 -12.47
CB TPO B 7 12.14 -9.12 -11.74
CG2 TPO B 7 10.65 -8.85 -11.88
OG1 TPO B 7 12.47 -9.22 -10.38
P TPO B 7 13.31 -8.08 -9.74
O1P TPO B 7 13.31 -8.39 -8.22
O2P TPO B 7 14.75 -8.28 -10.30
O3P TPO B 7 12.76 -6.71 -10.05
C TPO B 7 12.14 -10.30 -13.94
O TPO B 7 12.21 -9.23 -14.54
H2 TPO B 7 14.60 -9.94 -12.60
HA TPO B 7 12.03 -11.25 -12.02
HB TPO B 7 12.68 -8.28 -12.17
HG21 TPO B 7 10.10 -9.55 -11.28
HG22 TPO B 7 10.36 -8.97 -12.91
HG23 TPO B 7 10.43 -7.84 -11.55
N PRO B 8 11.69 -11.41 -14.54
CA PRO B 8 11.26 -11.45 -15.95
C PRO B 8 10.28 -10.32 -16.28
N THR B 9 9.92 -10.20 -17.55
CA THR B 9 8.99 -9.17 -17.99
C THR B 9 8.23 -9.62 -19.23
N ASP B 10 8.06 -10.93 -19.38
CA ASP B 10 7.34 -11.49 -20.53
C ASP B 10 7.98 -11.03 -21.84
N PRO B 11 8.98 -11.79 -22.34
CA PRO B 11 9.66 -11.46 -23.59
C PRO B 11 8.70 -11.26 -24.75
N LEU B 12 9.24 -11.06 -25.95
CA LEU B 12 8.42 -10.86 -27.14
C LEU B 12 7.56 -9.61 -26.99
N GLU B 13 7.99 -8.53 -27.63
CA GLU B 13 7.26 -7.27 -27.58
C GLU B 13 7.15 -6.77 -26.14
N ALA A 1 -14.92 -20.74 31.19
CA ALA A 1 -14.61 -19.55 31.99
C ALA A 1 -13.77 -18.55 31.19
N THR A 2 -14.45 -17.75 30.37
CA THR A 2 -13.76 -16.75 29.56
C THR A 2 -13.89 -15.37 30.18
N GLN A 3 -13.87 -15.31 31.50
CA GLN A 3 -13.98 -14.04 32.22
C GLN A 3 -12.86 -13.08 31.82
N ARG A 4 -11.64 -13.60 31.74
CA ARG A 4 -10.50 -12.79 31.35
C ARG A 4 -10.56 -12.43 29.88
N PHE A 5 -11.06 -13.36 29.07
CA PHE A 5 -11.18 -13.14 27.63
C PHE A 5 -12.02 -11.90 27.35
N LEU A 6 -13.12 -11.75 28.09
CA LEU A 6 -14.00 -10.58 27.93
C LEU A 6 -13.22 -9.30 28.20
N ILE A 7 -12.24 -9.40 29.10
CA ILE A 7 -11.40 -8.25 29.44
C ILE A 7 -10.52 -7.86 28.28
N GLU A 8 -9.86 -8.85 27.69
CA GLU A 8 -8.97 -8.64 26.57
C GLU A 8 -9.71 -8.06 25.37
N LYS A 9 -10.97 -8.45 25.21
CA LYS A 9 -11.78 -7.98 24.09
C LYS A 9 -11.87 -6.46 24.06
N PHE A 10 -12.16 -5.84 25.20
CA PHE A 10 -12.27 -4.38 25.26
C PHE A 10 -10.90 -3.72 25.14
N SER A 11 -9.95 -4.23 25.90
CA SER A 11 -8.59 -3.69 25.89
C SER A 11 -8.01 -3.72 24.47
N GLN A 12 -8.29 -4.79 23.74
CA GLN A 12 -7.79 -4.93 22.37
C GLN A 12 -8.35 -3.83 21.48
N GLU A 13 -7.69 -2.67 21.49
CA GLU A 13 -8.11 -1.54 20.68
C GLU A 13 -7.27 -1.42 19.41
N GLN A 14 -7.93 -1.48 18.26
CA GLN A 14 -7.24 -1.38 16.98
C GLN A 14 -6.68 0.02 16.77
N ILE A 15 -5.49 0.09 16.19
CA ILE A 15 -4.84 1.37 15.93
C ILE A 15 -5.33 2.01 14.65
N GLY A 16 -5.55 3.31 14.73
CA GLY A 16 -6.02 4.08 13.59
C GLY A 16 -6.03 5.57 13.86
N GLU A 17 -5.10 6.03 14.69
CA GLU A 17 -5.00 7.43 15.02
C GLU A 17 -4.10 8.18 14.03
N ASN A 18 -3.20 7.43 13.39
CA ASN A 18 -2.28 8.03 12.43
C ASN A 18 -1.99 7.06 11.29
N ILE A 19 -2.56 5.86 11.39
CA ILE A 19 -2.39 4.83 10.43
C ILE A 19 -3.13 5.17 9.13
N VAL A 20 -2.36 5.65 8.16
CA VAL A 20 -2.86 6.04 6.87
C VAL A 20 -3.74 4.96 6.24
N CYS A 21 -3.12 3.83 5.88
CA CYS A 21 -3.85 2.73 5.27
C CYS A 21 -3.27 1.38 5.67
N ARG A 22 -4.02 0.31 5.42
CA ARG A 22 -3.58 -1.04 5.76
C ARG A 22 -3.68 -1.97 4.55
N VAL A 23 -2.57 -2.61 4.20
CA VAL A 23 -2.54 -3.53 3.06
C VAL A 23 -2.90 -4.95 3.48
N ILE A 24 -3.93 -5.51 2.87
CA ILE A 24 -4.39 -6.85 3.19
C ILE A 24 -4.54 -7.70 1.93
N CYS A 25 -3.79 -8.80 1.86
CA CYS A 25 -3.86 -9.69 0.70
C CYS A 25 -5.07 -10.62 0.82
N THR A 26 -6.04 -10.45 -0.06
CA THR A 26 -7.25 -11.27 -0.05
C THR A 26 -7.07 -12.57 -0.83
N THR A 27 -6.11 -12.58 -1.75
CA THR A 27 -5.86 -13.78 -2.55
C THR A 27 -5.03 -14.80 -1.78
N GLY A 28 -4.62 -14.44 -0.57
CA GLY A 28 -3.83 -15.34 0.25
C GLY A 28 -2.47 -15.62 -0.36
N GLN A 29 -1.56 -14.65 -0.26
CA GLN A 29 -0.22 -14.80 -0.81
C GLN A 29 0.80 -14.08 0.07
N ILE A 30 0.44 -12.89 0.55
CA ILE A 30 1.32 -12.10 1.39
C ILE A 30 0.64 -11.74 2.71
N PRO A 31 1.39 -11.73 3.83
CA PRO A 31 0.84 -11.40 5.14
C PRO A 31 0.44 -9.93 5.25
N ILE A 32 -0.63 -9.67 6.00
CA ILE A 32 -1.12 -8.31 6.17
C ILE A 32 -0.07 -7.40 6.80
N ARG A 33 -0.14 -6.12 6.48
CA ARG A 33 0.79 -5.13 7.00
C ARG A 33 0.06 -3.81 7.29
N ASP A 34 0.70 -2.95 8.06
CA ASP A 34 0.09 -1.66 8.40
C ASP A 34 0.97 -0.49 7.99
N LEU A 35 0.43 0.35 7.11
CA LEU A 35 1.13 1.54 6.63
C LEU A 35 0.62 2.76 7.39
N SER A 36 1.54 3.60 7.87
CA SER A 36 1.13 4.78 8.63
C SER A 36 2.02 5.98 8.42
N ALA A 37 1.42 7.12 8.67
CA ALA A 37 2.11 8.40 8.56
C ALA A 37 1.67 9.35 9.67
N ASP A 38 2.58 10.20 10.13
CA ASP A 38 2.27 11.14 11.20
C ASP A 38 1.41 12.29 10.67
N ILE A 39 0.35 12.60 11.40
CA ILE A 39 -0.57 13.67 11.02
C ILE A 39 0.12 15.03 11.03
N SER A 40 0.98 15.25 12.01
CA SER A 40 1.70 16.51 12.14
C SER A 40 2.47 16.84 10.87
N GLN A 41 3.09 15.81 10.29
CA GLN A 41 3.86 15.98 9.07
C GLN A 41 2.94 16.29 7.89
N VAL A 42 1.78 15.65 7.88
CA VAL A 42 0.81 15.85 6.81
C VAL A 42 0.17 17.24 6.91
N LEU A 43 -0.25 17.62 8.11
CA LEU A 43 -0.86 18.92 8.32
C LEU A 43 0.08 20.05 7.91
N LYS A 44 1.37 19.79 8.01
CA LYS A 44 2.38 20.78 7.64
C LYS A 44 2.67 20.75 6.15
N GLU A 45 3.08 19.57 5.65
CA GLU A 45 3.38 19.40 4.24
C GLU A 45 2.11 19.46 3.40
N LYS A 46 2.14 20.29 2.36
CA LYS A 46 0.99 20.44 1.47
C LYS A 46 1.45 20.76 0.05
N ARG A 47 2.62 20.26 -0.32
CA ARG A 47 3.17 20.51 -1.64
C ARG A 47 3.81 19.23 -2.21
N SER A 48 4.81 18.71 -1.51
CA SER A 48 5.50 17.51 -1.94
C SER A 48 4.90 16.27 -1.28
N ILE A 49 5.55 15.14 -1.48
CA ILE A 49 5.08 13.88 -0.91
C ILE A 49 5.45 13.79 0.58
N LYS A 50 4.50 13.37 1.40
CA LYS A 50 4.73 13.25 2.84
C LYS A 50 5.45 11.95 3.17
N LYS A 51 4.80 10.82 2.93
CA LYS A 51 5.39 9.52 3.22
C LYS A 51 4.91 8.44 2.26
N VAL A 52 5.84 7.88 1.49
CA VAL A 52 5.52 6.85 0.52
C VAL A 52 6.06 5.48 0.90
N TRP A 53 5.22 4.49 0.65
CA TRP A 53 5.55 3.09 0.93
C TRP A 53 5.97 2.33 -0.32
N THR A 54 6.98 1.48 -0.20
CA THR A 54 7.44 0.66 -1.31
C THR A 54 7.12 -0.80 -1.00
N PHE A 55 6.48 -1.48 -1.95
CA PHE A 55 6.09 -2.88 -1.76
C PHE A 55 6.77 -3.79 -2.77
N GLY A 56 7.10 -5.01 -2.33
CA GLY A 56 7.74 -5.97 -3.21
C GLY A 56 8.37 -7.13 -2.46
N ARG A 57 9.11 -7.97 -3.18
CA ARG A 57 9.76 -9.14 -2.58
C ARG A 57 11.04 -8.76 -1.83
N ASN A 58 11.39 -7.48 -1.81
CA ASN A 58 12.59 -7.02 -1.14
C ASN A 58 12.35 -6.79 0.36
N PRO A 59 13.27 -7.26 1.22
CA PRO A 59 13.16 -7.09 2.67
C PRO A 59 13.28 -5.63 3.09
N ALA A 60 13.72 -4.79 2.15
CA ALA A 60 13.85 -3.38 2.39
C ALA A 60 12.52 -2.72 2.21
N CYS A 61 11.87 -3.12 1.12
CA CYS A 61 10.58 -2.62 0.78
C CYS A 61 9.70 -2.53 2.00
N ASP A 62 8.91 -1.48 2.04
CA ASP A 62 7.99 -1.29 3.15
C ASP A 62 7.07 -2.50 3.29
N TYR A 63 6.97 -3.30 2.23
CA TYR A 63 6.12 -4.50 2.26
C TYR A 63 6.91 -5.72 1.79
N HIS A 64 6.90 -6.78 2.60
CA HIS A 64 7.62 -7.99 2.26
C HIS A 64 6.68 -9.04 1.66
N LEU A 65 6.82 -9.27 0.35
CA LEU A 65 6.00 -10.24 -0.35
C LEU A 65 6.63 -11.63 -0.27
N GLY A 66 5.87 -12.64 -0.70
CA GLY A 66 6.38 -14.00 -0.67
C GLY A 66 7.69 -14.14 -1.42
N ASN A 67 7.60 -14.37 -2.73
CA ASN A 67 8.80 -14.52 -3.56
C ASN A 67 8.40 -14.88 -4.99
N ILE A 68 7.80 -13.91 -5.69
CA ILE A 68 7.37 -14.12 -7.07
C ILE A 68 8.40 -13.58 -8.06
N SER A 69 8.98 -14.48 -8.84
CA SER A 69 9.98 -14.08 -9.84
C SER A 69 9.44 -13.00 -10.77
N ARG A 70 8.15 -13.09 -11.09
CA ARG A 70 7.52 -12.12 -11.97
C ARG A 70 7.52 -10.73 -11.35
N LEU A 71 7.24 -10.66 -10.05
CA LEU A 71 7.22 -9.38 -9.35
C LEU A 71 8.63 -8.85 -9.14
N SER A 72 8.75 -7.52 -9.06
CA SER A 72 10.05 -6.88 -8.88
C SER A 72 10.35 -6.61 -7.40
N ASN A 73 11.61 -6.28 -7.10
CA ASN A 73 12.03 -5.97 -5.73
C ASN A 73 10.99 -5.10 -5.06
N LYS A 74 10.69 -3.98 -5.71
CA LYS A 74 9.68 -3.04 -5.26
C LYS A 74 8.63 -2.98 -6.35
N HIS A 75 7.72 -3.94 -6.31
CA HIS A 75 6.69 -4.04 -7.32
C HIS A 75 5.84 -2.80 -7.41
N PHE A 76 5.41 -2.30 -6.27
CA PHE A 76 4.56 -1.10 -6.26
C PHE A 76 4.89 -0.20 -5.08
N GLN A 77 4.50 1.07 -5.19
CA GLN A 77 4.77 2.05 -4.16
C GLN A 77 3.53 2.91 -3.89
N ILE A 78 3.29 3.26 -2.63
CA ILE A 78 2.14 4.10 -2.29
C ILE A 78 2.60 5.41 -1.66
N LEU A 79 2.09 6.53 -2.17
CA LEU A 79 2.49 7.83 -1.63
C LEU A 79 1.30 8.59 -1.06
N LEU A 80 1.52 9.26 0.06
CA LEU A 80 0.49 10.05 0.70
C LEU A 80 0.87 11.53 0.70
N GLY A 81 0.02 12.36 0.13
CA GLY A 81 0.29 13.78 0.06
C GLY A 81 -0.86 14.57 -0.55
N GLU A 82 -0.52 15.58 -1.35
CA GLU A 82 -1.52 16.42 -2.00
C GLU A 82 -2.24 17.29 -0.98
N ASP A 83 -2.99 16.67 -0.08
CA ASP A 83 -3.72 17.40 0.94
C ASP A 83 -4.25 16.45 2.02
N GLY A 84 -4.82 15.33 1.58
CA GLY A 84 -5.35 14.35 2.52
C GLY A 84 -5.56 12.99 1.88
N ASN A 85 -6.01 12.99 0.63
CA ASN A 85 -6.25 11.75 -0.08
C ASN A 85 -4.97 10.93 -0.22
N LEU A 86 -5.10 9.69 -0.69
CA LEU A 86 -3.96 8.82 -0.88
C LEU A 86 -3.63 8.65 -2.36
N LEU A 87 -2.38 8.30 -2.66
CA LEU A 87 -1.96 8.11 -4.04
C LEU A 87 -1.25 6.76 -4.18
N LEU A 88 -1.47 6.10 -5.30
CA LEU A 88 -0.84 4.80 -5.55
C LEU A 88 0.16 4.92 -6.69
N ASN A 89 1.41 4.55 -6.42
CA ASN A 89 2.45 4.62 -7.42
C ASN A 89 2.95 3.23 -7.80
N ASP A 90 2.72 2.85 -9.05
CA ASP A 90 3.16 1.56 -9.53
C ASP A 90 4.66 1.61 -9.87
N ILE A 91 5.41 0.61 -9.44
CA ILE A 91 6.84 0.57 -9.69
C ILE A 91 7.34 -0.84 -9.99
N SER A 92 6.58 -1.61 -10.76
CA SER A 92 6.94 -2.95 -11.09
C SER A 92 7.58 -3.04 -12.47
N THR A 93 8.35 -4.11 -12.68
CA THR A 93 8.98 -4.33 -13.96
C THR A 93 7.95 -4.67 -15.03
N ASN A 94 6.90 -5.39 -14.63
CA ASN A 94 5.84 -5.79 -15.56
C ASN A 94 4.62 -4.88 -15.48
N GLY A 95 4.47 -4.15 -14.37
CA GLY A 95 3.34 -3.26 -14.23
C GLY A 95 2.47 -3.58 -13.03
N THR A 96 1.67 -2.60 -12.63
CA THR A 96 0.75 -2.73 -11.50
C THR A 96 -0.68 -2.58 -11.99
N TRP A 97 -1.58 -3.41 -11.48
CA TRP A 97 -2.97 -3.37 -11.91
C TRP A 97 -3.94 -2.91 -10.84
N LEU A 98 -4.99 -2.26 -11.30
CA LEU A 98 -6.05 -1.79 -10.43
C LEU A 98 -7.37 -2.37 -10.94
N ASN A 99 -7.96 -3.25 -10.15
CA ASN A 99 -9.23 -3.89 -10.52
C ASN A 99 -9.23 -4.37 -11.97
N GLY A 100 -8.13 -4.98 -12.40
CA GLY A 100 -8.05 -5.50 -13.75
C GLY A 100 -7.60 -4.46 -14.76
N GLN A 101 -7.47 -3.21 -14.34
CA GLN A 101 -7.03 -2.16 -15.25
C GLN A 101 -5.58 -1.76 -14.95
N LYS A 102 -4.73 -1.95 -15.95
CA LYS A 102 -3.33 -1.64 -15.83
C LYS A 102 -3.09 -0.12 -15.91
N VAL A 103 -2.42 0.41 -14.89
CA VAL A 103 -2.13 1.84 -14.82
C VAL A 103 -0.71 2.14 -15.28
N GLU A 104 -0.43 3.41 -15.54
CA GLU A 104 0.90 3.83 -15.98
C GLU A 104 1.90 3.70 -14.84
N LYS A 105 3.02 3.03 -15.09
CA LYS A 105 4.04 2.86 -14.07
C LYS A 105 4.44 4.21 -13.49
N ASN A 106 5.09 4.17 -12.34
CA ASN A 106 5.54 5.38 -11.64
C ASN A 106 4.56 6.54 -11.83
N SER A 107 3.28 6.21 -11.84
CA SER A 107 2.23 7.20 -12.02
C SER A 107 1.41 7.37 -10.74
N ASN A 108 0.97 8.59 -10.47
CA ASN A 108 0.18 8.88 -9.28
C ASN A 108 -1.31 8.75 -9.57
N GLN A 109 -1.99 7.92 -8.80
CA GLN A 109 -3.43 7.71 -8.99
C GLN A 109 -4.16 7.86 -7.67
N LEU A 110 -5.40 8.36 -7.75
CA LEU A 110 -6.21 8.55 -6.57
C LEU A 110 -6.71 7.21 -6.05
N LEU A 111 -6.24 6.82 -4.87
CA LEU A 111 -6.63 5.54 -4.29
C LEU A 111 -8.14 5.40 -4.18
N SER A 112 -8.56 4.18 -3.92
CA SER A 112 -9.97 3.85 -3.77
C SER A 112 -10.22 3.18 -2.42
N GLN A 113 -11.44 3.31 -1.91
CA GLN A 113 -11.79 2.70 -0.62
C GLN A 113 -11.90 1.18 -0.79
N GLY A 114 -11.09 0.45 -0.03
CA GLY A 114 -11.09 -0.98 -0.11
C GLY A 114 -10.68 -1.48 -1.49
N ASP A 115 -9.96 -0.63 -2.22
CA ASP A 115 -9.50 -0.96 -3.56
C ASP A 115 -8.59 -2.18 -3.52
N GLU A 116 -8.16 -2.61 -4.70
CA GLU A 116 -7.28 -3.77 -4.82
C GLU A 116 -6.28 -3.59 -5.95
N ILE A 117 -5.02 -3.93 -5.69
CA ILE A 117 -3.97 -3.83 -6.69
C ILE A 117 -3.55 -5.22 -7.14
N THR A 118 -3.56 -5.45 -8.44
CA THR A 118 -3.19 -6.74 -9.00
C THR A 118 -1.79 -6.65 -9.62
N VAL A 119 -0.97 -7.66 -9.36
CA VAL A 119 0.39 -7.66 -9.88
C VAL A 119 0.83 -9.04 -10.36
N GLY A 120 1.84 -9.06 -11.23
CA GLY A 120 2.35 -10.30 -11.76
C GLY A 120 1.55 -10.78 -12.95
N VAL A 121 0.98 -9.83 -13.68
CA VAL A 121 0.17 -10.14 -14.84
C VAL A 121 1.00 -10.72 -15.97
N GLY A 122 0.41 -11.71 -16.63
CA GLY A 122 1.04 -12.39 -17.72
C GLY A 122 0.54 -13.81 -17.82
N VAL A 123 0.40 -14.43 -16.65
CA VAL A 123 -0.12 -15.77 -16.55
C VAL A 123 -1.28 -15.79 -15.57
N GLU A 124 -2.38 -16.42 -15.96
CA GLU A 124 -3.57 -16.48 -15.11
C GLU A 124 -3.21 -16.97 -13.70
N SER A 125 -2.26 -17.87 -13.62
CA SER A 125 -1.83 -18.43 -12.36
C SER A 125 -0.64 -17.69 -11.75
N ASP A 126 -0.21 -16.57 -12.35
CA ASP A 126 0.92 -15.84 -11.83
C ASP A 126 0.58 -14.41 -11.45
N ILE A 127 -0.69 -14.18 -11.20
CA ILE A 127 -1.19 -12.89 -10.79
C ILE A 127 -1.52 -12.88 -9.31
N LEU A 128 -1.19 -11.78 -8.66
CA LEU A 128 -1.42 -11.61 -7.23
C LEU A 128 -2.28 -10.37 -6.96
N SER A 129 -3.29 -10.52 -6.11
CA SER A 129 -4.18 -9.40 -5.78
C SER A 129 -3.97 -8.92 -4.35
N LEU A 130 -3.88 -7.61 -4.19
CA LEU A 130 -3.69 -7.00 -2.87
C LEU A 130 -4.75 -5.95 -2.61
N VAL A 131 -5.36 -5.98 -1.43
CA VAL A 131 -6.40 -5.02 -1.09
C VAL A 131 -5.94 -4.04 -0.01
N ILE A 132 -6.31 -2.78 -0.16
CA ILE A 132 -5.93 -1.74 0.76
C ILE A 132 -7.12 -1.32 1.62
N PHE A 133 -6.85 -1.10 2.90
CA PHE A 133 -7.89 -0.70 3.85
C PHE A 133 -7.61 0.70 4.40
N ILE A 134 -8.35 1.69 3.90
CA ILE A 134 -8.18 3.06 4.35
C ILE A 134 -9.06 3.36 5.56
N ASN A 135 -8.42 3.69 6.67
CA ASN A 135 -9.15 4.00 7.91
C ASN A 135 -9.78 5.38 7.84
N ASP A 136 -11.08 5.44 8.11
CA ASP A 136 -11.82 6.70 8.08
C ASP A 136 -11.39 7.62 9.22
N LYS A 137 -10.81 7.04 10.26
CA LYS A 137 -10.36 7.82 11.41
C LYS A 137 -9.35 8.87 10.98
N PHE A 138 -8.42 8.47 10.12
CA PHE A 138 -7.40 9.38 9.63
C PHE A 138 -8.04 10.57 8.92
N LYS A 139 -9.04 10.29 8.09
CA LYS A 139 -9.75 11.33 7.35
C LYS A 139 -10.49 12.26 8.30
N GLN A 140 -11.10 11.69 9.34
CA GLN A 140 -11.84 12.47 10.31
C GLN A 140 -10.95 13.50 10.99
N CYS A 141 -9.71 13.13 11.26
CA CYS A 141 -8.76 14.03 11.91
C CYS A 141 -8.38 15.18 10.99
N LEU A 142 -8.21 14.88 9.71
CA LEU A 142 -7.83 15.90 8.73
C LEU A 142 -8.98 16.88 8.48
N GLU A 143 -10.17 16.35 8.22
CA GLU A 143 -11.34 17.18 7.96
C GLU A 143 -11.68 18.07 9.14
N GLN A 144 -11.43 17.57 10.35
CA GLN A 144 -11.73 18.33 11.57
C GLN A 144 -10.51 19.15 12.00
N ASN A 145 -9.32 18.59 11.82
CA ASN A 145 -8.08 19.27 12.19
C ASN A 145 -8.20 19.97 13.54
N LYS A 146 -8.56 19.20 14.57
CA LYS A 146 -8.71 19.75 15.91
C LYS A 146 -7.35 20.03 16.54
N VAL A 147 -7.31 21.02 17.43
CA VAL A 147 -6.08 21.38 18.11
C VAL A 147 -6.01 20.79 19.51
N ASP A 148 -4.90 20.15 19.84
CA ASP A 148 -4.72 19.53 21.14
C ASP A 148 -5.76 18.44 21.38
N ARG A 149 -5.61 17.71 22.49
CA ARG A 149 -6.53 16.64 22.82
C ARG A 149 -7.47 17.05 23.95
N ILE A 150 -7.97 18.28 23.87
CA ILE A 150 -8.88 18.81 24.89
C ILE A 150 -10.28 18.23 24.72
N ARG A 151 -10.88 17.78 25.82
CA ARG A 151 -12.21 17.20 25.79
C ARG A 151 -12.25 15.96 24.91
N LYS B 1 26.68 -14.78 -21.99
CA LYS B 1 25.58 -14.65 -21.00
C LYS B 1 25.67 -13.32 -20.25
N LYS B 2 24.66 -12.48 -20.42
CA LYS B 2 24.63 -11.18 -19.77
C LYS B 2 23.21 -10.62 -19.74
N MET B 3 22.47 -10.96 -18.68
CA MET B 3 21.09 -10.50 -18.53
C MET B 3 20.56 -10.84 -17.14
N THR B 4 20.83 -12.06 -16.68
CA THR B 4 20.38 -12.50 -15.37
C THR B 4 18.86 -12.46 -15.27
N PHE B 5 18.23 -13.56 -15.68
CA PHE B 5 16.77 -13.66 -15.64
C PHE B 5 16.27 -13.64 -14.20
N GLN B 6 16.12 -12.43 -13.65
CA GLN B 6 15.64 -12.28 -12.28
C GLN B 6 14.13 -12.05 -12.25
N TPO B 7 13.62 -11.42 -13.30
CA TPO B 7 12.19 -11.13 -13.39
CB TPO B 7 11.85 -9.75 -12.79
CG2 TPO B 7 10.37 -9.45 -12.91
OG1 TPO B 7 12.22 -9.72 -11.43
P TPO B 7 13.06 -8.50 -10.93
O1P TPO B 7 13.49 -8.89 -9.48
O2P TPO B 7 14.32 -8.48 -11.84
O3P TPO B 7 12.29 -7.21 -10.98
C TPO B 7 11.72 -11.17 -14.84
O TPO B 7 12.16 -10.37 -15.66
H2 TPO B 7 14.21 -11.12 -14.02
HA TPO B 7 11.67 -11.89 -12.82
HB TPO B 7 12.40 -9.00 -13.32
HG21 TPO B 7 10.21 -8.75 -13.72
HG22 TPO B 7 10.02 -9.02 -11.98
HG23 TPO B 7 9.83 -10.36 -13.11
N PRO B 8 10.82 -12.11 -15.18
CA PRO B 8 10.28 -12.24 -16.55
C PRO B 8 9.48 -11.02 -16.97
N THR B 9 10.02 -10.25 -17.91
CA THR B 9 9.35 -9.05 -18.40
C THR B 9 8.18 -9.42 -19.30
N ASP B 10 7.31 -8.45 -19.57
CA ASP B 10 6.14 -8.67 -20.41
C ASP B 10 5.98 -7.53 -21.42
N PRO B 11 6.95 -7.36 -22.34
CA PRO B 11 6.91 -6.30 -23.35
C PRO B 11 5.63 -6.35 -24.18
N LEU B 12 4.62 -5.59 -23.75
CA LEU B 12 3.35 -5.54 -24.45
C LEU B 12 3.38 -4.50 -25.58
N GLU B 13 2.54 -4.71 -26.59
CA GLU B 13 2.47 -3.80 -27.72
C GLU B 13 3.82 -3.72 -28.45
N ALA A 1 -0.02 -3.98 33.01
CA ALA A 1 -1.45 -3.97 32.68
C ALA A 1 -1.95 -5.37 32.35
N THR A 2 -3.10 -5.73 32.92
CA THR A 2 -3.69 -7.04 32.69
C THR A 2 -5.21 -6.94 32.57
N GLN A 3 -5.82 -6.28 33.54
CA GLN A 3 -7.28 -6.10 33.54
C GLN A 3 -7.72 -5.20 32.40
N ARG A 4 -6.91 -4.19 32.10
CA ARG A 4 -7.22 -3.24 31.03
C ARG A 4 -7.38 -3.97 29.69
N PHE A 5 -6.50 -4.94 29.45
CA PHE A 5 -6.55 -5.71 28.21
C PHE A 5 -7.84 -6.51 28.11
N LEU A 6 -8.28 -7.07 29.24
CA LEU A 6 -9.50 -7.85 29.28
C LEU A 6 -10.71 -7.02 28.87
N ILE A 7 -10.75 -5.77 29.33
CA ILE A 7 -11.84 -4.87 29.01
C ILE A 7 -11.84 -4.50 27.53
N GLU A 8 -10.67 -4.12 27.03
CA GLU A 8 -10.52 -3.74 25.63
C GLU A 8 -10.89 -4.89 24.70
N LYS A 9 -10.61 -6.12 25.13
CA LYS A 9 -10.90 -7.30 24.32
C LYS A 9 -12.38 -7.41 23.98
N PHE A 10 -13.26 -7.23 24.96
CA PHE A 10 -14.69 -7.31 24.71
C PHE A 10 -15.19 -6.11 23.91
N SER A 11 -14.78 -4.93 24.35
CA SER A 11 -15.18 -3.69 23.68
C SER A 11 -14.64 -3.64 22.26
N GLN A 12 -13.50 -4.28 22.04
CA GLN A 12 -12.88 -4.30 20.72
C GLN A 12 -12.54 -2.89 20.25
N GLU A 13 -11.53 -2.30 20.86
CA GLU A 13 -11.11 -0.95 20.50
C GLU A 13 -10.46 -0.92 19.12
N GLN A 14 -10.95 -0.05 18.25
CA GLN A 14 -10.42 0.07 16.89
C GLN A 14 -8.98 0.56 16.92
N ILE A 15 -8.09 -0.20 16.29
CA ILE A 15 -6.68 0.15 16.24
C ILE A 15 -6.40 1.18 15.15
N GLY A 16 -5.56 2.13 15.51
CA GLY A 16 -5.19 3.17 14.58
C GLY A 16 -4.26 4.20 15.20
N GLU A 17 -3.01 3.82 15.39
CA GLU A 17 -2.02 4.73 15.99
C GLU A 17 -1.83 5.96 15.13
N ASN A 18 -1.80 5.77 13.82
CA ASN A 18 -1.61 6.88 12.88
C ASN A 18 -1.54 6.29 11.49
N ILE A 19 -2.38 5.29 11.30
CA ILE A 19 -2.44 4.55 10.08
C ILE A 19 -3.05 5.34 8.93
N VAL A 20 -2.39 5.25 7.79
CA VAL A 20 -2.81 5.92 6.60
C VAL A 20 -3.69 5.02 5.77
N CYS A 21 -3.14 3.87 5.39
CA CYS A 21 -3.86 2.88 4.60
C CYS A 21 -3.37 1.48 4.94
N ARG A 22 -4.28 0.50 4.88
CA ARG A 22 -3.93 -0.88 5.20
C ARG A 22 -4.04 -1.78 3.97
N VAL A 23 -3.04 -2.64 3.80
CA VAL A 23 -3.04 -3.57 2.66
C VAL A 23 -3.44 -4.97 3.10
N ILE A 24 -4.50 -5.49 2.47
CA ILE A 24 -5.00 -6.82 2.80
C ILE A 24 -5.10 -7.69 1.55
N CYS A 25 -4.52 -8.89 1.62
CA CYS A 25 -4.57 -9.82 0.49
C CYS A 25 -5.74 -10.77 0.63
N THR A 26 -6.69 -10.69 -0.30
CA THR A 26 -7.87 -11.54 -0.28
C THR A 26 -7.63 -12.85 -1.03
N THR A 27 -6.66 -12.83 -1.94
CA THR A 27 -6.35 -14.03 -2.72
C THR A 27 -5.48 -15.01 -1.93
N GLY A 28 -5.12 -14.62 -0.71
CA GLY A 28 -4.31 -15.47 0.14
C GLY A 28 -2.91 -15.70 -0.41
N GLN A 29 -2.08 -14.68 -0.36
CA GLN A 29 -0.71 -14.77 -0.85
C GLN A 29 0.25 -13.97 0.03
N ILE A 30 -0.19 -12.80 0.45
CA ILE A 30 0.63 -11.94 1.30
C ILE A 30 -0.09 -11.61 2.61
N PRO A 31 0.65 -11.58 3.74
CA PRO A 31 0.06 -11.28 5.04
C PRO A 31 -0.28 -9.80 5.21
N ILE A 32 -1.40 -9.52 5.85
CA ILE A 32 -1.85 -8.15 6.05
C ILE A 32 -0.76 -7.29 6.71
N ARG A 33 -0.77 -6.00 6.39
CA ARG A 33 0.20 -5.06 6.95
C ARG A 33 -0.46 -3.72 7.21
N ASP A 34 0.20 -2.87 8.00
CA ASP A 34 -0.36 -1.56 8.32
C ASP A 34 0.58 -0.43 7.92
N LEU A 35 0.10 0.44 7.04
CA LEU A 35 0.86 1.59 6.58
C LEU A 35 0.41 2.82 7.37
N SER A 36 1.37 3.65 7.82
CA SER A 36 1.00 4.81 8.59
C SER A 36 1.91 6.00 8.38
N ALA A 37 1.36 7.16 8.71
CA ALA A 37 2.07 8.42 8.60
C ALA A 37 1.67 9.35 9.74
N ASP A 38 2.64 10.10 10.26
CA ASP A 38 2.39 11.04 11.36
C ASP A 38 1.66 12.27 10.85
N ILE A 39 0.61 12.66 11.57
CA ILE A 39 -0.19 13.83 11.22
C ILE A 39 0.62 15.12 11.30
N SER A 40 1.46 15.21 12.31
CA SER A 40 2.29 16.39 12.53
C SER A 40 3.13 16.68 11.30
N GLN A 41 3.64 15.62 10.68
CA GLN A 41 4.47 15.77 9.48
C GLN A 41 3.62 16.26 8.32
N VAL A 42 2.44 15.66 8.16
CA VAL A 42 1.53 16.02 7.10
C VAL A 42 1.09 17.48 7.22
N LEU A 43 0.71 17.88 8.43
CA LEU A 43 0.26 19.24 8.69
C LEU A 43 1.43 20.23 8.58
N LYS A 44 2.63 19.74 8.88
CA LYS A 44 3.83 20.59 8.81
C LYS A 44 4.37 20.66 7.39
N GLU A 45 4.25 19.55 6.66
CA GLU A 45 4.74 19.50 5.28
C GLU A 45 3.75 20.17 4.33
N LYS A 46 4.28 20.95 3.40
CA LYS A 46 3.45 21.65 2.42
C LYS A 46 4.19 21.78 1.09
N ARG A 47 5.04 20.82 0.79
CA ARG A 47 5.81 20.81 -0.45
C ARG A 47 5.07 20.07 -1.55
N SER A 48 4.92 18.76 -1.39
CA SER A 48 4.23 17.94 -2.38
C SER A 48 4.05 16.51 -1.88
N ILE A 49 5.10 15.98 -1.24
CA ILE A 49 5.05 14.62 -0.72
C ILE A 49 5.44 14.58 0.75
N LYS A 50 4.93 13.58 1.47
CA LYS A 50 5.22 13.43 2.90
C LYS A 50 5.85 12.07 3.19
N LYS A 51 5.08 11.00 2.96
CA LYS A 51 5.55 9.64 3.20
C LYS A 51 5.06 8.69 2.13
N VAL A 52 5.97 7.89 1.58
CA VAL A 52 5.62 6.94 0.55
C VAL A 52 6.10 5.53 0.89
N TRP A 53 5.25 4.55 0.61
CA TRP A 53 5.56 3.14 0.87
C TRP A 53 6.00 2.41 -0.39
N THR A 54 7.00 1.57 -0.26
CA THR A 54 7.46 0.76 -1.39
C THR A 54 7.19 -0.71 -1.07
N PHE A 55 6.49 -1.38 -1.96
CA PHE A 55 6.13 -2.78 -1.78
C PHE A 55 6.85 -3.68 -2.79
N GLY A 56 7.20 -4.88 -2.36
CA GLY A 56 7.86 -5.82 -3.24
C GLY A 56 8.53 -6.96 -2.49
N ARG A 57 9.35 -7.74 -3.19
CA ARG A 57 10.04 -8.86 -2.59
C ARG A 57 11.30 -8.44 -1.85
N ASN A 58 11.59 -7.13 -1.85
CA ASN A 58 12.78 -6.62 -1.17
C ASN A 58 12.51 -6.37 0.31
N PRO A 59 13.41 -6.84 1.19
CA PRO A 59 13.26 -6.65 2.64
C PRO A 59 13.40 -5.18 3.03
N ALA A 60 13.84 -4.36 2.08
CA ALA A 60 13.99 -2.94 2.30
C ALA A 60 12.65 -2.27 2.13
N CYS A 61 11.97 -2.71 1.08
CA CYS A 61 10.67 -2.21 0.76
C CYS A 61 9.84 -2.06 2.00
N ASP A 62 9.09 -0.99 2.06
CA ASP A 62 8.24 -0.75 3.21
C ASP A 62 7.29 -1.93 3.41
N TYR A 63 7.12 -2.74 2.36
CA TYR A 63 6.26 -3.91 2.44
C TYR A 63 6.97 -5.16 1.93
N HIS A 64 6.89 -6.24 2.69
CA HIS A 64 7.52 -7.50 2.31
C HIS A 64 6.47 -8.50 1.84
N LEU A 65 6.48 -8.80 0.54
CA LEU A 65 5.51 -9.73 -0.03
C LEU A 65 6.00 -11.17 0.09
N GLY A 66 7.02 -11.52 -0.68
CA GLY A 66 7.55 -12.87 -0.64
C GLY A 66 8.76 -13.05 -1.55
N ASN A 67 8.58 -13.79 -2.63
CA ASN A 67 9.66 -14.04 -3.58
C ASN A 67 9.13 -14.55 -4.91
N ILE A 68 8.32 -13.73 -5.57
CA ILE A 68 7.75 -14.10 -6.86
C ILE A 68 8.54 -13.47 -8.01
N SER A 69 9.02 -14.29 -8.93
CA SER A 69 9.80 -13.81 -10.06
C SER A 69 9.05 -12.74 -10.85
N ARG A 70 7.76 -12.97 -11.07
CA ARG A 70 6.94 -12.03 -11.81
C ARG A 70 6.89 -10.67 -11.11
N LEU A 71 7.23 -10.65 -9.83
CA LEU A 71 7.21 -9.40 -9.08
C LEU A 71 8.62 -8.85 -8.89
N SER A 72 8.74 -7.53 -8.86
CA SER A 72 10.06 -6.90 -8.70
C SER A 72 10.35 -6.58 -7.23
N ASN A 73 11.62 -6.30 -6.94
CA ASN A 73 12.05 -5.95 -5.57
C ASN A 73 11.04 -5.00 -4.95
N LYS A 74 10.77 -3.93 -5.67
CA LYS A 74 9.79 -2.93 -5.27
C LYS A 74 8.74 -2.88 -6.36
N HIS A 75 7.80 -3.82 -6.28
CA HIS A 75 6.76 -3.94 -7.29
C HIS A 75 5.91 -2.69 -7.41
N PHE A 76 5.49 -2.17 -6.28
CA PHE A 76 4.66 -0.97 -6.28
C PHE A 76 4.96 -0.05 -5.11
N GLN A 77 4.60 1.22 -5.24
CA GLN A 77 4.85 2.20 -4.19
C GLN A 77 3.62 3.08 -3.96
N ILE A 78 3.35 3.42 -2.69
CA ILE A 78 2.19 4.26 -2.37
C ILE A 78 2.65 5.57 -1.72
N LEU A 79 2.13 6.70 -2.20
CA LEU A 79 2.49 7.99 -1.66
C LEU A 79 1.34 8.62 -0.88
N LEU A 80 1.69 9.38 0.16
CA LEU A 80 0.69 10.05 0.99
C LEU A 80 0.98 11.55 1.07
N GLY A 81 0.00 12.35 0.67
CA GLY A 81 0.17 13.79 0.71
C GLY A 81 -0.85 14.52 -0.15
N GLU A 82 -0.75 15.85 -0.18
CA GLU A 82 -1.67 16.66 -0.98
C GLU A 82 -3.09 16.52 -0.46
N ASP A 83 -3.47 17.40 0.48
CA ASP A 83 -4.81 17.38 1.06
C ASP A 83 -5.09 16.03 1.71
N GLY A 84 -6.33 15.84 2.16
CA GLY A 84 -6.71 14.60 2.81
C GLY A 84 -7.00 13.50 1.81
N ASN A 85 -5.99 13.16 1.00
CA ASN A 85 -6.15 12.11 0.00
C ASN A 85 -4.90 11.24 -0.06
N LEU A 86 -4.94 10.22 -0.93
CA LEU A 86 -3.81 9.31 -1.08
C LEU A 86 -3.54 9.05 -2.56
N LEU A 87 -2.31 8.65 -2.87
CA LEU A 87 -1.92 8.35 -4.24
C LEU A 87 -1.15 7.04 -4.30
N LEU A 88 -1.40 6.27 -5.36
CA LEU A 88 -0.74 4.99 -5.53
C LEU A 88 0.21 5.04 -6.73
N ASN A 89 1.46 4.66 -6.50
CA ASN A 89 2.45 4.69 -7.57
C ASN A 89 2.96 3.30 -7.91
N ASP A 90 2.68 2.86 -9.13
CA ASP A 90 3.13 1.56 -9.58
C ASP A 90 4.61 1.62 -9.94
N ILE A 91 5.38 0.63 -9.51
CA ILE A 91 6.82 0.61 -9.79
C ILE A 91 7.34 -0.80 -10.04
N SER A 92 6.60 -1.61 -10.79
CA SER A 92 7.00 -2.96 -11.08
C SER A 92 7.62 -3.08 -12.46
N THR A 93 8.36 -4.16 -12.68
CA THR A 93 8.99 -4.41 -13.95
C THR A 93 7.94 -4.74 -15.02
N ASN A 94 6.91 -5.50 -14.62
CA ASN A 94 5.85 -5.89 -15.55
C ASN A 94 4.61 -5.00 -15.44
N GLY A 95 4.44 -4.30 -14.32
CA GLY A 95 3.30 -3.43 -14.18
C GLY A 95 2.46 -3.72 -12.94
N THR A 96 1.65 -2.74 -12.57
CA THR A 96 0.75 -2.84 -11.42
C THR A 96 -0.69 -2.73 -11.89
N TRP A 97 -1.56 -3.56 -11.33
CA TRP A 97 -2.96 -3.57 -11.73
C TRP A 97 -3.90 -3.10 -10.65
N LEU A 98 -4.99 -2.47 -11.07
CA LEU A 98 -6.02 -2.04 -10.17
C LEU A 98 -7.35 -2.63 -10.64
N ASN A 99 -7.90 -3.53 -9.83
CA ASN A 99 -9.16 -4.20 -10.15
C ASN A 99 -9.19 -4.74 -11.59
N GLY A 100 -8.08 -5.33 -12.03
CA GLY A 100 -8.03 -5.90 -13.36
C GLY A 100 -7.60 -4.91 -14.43
N GLN A 101 -7.53 -3.63 -14.08
CA GLN A 101 -7.12 -2.62 -15.05
C GLN A 101 -5.70 -2.15 -14.77
N LYS A 102 -4.82 -2.36 -15.75
CA LYS A 102 -3.44 -1.98 -15.63
C LYS A 102 -3.27 -0.46 -15.74
N VAL A 103 -2.46 0.10 -14.85
CA VAL A 103 -2.22 1.55 -14.83
C VAL A 103 -0.81 1.87 -15.33
N GLU A 104 -0.58 3.14 -15.63
CA GLU A 104 0.72 3.58 -16.12
C GLU A 104 1.76 3.50 -14.99
N LYS A 105 2.84 2.77 -15.25
CA LYS A 105 3.90 2.62 -14.25
C LYS A 105 4.37 3.99 -13.76
N ASN A 106 5.06 3.99 -12.63
CA ASN A 106 5.58 5.20 -12.00
C ASN A 106 4.62 6.38 -12.17
N SER A 107 3.33 6.09 -12.18
CA SER A 107 2.30 7.10 -12.32
C SER A 107 1.48 7.23 -11.04
N ASN A 108 1.06 8.46 -10.74
CA ASN A 108 0.28 8.72 -9.53
C ASN A 108 -1.22 8.63 -9.83
N GLN A 109 -1.95 7.89 -8.99
CA GLN A 109 -3.38 7.73 -9.17
C GLN A 109 -4.11 8.04 -7.87
N LEU A 110 -5.36 8.49 -7.97
CA LEU A 110 -6.15 8.80 -6.80
C LEU A 110 -6.59 7.53 -6.10
N LEU A 111 -6.43 7.48 -4.78
CA LEU A 111 -6.79 6.31 -4.01
C LEU A 111 -8.29 6.05 -4.05
N SER A 112 -8.65 4.80 -3.86
CA SER A 112 -10.04 4.37 -3.86
C SER A 112 -10.39 3.64 -2.55
N GLN A 113 -11.66 3.68 -2.17
CA GLN A 113 -12.11 3.02 -0.96
C GLN A 113 -12.10 1.51 -1.15
N GLY A 114 -11.38 0.81 -0.28
CA GLY A 114 -11.29 -0.63 -0.39
C GLY A 114 -10.75 -1.08 -1.73
N ASP A 115 -10.03 -0.18 -2.41
CA ASP A 115 -9.46 -0.47 -3.71
C ASP A 115 -8.65 -1.76 -3.67
N GLU A 116 -8.20 -2.21 -4.83
CA GLU A 116 -7.42 -3.43 -4.91
C GLU A 116 -6.36 -3.33 -6.01
N ILE A 117 -5.15 -3.77 -5.70
CA ILE A 117 -4.06 -3.74 -6.66
C ILE A 117 -3.55 -5.15 -6.95
N THR A 118 -3.55 -5.50 -8.23
CA THR A 118 -3.10 -6.82 -8.64
C THR A 118 -1.71 -6.71 -9.27
N VAL A 119 -0.84 -7.68 -8.99
CA VAL A 119 0.50 -7.66 -9.52
C VAL A 119 0.99 -9.03 -9.95
N GLY A 120 1.98 -9.05 -10.84
CA GLY A 120 2.53 -10.29 -11.32
C GLY A 120 1.75 -10.82 -12.50
N VAL A 121 1.17 -9.91 -13.27
CA VAL A 121 0.38 -10.28 -14.42
C VAL A 121 1.22 -10.81 -15.56
N GLY A 122 0.68 -11.84 -16.20
CA GLY A 122 1.35 -12.49 -17.30
C GLY A 122 0.88 -13.91 -17.43
N VAL A 123 0.69 -14.55 -16.27
CA VAL A 123 0.21 -15.91 -16.21
C VAL A 123 -1.02 -15.98 -15.31
N GLU A 124 -2.08 -16.61 -15.79
CA GLU A 124 -3.31 -16.72 -15.02
C GLU A 124 -3.05 -17.23 -13.61
N SER A 125 -2.10 -18.15 -13.49
CA SER A 125 -1.77 -18.74 -12.20
C SER A 125 -0.61 -18.00 -11.50
N ASP A 126 -0.16 -16.88 -12.05
CA ASP A 126 0.95 -16.16 -11.45
C ASP A 126 0.62 -14.71 -11.15
N ILE A 127 -0.65 -14.45 -10.95
CA ILE A 127 -1.13 -13.12 -10.61
C ILE A 127 -1.52 -13.06 -9.13
N LEU A 128 -1.17 -11.95 -8.50
CA LEU A 128 -1.48 -11.73 -7.10
C LEU A 128 -2.34 -10.49 -6.90
N SER A 129 -3.38 -10.63 -6.08
CA SER A 129 -4.29 -9.52 -5.82
C SER A 129 -4.12 -8.98 -4.41
N LEU A 130 -4.26 -7.66 -4.27
CA LEU A 130 -4.12 -7.00 -2.98
C LEU A 130 -5.25 -5.98 -2.79
N VAL A 131 -5.72 -5.84 -1.56
CA VAL A 131 -6.78 -4.89 -1.25
C VAL A 131 -6.29 -3.78 -0.33
N ILE A 132 -6.67 -2.55 -0.64
CA ILE A 132 -6.26 -1.40 0.13
C ILE A 132 -7.42 -0.86 0.97
N PHE A 133 -7.19 -0.74 2.28
CA PHE A 133 -8.19 -0.23 3.19
C PHE A 133 -7.78 1.13 3.76
N ILE A 134 -8.61 2.13 3.55
CA ILE A 134 -8.33 3.47 4.02
C ILE A 134 -8.79 3.65 5.47
N ASN A 135 -7.92 4.24 6.29
CA ASN A 135 -8.24 4.48 7.69
C ASN A 135 -9.21 5.65 7.84
N ASP A 136 -10.45 5.35 8.20
CA ASP A 136 -11.47 6.38 8.37
C ASP A 136 -11.09 7.35 9.48
N LYS A 137 -10.57 6.82 10.58
CA LYS A 137 -10.17 7.64 11.71
C LYS A 137 -9.09 8.63 11.30
N PHE A 138 -8.09 8.14 10.57
CA PHE A 138 -7.00 8.97 10.10
C PHE A 138 -7.51 10.10 9.24
N LYS A 139 -8.44 9.78 8.33
CA LYS A 139 -9.02 10.77 7.44
C LYS A 139 -9.81 11.82 8.20
N GLN A 140 -10.44 11.38 9.30
CA GLN A 140 -11.24 12.29 10.12
C GLN A 140 -10.40 13.44 10.66
N CYS A 141 -9.19 13.13 11.09
CA CYS A 141 -8.28 14.15 11.62
C CYS A 141 -7.84 15.12 10.53
N LEU A 142 -7.48 14.57 9.37
CA LEU A 142 -7.03 15.39 8.25
C LEU A 142 -8.18 16.20 7.67
N GLU A 143 -9.35 15.56 7.54
CA GLU A 143 -10.53 16.23 6.99
C GLU A 143 -11.07 17.29 7.94
N GLN A 144 -11.22 16.92 9.21
CA GLN A 144 -11.74 17.83 10.22
C GLN A 144 -10.66 18.79 10.70
N ASN A 145 -9.44 18.28 10.83
CA ASN A 145 -8.30 19.07 11.28
C ASN A 145 -8.67 19.97 12.45
N LYS A 146 -9.61 19.50 13.27
CA LYS A 146 -10.06 20.26 14.43
C LYS A 146 -9.93 19.44 15.71
N VAL A 147 -9.96 20.11 16.86
CA VAL A 147 -9.84 19.44 18.14
C VAL A 147 -11.20 19.34 18.82
N ASP A 148 -11.52 18.14 19.33
CA ASP A 148 -12.78 17.91 20.00
C ASP A 148 -12.58 17.15 21.31
N ARG A 149 -13.13 17.68 22.39
CA ARG A 149 -13.00 17.06 23.70
C ARG A 149 -14.28 17.24 24.51
N ILE A 150 -14.59 16.26 25.37
CA ILE A 150 -15.78 16.32 26.20
C ILE A 150 -15.57 17.23 27.40
N ARG A 151 -16.26 18.37 27.40
CA ARG A 151 -16.14 19.33 28.49
C ARG A 151 -17.51 19.87 28.89
N LYS B 1 25.26 -15.60 -18.42
CA LYS B 1 24.66 -16.79 -19.08
C LYS B 1 23.13 -16.64 -19.16
N LYS B 2 22.51 -17.52 -19.95
CA LYS B 2 21.06 -17.50 -20.10
C LYS B 2 20.41 -18.67 -19.38
N MET B 3 19.77 -18.37 -18.25
CA MET B 3 19.11 -19.40 -17.46
C MET B 3 18.32 -18.77 -16.31
N THR B 4 18.95 -17.85 -15.59
CA THR B 4 18.31 -17.18 -14.47
C THR B 4 17.88 -15.77 -14.86
N PHE B 5 16.60 -15.48 -14.68
CA PHE B 5 16.06 -14.16 -15.02
C PHE B 5 15.63 -13.41 -13.76
N GLN B 6 15.11 -14.15 -12.79
CA GLN B 6 14.65 -13.57 -11.53
C GLN B 6 13.43 -12.68 -11.76
N TPO B 7 13.64 -11.53 -12.40
CA TPO B 7 12.54 -10.60 -12.68
CB TPO B 7 12.84 -9.21 -12.10
CG2 TPO B 7 11.72 -8.23 -12.41
OG1 TPO B 7 13.01 -9.29 -10.71
P TPO B 7 14.21 -8.53 -10.07
O1P TPO B 7 13.66 -7.99 -8.73
O2P TPO B 7 15.26 -9.64 -9.78
O3P TPO B 7 14.74 -7.45 -10.96
C TPO B 7 12.29 -10.49 -14.18
O TPO B 7 12.85 -9.60 -14.84
H2 TPO B 7 14.54 -11.32 -12.70
HA TPO B 7 11.65 -10.99 -12.20
HB TPO B 7 13.76 -8.84 -12.55
HG21 TPO B 7 11.28 -7.88 -11.50
HG22 TPO B 7 10.96 -8.74 -13.01
HG23 TPO B 7 12.11 -7.39 -12.97
N PRO B 8 11.46 -11.38 -14.75
CA PRO B 8 11.15 -11.37 -16.18
C PRO B 8 10.70 -10.00 -16.66
N THR B 9 11.16 -9.61 -17.85
CA THR B 9 10.79 -8.32 -18.41
C THR B 9 9.65 -8.46 -19.42
N ASP B 10 8.90 -9.55 -19.30
CA ASP B 10 7.77 -9.80 -20.20
C ASP B 10 8.22 -9.77 -21.66
N PRO B 11 8.40 -10.96 -22.28
CA PRO B 11 8.83 -11.06 -23.68
C PRO B 11 7.77 -10.54 -24.64
N LEU B 12 7.97 -9.32 -25.14
CA LEU B 12 7.03 -8.71 -26.07
C LEU B 12 7.74 -8.30 -27.37
N GLU B 13 7.03 -7.58 -28.22
CA GLU B 13 7.59 -7.12 -29.49
C GLU B 13 7.83 -5.62 -29.47
N ALA A 1 17.29 -8.06 14.91
CA ALA A 1 15.83 -7.99 14.74
C ALA A 1 15.12 -8.39 16.02
N THR A 2 13.79 -8.26 16.01
CA THR A 2 12.98 -8.60 17.17
C THR A 2 11.65 -9.22 16.73
N GLN A 3 11.68 -10.51 16.39
CA GLN A 3 10.48 -11.21 15.94
C GLN A 3 9.49 -11.36 17.09
N ARG A 4 9.98 -11.80 18.24
CA ARG A 4 9.13 -12.00 19.41
C ARG A 4 8.52 -10.68 19.87
N PHE A 5 9.29 -9.60 19.75
CA PHE A 5 8.83 -8.28 20.14
C PHE A 5 7.63 -7.84 19.29
N LEU A 6 7.67 -8.17 18.01
CA LEU A 6 6.59 -7.81 17.09
C LEU A 6 5.29 -8.50 17.49
N ILE A 7 5.39 -9.80 17.80
CA ILE A 7 4.21 -10.57 18.21
C ILE A 7 3.67 -10.08 19.55
N GLU A 8 4.56 -9.67 20.44
CA GLU A 8 4.16 -9.19 21.75
C GLU A 8 3.18 -8.03 21.61
N LYS A 9 3.45 -7.15 20.65
CA LYS A 9 2.58 -6.00 20.39
C LYS A 9 1.23 -6.46 19.86
N PHE A 10 1.22 -7.64 19.26
CA PHE A 10 -0.01 -8.21 18.70
C PHE A 10 -1.11 -8.31 19.75
N SER A 11 -0.75 -8.84 20.91
CA SER A 11 -1.70 -8.99 22.02
C SER A 11 -2.26 -7.63 22.44
N GLN A 12 -1.43 -6.60 22.33
CA GLN A 12 -1.84 -5.25 22.71
C GLN A 12 -1.68 -4.29 21.54
N GLU A 13 -2.11 -4.71 20.36
CA GLU A 13 -2.02 -3.88 19.17
C GLU A 13 -3.04 -2.76 19.20
N GLN A 14 -2.58 -1.53 18.97
CA GLN A 14 -3.46 -0.37 18.97
C GLN A 14 -3.74 0.10 17.55
N ILE A 15 -4.92 -0.25 17.04
CA ILE A 15 -5.32 0.14 15.68
C ILE A 15 -5.92 1.52 15.65
N GLY A 16 -5.52 2.26 14.63
CA GLY A 16 -6.01 3.62 14.45
C GLY A 16 -5.16 4.63 15.20
N GLU A 17 -3.89 4.31 15.39
CA GLU A 17 -2.98 5.21 16.10
C GLU A 17 -2.57 6.38 15.21
N ASN A 18 -2.19 6.07 13.97
CA ASN A 18 -1.78 7.09 13.02
C ASN A 18 -1.68 6.43 11.67
N ILE A 19 -2.58 5.49 11.46
CA ILE A 19 -2.62 4.70 10.27
C ILE A 19 -3.23 5.46 9.09
N VAL A 20 -2.54 5.36 7.97
CA VAL A 20 -2.96 6.00 6.75
C VAL A 20 -3.85 5.07 5.95
N CYS A 21 -3.28 3.92 5.59
CA CYS A 21 -4.01 2.90 4.84
C CYS A 21 -3.45 1.52 5.15
N ARG A 22 -4.31 0.51 5.11
CA ARG A 22 -3.89 -0.86 5.39
C ARG A 22 -4.05 -1.76 4.17
N VAL A 23 -2.97 -2.45 3.81
CA VAL A 23 -3.00 -3.34 2.66
C VAL A 23 -3.25 -4.78 3.07
N ILE A 24 -4.31 -5.37 2.52
CA ILE A 24 -4.68 -6.74 2.83
C ILE A 24 -4.69 -7.62 1.58
N CYS A 25 -4.00 -8.75 1.66
CA CYS A 25 -3.94 -9.67 0.53
C CYS A 25 -5.18 -10.55 0.50
N THR A 26 -5.92 -10.50 -0.61
CA THR A 26 -7.14 -11.29 -0.75
C THR A 26 -6.85 -12.68 -1.33
N THR A 27 -5.78 -12.79 -2.09
CA THR A 27 -5.40 -14.07 -2.69
C THR A 27 -4.69 -14.98 -1.69
N GLY A 28 -4.48 -14.47 -0.48
CA GLY A 28 -3.81 -15.26 0.54
C GLY A 28 -2.38 -15.61 0.18
N GLN A 29 -1.48 -14.65 0.33
CA GLN A 29 -0.08 -14.85 0.02
C GLN A 29 0.81 -14.02 0.94
N ILE A 30 0.44 -12.76 1.15
CA ILE A 30 1.20 -11.87 2.01
C ILE A 30 0.39 -11.50 3.26
N PRO A 31 1.06 -11.40 4.43
CA PRO A 31 0.38 -11.05 5.67
C PRO A 31 -0.05 -9.60 5.71
N ILE A 32 -1.19 -9.33 6.34
CA ILE A 32 -1.73 -7.99 6.43
C ILE A 32 -0.73 -7.02 7.06
N ARG A 33 -0.74 -5.78 6.56
CA ARG A 33 0.15 -4.73 7.06
C ARG A 33 -0.60 -3.41 7.10
N ASP A 34 -0.07 -2.44 7.83
CA ASP A 34 -0.73 -1.14 7.95
C ASP A 34 0.24 0.02 7.69
N LEU A 35 -0.08 0.82 6.68
CA LEU A 35 0.73 1.99 6.33
C LEU A 35 0.29 3.16 7.20
N SER A 36 1.24 3.82 7.86
CA SER A 36 0.88 4.94 8.73
C SER A 36 1.75 6.16 8.54
N ALA A 37 1.15 7.27 8.91
CA ALA A 37 1.81 8.57 8.85
C ALA A 37 1.18 9.54 9.85
N ASP A 38 2.00 10.37 10.49
CA ASP A 38 1.51 11.32 11.47
C ASP A 38 0.96 12.57 10.80
N ILE A 39 -0.11 13.11 11.37
CA ILE A 39 -0.75 14.30 10.85
C ILE A 39 0.17 15.52 10.94
N SER A 40 0.88 15.62 12.05
CA SER A 40 1.80 16.74 12.27
C SER A 40 2.82 16.80 11.15
N GLN A 41 3.27 15.65 10.72
CA GLN A 41 4.25 15.55 9.65
C GLN A 41 3.64 15.99 8.32
N VAL A 42 2.37 15.66 8.13
CA VAL A 42 1.66 16.01 6.92
C VAL A 42 1.32 17.50 6.88
N LEU A 43 0.88 18.03 8.03
CA LEU A 43 0.53 19.44 8.13
C LEU A 43 1.77 20.32 7.96
N LYS A 44 2.91 19.83 8.43
CA LYS A 44 4.16 20.57 8.33
C LYS A 44 4.63 20.66 6.88
N GLU A 45 4.74 19.49 6.24
CA GLU A 45 5.19 19.43 4.85
C GLU A 45 4.19 20.13 3.92
N LYS A 46 4.59 21.26 3.38
CA LYS A 46 3.74 22.02 2.48
C LYS A 46 4.01 21.65 1.03
N ARG A 47 5.24 21.24 0.73
CA ARG A 47 5.62 20.86 -0.62
C ARG A 47 6.15 19.43 -0.65
N SER A 48 6.28 18.87 -1.84
CA SER A 48 6.77 17.50 -2.01
C SER A 48 5.87 16.52 -1.28
N ILE A 49 6.25 15.24 -1.34
CA ILE A 49 5.47 14.19 -0.68
C ILE A 49 5.85 14.05 0.79
N LYS A 50 4.92 13.57 1.60
CA LYS A 50 5.16 13.39 3.03
C LYS A 50 5.80 12.04 3.31
N LYS A 51 5.00 10.98 3.23
CA LYS A 51 5.48 9.63 3.48
C LYS A 51 5.02 8.67 2.39
N VAL A 52 5.94 7.84 1.91
CA VAL A 52 5.61 6.89 0.86
C VAL A 52 6.08 5.47 1.19
N TRP A 53 5.23 4.51 0.86
CA TRP A 53 5.54 3.09 1.09
C TRP A 53 5.93 2.38 -0.19
N THR A 54 6.94 1.50 -0.11
CA THR A 54 7.37 0.74 -1.26
C THR A 54 7.11 -0.75 -1.04
N PHE A 55 6.42 -1.37 -2.00
CA PHE A 55 6.07 -2.78 -1.94
C PHE A 55 6.79 -3.56 -3.02
N GLY A 56 7.14 -4.81 -2.73
CA GLY A 56 7.82 -5.63 -3.71
C GLY A 56 8.37 -6.92 -3.15
N ARG A 57 9.10 -7.66 -3.99
CA ARG A 57 9.68 -8.94 -3.60
C ARG A 57 11.06 -8.74 -2.95
N ASN A 58 11.16 -7.77 -2.05
CA ASN A 58 12.42 -7.50 -1.37
C ASN A 58 12.19 -7.15 0.10
N PRO A 59 13.05 -7.67 0.99
CA PRO A 59 12.94 -7.41 2.43
C PRO A 59 13.25 -5.96 2.77
N ALA A 60 13.68 -5.20 1.77
CA ALA A 60 13.99 -3.80 1.95
C ALA A 60 12.73 -2.99 1.87
N CYS A 61 11.97 -3.29 0.84
CA CYS A 61 10.72 -2.63 0.59
C CYS A 61 9.94 -2.48 1.87
N ASP A 62 9.27 -1.36 1.99
CA ASP A 62 8.45 -1.09 3.15
C ASP A 62 7.42 -2.20 3.33
N TYR A 63 7.15 -2.95 2.25
CA TYR A 63 6.19 -4.04 2.31
C TYR A 63 6.79 -5.31 1.73
N HIS A 64 6.81 -6.38 2.53
CA HIS A 64 7.35 -7.66 2.09
C HIS A 64 6.27 -8.50 1.42
N LEU A 65 6.36 -8.63 0.10
CA LEU A 65 5.39 -9.41 -0.65
C LEU A 65 5.52 -10.90 -0.34
N GLY A 66 6.47 -11.57 -1.00
CA GLY A 66 6.67 -12.99 -0.77
C GLY A 66 7.86 -13.53 -1.54
N ASN A 67 7.60 -14.11 -2.71
CA ASN A 67 8.66 -14.67 -3.53
C ASN A 67 8.16 -14.98 -4.94
N ILE A 68 7.69 -13.95 -5.63
CA ILE A 68 7.18 -14.12 -6.99
C ILE A 68 8.09 -13.43 -8.01
N SER A 69 8.70 -14.22 -8.89
CA SER A 69 9.61 -13.69 -9.90
C SER A 69 8.91 -12.62 -10.75
N ARG A 70 7.62 -12.80 -10.99
CA ARG A 70 6.85 -11.85 -11.78
C ARG A 70 6.85 -10.46 -11.14
N LEU A 71 7.09 -10.42 -9.83
CA LEU A 71 7.11 -9.14 -9.11
C LEU A 71 8.54 -8.64 -8.93
N SER A 72 8.70 -7.32 -8.93
CA SER A 72 10.02 -6.71 -8.78
C SER A 72 10.33 -6.36 -7.32
N ASN A 73 11.61 -6.10 -7.03
CA ASN A 73 12.05 -5.74 -5.68
C ASN A 73 11.07 -4.74 -5.07
N LYS A 74 10.81 -3.69 -5.83
CA LYS A 74 9.86 -2.66 -5.44
C LYS A 74 8.78 -2.61 -6.50
N HIS A 75 7.85 -3.55 -6.41
CA HIS A 75 6.79 -3.68 -7.38
C HIS A 75 5.92 -2.44 -7.45
N PHE A 76 5.50 -1.94 -6.30
CA PHE A 76 4.66 -0.75 -6.28
C PHE A 76 4.95 0.12 -5.06
N GLN A 77 4.58 1.39 -5.13
CA GLN A 77 4.82 2.33 -4.05
C GLN A 77 3.59 3.20 -3.77
N ILE A 78 3.31 3.47 -2.49
CA ILE A 78 2.18 4.31 -2.13
C ILE A 78 2.64 5.60 -1.46
N LEU A 79 2.12 6.74 -1.93
CA LEU A 79 2.51 8.03 -1.37
C LEU A 79 1.29 8.81 -0.85
N LEU A 80 1.46 9.45 0.30
CA LEU A 80 0.40 10.25 0.90
C LEU A 80 0.91 11.66 1.18
N GLY A 81 0.14 12.65 0.74
CA GLY A 81 0.55 14.04 0.95
C GLY A 81 0.00 14.97 -0.12
N GLU A 82 -0.17 14.45 -1.34
CA GLU A 82 -0.69 15.25 -2.43
C GLU A 82 -2.01 15.93 -2.07
N ASP A 83 -2.76 15.30 -1.17
CA ASP A 83 -4.04 15.85 -0.73
C ASP A 83 -4.60 15.05 0.44
N GLY A 84 -5.80 15.41 0.87
CA GLY A 84 -6.43 14.72 1.97
C GLY A 84 -6.57 13.22 1.74
N ASN A 85 -6.53 12.82 0.47
CA ASN A 85 -6.65 11.42 0.11
C ASN A 85 -5.27 10.78 -0.04
N LEU A 86 -5.24 9.51 -0.45
CA LEU A 86 -3.98 8.80 -0.63
C LEU A 86 -3.68 8.61 -2.11
N LEU A 87 -2.41 8.36 -2.43
CA LEU A 87 -1.99 8.16 -3.81
C LEU A 87 -1.30 6.81 -3.96
N LEU A 88 -1.59 6.13 -5.06
CA LEU A 88 -0.99 4.83 -5.34
C LEU A 88 -0.07 4.93 -6.54
N ASN A 89 1.21 4.62 -6.34
CA ASN A 89 2.18 4.71 -7.42
C ASN A 89 2.77 3.35 -7.76
N ASP A 90 2.58 2.92 -9.00
CA ASP A 90 3.13 1.65 -9.46
C ASP A 90 4.61 1.81 -9.80
N ILE A 91 5.41 0.80 -9.47
CA ILE A 91 6.85 0.86 -9.72
C ILE A 91 7.41 -0.53 -10.03
N SER A 92 6.63 -1.36 -10.73
CA SER A 92 7.05 -2.70 -11.06
C SER A 92 7.65 -2.78 -12.46
N THR A 93 8.58 -3.71 -12.62
CA THR A 93 9.20 -3.95 -13.91
C THR A 93 8.19 -4.53 -14.88
N ASN A 94 7.24 -5.32 -14.34
CA ASN A 94 6.22 -5.97 -15.14
C ASN A 94 4.90 -5.18 -15.17
N GLY A 95 4.70 -4.29 -14.20
CA GLY A 95 3.48 -3.51 -14.18
C GLY A 95 2.62 -3.77 -12.96
N THR A 96 1.79 -2.78 -12.63
CA THR A 96 0.88 -2.84 -11.51
C THR A 96 -0.56 -2.76 -12.01
N TRP A 97 -1.44 -3.58 -11.45
CA TRP A 97 -2.83 -3.60 -11.90
C TRP A 97 -3.82 -3.12 -10.85
N LEU A 98 -4.89 -2.51 -11.35
CA LEU A 98 -5.97 -2.05 -10.50
C LEU A 98 -7.27 -2.69 -10.98
N ASN A 99 -7.84 -3.54 -10.14
CA ASN A 99 -9.08 -4.24 -10.46
C ASN A 99 -9.10 -4.76 -11.90
N GLY A 100 -8.00 -5.36 -12.34
CA GLY A 100 -7.94 -5.91 -13.68
C GLY A 100 -7.46 -4.91 -14.72
N GLN A 101 -7.44 -3.64 -14.35
CA GLN A 101 -6.99 -2.62 -15.29
C GLN A 101 -5.58 -2.16 -14.95
N LYS A 102 -4.67 -2.36 -15.89
CA LYS A 102 -3.28 -2.00 -15.71
C LYS A 102 -3.10 -0.49 -15.78
N VAL A 103 -2.45 0.08 -14.76
CA VAL A 103 -2.21 1.51 -14.70
C VAL A 103 -0.81 1.86 -15.19
N GLU A 104 -0.60 3.13 -15.51
CA GLU A 104 0.71 3.59 -15.98
C GLU A 104 1.72 3.56 -14.84
N LYS A 105 2.86 2.90 -15.09
CA LYS A 105 3.91 2.81 -14.08
C LYS A 105 4.28 4.19 -13.55
N ASN A 106 4.91 4.20 -12.39
CA ASN A 106 5.34 5.44 -11.73
C ASN A 106 4.36 6.58 -11.94
N SER A 107 3.08 6.23 -12.02
CA SER A 107 2.03 7.22 -12.20
C SER A 107 1.14 7.32 -10.96
N ASN A 108 1.11 8.49 -10.34
CA ASN A 108 0.31 8.70 -9.14
C ASN A 108 -1.18 8.60 -9.46
N GLN A 109 -1.92 7.88 -8.61
CA GLN A 109 -3.35 7.72 -8.80
C GLN A 109 -4.10 8.06 -7.53
N LEU A 110 -5.33 8.52 -7.68
CA LEU A 110 -6.15 8.87 -6.52
C LEU A 110 -6.62 7.61 -5.80
N LEU A 111 -6.47 7.59 -4.48
CA LEU A 111 -6.86 6.44 -3.68
C LEU A 111 -8.33 6.09 -3.88
N SER A 112 -8.62 4.82 -3.68
CA SER A 112 -9.98 4.30 -3.81
C SER A 112 -10.40 3.57 -2.55
N GLN A 113 -11.70 3.54 -2.28
CA GLN A 113 -12.22 2.84 -1.10
C GLN A 113 -12.13 1.33 -1.29
N GLY A 114 -11.43 0.67 -0.36
CA GLY A 114 -11.28 -0.78 -0.45
C GLY A 114 -10.65 -1.19 -1.77
N ASP A 115 -9.93 -0.26 -2.40
CA ASP A 115 -9.28 -0.52 -3.68
C ASP A 115 -8.48 -1.82 -3.64
N GLU A 116 -8.06 -2.27 -4.81
CA GLU A 116 -7.29 -3.51 -4.92
C GLU A 116 -6.25 -3.39 -6.03
N ILE A 117 -5.04 -3.84 -5.75
CA ILE A 117 -3.97 -3.80 -6.73
C ILE A 117 -3.49 -5.21 -7.08
N THR A 118 -3.46 -5.51 -8.36
CA THR A 118 -3.02 -6.82 -8.83
C THR A 118 -1.62 -6.71 -9.42
N VAL A 119 -0.76 -7.68 -9.12
CA VAL A 119 0.60 -7.66 -9.61
C VAL A 119 1.09 -9.04 -10.03
N GLY A 120 2.11 -9.06 -10.89
CA GLY A 120 2.66 -10.30 -11.37
C GLY A 120 1.90 -10.83 -12.55
N VAL A 121 1.34 -9.92 -13.34
CA VAL A 121 0.56 -10.30 -14.50
C VAL A 121 1.41 -10.85 -15.62
N GLY A 122 0.87 -11.88 -16.26
CA GLY A 122 1.54 -12.55 -17.34
C GLY A 122 0.97 -13.92 -17.54
N VAL A 123 0.69 -14.59 -16.43
CA VAL A 123 0.12 -15.91 -16.44
C VAL A 123 -1.14 -15.91 -15.56
N GLU A 124 -2.21 -16.51 -16.05
CA GLU A 124 -3.45 -16.56 -15.31
C GLU A 124 -3.24 -17.06 -13.88
N SER A 125 -2.36 -18.05 -13.74
CA SER A 125 -2.08 -18.64 -12.44
C SER A 125 -0.88 -17.99 -11.74
N ASP A 126 -0.34 -16.92 -12.31
CA ASP A 126 0.81 -16.26 -11.70
C ASP A 126 0.56 -14.80 -11.35
N ILE A 127 -0.69 -14.49 -11.11
CA ILE A 127 -1.10 -13.15 -10.74
C ILE A 127 -1.48 -13.09 -9.27
N LEU A 128 -1.08 -12.02 -8.62
CA LEU A 128 -1.36 -11.81 -7.21
C LEU A 128 -2.15 -10.52 -7.00
N SER A 129 -3.19 -10.59 -6.17
CA SER A 129 -4.02 -9.42 -5.90
C SER A 129 -3.89 -8.93 -4.47
N LEU A 130 -4.09 -7.64 -4.30
CA LEU A 130 -4.00 -7.00 -2.99
C LEU A 130 -5.16 -6.02 -2.80
N VAL A 131 -5.51 -5.75 -1.54
CA VAL A 131 -6.59 -4.84 -1.23
C VAL A 131 -6.15 -3.73 -0.29
N ILE A 132 -6.63 -2.51 -0.54
CA ILE A 132 -6.29 -1.37 0.25
C ILE A 132 -7.45 -0.95 1.15
N PHE A 133 -7.19 -0.90 2.45
CA PHE A 133 -8.22 -0.52 3.42
C PHE A 133 -7.88 0.85 4.02
N ILE A 134 -8.75 1.83 3.78
CA ILE A 134 -8.55 3.18 4.28
C ILE A 134 -9.09 3.34 5.70
N ASN A 135 -8.30 3.96 6.57
CA ASN A 135 -8.70 4.19 7.94
C ASN A 135 -9.61 5.41 8.05
N ASP A 136 -10.81 5.19 8.59
CA ASP A 136 -11.77 6.28 8.74
C ASP A 136 -11.33 7.28 9.79
N LYS A 137 -10.70 6.79 10.85
CA LYS A 137 -10.22 7.66 11.91
C LYS A 137 -9.22 8.68 11.38
N PHE A 138 -8.30 8.21 10.55
CA PHE A 138 -7.30 9.08 9.95
C PHE A 138 -7.95 10.21 9.17
N LYS A 139 -8.96 9.86 8.38
CA LYS A 139 -9.67 10.84 7.57
C LYS A 139 -10.32 11.91 8.44
N GLN A 140 -10.77 11.52 9.62
CA GLN A 140 -11.42 12.46 10.54
C GLN A 140 -10.47 13.60 10.93
N CYS A 141 -9.24 13.25 11.29
CA CYS A 141 -8.26 14.25 11.68
C CYS A 141 -7.85 15.11 10.50
N LEU A 142 -7.64 14.47 9.35
CA LEU A 142 -7.23 15.18 8.14
C LEU A 142 -8.33 16.12 7.66
N GLU A 143 -9.58 15.70 7.83
CA GLU A 143 -10.72 16.51 7.41
C GLU A 143 -10.77 17.82 8.18
N GLN A 144 -10.58 17.74 9.49
CA GLN A 144 -10.60 18.93 10.34
C GLN A 144 -9.24 19.62 10.36
N ASN A 145 -8.18 18.83 10.21
CA ASN A 145 -6.81 19.34 10.20
C ASN A 145 -6.60 20.40 11.31
N LYS A 146 -6.82 21.67 10.98
CA LYS A 146 -6.65 22.75 11.94
C LYS A 146 -7.93 23.58 12.06
N VAL A 147 -8.18 24.12 13.25
CA VAL A 147 -9.35 24.94 13.48
C VAL A 147 -9.11 26.39 13.11
N ASP A 148 -9.97 26.94 12.26
CA ASP A 148 -9.85 28.32 11.82
C ASP A 148 -8.52 28.54 11.09
N ARG A 149 -8.56 28.50 9.77
CA ARG A 149 -7.36 28.69 8.96
C ARG A 149 -7.72 29.25 7.58
N ILE A 150 -7.00 30.29 7.17
CA ILE A 150 -7.25 30.91 5.88
C ILE A 150 -6.21 30.48 4.85
N ARG A 151 -6.68 30.11 3.67
CA ARG A 151 -5.79 29.68 2.60
C ARG A 151 -6.31 30.11 1.23
N LYS B 1 22.59 -12.38 0.28
CA LYS B 1 21.92 -11.83 -0.93
C LYS B 1 22.06 -12.79 -2.11
N LYS B 2 21.02 -12.84 -2.94
CA LYS B 2 21.04 -13.71 -4.12
C LYS B 2 20.11 -13.17 -5.20
N MET B 3 20.52 -13.34 -6.45
CA MET B 3 19.73 -12.87 -7.59
C MET B 3 20.11 -13.60 -8.87
N THR B 4 19.50 -14.77 -9.07
CA THR B 4 19.78 -15.58 -10.25
C THR B 4 19.07 -15.01 -11.47
N PHE B 5 17.84 -14.54 -11.26
CA PHE B 5 17.05 -13.97 -12.35
C PHE B 5 17.07 -12.45 -12.30
N GLN B 6 16.91 -11.82 -13.46
CA GLN B 6 16.91 -10.37 -13.56
C GLN B 6 15.49 -9.82 -13.58
N TPO B 7 14.61 -10.44 -12.79
CA TPO B 7 13.21 -10.01 -12.73
CB TPO B 7 13.09 -8.54 -12.27
CG2 TPO B 7 11.65 -8.09 -12.24
OG1 TPO B 7 13.67 -8.38 -11.01
P TPO B 7 13.14 -9.26 -9.83
O1P TPO B 7 14.21 -10.37 -9.66
O2P TPO B 7 13.17 -8.33 -8.60
O3P TPO B 7 11.77 -9.82 -10.10
C TPO B 7 12.53 -10.18 -14.08
O TPO B 7 12.49 -9.27 -14.89
H2 TPO B 7 14.91 -11.19 -12.24
HA TPO B 7 12.71 -10.63 -12.00
HB TPO B 7 13.63 -7.92 -12.98
HG21 TPO B 7 11.47 -7.50 -11.35
HG22 TPO B 7 11.00 -8.96 -12.22
HG23 TPO B 7 11.43 -7.49 -13.12
N PRO B 8 11.97 -11.38 -14.34
CA PRO B 8 11.28 -11.67 -15.60
C PRO B 8 10.23 -10.61 -15.94
N THR B 9 10.13 -10.27 -17.22
CA THR B 9 9.17 -9.28 -17.67
C THR B 9 8.44 -9.76 -18.93
N ASP B 10 8.03 -11.02 -18.92
CA ASP B 10 7.33 -11.60 -20.04
C ASP B 10 8.19 -11.57 -21.31
N PRO B 11 9.19 -12.46 -21.39
CA PRO B 11 10.10 -12.52 -22.54
C PRO B 11 9.34 -12.65 -23.86
N LEU B 12 10.07 -12.56 -24.97
CA LEU B 12 9.47 -12.66 -26.29
C LEU B 12 10.33 -13.52 -27.22
N GLU B 13 9.72 -14.02 -28.28
CA GLU B 13 10.42 -14.86 -29.24
C GLU B 13 9.57 -15.10 -30.48
#